data_4XJN
#
_entry.id   4XJN
#
_cell.length_a   205.636
_cell.length_b   309.436
_cell.length_c   233.241
_cell.angle_alpha   90.000
_cell.angle_beta   90.000
_cell.angle_gamma   90.000
#
_symmetry.space_group_name_H-M   'C 2 2 21'
#
loop_
_entity.id
_entity.type
_entity.pdbx_description
1 polymer Nucleocapsid
2 polymer 'RNA (78-MER)'
3 non-polymer 'LEAD (II) ION'
#
loop_
_entity_poly.entity_id
_entity_poly.type
_entity_poly.pdbx_seq_one_letter_code
_entity_poly.pdbx_strand_id
1 'polypeptide(L)'
;HHHHHHSSGLVPRGSHMSSVLKAYERFTLTQELQDQSEEGTIPPTTLKPVIRVFILTSNNPELRSRLLLFCLRIVLSNGA
RDSHRFGALLTMFSLPSATMLNHVKLADQSPEADIERVEIDGFEEGSFRLIPNARSGMSRGEINAYAALAEDLPDTLNHA
TPFVDSEVEGTAWDEIETFLDMCYSVLMQAWIVTCKCMTAPDQPAASIEKRLQKYRQQGRINPRYLLQPEARRIIQNVIR
KGMVVRHFLTFELQLARAQSLVSNRYYAMVGDVGKYIENCGMGGFFLTLKYALGTRWPTLALAAFSGELTKLKSLMALYQ
TLGEQARYLALLESPHLMDFAAANYPLLYSYAMGIGYVLDVNMRNYAFSRSYMNKTYFQLGMETARKQQGAVDMRMAEDL
GLTQAERTEMANTLAKLTTANRGADTRGGVNPFSSVTGTTQVPAAATGDTLESYMAADRLRQRYADAGTHDDEMPPLEEE
EEDDTSAGPRTGPTLEQVALDIQNAAVGAPIHTDDLNAALGDLDI
;
A,B,C,D,E,F,G,H,I,J,K,L,M
2 'polyribonucleotide' UUUUUUUUUUUUUUUUUUUUUUUUUUUUUUUUUUUUUUUUUUUUUUUUUUUUUUUUUUUUUUUUUUUUUUUUUUUUUU N
#
# COMPACT_ATOMS: atom_id res chain seq x y z
N SER A 19 -16.44 18.10 26.75
CA SER A 19 -16.91 16.80 27.21
C SER A 19 -18.03 16.92 28.22
N VAL A 20 -17.85 17.79 29.20
CA VAL A 20 -18.93 18.12 30.13
C VAL A 20 -20.03 18.88 29.43
N LEU A 21 -19.68 19.76 28.51
CA LEU A 21 -20.72 20.48 27.79
C LEU A 21 -21.48 19.61 26.80
N LYS A 22 -20.79 18.68 26.17
CA LYS A 22 -21.48 17.78 25.25
C LYS A 22 -22.36 16.85 26.05
N ALA A 23 -21.92 16.54 27.27
CA ALA A 23 -22.71 15.75 28.19
C ALA A 23 -23.96 16.55 28.53
N TYR A 24 -23.79 17.86 28.73
CA TYR A 24 -24.90 18.75 29.00
C TYR A 24 -25.85 18.85 27.82
N GLU A 25 -25.31 18.87 26.61
CA GLU A 25 -26.17 18.92 25.43
C GLU A 25 -26.99 17.66 25.30
N ARG A 26 -26.39 16.51 25.56
CA ARG A 26 -27.15 15.27 25.44
C ARG A 26 -28.11 15.10 26.60
N PHE A 27 -27.78 15.68 27.74
CA PHE A 27 -28.66 15.63 28.89
C PHE A 27 -29.97 16.34 28.58
N THR A 28 -29.85 17.52 27.99
CA THR A 28 -31.02 18.31 27.62
C THR A 28 -31.93 17.59 26.65
N LEU A 29 -31.34 16.99 25.63
CA LEU A 29 -32.14 16.41 24.56
C LEU A 29 -32.82 15.14 25.04
N THR A 30 -32.08 14.28 25.73
CA THR A 30 -32.68 13.03 26.19
C THR A 30 -33.73 13.33 27.21
N GLN A 31 -33.57 14.34 28.07
CA GLN A 31 -34.68 14.53 28.98
C GLN A 31 -35.92 15.08 28.31
N GLU A 32 -35.74 15.85 27.24
CA GLU A 32 -36.91 16.35 26.52
C GLU A 32 -37.59 15.18 25.82
N LEU A 33 -36.77 14.30 25.24
CA LEU A 33 -37.32 13.17 24.51
C LEU A 33 -37.41 11.83 25.28
N GLN A 34 -36.99 11.75 26.55
CA GLN A 34 -37.34 10.50 27.24
C GLN A 34 -38.77 10.91 27.63
N ASP A 35 -39.75 10.03 27.37
CA ASP A 35 -41.19 10.33 27.57
C ASP A 35 -42.05 9.65 26.50
N GLN A 36 -41.77 9.94 25.24
CA GLN A 36 -42.65 9.56 24.16
C GLN A 36 -42.00 8.38 23.42
N SER A 37 -41.08 7.67 24.08
CA SER A 37 -40.73 6.35 23.53
C SER A 37 -42.04 5.56 23.36
N GLU A 38 -42.72 5.38 24.48
CA GLU A 38 -44.03 4.76 24.56
C GLU A 38 -45.09 5.67 23.92
N GLU A 39 -46.08 5.10 23.25
CA GLU A 39 -47.17 5.95 22.78
C GLU A 39 -48.11 6.19 23.95
N GLY A 40 -48.99 7.17 23.81
CA GLY A 40 -49.84 7.59 24.91
C GLY A 40 -50.83 6.54 25.40
N THR A 41 -51.07 6.55 26.70
CA THR A 41 -52.03 5.64 27.32
C THR A 41 -53.28 6.44 27.56
N ILE A 42 -54.43 5.84 27.27
CA ILE A 42 -55.69 6.55 27.37
C ILE A 42 -55.93 6.70 28.87
N PRO A 43 -56.30 7.91 29.30
CA PRO A 43 -56.21 8.27 30.73
C PRO A 43 -57.24 7.54 31.60
N PRO A 44 -57.05 7.58 32.92
CA PRO A 44 -58.00 6.95 33.84
C PRO A 44 -59.39 7.52 33.63
N THR A 45 -60.42 6.69 33.76
CA THR A 45 -61.76 7.15 33.43
C THR A 45 -62.27 8.11 34.50
N THR A 46 -63.11 9.03 34.06
CA THR A 46 -63.55 10.15 34.88
C THR A 46 -65.06 10.34 34.67
N LEU A 47 -65.72 11.06 35.57
CA LEU A 47 -67.13 11.35 35.35
C LEU A 47 -67.25 12.39 34.26
N LYS A 48 -68.28 12.25 33.43
CA LYS A 48 -68.46 13.18 32.33
C LYS A 48 -69.90 13.64 32.24
N PRO A 49 -70.10 14.88 31.77
CA PRO A 49 -71.45 15.35 31.47
C PRO A 49 -71.97 14.68 30.22
N VAL A 50 -73.29 14.51 30.10
CA VAL A 50 -73.85 13.97 28.89
C VAL A 50 -74.12 15.12 27.93
N ILE A 51 -73.65 14.97 26.69
CA ILE A 51 -73.94 15.94 25.65
C ILE A 51 -75.00 15.36 24.72
N ARG A 52 -76.06 16.10 24.44
CA ARG A 52 -77.08 15.55 23.56
C ARG A 52 -76.92 16.12 22.15
N VAL A 53 -76.80 15.23 21.18
CA VAL A 53 -76.60 15.66 19.81
C VAL A 53 -77.80 15.17 19.07
N PHE A 54 -78.40 15.97 18.19
CA PHE A 54 -79.60 15.53 17.49
C PHE A 54 -79.29 14.78 16.19
N ILE A 55 -79.99 13.67 15.96
CA ILE A 55 -79.76 12.87 14.78
C ILE A 55 -80.94 12.95 13.83
N LEU A 56 -80.66 13.32 12.60
CA LEU A 56 -81.65 13.42 11.55
C LEU A 56 -81.38 12.35 10.47
N THR A 57 -82.33 11.44 10.25
CA THR A 57 -82.14 10.39 9.25
C THR A 57 -82.59 10.91 7.87
N SER A 58 -83.46 11.91 7.89
CA SER A 58 -84.00 12.51 6.67
C SER A 58 -83.04 13.42 5.93
N ASN A 59 -83.13 13.42 4.61
CA ASN A 59 -82.33 14.29 3.78
C ASN A 59 -83.14 15.46 3.27
N ASN A 60 -84.32 15.66 3.85
CA ASN A 60 -85.22 16.72 3.45
C ASN A 60 -84.59 18.07 3.76
N PRO A 61 -84.48 18.94 2.75
CA PRO A 61 -83.78 20.23 2.92
C PRO A 61 -84.40 21.15 3.94
N GLU A 62 -85.73 21.19 4.00
CA GLU A 62 -86.40 22.12 4.88
C GLU A 62 -86.17 21.72 6.32
N LEU A 63 -86.21 20.42 6.56
CA LEU A 63 -85.97 19.88 7.89
C LEU A 63 -84.51 20.01 8.29
N ARG A 64 -83.60 19.79 7.35
CA ARG A 64 -82.20 19.97 7.64
C ARG A 64 -81.96 21.41 8.04
N SER A 65 -82.55 22.33 7.29
CA SER A 65 -82.35 23.74 7.54
C SER A 65 -82.93 24.21 8.86
N ARG A 66 -84.09 23.70 9.23
CA ARG A 66 -84.70 24.17 10.47
C ARG A 66 -83.94 23.62 11.67
N LEU A 67 -83.40 22.42 11.55
CA LEU A 67 -82.58 21.90 12.65
C LEU A 67 -81.31 22.75 12.82
N LEU A 68 -80.73 23.22 11.72
CA LEU A 68 -79.57 24.10 11.82
C LEU A 68 -79.99 25.37 12.52
N LEU A 69 -81.14 25.89 12.11
CA LEU A 69 -81.66 27.12 12.68
C LEU A 69 -81.98 26.89 14.15
N PHE A 70 -82.57 25.74 14.44
CA PHE A 70 -82.92 25.37 15.79
C PHE A 70 -81.67 25.28 16.64
N CYS A 71 -80.66 24.60 16.14
CA CYS A 71 -79.44 24.39 16.91
C CYS A 71 -78.65 25.66 17.07
N LEU A 72 -78.64 26.50 16.05
CA LEU A 72 -77.88 27.75 16.12
C LEU A 72 -78.45 28.62 17.21
N ARG A 73 -79.77 28.60 17.34
CA ARG A 73 -80.44 29.38 18.36
C ARG A 73 -80.15 28.91 19.76
N ILE A 74 -80.07 27.61 19.97
CA ILE A 74 -79.70 27.09 21.28
C ILE A 74 -78.29 27.49 21.66
N VAL A 75 -77.36 27.49 20.69
CA VAL A 75 -75.99 27.89 20.96
C VAL A 75 -75.94 29.34 21.42
N LEU A 76 -76.78 30.16 20.81
CA LEU A 76 -76.80 31.58 21.12
C LEU A 76 -77.78 31.92 22.24
N SER A 77 -78.60 30.95 22.64
CA SER A 77 -79.71 31.23 23.58
C SER A 77 -79.19 31.75 24.90
N ASN A 78 -80.01 32.57 25.54
CA ASN A 78 -79.68 33.15 26.83
C ASN A 78 -79.59 32.12 27.94
N GLY A 79 -80.56 31.20 27.96
CA GLY A 79 -80.70 30.28 29.08
C GLY A 79 -80.08 28.90 29.01
N ALA A 80 -79.50 28.54 27.87
CA ALA A 80 -79.00 27.18 27.73
C ALA A 80 -77.79 26.93 28.62
N ARG A 81 -77.68 25.71 29.12
CA ARG A 81 -76.46 25.33 29.84
C ARG A 81 -75.40 24.98 28.82
N ASP A 82 -74.15 24.85 29.27
CA ASP A 82 -73.05 24.59 28.36
C ASP A 82 -73.28 23.30 27.60
N SER A 83 -73.79 22.30 28.30
CA SER A 83 -73.96 20.99 27.70
C SER A 83 -74.92 21.03 26.52
N HIS A 84 -75.93 21.89 26.60
CA HIS A 84 -76.85 22.09 25.49
C HIS A 84 -76.19 22.78 24.30
N ARG A 85 -75.38 23.79 24.57
CA ARG A 85 -74.72 24.55 23.52
C ARG A 85 -73.76 23.63 22.77
N PHE A 86 -73.06 22.78 23.51
CA PHE A 86 -72.09 21.86 22.94
C PHE A 86 -72.78 20.87 22.00
N GLY A 87 -73.91 20.35 22.44
CA GLY A 87 -74.64 19.38 21.65
C GLY A 87 -75.16 19.97 20.37
N ALA A 88 -75.65 21.20 20.44
CA ALA A 88 -76.18 21.85 19.27
C ALA A 88 -75.07 22.08 18.25
N LEU A 89 -73.89 22.45 18.75
CA LEU A 89 -72.75 22.68 17.88
C LEU A 89 -72.36 21.41 17.13
N LEU A 90 -72.28 20.31 17.85
CA LEU A 90 -71.89 19.05 17.25
C LEU A 90 -72.93 18.66 16.21
N THR A 91 -74.19 18.99 16.48
CA THR A 91 -75.25 18.73 15.53
C THR A 91 -75.07 19.56 14.28
N MET A 92 -74.73 20.84 14.45
CA MET A 92 -74.57 21.71 13.30
C MET A 92 -73.44 21.22 12.39
N PHE A 93 -72.33 20.84 13.01
CA PHE A 93 -71.16 20.38 12.27
C PHE A 93 -71.40 19.05 11.58
N SER A 94 -72.42 18.33 12.01
CA SER A 94 -72.77 17.04 11.42
C SER A 94 -73.91 17.13 10.40
N LEU A 95 -74.48 18.31 10.23
CA LEU A 95 -75.60 18.49 9.31
C LEU A 95 -75.29 18.33 7.81
N PRO A 96 -74.05 18.60 7.36
CA PRO A 96 -73.75 18.30 5.95
C PRO A 96 -73.74 16.82 5.58
N SER A 97 -73.55 15.94 6.56
CA SER A 97 -73.32 14.53 6.27
C SER A 97 -74.52 13.83 5.68
N ALA A 98 -74.23 12.88 4.79
CA ALA A 98 -75.23 12.00 4.23
C ALA A 98 -75.83 11.13 5.33
N THR A 99 -74.97 10.69 6.24
CA THR A 99 -75.42 10.05 7.48
C THR A 99 -74.84 10.77 8.69
N MET A 100 -75.69 11.48 9.42
CA MET A 100 -75.27 12.20 10.62
C MET A 100 -74.79 11.24 11.69
N LEU A 101 -75.36 10.05 11.73
CA LEU A 101 -75.05 9.12 12.80
C LEU A 101 -73.57 8.76 12.80
N ASN A 102 -73.01 8.50 11.62
CA ASN A 102 -71.62 8.10 11.48
C ASN A 102 -70.63 9.12 11.97
N HIS A 103 -70.96 10.36 11.73
CA HIS A 103 -70.11 11.50 12.06
C HIS A 103 -70.27 12.02 13.49
N VAL A 104 -71.39 11.71 14.14
CA VAL A 104 -71.50 11.93 15.58
C VAL A 104 -70.64 10.92 16.31
N LYS A 105 -70.43 9.75 15.68
CA LYS A 105 -69.59 8.73 16.28
C LYS A 105 -68.12 9.13 16.26
N LEU A 106 -67.80 10.15 15.47
CA LEU A 106 -66.47 10.71 15.48
C LEU A 106 -66.20 11.34 16.83
N ALA A 107 -67.21 12.02 17.37
CA ALA A 107 -67.09 12.66 18.67
C ALA A 107 -66.91 11.61 19.75
N ASP A 108 -67.42 10.41 19.51
CA ASP A 108 -67.39 9.36 20.51
C ASP A 108 -65.95 8.95 20.77
N GLN A 109 -65.06 9.35 19.88
CA GLN A 109 -63.65 9.01 19.96
C GLN A 109 -62.96 9.85 21.02
N SER A 110 -63.66 10.85 21.55
CA SER A 110 -63.09 11.68 22.60
C SER A 110 -63.26 11.07 23.97
N PRO A 111 -62.17 11.03 24.74
CA PRO A 111 -62.19 10.46 26.09
C PRO A 111 -63.03 11.27 27.06
N GLU A 112 -63.42 12.48 26.67
CA GLU A 112 -64.18 13.34 27.56
C GLU A 112 -65.65 13.29 27.14
N ALA A 113 -65.94 12.45 26.17
CA ALA A 113 -67.25 12.46 25.55
C ALA A 113 -68.18 11.40 26.09
N ASP A 114 -69.38 11.82 26.42
CA ASP A 114 -70.49 10.91 26.66
C ASP A 114 -71.68 11.47 25.93
N ILE A 115 -72.02 10.90 24.78
CA ILE A 115 -73.02 11.50 23.91
C ILE A 115 -74.33 10.74 23.92
N GLU A 116 -75.45 11.46 23.99
CA GLU A 116 -76.74 10.85 23.77
C GLU A 116 -77.32 11.36 22.47
N ARG A 117 -77.74 10.41 21.64
CA ARG A 117 -78.05 10.65 20.24
C ARG A 117 -79.38 11.33 19.90
N VAL A 118 -80.43 11.15 20.68
CA VAL A 118 -81.67 11.94 20.46
C VAL A 118 -82.09 11.95 18.99
N GLU A 119 -82.57 10.79 18.54
CA GLU A 119 -83.00 10.55 17.16
C GLU A 119 -84.29 11.30 16.93
N ILE A 120 -84.43 12.07 15.85
CA ILE A 120 -85.47 13.06 15.98
C ILE A 120 -86.65 12.94 15.00
N ASP A 121 -86.48 12.89 13.68
CA ASP A 121 -87.60 12.74 12.71
C ASP A 121 -88.32 14.02 12.24
N GLY A 122 -88.18 15.15 12.92
CA GLY A 122 -88.82 16.35 12.41
C GLY A 122 -89.26 17.45 13.35
N PHE A 123 -90.01 18.41 12.80
CA PHE A 123 -90.59 19.52 13.54
C PHE A 123 -92.09 19.59 13.30
N GLU A 124 -92.86 20.00 14.32
CA GLU A 124 -94.28 20.21 14.14
C GLU A 124 -94.41 21.46 13.32
N GLU A 125 -95.30 21.47 12.31
CA GLU A 125 -95.25 22.50 11.29
C GLU A 125 -95.41 23.85 11.95
N GLY A 126 -94.60 24.81 11.52
CA GLY A 126 -94.44 26.02 12.31
C GLY A 126 -93.36 25.95 13.38
N SER A 127 -93.40 24.95 14.27
CA SER A 127 -92.24 24.56 15.10
C SER A 127 -91.90 25.71 16.08
N PHE A 128 -90.74 25.74 16.78
CA PHE A 128 -89.76 24.67 16.97
C PHE A 128 -90.14 23.60 17.96
N ARG A 129 -91.22 22.89 17.70
CA ARG A 129 -91.53 21.78 18.57
C ARG A 129 -91.01 20.53 17.90
N LEU A 130 -90.12 19.85 18.61
CA LEU A 130 -89.45 18.71 18.03
C LEU A 130 -90.49 17.60 17.94
N ILE A 131 -90.50 16.89 16.83
CA ILE A 131 -91.25 15.66 16.76
C ILE A 131 -90.19 14.60 16.86
N PRO A 132 -90.17 13.84 17.96
CA PRO A 132 -89.10 12.86 18.15
C PRO A 132 -89.39 11.54 17.48
N ASN A 133 -88.33 10.84 17.07
CA ASN A 133 -88.44 9.48 16.55
C ASN A 133 -89.01 8.50 17.54
N ALA A 134 -90.12 7.86 17.16
CA ALA A 134 -90.63 6.61 17.75
C ALA A 134 -89.69 5.90 18.70
N ARG A 135 -88.46 5.76 18.25
CA ARG A 135 -87.38 5.07 18.91
C ARG A 135 -87.04 5.60 20.31
N SER A 136 -86.97 6.91 20.50
CA SER A 136 -86.87 7.47 21.85
C SER A 136 -87.88 8.60 22.06
N GLY A 137 -88.70 8.49 23.09
CA GLY A 137 -89.72 9.49 23.33
C GLY A 137 -89.20 10.77 23.95
N MET A 138 -90.06 11.78 24.00
CA MET A 138 -89.77 13.01 24.71
C MET A 138 -91.05 13.44 25.44
N SER A 139 -90.91 13.99 26.64
CA SER A 139 -92.07 14.51 27.35
C SER A 139 -92.47 15.82 26.68
N ARG A 140 -93.74 16.19 26.79
CA ARG A 140 -94.22 17.37 26.10
C ARG A 140 -93.70 18.61 26.83
N GLY A 141 -93.19 18.38 28.05
CA GLY A 141 -92.44 19.39 28.77
C GLY A 141 -91.11 19.66 28.11
N GLU A 142 -90.44 18.58 27.74
CA GLU A 142 -89.11 18.66 27.16
C GLU A 142 -89.16 19.21 25.74
N ILE A 143 -90.19 18.85 24.99
CA ILE A 143 -90.36 19.40 23.65
C ILE A 143 -90.58 20.89 23.74
N ASN A 144 -91.45 21.30 24.65
CA ASN A 144 -91.77 22.70 24.82
C ASN A 144 -90.64 23.49 25.44
N ALA A 145 -89.81 22.83 26.24
CA ALA A 145 -88.69 23.51 26.87
C ALA A 145 -87.65 23.89 25.83
N TYR A 146 -87.44 23.01 24.85
CA TYR A 146 -86.51 23.26 23.76
C TYR A 146 -87.00 24.40 22.86
N ALA A 147 -88.30 24.40 22.57
CA ALA A 147 -88.90 25.41 21.71
C ALA A 147 -88.78 26.79 22.32
N ALA A 148 -88.86 26.86 23.64
CA ALA A 148 -88.69 28.11 24.36
C ALA A 148 -87.25 28.58 24.28
N LEU A 149 -86.32 27.64 24.38
CA LEU A 149 -84.91 27.95 24.37
C LEU A 149 -84.50 28.48 22.99
N ALA A 150 -85.16 27.99 21.95
CA ALA A 150 -84.87 28.44 20.60
C ALA A 150 -85.43 29.83 20.32
N GLU A 151 -86.28 30.31 21.21
CA GLU A 151 -86.84 31.64 21.07
C GLU A 151 -86.41 32.49 22.26
N ASP A 152 -85.21 32.20 22.77
CA ASP A 152 -84.63 33.00 23.82
C ASP A 152 -83.86 34.12 23.13
N LEU A 153 -82.58 33.88 22.86
CA LEU A 153 -81.72 34.86 22.18
C LEU A 153 -81.62 36.19 22.92
N PRO A 154 -80.41 36.76 22.97
CA PRO A 154 -80.12 38.02 23.67
C PRO A 154 -80.63 39.25 22.95
N ASP A 155 -80.61 40.39 23.63
CA ASP A 155 -81.02 41.65 23.04
C ASP A 155 -79.89 42.36 22.28
N THR A 156 -78.65 41.91 22.46
CA THR A 156 -77.56 42.46 21.67
C THR A 156 -77.69 42.02 20.22
N LEU A 157 -78.39 40.91 19.99
CA LEU A 157 -78.63 40.43 18.64
C LEU A 157 -79.84 41.18 18.13
N ASN A 158 -79.71 41.97 17.08
CA ASN A 158 -80.82 42.84 16.74
C ASN A 158 -81.73 42.24 15.67
N HIS A 159 -83.02 42.29 15.99
CA HIS A 159 -84.16 41.90 15.17
C HIS A 159 -84.56 40.46 15.44
N ALA A 160 -84.29 40.00 16.66
CA ALA A 160 -84.76 38.69 17.12
C ALA A 160 -84.14 37.53 16.35
N THR A 161 -83.11 37.81 15.56
CA THR A 161 -82.46 36.77 14.78
C THR A 161 -80.95 36.92 14.82
N PRO A 162 -80.24 35.88 14.39
CA PRO A 162 -78.84 36.16 14.05
C PRO A 162 -78.88 36.70 12.62
N PHE A 163 -77.76 36.68 11.91
CA PHE A 163 -77.78 36.81 10.45
C PHE A 163 -77.76 38.21 9.81
N VAL A 164 -77.91 39.27 10.59
CA VAL A 164 -77.89 40.65 10.07
C VAL A 164 -78.99 40.85 9.01
N ASP A 165 -79.01 40.04 7.95
CA ASP A 165 -80.08 40.07 6.96
C ASP A 165 -81.30 39.45 7.64
N SER A 166 -82.19 40.31 8.11
CA SER A 166 -83.25 39.92 9.03
C SER A 166 -84.30 38.90 8.59
N GLU A 167 -84.33 38.52 7.31
CA GLU A 167 -85.39 37.60 6.89
C GLU A 167 -84.80 36.40 6.16
N VAL A 168 -83.54 36.10 6.45
CA VAL A 168 -82.91 34.90 5.92
C VAL A 168 -83.71 33.73 6.47
N GLU A 169 -83.96 33.78 7.78
CA GLU A 169 -84.65 32.71 8.47
C GLU A 169 -86.06 32.47 7.96
N GLY A 170 -86.57 33.41 7.17
CA GLY A 170 -87.89 33.27 6.61
C GLY A 170 -87.85 32.65 5.23
N THR A 171 -86.64 32.34 4.77
CA THR A 171 -86.48 31.74 3.45
C THR A 171 -87.24 30.43 3.39
N ALA A 172 -87.52 29.96 2.18
CA ALA A 172 -88.16 28.68 1.99
C ALA A 172 -87.11 27.69 1.53
N TRP A 173 -86.78 26.74 2.40
CA TRP A 173 -85.68 25.82 2.15
C TRP A 173 -86.14 24.60 1.38
N ASP A 174 -86.60 24.83 0.17
CA ASP A 174 -87.18 23.79 -0.69
C ASP A 174 -86.11 22.97 -1.39
N GLU A 175 -84.94 23.56 -1.62
CA GLU A 175 -83.88 22.89 -2.36
C GLU A 175 -82.63 22.63 -1.53
N ILE A 176 -82.03 21.46 -1.76
CA ILE A 176 -80.86 21.06 -1.00
C ILE A 176 -79.68 22.01 -1.19
N GLU A 177 -79.54 22.61 -2.37
CA GLU A 177 -78.42 23.52 -2.56
C GLU A 177 -78.53 24.66 -1.58
N THR A 178 -79.76 25.12 -1.36
CA THR A 178 -79.99 26.26 -0.49
C THR A 178 -79.63 25.92 0.96
N PHE A 179 -79.98 24.71 1.39
CA PHE A 179 -79.62 24.30 2.74
C PHE A 179 -78.10 24.26 2.85
N LEU A 180 -77.45 23.63 1.88
CA LEU A 180 -76.02 23.48 1.91
C LEU A 180 -75.31 24.82 1.82
N ASP A 181 -75.85 25.74 1.03
CA ASP A 181 -75.23 27.05 0.87
C ASP A 181 -75.24 27.77 2.20
N MET A 182 -76.34 27.69 2.94
CA MET A 182 -76.37 28.25 4.28
C MET A 182 -75.51 27.46 5.26
N CYS A 183 -75.66 26.14 5.26
CA CYS A 183 -74.96 25.33 6.23
C CYS A 183 -73.47 25.53 6.15
N TYR A 184 -72.93 25.51 4.94
CA TYR A 184 -71.51 25.71 4.77
C TYR A 184 -71.11 27.10 5.21
N SER A 185 -71.94 28.09 4.88
CA SER A 185 -71.64 29.48 5.23
C SER A 185 -71.65 29.72 6.74
N VAL A 186 -72.62 29.13 7.43
CA VAL A 186 -72.66 29.26 8.89
C VAL A 186 -71.53 28.48 9.55
N LEU A 187 -71.32 27.25 9.11
CA LEU A 187 -70.26 26.42 9.70
C LEU A 187 -68.89 27.06 9.50
N MET A 188 -68.69 27.69 8.36
CA MET A 188 -67.41 28.34 8.08
C MET A 188 -67.10 29.45 9.07
N GLN A 189 -68.13 30.19 9.47
CA GLN A 189 -67.95 31.27 10.44
C GLN A 189 -67.52 30.71 11.78
N ALA A 190 -68.05 29.56 12.13
CA ALA A 190 -67.62 28.88 13.34
C ALA A 190 -66.17 28.43 13.17
N TRP A 191 -65.82 27.93 11.99
CA TRP A 191 -64.46 27.46 11.75
C TRP A 191 -63.47 28.60 11.92
N ILE A 192 -63.87 29.80 11.49
CA ILE A 192 -63.02 30.98 11.54
C ILE A 192 -62.66 31.45 12.95
N VAL A 193 -63.55 31.23 13.91
CA VAL A 193 -63.30 31.68 15.27
C VAL A 193 -62.85 30.57 16.22
N THR A 194 -62.39 29.46 15.64
CA THR A 194 -62.09 28.27 16.41
C THR A 194 -60.89 28.36 17.36
N CYS A 195 -59.79 28.94 16.94
CA CYS A 195 -58.65 28.94 17.86
C CYS A 195 -58.28 30.38 18.20
N LYS A 196 -59.23 31.03 18.86
CA LYS A 196 -59.18 32.42 19.33
C LYS A 196 -59.33 32.59 20.85
N CYS A 197 -58.49 33.45 21.42
CA CYS A 197 -58.34 33.66 22.85
C CYS A 197 -59.59 34.36 23.34
N MET A 198 -59.78 35.53 22.72
CA MET A 198 -60.97 36.38 22.61
C MET A 198 -60.60 37.88 22.57
N GLN A 203 -63.98 41.29 13.72
CA GLN A 203 -63.31 41.58 14.96
C GLN A 203 -62.12 40.56 15.14
N PRO A 204 -61.48 40.47 16.35
CA PRO A 204 -60.03 40.24 16.48
C PRO A 204 -59.11 40.23 15.23
N ALA A 205 -58.90 41.34 14.52
CA ALA A 205 -59.79 42.47 14.44
C ALA A 205 -60.17 42.42 12.98
N ALA A 206 -59.16 42.67 12.17
CA ALA A 206 -59.24 42.55 10.73
C ALA A 206 -59.19 41.05 10.41
N SER A 207 -58.53 40.29 11.27
CA SER A 207 -58.29 38.85 11.04
C SER A 207 -59.55 38.03 10.77
N ILE A 208 -60.58 38.15 11.60
CA ILE A 208 -61.83 37.42 11.34
C ILE A 208 -62.41 37.99 10.05
N GLU A 209 -62.37 39.31 9.94
CA GLU A 209 -62.94 40.04 8.80
C GLU A 209 -62.15 39.85 7.51
N LYS A 210 -60.86 39.53 7.60
CA LYS A 210 -60.10 39.18 6.39
C LYS A 210 -60.43 37.77 5.94
N ARG A 211 -60.71 36.90 6.90
CA ARG A 211 -61.11 35.53 6.60
C ARG A 211 -62.46 35.49 5.95
N LEU A 212 -63.39 36.27 6.46
CA LEU A 212 -64.73 36.26 5.89
C LEU A 212 -64.68 36.78 4.47
N GLN A 213 -63.83 37.78 4.25
CA GLN A 213 -63.75 38.41 2.95
C GLN A 213 -63.13 37.46 1.94
N LYS A 214 -62.22 36.61 2.40
CA LYS A 214 -61.61 35.60 1.56
C LYS A 214 -62.64 34.60 1.08
N TYR A 215 -63.42 34.09 2.02
CA TYR A 215 -64.40 33.06 1.71
C TYR A 215 -65.62 33.59 0.98
N ARG A 216 -65.91 34.87 1.11
CA ARG A 216 -66.96 35.46 0.30
C ARG A 216 -66.53 35.50 -1.17
N GLN A 217 -65.28 35.89 -1.43
CA GLN A 217 -64.82 35.98 -2.81
C GLN A 217 -64.59 34.61 -3.42
N GLN A 218 -64.30 33.61 -2.60
CA GLN A 218 -64.20 32.25 -3.10
C GLN A 218 -65.57 31.63 -3.29
N GLY A 219 -66.58 32.25 -2.71
CA GLY A 219 -67.93 31.76 -2.82
C GLY A 219 -68.24 30.70 -1.78
N ARG A 220 -67.29 30.46 -0.88
CA ARG A 220 -67.50 29.50 0.18
C ARG A 220 -68.47 30.02 1.22
N ILE A 221 -68.48 31.35 1.42
CA ILE A 221 -69.47 31.97 2.28
C ILE A 221 -70.40 32.90 1.50
N ASN A 222 -71.68 32.81 1.77
CA ASN A 222 -72.65 33.61 1.08
C ASN A 222 -72.99 34.80 1.96
N PRO A 223 -72.85 36.02 1.43
CA PRO A 223 -72.99 37.21 2.26
C PRO A 223 -74.37 37.29 2.89
N ARG A 224 -75.31 36.55 2.30
CA ARG A 224 -76.67 36.53 2.77
C ARG A 224 -76.77 35.87 4.14
N TYR A 225 -75.92 34.88 4.38
CA TYR A 225 -76.06 34.10 5.59
C TYR A 225 -74.99 34.48 6.59
N LEU A 226 -74.50 35.70 6.48
CA LEU A 226 -73.50 36.16 7.42
C LEU A 226 -74.17 36.39 8.75
N LEU A 227 -73.44 36.16 9.83
CA LEU A 227 -74.02 36.24 11.16
C LEU A 227 -73.68 37.57 11.74
N GLN A 228 -74.47 38.02 12.71
CA GLN A 228 -74.11 39.23 13.43
C GLN A 228 -72.84 38.90 14.19
N PRO A 229 -71.92 39.86 14.29
CA PRO A 229 -70.62 39.60 14.91
C PRO A 229 -70.79 39.13 16.35
N GLU A 230 -71.91 39.51 16.96
CA GLU A 230 -72.20 39.08 18.31
C GLU A 230 -72.53 37.59 18.34
N ALA A 231 -73.14 37.06 17.29
CA ALA A 231 -73.38 35.62 17.23
C ALA A 231 -72.07 34.86 17.20
N ARG A 232 -71.13 35.37 16.41
CA ARG A 232 -69.83 34.72 16.31
C ARG A 232 -69.04 34.70 17.60
N ARG A 233 -69.06 35.80 18.35
CA ARG A 233 -68.26 35.86 19.57
C ARG A 233 -68.87 34.88 20.57
N ILE A 234 -70.18 34.71 20.56
CA ILE A 234 -70.74 33.70 21.44
C ILE A 234 -70.27 32.30 21.01
N ILE A 235 -70.33 32.03 19.71
CA ILE A 235 -69.91 30.73 19.20
C ILE A 235 -68.44 30.51 19.50
N GLN A 236 -67.66 31.57 19.36
CA GLN A 236 -66.26 31.55 19.70
C GLN A 236 -66.04 31.11 21.14
N ASN A 237 -66.85 31.61 22.07
CA ASN A 237 -66.71 31.21 23.46
C ASN A 237 -67.13 29.79 23.73
N VAL A 238 -68.23 29.35 23.11
CA VAL A 238 -68.71 28.00 23.31
C VAL A 238 -67.68 27.00 22.83
N ILE A 239 -67.04 27.29 21.71
CA ILE A 239 -65.99 26.44 21.19
C ILE A 239 -64.80 26.44 22.14
N ARG A 240 -64.49 27.60 22.71
CA ARG A 240 -63.38 27.72 23.65
C ARG A 240 -63.60 26.90 24.90
N LYS A 241 -64.82 26.89 25.40
CA LYS A 241 -65.19 26.14 26.60
C LYS A 241 -65.26 24.62 26.42
N GLY A 242 -65.71 24.18 25.24
CA GLY A 242 -66.03 22.78 25.02
C GLY A 242 -64.88 21.93 24.52
N MET A 243 -64.39 21.07 25.40
CA MET A 243 -63.29 20.20 25.02
C MET A 243 -63.77 19.14 24.01
N VAL A 244 -64.91 18.51 24.29
CA VAL A 244 -65.49 17.53 23.38
C VAL A 244 -65.70 18.11 21.99
N VAL A 245 -66.21 19.33 21.93
CA VAL A 245 -66.43 20.01 20.66
C VAL A 245 -65.12 20.20 19.94
N ARG A 246 -64.14 20.71 20.67
CA ARG A 246 -62.81 20.97 20.13
C ARG A 246 -62.10 19.70 19.68
N HIS A 247 -62.31 18.60 20.38
CA HIS A 247 -61.77 17.33 19.94
C HIS A 247 -62.33 16.94 18.59
N PHE A 248 -63.64 17.10 18.45
CA PHE A 248 -64.36 16.74 17.25
C PHE A 248 -63.84 17.56 16.06
N LEU A 249 -63.58 18.84 16.27
CA LEU A 249 -63.07 19.68 15.21
C LEU A 249 -61.70 19.18 14.77
N THR A 250 -60.92 18.71 15.74
CA THR A 250 -59.61 18.14 15.47
C THR A 250 -59.77 16.93 14.58
N PHE A 251 -60.75 16.09 14.89
CA PHE A 251 -60.95 14.87 14.14
C PHE A 251 -61.31 15.24 12.71
N GLU A 252 -62.10 16.30 12.56
CA GLU A 252 -62.48 16.78 11.24
C GLU A 252 -61.34 17.42 10.47
N LEU A 253 -60.48 18.18 11.13
CA LEU A 253 -59.36 18.81 10.45
C LEU A 253 -58.41 17.74 9.96
N GLN A 254 -58.29 16.69 10.74
CA GLN A 254 -57.47 15.55 10.41
C GLN A 254 -57.93 14.80 9.18
N LEU A 255 -59.24 14.66 9.03
CA LEU A 255 -59.81 13.98 7.87
C LEU A 255 -59.66 14.84 6.63
N ALA A 256 -59.76 16.15 6.82
CA ALA A 256 -59.58 17.11 5.74
C ALA A 256 -58.16 17.08 5.23
N ARG A 257 -57.23 16.68 6.09
CA ARG A 257 -55.85 16.57 5.68
C ARG A 257 -55.58 15.42 4.73
N ALA A 258 -56.29 14.32 4.95
CA ALA A 258 -56.02 13.10 4.19
C ALA A 258 -56.80 13.07 2.89
N GLN A 259 -57.50 14.15 2.57
CA GLN A 259 -58.38 14.14 1.41
C GLN A 259 -57.53 14.11 0.16
N SER A 260 -58.10 13.56 -0.91
CA SER A 260 -57.38 13.54 -2.16
C SER A 260 -57.44 14.94 -2.72
N LEU A 261 -56.67 15.22 -3.76
CA LEU A 261 -56.69 16.52 -4.41
C LEU A 261 -58.06 16.79 -5.00
N VAL A 262 -58.71 15.73 -5.43
CA VAL A 262 -60.07 15.82 -5.91
C VAL A 262 -60.99 15.42 -4.76
N SER A 263 -61.80 16.38 -4.29
CA SER A 263 -62.49 16.25 -3.02
C SER A 263 -63.93 16.71 -3.13
N ASN A 264 -64.58 16.92 -2.00
CA ASN A 264 -65.91 17.52 -2.06
C ASN A 264 -65.87 18.93 -1.50
N ARG A 265 -66.99 19.62 -1.62
CA ARG A 265 -67.03 21.06 -1.38
C ARG A 265 -66.73 21.38 0.07
N TYR A 266 -67.34 20.67 1.00
CA TYR A 266 -67.16 20.96 2.41
C TYR A 266 -65.74 20.70 2.90
N TYR A 267 -65.18 19.55 2.59
CA TYR A 267 -63.87 19.23 3.13
C TYR A 267 -62.73 20.01 2.49
N ALA A 268 -62.88 20.41 1.23
CA ALA A 268 -61.91 21.31 0.64
C ALA A 268 -61.92 22.61 1.42
N MET A 269 -63.12 23.00 1.81
CA MET A 269 -63.38 24.22 2.55
C MET A 269 -62.75 24.14 3.94
N VAL A 270 -62.98 23.01 4.62
CA VAL A 270 -62.43 22.78 5.95
C VAL A 270 -60.91 22.69 5.93
N GLY A 271 -60.39 22.07 4.89
CA GLY A 271 -58.95 21.95 4.74
C GLY A 271 -58.29 23.30 4.60
N ASP A 272 -58.94 24.20 3.86
CA ASP A 272 -58.36 25.51 3.63
C ASP A 272 -58.31 26.32 4.93
N VAL A 273 -59.42 26.35 5.66
CA VAL A 273 -59.49 27.13 6.88
C VAL A 273 -58.64 26.48 7.96
N GLY A 274 -58.44 25.17 7.82
CA GLY A 274 -57.67 24.43 8.80
C GLY A 274 -56.22 24.86 8.88
N LYS A 275 -55.68 25.35 7.78
CA LYS A 275 -54.28 25.71 7.73
C LYS A 275 -54.03 26.98 8.53
N TYR A 276 -55.07 27.79 8.71
CA TYR A 276 -55.00 28.93 9.62
C TYR A 276 -55.00 28.46 11.07
N ILE A 277 -55.76 27.42 11.36
CA ILE A 277 -55.84 26.87 12.72
C ILE A 277 -54.59 26.10 13.13
N GLU A 278 -53.88 25.49 12.17
CA GLU A 278 -52.70 24.69 12.49
C GLU A 278 -51.69 25.49 13.29
N ASN A 279 -51.15 24.84 14.33
CA ASN A 279 -50.08 25.39 15.16
C ASN A 279 -50.53 26.65 15.88
N CYS A 280 -51.84 26.82 16.00
CA CYS A 280 -52.43 27.85 16.84
C CYS A 280 -51.86 27.78 18.24
N GLY A 281 -51.60 28.94 18.84
CA GLY A 281 -51.25 28.98 20.25
C GLY A 281 -49.77 28.75 20.49
N MET A 282 -49.00 28.64 19.43
CA MET A 282 -47.59 28.36 19.51
C MET A 282 -46.72 29.41 18.85
N GLY A 283 -47.20 30.64 18.82
CA GLY A 283 -46.52 31.70 18.08
C GLY A 283 -45.12 31.92 18.58
N GLY A 284 -44.93 31.86 19.89
CA GLY A 284 -43.64 32.13 20.48
C GLY A 284 -42.57 31.17 19.97
N PHE A 285 -42.93 29.90 19.83
CA PHE A 285 -41.98 28.91 19.35
C PHE A 285 -41.64 29.09 17.86
N PHE A 286 -42.68 29.12 17.03
CA PHE A 286 -42.47 29.18 15.59
C PHE A 286 -41.96 30.53 15.13
N LEU A 287 -42.31 31.60 15.83
CA LEU A 287 -41.78 32.89 15.49
C LEU A 287 -40.30 32.96 15.82
N THR A 288 -39.92 32.31 16.91
CA THR A 288 -38.52 32.26 17.30
C THR A 288 -37.70 31.49 16.26
N LEU A 289 -38.25 30.39 15.77
CA LEU A 289 -37.56 29.64 14.73
C LEU A 289 -37.40 30.52 13.51
N LYS A 290 -38.48 31.20 13.15
CA LYS A 290 -38.57 31.96 11.91
C LYS A 290 -37.56 33.10 11.86
N TYR A 291 -37.52 33.91 12.90
CA TYR A 291 -36.66 35.10 12.93
C TYR A 291 -35.27 34.86 13.48
N ALA A 292 -35.14 34.12 14.58
CA ALA A 292 -33.83 33.86 15.13
C ALA A 292 -33.00 32.92 14.26
N LEU A 293 -33.59 31.79 13.89
CA LEU A 293 -32.87 30.76 13.13
C LEU A 293 -32.98 30.95 11.63
N GLY A 294 -34.12 31.45 11.17
CA GLY A 294 -34.33 31.66 9.75
C GLY A 294 -33.39 32.70 9.16
N THR A 295 -33.15 33.77 9.91
CA THR A 295 -32.31 34.85 9.44
C THR A 295 -30.85 34.45 9.38
N ARG A 296 -30.41 33.59 10.28
CA ARG A 296 -29.03 33.10 10.27
C ARG A 296 -28.02 34.25 10.30
N TRP A 297 -28.27 35.23 11.15
CA TRP A 297 -27.35 36.33 11.28
C TRP A 297 -26.23 35.96 12.23
N PRO A 298 -25.10 36.69 12.14
CA PRO A 298 -23.91 36.34 12.91
C PRO A 298 -24.14 36.38 14.42
N THR A 299 -25.14 37.15 14.86
CA THR A 299 -25.43 37.28 16.29
C THR A 299 -25.92 35.99 16.91
N LEU A 300 -26.27 35.04 16.06
CA LEU A 300 -26.73 33.73 16.50
C LEU A 300 -25.57 32.95 17.12
N ALA A 301 -24.36 33.47 16.94
CA ALA A 301 -23.18 32.78 17.42
C ALA A 301 -22.84 33.22 18.83
N LEU A 302 -23.69 34.03 19.44
CA LEU A 302 -23.46 34.42 20.82
C LEU A 302 -23.46 33.20 21.72
N ALA A 303 -22.61 33.23 22.74
CA ALA A 303 -22.52 32.12 23.65
C ALA A 303 -23.76 32.02 24.54
N ALA A 304 -24.39 33.15 24.83
CA ALA A 304 -25.58 33.14 25.69
C ALA A 304 -26.70 32.29 25.08
N PHE A 305 -26.80 32.31 23.77
CA PHE A 305 -27.79 31.52 23.03
C PHE A 305 -27.47 30.03 23.01
N SER A 306 -26.27 29.68 23.44
CA SER A 306 -25.74 28.35 23.22
C SER A 306 -26.62 27.27 23.84
N GLY A 307 -27.00 27.47 25.10
CA GLY A 307 -27.85 26.51 25.78
C GLY A 307 -29.25 26.49 25.21
N GLU A 308 -29.77 27.67 24.88
CA GLU A 308 -31.12 27.78 24.38
C GLU A 308 -31.25 27.17 22.98
N LEU A 309 -30.20 27.26 22.20
CA LEU A 309 -30.20 26.69 20.87
C LEU A 309 -30.36 25.18 20.93
N THR A 310 -29.76 24.53 21.92
CA THR A 310 -29.98 23.11 22.09
C THR A 310 -31.41 22.82 22.51
N LYS A 311 -32.00 23.69 23.31
CA LYS A 311 -33.36 23.42 23.77
C LYS A 311 -34.32 23.49 22.60
N LEU A 312 -34.12 24.46 21.71
CA LEU A 312 -34.94 24.57 20.51
C LEU A 312 -34.74 23.33 19.66
N LYS A 313 -33.53 22.81 19.64
CA LYS A 313 -33.24 21.61 18.86
C LYS A 313 -34.05 20.43 19.38
N SER A 314 -34.10 20.31 20.69
CA SER A 314 -34.92 19.30 21.35
C SER A 314 -36.40 19.51 21.11
N LEU A 315 -36.84 20.76 21.17
CA LEU A 315 -38.25 21.07 20.98
C LEU A 315 -38.73 20.71 19.57
N MET A 316 -37.90 20.93 18.56
CA MET A 316 -38.23 20.51 17.20
C MET A 316 -38.31 19.00 17.13
N ALA A 317 -37.35 18.34 17.79
CA ALA A 317 -37.32 16.88 17.84
C ALA A 317 -38.57 16.35 18.52
N LEU A 318 -38.97 17.02 19.60
CA LEU A 318 -40.17 16.63 20.33
C LEU A 318 -41.41 16.78 19.47
N TYR A 319 -41.44 17.86 18.69
CA TYR A 319 -42.58 18.15 17.83
C TYR A 319 -42.82 17.06 16.79
N GLN A 320 -41.73 16.50 16.26
CA GLN A 320 -41.84 15.45 15.26
C GLN A 320 -42.31 14.14 15.87
N THR A 321 -41.83 13.81 17.07
CA THR A 321 -42.23 12.57 17.72
C THR A 321 -43.72 12.53 18.03
N LEU A 322 -44.30 13.71 18.20
CA LEU A 322 -45.70 13.85 18.56
C LEU A 322 -46.64 13.42 17.45
N GLY A 323 -46.22 13.58 16.20
CA GLY A 323 -47.06 13.08 15.14
C GLY A 323 -47.88 14.13 14.44
N GLU A 324 -48.97 13.69 13.82
CA GLU A 324 -49.82 14.60 13.08
C GLU A 324 -50.50 15.63 13.98
N GLN A 325 -50.69 15.23 15.22
CA GLN A 325 -51.63 15.94 16.06
C GLN A 325 -50.88 17.11 16.75
N ALA A 326 -49.57 17.16 16.50
CA ALA A 326 -48.68 18.18 17.06
C ALA A 326 -49.12 19.55 16.60
N ARG A 327 -49.90 19.58 15.53
CA ARG A 327 -50.50 20.79 15.03
C ARG A 327 -51.68 21.26 15.87
N TYR A 328 -52.27 20.37 16.66
CA TYR A 328 -53.54 20.70 17.29
C TYR A 328 -53.43 20.75 18.80
N LEU A 329 -52.23 21.03 19.31
CA LEU A 329 -52.01 21.02 20.77
C LEU A 329 -52.85 22.05 21.48
N ALA A 330 -53.01 23.24 20.90
CA ALA A 330 -53.81 24.27 21.54
C ALA A 330 -55.28 23.84 21.64
N LEU A 331 -55.81 23.30 20.55
CA LEU A 331 -57.19 22.82 20.56
C LEU A 331 -57.37 21.65 21.50
N LEU A 332 -56.40 20.75 21.51
CA LEU A 332 -56.46 19.54 22.31
C LEU A 332 -56.28 19.81 23.79
N GLU A 333 -55.72 20.99 24.09
CA GLU A 333 -55.44 21.40 25.46
C GLU A 333 -54.33 20.54 26.04
N SER A 334 -53.42 20.11 25.18
CA SER A 334 -52.36 19.23 25.59
C SER A 334 -51.35 19.95 26.47
N PRO A 335 -50.88 19.26 27.52
CA PRO A 335 -49.85 19.78 28.41
C PRO A 335 -48.54 20.03 27.68
N HIS A 336 -48.36 19.42 26.52
CA HIS A 336 -47.16 19.57 25.72
C HIS A 336 -46.98 21.01 25.26
N LEU A 337 -48.05 21.78 25.34
CA LEU A 337 -48.02 23.15 24.89
C LEU A 337 -47.16 23.97 25.84
N MET A 338 -46.98 23.45 27.04
CA MET A 338 -46.10 24.04 28.05
C MET A 338 -44.64 23.87 27.68
N ASP A 339 -44.33 22.78 26.99
CA ASP A 339 -42.96 22.46 26.63
C ASP A 339 -42.37 23.53 25.72
N PHE A 340 -43.20 24.10 24.87
CA PHE A 340 -42.74 25.03 23.86
C PHE A 340 -42.88 26.48 24.30
N ALA A 341 -43.25 26.68 25.56
CA ALA A 341 -43.44 28.02 26.08
C ALA A 341 -42.13 28.76 26.00
N ALA A 342 -42.17 30.04 25.64
CA ALA A 342 -40.95 30.78 25.33
C ALA A 342 -40.04 30.92 26.53
N ALA A 343 -40.58 30.68 27.71
CA ALA A 343 -39.81 30.86 28.94
C ALA A 343 -38.60 29.95 29.00
N ASN A 344 -38.63 28.88 28.21
CA ASN A 344 -37.50 27.97 28.14
C ASN A 344 -36.32 28.52 27.35
N TYR A 345 -36.59 29.46 26.44
CA TYR A 345 -35.53 30.10 25.68
C TYR A 345 -35.71 31.62 25.63
N PRO A 346 -35.67 32.28 26.80
CA PRO A 346 -36.06 33.70 26.86
C PRO A 346 -35.16 34.61 26.05
N LEU A 347 -33.85 34.38 26.04
CA LEU A 347 -32.96 35.27 25.33
C LEU A 347 -33.21 35.23 23.84
N LEU A 348 -33.24 34.04 23.26
CA LEU A 348 -33.49 33.88 21.84
C LEU A 348 -34.86 34.40 21.44
N TYR A 349 -35.84 34.22 22.31
CA TYR A 349 -37.18 34.68 22.02
C TYR A 349 -37.20 36.18 21.91
N SER A 350 -36.65 36.85 22.93
CA SER A 350 -36.52 38.30 22.93
C SER A 350 -35.80 38.77 21.68
N TYR A 351 -34.70 38.11 21.40
CA TYR A 351 -33.87 38.44 20.26
C TYR A 351 -34.68 38.26 18.98
N ALA A 352 -35.42 37.15 18.88
CA ALA A 352 -36.24 36.91 17.69
C ALA A 352 -37.37 37.92 17.57
N MET A 353 -37.97 38.29 18.69
CA MET A 353 -39.08 39.22 18.69
C MET A 353 -38.61 40.57 18.14
N GLY A 354 -37.40 40.97 18.54
CA GLY A 354 -36.82 42.21 18.08
C GLY A 354 -36.56 42.23 16.59
N ILE A 355 -36.07 41.12 16.06
CA ILE A 355 -35.83 40.99 14.63
C ILE A 355 -37.14 41.11 13.85
N GLY A 356 -38.15 40.41 14.33
CA GLY A 356 -39.43 40.40 13.65
C GLY A 356 -40.02 41.79 13.63
N TYR A 357 -39.80 42.53 14.70
CA TYR A 357 -40.42 43.84 14.87
C TYR A 357 -40.02 44.79 13.75
N VAL A 358 -38.74 44.79 13.39
CA VAL A 358 -38.32 45.60 12.26
C VAL A 358 -38.56 44.91 10.90
N LEU A 359 -38.34 43.60 10.83
CA LEU A 359 -38.46 42.88 9.56
C LEU A 359 -39.88 42.79 9.01
N ASP A 360 -40.87 42.67 9.89
CA ASP A 360 -42.26 42.59 9.47
C ASP A 360 -43.11 43.63 10.19
N VAL A 361 -43.85 44.42 9.44
CA VAL A 361 -44.67 45.48 10.05
C VAL A 361 -45.83 44.89 10.83
N ASN A 362 -46.26 43.69 10.47
CA ASN A 362 -47.40 43.09 11.16
C ASN A 362 -47.04 42.67 12.59
N MET A 363 -45.75 42.48 12.85
CA MET A 363 -45.29 41.98 14.14
C MET A 363 -45.50 42.89 15.35
N ARG A 364 -45.62 44.20 15.13
CA ARG A 364 -45.80 45.14 16.25
C ARG A 364 -47.08 44.80 17.01
N ASN A 365 -48.07 44.29 16.31
CA ASN A 365 -49.36 44.02 16.93
C ASN A 365 -49.43 42.63 17.55
N TYR A 366 -48.34 41.87 17.43
CA TYR A 366 -48.22 40.64 18.18
C TYR A 366 -47.97 40.99 19.64
N ALA A 367 -48.54 40.22 20.56
CA ALA A 367 -48.33 40.48 21.98
C ALA A 367 -47.07 39.79 22.45
N PHE A 368 -45.93 40.34 22.06
CA PHE A 368 -44.66 39.69 22.36
C PHE A 368 -44.15 39.99 23.77
N SER A 369 -44.71 41.00 24.42
CA SER A 369 -44.20 41.39 25.73
C SER A 369 -44.50 40.29 26.74
N ARG A 370 -43.52 39.96 27.58
CA ARG A 370 -43.63 38.83 28.50
C ARG A 370 -42.87 39.09 29.80
N SER A 371 -43.12 38.25 30.79
CA SER A 371 -42.49 38.35 32.10
C SER A 371 -40.97 38.15 32.03
N TYR A 372 -40.56 37.17 31.24
CA TYR A 372 -39.15 36.76 31.14
C TYR A 372 -38.46 37.47 29.98
N MET A 373 -39.19 38.38 29.36
CA MET A 373 -38.71 39.14 28.21
C MET A 373 -37.48 39.95 28.60
N ASN A 374 -36.44 39.90 27.79
CA ASN A 374 -35.19 40.55 28.19
C ASN A 374 -34.93 41.84 27.42
N LYS A 375 -35.18 42.93 28.13
CA LYS A 375 -34.67 44.28 27.86
C LYS A 375 -33.72 44.44 26.68
N THR A 376 -32.48 44.10 27.00
CA THR A 376 -31.32 44.23 26.15
C THR A 376 -31.30 43.43 24.86
N TYR A 377 -31.65 42.16 24.93
CA TYR A 377 -31.61 41.30 23.75
C TYR A 377 -32.67 41.62 22.72
N PHE A 378 -33.80 42.16 23.17
CA PHE A 378 -34.80 42.65 22.24
C PHE A 378 -34.15 43.71 21.40
N GLN A 379 -33.43 44.61 22.07
CA GLN A 379 -32.73 45.72 21.42
C GLN A 379 -31.63 45.20 20.51
N LEU A 380 -30.98 44.13 20.95
CA LEU A 380 -29.92 43.53 20.16
C LEU A 380 -30.51 43.00 18.87
N GLY A 381 -31.67 42.36 19.00
CA GLY A 381 -32.36 41.81 17.86
C GLY A 381 -32.81 42.88 16.90
N MET A 382 -33.21 44.02 17.45
CA MET A 382 -33.84 45.06 16.66
C MET A 382 -32.87 45.59 15.63
N GLU A 383 -31.66 45.95 16.08
CA GLU A 383 -30.70 46.54 15.17
C GLU A 383 -29.57 45.61 14.77
N THR A 384 -29.62 44.36 15.23
CA THR A 384 -28.97 43.29 14.48
C THR A 384 -29.56 43.30 13.09
N ALA A 385 -30.88 43.38 13.06
CA ALA A 385 -31.63 43.38 11.83
C ALA A 385 -31.41 44.61 10.98
N ARG A 386 -31.20 45.77 11.58
CA ARG A 386 -30.94 46.97 10.78
C ARG A 386 -29.50 47.03 10.28
N LYS A 387 -28.55 46.78 11.17
CA LYS A 387 -27.14 46.79 10.77
C LYS A 387 -26.64 45.56 10.03
N GLN A 388 -27.19 44.38 10.29
CA GLN A 388 -26.68 43.19 9.62
C GLN A 388 -27.68 42.51 8.69
N GLN A 389 -28.01 43.10 7.53
CA GLN A 389 -28.83 42.35 6.60
C GLN A 389 -27.99 42.12 5.36
N GLY A 390 -26.96 42.95 5.22
CA GLY A 390 -25.99 42.81 4.14
C GLY A 390 -25.14 41.60 4.39
N ALA A 391 -25.27 41.05 5.60
CA ALA A 391 -24.57 39.86 5.99
C ALA A 391 -25.01 38.73 5.09
N VAL A 392 -24.09 37.84 4.75
CA VAL A 392 -24.44 36.79 3.81
C VAL A 392 -24.34 35.44 4.46
N ASP A 393 -25.12 34.48 3.96
CA ASP A 393 -24.98 33.11 4.40
C ASP A 393 -23.83 32.58 3.60
N MET A 394 -22.69 32.34 4.22
CA MET A 394 -21.54 31.99 3.41
C MET A 394 -21.67 30.61 2.78
N ARG A 395 -22.61 29.79 3.24
CA ARG A 395 -22.78 28.50 2.59
C ARG A 395 -23.38 28.74 1.22
N MET A 396 -24.18 29.79 1.09
CA MET A 396 -24.65 30.25 -0.20
C MET A 396 -23.58 30.99 -0.99
N ALA A 397 -22.86 31.85 -0.28
CA ALA A 397 -21.87 32.76 -0.87
C ALA A 397 -20.75 32.01 -1.57
N GLU A 398 -20.44 30.82 -1.07
CA GLU A 398 -19.40 29.99 -1.63
C GLU A 398 -19.83 29.37 -2.93
N ASP A 399 -21.08 28.92 -2.97
CA ASP A 399 -21.60 28.21 -4.14
C ASP A 399 -21.77 29.14 -5.31
N LEU A 400 -22.10 30.38 -5.00
CA LEU A 400 -22.19 31.42 -6.01
C LEU A 400 -20.82 32.01 -6.30
N GLY A 401 -19.82 31.56 -5.55
CA GLY A 401 -18.46 32.08 -5.70
C GLY A 401 -18.32 33.57 -5.46
N LEU A 402 -19.02 34.09 -4.46
CA LEU A 402 -19.00 35.51 -4.16
C LEU A 402 -17.61 35.92 -3.66
N THR A 403 -17.10 37.07 -4.09
CA THR A 403 -15.80 37.53 -3.61
C THR A 403 -16.11 38.58 -2.56
N GLN A 404 -15.11 38.98 -1.78
CA GLN A 404 -15.41 39.82 -0.63
C GLN A 404 -15.73 41.26 -1.05
N ALA A 405 -15.37 41.61 -2.28
CA ALA A 405 -15.76 42.89 -2.86
C ALA A 405 -17.25 42.92 -3.19
N GLU A 406 -17.74 41.79 -3.66
CA GLU A 406 -19.15 41.65 -3.99
C GLU A 406 -19.99 41.82 -2.73
N ARG A 407 -19.44 41.26 -1.66
CA ARG A 407 -20.06 41.29 -0.32
C ARG A 407 -20.12 42.68 0.30
N THR A 408 -19.06 43.45 0.13
CA THR A 408 -18.97 44.77 0.75
C THR A 408 -19.82 45.79 0.00
N GLU A 409 -19.99 45.57 -1.30
CA GLU A 409 -20.84 46.42 -2.12
C GLU A 409 -22.30 46.15 -1.77
N MET A 410 -22.59 44.88 -1.48
CA MET A 410 -23.93 44.44 -1.14
C MET A 410 -24.34 44.91 0.26
N ALA A 411 -23.40 44.79 1.19
CA ALA A 411 -23.58 45.26 2.54
C ALA A 411 -23.76 46.76 2.49
N ASN A 412 -23.01 47.39 1.59
CA ASN A 412 -23.09 48.83 1.44
C ASN A 412 -24.36 49.18 0.69
N THR A 413 -24.82 48.31 -0.19
CA THR A 413 -26.06 48.58 -0.92
C THR A 413 -27.34 48.66 -0.10
N LEU A 414 -27.58 47.65 0.74
CA LEU A 414 -28.78 47.61 1.56
C LEU A 414 -28.66 48.62 2.70
N ALA A 415 -27.42 48.91 3.08
CA ALA A 415 -27.18 49.92 4.11
C ALA A 415 -27.70 51.31 3.71
N LYS A 416 -27.47 51.73 2.45
CA LYS A 416 -28.07 52.95 1.95
C LYS A 416 -29.59 52.76 1.82
N LEU A 417 -30.00 51.54 1.47
CA LEU A 417 -31.41 51.18 1.50
C LEU A 417 -31.92 51.16 2.93
N SER B 19 3.72 10.16 -34.63
CA SER B 19 2.82 9.06 -34.95
C SER B 19 2.82 8.77 -36.44
N VAL B 20 2.73 9.82 -37.24
CA VAL B 20 2.90 9.68 -38.66
C VAL B 20 4.29 9.19 -38.90
N LEU B 21 5.22 9.69 -38.09
CA LEU B 21 6.60 9.28 -38.25
C LEU B 21 6.84 7.85 -37.82
N LYS B 22 6.17 7.39 -36.77
CA LYS B 22 6.32 6.00 -36.36
C LYS B 22 5.72 5.08 -37.41
N ALA B 23 4.66 5.57 -38.05
CA ALA B 23 4.03 4.85 -39.15
C ALA B 23 5.00 4.69 -40.32
N TYR B 24 5.78 5.73 -40.61
CA TYR B 24 6.75 5.67 -41.69
C TYR B 24 7.86 4.66 -41.38
N GLU B 25 8.28 4.56 -40.12
CA GLU B 25 9.34 3.62 -39.76
C GLU B 25 8.94 2.17 -39.93
N ARG B 26 7.75 1.82 -39.48
CA ARG B 26 7.29 0.44 -39.55
C ARG B 26 6.88 0.13 -40.97
N PHE B 27 6.48 1.15 -41.71
CA PHE B 27 6.16 0.96 -43.11
C PHE B 27 7.43 0.52 -43.81
N THR B 28 8.51 1.25 -43.55
CA THR B 28 9.80 0.95 -44.15
C THR B 28 10.29 -0.44 -43.78
N LEU B 29 10.16 -0.78 -42.50
CA LEU B 29 10.68 -2.04 -41.99
C LEU B 29 9.90 -3.28 -42.38
N THR B 30 8.56 -3.21 -42.32
CA THR B 30 7.76 -4.37 -42.68
C THR B 30 7.86 -4.62 -44.17
N GLN B 31 7.95 -3.56 -44.96
CA GLN B 31 8.00 -3.77 -46.39
C GLN B 31 9.31 -4.30 -46.88
N GLU B 32 10.39 -4.04 -46.15
CA GLU B 32 11.64 -4.69 -46.47
C GLU B 32 11.56 -6.18 -46.13
N LEU B 33 10.93 -6.48 -45.00
CA LEU B 33 10.81 -7.85 -44.52
C LEU B 33 9.54 -8.50 -45.02
N GLN B 34 8.90 -7.89 -46.01
CA GLN B 34 7.63 -8.47 -46.49
C GLN B 34 7.91 -9.69 -47.40
N ASP B 35 7.05 -10.70 -47.28
CA ASP B 35 7.09 -11.96 -48.00
C ASP B 35 8.26 -12.89 -47.64
N GLN B 36 9.17 -12.51 -46.76
CA GLN B 36 10.32 -13.36 -46.56
C GLN B 36 10.12 -14.16 -45.29
N SER B 37 8.89 -14.05 -44.78
CA SER B 37 8.38 -14.97 -43.79
C SER B 37 8.43 -16.34 -44.43
N GLU B 38 7.89 -16.39 -45.64
CA GLU B 38 7.77 -17.63 -46.42
C GLU B 38 9.11 -18.24 -46.87
N GLU B 39 9.10 -19.55 -47.11
CA GLU B 39 10.30 -20.27 -47.56
C GLU B 39 10.62 -19.90 -48.99
N GLY B 40 11.87 -20.13 -49.39
CA GLY B 40 12.22 -19.88 -50.78
C GLY B 40 11.55 -21.00 -51.56
N THR B 41 10.94 -20.69 -52.70
CA THR B 41 10.37 -21.75 -53.52
C THR B 41 11.27 -21.93 -54.72
N ILE B 42 11.63 -23.17 -55.05
CA ILE B 42 12.62 -23.36 -56.10
C ILE B 42 11.95 -23.02 -57.43
N PRO B 43 12.68 -22.29 -58.29
CA PRO B 43 12.09 -21.57 -59.41
C PRO B 43 11.54 -22.49 -60.49
N PRO B 44 10.71 -21.96 -61.39
CA PRO B 44 10.16 -22.74 -62.49
C PRO B 44 11.29 -23.29 -63.35
N THR B 45 11.12 -24.51 -63.86
CA THR B 45 12.21 -25.16 -64.56
C THR B 45 12.46 -24.57 -65.93
N THR B 46 13.71 -24.58 -66.35
CA THR B 46 14.15 -23.93 -67.57
C THR B 46 15.07 -24.84 -68.35
N LEU B 47 15.28 -24.54 -69.62
CA LEU B 47 16.21 -25.35 -70.38
C LEU B 47 17.60 -25.01 -69.89
N LYS B 48 18.46 -26.01 -69.83
CA LYS B 48 19.80 -25.83 -69.31
C LYS B 48 20.79 -26.49 -70.22
N PRO B 49 21.99 -25.92 -70.30
CA PRO B 49 23.07 -26.58 -71.03
C PRO B 49 23.58 -27.76 -70.22
N VAL B 50 24.07 -28.80 -70.87
CA VAL B 50 24.65 -29.89 -70.11
C VAL B 50 26.13 -29.57 -69.92
N ILE B 51 26.58 -29.68 -68.68
CA ILE B 51 27.99 -29.54 -68.32
C ILE B 51 28.54 -30.94 -68.11
N ARG B 52 29.65 -31.27 -68.74
CA ARG B 52 30.21 -32.59 -68.58
C ARG B 52 31.39 -32.58 -67.63
N VAL B 53 31.32 -33.42 -66.61
CA VAL B 53 32.33 -33.48 -65.58
C VAL B 53 32.96 -34.86 -65.66
N PHE B 54 34.28 -34.98 -65.57
CA PHE B 54 34.92 -36.28 -65.69
C PHE B 54 35.00 -36.97 -64.34
N ILE B 55 34.66 -38.25 -64.30
CA ILE B 55 34.69 -39.00 -63.05
C ILE B 55 35.80 -40.01 -63.09
N LEU B 56 36.69 -39.94 -62.12
CA LEU B 56 37.79 -40.88 -61.97
C LEU B 56 37.60 -41.71 -60.71
N THR B 57 37.48 -43.02 -60.86
CA THR B 57 37.27 -43.93 -59.73
C THR B 57 38.61 -44.35 -59.14
N SER B 58 39.66 -44.23 -59.95
CA SER B 58 41.02 -44.61 -59.56
C SER B 58 41.65 -43.59 -58.63
N ASN B 59 42.48 -44.09 -57.71
CA ASN B 59 43.21 -43.23 -56.80
C ASN B 59 44.67 -43.07 -57.23
N ASN B 60 44.96 -43.53 -58.44
CA ASN B 60 46.33 -43.50 -58.95
C ASN B 60 46.84 -42.08 -59.15
N PRO B 61 48.01 -41.77 -58.58
CA PRO B 61 48.55 -40.41 -58.61
C PRO B 61 48.81 -39.89 -60.02
N GLU B 62 49.23 -40.76 -60.93
CA GLU B 62 49.55 -40.32 -62.28
C GLU B 62 48.29 -39.93 -63.06
N LEU B 63 47.21 -40.69 -62.86
CA LEU B 63 45.95 -40.40 -63.53
C LEU B 63 45.28 -39.15 -62.99
N ARG B 64 45.29 -39.00 -61.68
CA ARG B 64 44.71 -37.83 -61.05
C ARG B 64 45.42 -36.57 -61.52
N SER B 65 46.74 -36.65 -61.56
CA SER B 65 47.53 -35.51 -61.94
C SER B 65 47.34 -35.16 -63.40
N ARG B 66 47.23 -36.18 -64.24
CA ARG B 66 47.12 -35.92 -65.65
C ARG B 66 45.72 -35.40 -65.97
N LEU B 67 44.72 -35.88 -65.24
CA LEU B 67 43.36 -35.36 -65.41
C LEU B 67 43.27 -33.91 -64.97
N LEU B 68 43.99 -33.55 -63.91
CA LEU B 68 44.02 -32.15 -63.49
C LEU B 68 44.63 -31.28 -64.55
N LEU B 69 45.75 -31.76 -65.09
CA LEU B 69 46.49 -31.07 -66.14
C LEU B 69 45.67 -31.00 -67.42
N PHE B 70 44.97 -32.09 -67.71
CA PHE B 70 44.10 -32.16 -68.89
C PHE B 70 43.00 -31.12 -68.80
N CYS B 71 42.35 -31.05 -67.64
CA CYS B 71 41.22 -30.16 -67.43
C CYS B 71 41.62 -28.70 -67.39
N LEU B 72 42.78 -28.42 -66.79
CA LEU B 72 43.29 -27.07 -66.67
C LEU B 72 43.53 -26.49 -68.04
N ARG B 73 44.01 -27.33 -68.94
CA ARG B 73 44.26 -26.91 -70.30
C ARG B 73 42.98 -26.58 -71.07
N ILE B 74 41.93 -27.38 -70.88
CA ILE B 74 40.65 -27.08 -71.50
C ILE B 74 40.07 -25.78 -70.96
N VAL B 75 40.25 -25.53 -69.67
CA VAL B 75 39.78 -24.29 -69.08
C VAL B 75 40.48 -23.12 -69.72
N LEU B 76 41.77 -23.31 -70.02
CA LEU B 76 42.55 -22.24 -70.63
C LEU B 76 42.53 -22.29 -72.15
N SER B 77 42.00 -23.36 -72.73
CA SER B 77 42.11 -23.57 -74.18
C SER B 77 41.43 -22.46 -74.94
N ASN B 78 41.97 -22.18 -76.13
CA ASN B 78 41.47 -21.15 -77.01
C ASN B 78 40.06 -21.43 -77.52
N GLY B 79 39.83 -22.67 -77.97
CA GLY B 79 38.62 -23.00 -78.68
C GLY B 79 37.44 -23.59 -77.92
N ALA B 80 37.59 -23.87 -76.64
CA ALA B 80 36.54 -24.54 -75.89
C ALA B 80 35.32 -23.65 -75.72
N ARG B 81 34.13 -24.26 -75.70
CA ARG B 81 32.92 -23.51 -75.39
C ARG B 81 32.81 -23.39 -73.88
N ASP B 82 31.91 -22.54 -73.41
CA ASP B 82 31.79 -22.30 -71.98
C ASP B 82 31.49 -23.59 -71.24
N SER B 83 30.60 -24.40 -71.79
CA SER B 83 30.17 -25.61 -71.10
C SER B 83 31.32 -26.58 -70.88
N HIS B 84 32.28 -26.59 -71.80
CA HIS B 84 33.49 -27.39 -71.62
C HIS B 84 34.35 -26.85 -70.49
N ARG B 85 34.48 -25.54 -70.45
CA ARG B 85 35.30 -24.89 -69.44
C ARG B 85 34.71 -25.11 -68.05
N PHE B 86 33.38 -25.02 -67.97
CA PHE B 86 32.68 -25.21 -66.70
C PHE B 86 32.88 -26.62 -66.21
N GLY B 87 32.80 -27.57 -67.13
CA GLY B 87 32.97 -28.97 -66.79
C GLY B 87 34.35 -29.33 -66.30
N ALA B 88 35.37 -28.78 -66.94
CA ALA B 88 36.73 -29.05 -66.52
C ALA B 88 36.97 -28.48 -65.14
N LEU B 89 36.43 -27.30 -64.87
CA LEU B 89 36.61 -26.68 -63.55
C LEU B 89 36.02 -27.53 -62.44
N LEU B 90 34.79 -27.99 -62.66
CA LEU B 90 34.09 -28.81 -61.67
C LEU B 90 34.86 -30.10 -61.46
N THR B 91 35.50 -30.58 -62.52
CA THR B 91 36.33 -31.76 -62.40
C THR B 91 37.53 -31.47 -61.52
N MET B 92 38.19 -30.33 -61.75
CA MET B 92 39.38 -30.00 -60.98
C MET B 92 39.08 -29.87 -59.50
N PHE B 93 37.99 -29.20 -59.19
CA PHE B 93 37.59 -28.99 -57.81
C PHE B 93 37.16 -30.28 -57.11
N SER B 94 36.87 -31.32 -57.89
CA SER B 94 36.46 -32.61 -57.33
C SER B 94 37.60 -33.62 -57.27
N LEU B 95 38.76 -33.25 -57.79
CA LEU B 95 39.90 -34.16 -57.85
C LEU B 95 40.51 -34.55 -56.50
N PRO B 96 40.44 -33.67 -55.49
CA PRO B 96 40.87 -34.15 -54.18
C PRO B 96 40.04 -35.25 -53.53
N SER B 97 38.78 -35.45 -53.92
CA SER B 97 37.92 -36.38 -53.19
C SER B 97 38.34 -37.83 -53.32
N ALA B 98 38.15 -38.58 -52.23
CA ALA B 98 38.37 -40.01 -52.22
C ALA B 98 37.38 -40.68 -53.16
N THR B 99 36.16 -40.14 -53.19
CA THR B 99 35.19 -40.49 -54.21
C THR B 99 34.69 -39.25 -54.91
N MET B 100 35.12 -39.03 -56.15
CA MET B 100 34.72 -37.86 -56.89
C MET B 100 33.23 -37.81 -57.18
N LEU B 101 32.62 -38.98 -57.35
CA LEU B 101 31.24 -39.06 -57.77
C LEU B 101 30.35 -38.39 -56.75
N ASN B 102 30.65 -38.63 -55.49
CA ASN B 102 29.87 -38.08 -54.39
C ASN B 102 29.93 -36.58 -54.43
N HIS B 103 31.11 -36.06 -54.76
CA HIS B 103 31.34 -34.65 -54.75
C HIS B 103 30.80 -33.94 -55.98
N VAL B 104 30.67 -34.66 -57.09
CA VAL B 104 30.03 -34.09 -58.25
C VAL B 104 28.53 -33.95 -58.04
N LYS B 105 27.95 -34.81 -57.21
CA LYS B 105 26.51 -34.75 -56.97
C LYS B 105 26.13 -33.49 -56.19
N LEU B 106 27.13 -32.82 -55.63
CA LEU B 106 26.93 -31.54 -54.99
C LEU B 106 26.44 -30.54 -56.01
N ALA B 107 27.02 -30.60 -57.20
CA ALA B 107 26.66 -29.70 -58.28
C ALA B 107 25.21 -29.93 -58.70
N ASP B 108 24.73 -31.15 -58.48
CA ASP B 108 23.40 -31.54 -58.93
C ASP B 108 22.33 -30.77 -58.16
N GLN B 109 22.74 -30.17 -57.05
CA GLN B 109 21.83 -29.45 -56.17
C GLN B 109 21.50 -28.09 -56.73
N SER B 110 22.19 -27.69 -57.78
CA SER B 110 21.95 -26.41 -58.43
C SER B 110 20.79 -26.50 -59.41
N PRO B 111 19.88 -25.53 -59.35
CA PRO B 111 18.70 -25.50 -60.23
C PRO B 111 19.05 -25.24 -61.69
N GLU B 112 20.30 -24.84 -61.94
CA GLU B 112 20.77 -24.51 -63.29
C GLU B 112 21.64 -25.66 -63.82
N ALA B 113 21.75 -26.72 -63.04
CA ALA B 113 22.71 -27.78 -63.36
C ALA B 113 22.05 -28.95 -64.05
N ASP B 114 22.67 -29.37 -65.15
CA ASP B 114 22.37 -30.62 -65.82
C ASP B 114 23.74 -31.20 -66.11
N ILE B 115 24.17 -32.16 -65.31
CA ILE B 115 25.54 -32.64 -65.39
C ILE B 115 25.62 -34.02 -66.04
N GLU B 116 26.59 -34.22 -66.92
CA GLU B 116 26.88 -35.57 -67.42
C GLU B 116 28.21 -36.05 -66.87
N ARG B 117 28.19 -37.23 -66.29
CA ARG B 117 29.31 -37.72 -65.50
C ARG B 117 30.52 -38.28 -66.24
N VAL B 118 30.36 -38.85 -67.44
CA VAL B 118 31.53 -39.20 -68.26
C VAL B 118 32.62 -39.95 -67.46
N GLU B 119 32.34 -41.18 -67.05
CA GLU B 119 33.30 -41.95 -66.27
C GLU B 119 34.52 -42.30 -67.08
N ILE B 120 35.70 -42.16 -66.49
CA ILE B 120 36.92 -42.05 -67.28
C ILE B 120 37.94 -43.20 -67.27
N ASP B 121 38.46 -43.71 -66.15
CA ASP B 121 39.38 -44.88 -66.17
C ASP B 121 40.84 -44.65 -66.56
N GLY B 122 41.16 -43.55 -67.25
CA GLY B 122 42.55 -43.31 -67.60
C GLY B 122 42.90 -42.54 -68.86
N PHE B 123 44.18 -42.52 -69.20
CA PHE B 123 44.69 -41.89 -70.42
C PHE B 123 45.58 -42.87 -71.21
N GLU B 124 45.56 -42.79 -72.54
CA GLU B 124 46.46 -43.60 -73.36
C GLU B 124 47.84 -43.05 -73.20
N GLU B 125 48.85 -43.90 -73.00
CA GLU B 125 50.12 -43.39 -72.50
C GLU B 125 50.75 -42.41 -73.49
N GLY B 126 51.37 -41.37 -72.95
CA GLY B 126 51.70 -40.21 -73.75
C GLY B 126 50.56 -39.21 -73.75
N SER B 127 49.34 -39.64 -74.11
CA SER B 127 48.10 -38.92 -73.79
C SER B 127 48.08 -37.56 -74.52
N PHE B 128 47.16 -36.60 -74.26
CA PHE B 128 45.91 -36.72 -73.51
C PHE B 128 44.78 -37.38 -74.28
N ARG B 129 44.92 -38.65 -74.65
CA ARG B 129 43.81 -39.32 -75.32
C ARG B 129 43.08 -40.13 -74.26
N LEU B 130 41.79 -39.84 -74.07
CA LEU B 130 41.03 -40.42 -72.99
C LEU B 130 40.77 -41.91 -73.22
N ILE B 131 40.94 -42.72 -72.18
CA ILE B 131 40.47 -44.10 -72.19
C ILE B 131 39.28 -44.25 -71.26
N PRO B 132 38.05 -44.30 -71.79
CA PRO B 132 36.82 -44.31 -71.01
C PRO B 132 36.29 -45.69 -70.59
N ASN B 133 35.46 -45.71 -69.55
CA ASN B 133 34.61 -46.86 -69.25
C ASN B 133 33.80 -47.03 -70.53
N ALA B 134 33.67 -48.19 -71.18
CA ALA B 134 33.14 -49.49 -70.72
C ALA B 134 31.68 -49.23 -70.37
N ARG B 135 31.48 -48.36 -69.39
CA ARG B 135 30.18 -47.92 -68.97
C ARG B 135 29.56 -46.96 -69.99
N SER B 136 30.34 -45.98 -70.45
CA SER B 136 29.91 -45.11 -71.55
C SER B 136 31.00 -44.94 -72.60
N GLY B 137 30.71 -45.30 -73.85
CA GLY B 137 31.73 -45.24 -74.87
C GLY B 137 32.01 -43.82 -75.32
N MET B 138 33.08 -43.67 -76.10
CA MET B 138 33.39 -42.41 -76.75
C MET B 138 33.86 -42.71 -78.16
N SER B 139 33.48 -41.85 -79.11
CA SER B 139 33.95 -41.98 -80.46
C SER B 139 35.39 -41.54 -80.49
N ARG B 140 36.19 -42.07 -81.40
CA ARG B 140 37.59 -41.62 -81.42
C ARG B 140 37.64 -40.23 -82.05
N GLY B 141 36.54 -39.82 -82.64
CA GLY B 141 36.43 -38.44 -83.07
C GLY B 141 36.39 -37.56 -81.84
N GLU B 142 35.58 -37.94 -80.88
CA GLU B 142 35.45 -37.16 -79.65
C GLU B 142 36.70 -37.32 -78.77
N ILE B 143 37.28 -38.51 -78.77
CA ILE B 143 38.51 -38.74 -78.02
C ILE B 143 39.64 -37.87 -78.55
N ASN B 144 39.77 -37.83 -79.87
CA ASN B 144 40.79 -37.02 -80.52
C ASN B 144 40.51 -35.52 -80.45
N ALA B 145 39.23 -35.16 -80.39
CA ALA B 145 38.84 -33.76 -80.35
C ALA B 145 39.25 -33.11 -79.04
N TYR B 146 39.12 -33.88 -77.95
CA TYR B 146 39.50 -33.43 -76.62
C TYR B 146 41.01 -33.26 -76.51
N ALA B 147 41.75 -34.22 -77.05
CA ALA B 147 43.20 -34.19 -76.98
C ALA B 147 43.74 -32.97 -77.70
N ALA B 148 43.06 -32.58 -78.77
CA ALA B 148 43.38 -31.36 -79.50
C ALA B 148 43.06 -30.13 -78.66
N LEU B 149 41.93 -30.19 -77.96
CA LEU B 149 41.48 -29.06 -77.15
C LEU B 149 42.45 -28.81 -76.02
N ALA B 150 43.03 -29.89 -75.53
CA ALA B 150 44.05 -29.82 -74.48
C ALA B 150 45.37 -29.32 -75.01
N GLU B 151 45.47 -29.16 -76.32
CA GLU B 151 46.71 -28.72 -76.91
C GLU B 151 46.49 -27.39 -77.61
N ASP B 152 45.52 -26.62 -77.11
CA ASP B 152 45.26 -25.33 -77.73
C ASP B 152 46.10 -24.25 -77.10
N LEU B 153 45.67 -23.79 -75.93
CA LEU B 153 46.37 -22.79 -75.14
C LEU B 153 46.66 -21.50 -75.88
N PRO B 154 46.39 -20.35 -75.24
CA PRO B 154 46.72 -19.14 -75.96
C PRO B 154 48.22 -19.00 -75.95
N ASP B 155 48.75 -18.15 -76.83
CA ASP B 155 50.16 -17.89 -76.91
C ASP B 155 50.56 -16.77 -75.96
N THR B 156 49.55 -16.18 -75.30
CA THR B 156 49.78 -15.19 -74.26
C THR B 156 50.54 -15.86 -73.12
N LEU B 157 50.44 -17.18 -73.05
CA LEU B 157 51.13 -17.97 -72.03
C LEU B 157 52.59 -18.37 -72.35
N ASN B 158 53.53 -17.91 -71.52
CA ASN B 158 54.96 -18.07 -71.75
C ASN B 158 55.50 -19.24 -70.94
N HIS B 159 55.52 -20.47 -71.47
CA HIS B 159 55.41 -20.78 -72.89
C HIS B 159 54.98 -22.23 -73.10
N ALA B 160 53.81 -22.40 -73.71
CA ALA B 160 53.22 -23.68 -74.08
C ALA B 160 52.77 -24.52 -72.89
N THR B 161 52.83 -23.95 -71.70
CA THR B 161 52.30 -24.56 -70.49
C THR B 161 51.72 -23.42 -69.68
N PRO B 162 50.92 -23.73 -68.66
CA PRO B 162 50.76 -22.61 -67.72
C PRO B 162 51.95 -22.70 -66.77
N PHE B 163 51.73 -22.43 -65.49
CA PHE B 163 52.69 -22.81 -64.46
C PHE B 163 53.98 -22.00 -64.31
N VAL B 164 54.25 -21.04 -65.20
CA VAL B 164 55.44 -20.16 -65.15
C VAL B 164 56.71 -21.01 -65.18
N ASP B 165 56.83 -21.95 -64.25
CA ASP B 165 57.94 -22.90 -64.20
C ASP B 165 57.83 -23.86 -65.39
N SER B 166 58.71 -23.65 -66.36
CA SER B 166 58.66 -24.33 -67.65
C SER B 166 58.79 -25.86 -67.58
N GLU B 167 58.87 -26.41 -66.37
CA GLU B 167 59.22 -27.81 -66.22
C GLU B 167 58.25 -28.61 -65.35
N VAL B 168 57.19 -27.95 -64.89
CA VAL B 168 56.22 -28.59 -64.00
C VAL B 168 55.57 -29.83 -64.59
N GLU B 169 55.00 -29.67 -65.77
CA GLU B 169 54.21 -30.71 -66.41
C GLU B 169 55.02 -31.95 -66.79
N GLY B 170 56.33 -31.85 -66.72
CA GLY B 170 57.19 -32.96 -67.06
C GLY B 170 57.52 -33.81 -65.85
N THR B 171 56.98 -33.42 -64.69
CA THR B 171 57.21 -34.14 -63.45
C THR B 171 56.72 -35.57 -63.54
N ALA B 172 57.20 -36.43 -62.65
CA ALA B 172 56.73 -37.80 -62.58
C ALA B 172 55.85 -37.90 -61.35
N TRP B 173 54.56 -38.09 -61.58
CA TRP B 173 53.61 -38.06 -60.49
C TRP B 173 53.47 -39.46 -59.90
N ASP B 174 54.56 -39.92 -59.29
CA ASP B 174 54.64 -41.26 -58.73
C ASP B 174 53.97 -41.35 -57.39
N GLU B 175 53.96 -40.25 -56.66
CA GLU B 175 53.51 -40.28 -55.28
C GLU B 175 52.28 -39.40 -55.09
N ILE B 176 51.35 -39.87 -54.26
CA ILE B 176 50.12 -39.13 -54.03
C ILE B 176 50.38 -37.77 -53.40
N GLU B 177 51.46 -37.63 -52.63
CA GLU B 177 51.76 -36.35 -52.01
C GLU B 177 51.93 -35.29 -53.06
N THR B 178 52.58 -35.66 -54.15
CA THR B 178 52.91 -34.74 -55.21
C THR B 178 51.64 -34.26 -55.92
N PHE B 179 50.73 -35.19 -56.20
CA PHE B 179 49.49 -34.81 -56.88
C PHE B 179 48.73 -33.84 -56.01
N LEU B 180 48.60 -34.18 -54.74
CA LEU B 180 47.85 -33.34 -53.81
C LEU B 180 48.51 -31.99 -53.64
N ASP B 181 49.83 -31.96 -53.66
CA ASP B 181 50.54 -30.71 -53.51
C ASP B 181 50.27 -29.78 -54.69
N MET B 182 50.27 -30.32 -55.91
CA MET B 182 49.90 -29.54 -57.09
C MET B 182 48.42 -29.20 -57.10
N CYS B 183 47.60 -30.21 -56.82
CA CYS B 183 46.15 -30.06 -56.90
C CYS B 183 45.67 -28.93 -56.00
N TYR B 184 46.15 -28.93 -54.76
CA TYR B 184 45.78 -27.89 -53.82
C TYR B 184 46.33 -26.54 -54.25
N SER B 185 47.52 -26.55 -54.82
CA SER B 185 48.17 -25.32 -55.25
C SER B 185 47.43 -24.67 -56.38
N VAL B 186 47.01 -25.46 -57.36
CA VAL B 186 46.25 -24.92 -58.47
C VAL B 186 44.86 -24.48 -58.04
N LEU B 187 44.19 -25.31 -57.26
CA LEU B 187 42.83 -24.99 -56.81
C LEU B 187 42.81 -23.72 -55.98
N MET B 188 43.83 -23.51 -55.16
CA MET B 188 43.90 -22.32 -54.33
C MET B 188 43.98 -21.05 -55.16
N GLN B 189 44.68 -21.10 -56.28
CA GLN B 189 44.78 -19.96 -57.17
C GLN B 189 43.43 -19.66 -57.80
N ALA B 190 42.65 -20.70 -58.07
CA ALA B 190 41.28 -20.51 -58.53
C ALA B 190 40.41 -19.89 -57.43
N TRP B 191 40.60 -20.37 -56.20
CA TRP B 191 39.84 -19.89 -55.05
C TRP B 191 40.09 -18.40 -54.83
N ILE B 192 41.33 -17.98 -55.04
CA ILE B 192 41.76 -16.61 -54.82
C ILE B 192 41.10 -15.59 -55.76
N VAL B 193 40.75 -16.03 -56.97
CA VAL B 193 40.15 -15.12 -57.93
C VAL B 193 38.64 -15.29 -58.05
N THR B 194 38.04 -15.95 -57.08
CA THR B 194 36.64 -16.36 -57.22
C THR B 194 35.64 -15.22 -57.24
N CYS B 195 35.80 -14.22 -56.38
CA CYS B 195 34.77 -13.20 -56.40
C CYS B 195 35.37 -11.85 -56.78
N LYS B 196 35.93 -11.82 -57.99
CA LYS B 196 36.52 -10.62 -58.57
C LYS B 196 35.86 -10.36 -59.93
N CYS B 197 35.42 -9.12 -60.16
CA CYS B 197 34.70 -8.82 -61.40
C CYS B 197 35.62 -8.68 -62.62
N MET B 198 36.85 -8.19 -62.40
CA MET B 198 38.07 -8.32 -63.24
C MET B 198 38.76 -6.96 -63.43
N GLN B 203 48.14 -5.68 -65.81
CA GLN B 203 46.81 -5.18 -65.59
C GLN B 203 46.55 -5.59 -64.10
N PRO B 204 45.30 -5.56 -63.59
CA PRO B 204 45.11 -5.93 -62.17
C PRO B 204 45.61 -7.33 -61.70
N ALA B 205 45.65 -7.61 -60.39
CA ALA B 205 45.15 -6.78 -59.27
C ALA B 205 46.06 -6.91 -58.03
N ALA B 206 45.96 -5.94 -57.13
CA ALA B 206 46.85 -5.90 -55.96
C ALA B 206 46.52 -6.95 -54.92
N SER B 207 45.23 -7.19 -54.69
CA SER B 207 44.78 -8.13 -53.66
C SER B 207 45.30 -9.53 -53.94
N ILE B 208 45.28 -9.92 -55.21
CA ILE B 208 45.57 -11.28 -55.59
C ILE B 208 46.98 -11.74 -55.16
N GLU B 209 48.03 -10.99 -55.48
CA GLU B 209 49.37 -11.47 -55.11
C GLU B 209 49.59 -11.37 -53.61
N LYS B 210 48.84 -10.52 -52.93
CA LYS B 210 48.96 -10.51 -51.48
C LYS B 210 48.35 -11.76 -50.91
N ARG B 211 47.30 -12.29 -51.54
CA ARG B 211 46.75 -13.56 -51.10
C ARG B 211 47.73 -14.68 -51.37
N LEU B 212 48.38 -14.66 -52.53
CA LEU B 212 49.27 -15.77 -52.84
C LEU B 212 50.43 -15.96 -51.89
N GLN B 213 51.08 -14.92 -51.40
CA GLN B 213 52.23 -15.26 -50.56
C GLN B 213 51.76 -15.71 -49.17
N LYS B 214 50.57 -15.32 -48.76
CA LYS B 214 50.05 -15.84 -47.50
C LYS B 214 50.02 -17.33 -47.59
N TYR B 215 49.47 -17.83 -48.70
CA TYR B 215 49.36 -19.26 -48.90
C TYR B 215 50.71 -19.85 -49.29
N ARG B 216 51.60 -19.03 -49.85
CA ARG B 216 52.98 -19.47 -50.08
C ARG B 216 53.69 -19.63 -48.75
N GLN B 217 53.51 -18.70 -47.83
CA GLN B 217 54.21 -18.84 -46.56
C GLN B 217 53.57 -19.85 -45.63
N GLN B 218 52.28 -20.07 -45.79
CA GLN B 218 51.62 -21.09 -45.00
C GLN B 218 51.90 -22.47 -45.57
N GLY B 219 52.42 -22.50 -46.78
CA GLY B 219 52.74 -23.75 -47.44
C GLY B 219 51.55 -24.35 -48.14
N ARG B 220 50.45 -23.62 -48.17
CA ARG B 220 49.25 -24.09 -48.85
C ARG B 220 49.42 -24.02 -50.38
N ILE B 221 50.18 -23.05 -50.86
CA ILE B 221 50.54 -23.01 -52.28
C ILE B 221 52.03 -23.24 -52.42
N ASN B 222 52.43 -24.08 -53.37
CA ASN B 222 53.83 -24.39 -53.58
C ASN B 222 54.33 -23.57 -54.74
N PRO B 223 55.44 -22.84 -54.54
CA PRO B 223 55.82 -21.87 -55.57
C PRO B 223 56.08 -22.53 -56.91
N ARG B 224 56.34 -23.83 -56.87
CA ARG B 224 56.63 -24.58 -58.08
C ARG B 224 55.41 -24.59 -58.96
N TYR B 225 54.23 -24.59 -58.35
CA TYR B 225 53.02 -24.77 -59.13
C TYR B 225 52.21 -23.50 -59.32
N LEU B 226 52.85 -22.33 -59.29
CA LEU B 226 52.11 -21.10 -59.56
C LEU B 226 51.70 -21.07 -61.00
N LEU B 227 50.61 -20.38 -61.29
CA LEU B 227 50.14 -20.32 -62.65
C LEU B 227 50.63 -19.00 -63.17
N GLN B 228 50.78 -18.87 -64.47
CA GLN B 228 51.12 -17.57 -65.03
C GLN B 228 49.94 -16.67 -64.75
N PRO B 229 50.18 -15.36 -64.53
CA PRO B 229 49.11 -14.44 -64.14
C PRO B 229 48.01 -14.47 -65.18
N GLU B 230 48.37 -14.83 -66.40
CA GLU B 230 47.40 -14.98 -67.48
C GLU B 230 46.49 -16.20 -67.34
N ALA B 231 47.02 -17.30 -66.81
CA ALA B 231 46.19 -18.49 -66.57
C ALA B 231 45.12 -18.16 -65.55
N ARG B 232 45.51 -17.45 -64.51
CA ARG B 232 44.56 -17.05 -63.50
C ARG B 232 43.47 -16.10 -64.00
N ARG B 233 43.79 -15.15 -64.90
CA ARG B 233 42.74 -14.22 -65.33
C ARG B 233 41.68 -14.95 -66.16
N ILE B 234 42.10 -15.96 -66.91
CA ILE B 234 41.16 -16.78 -67.66
C ILE B 234 40.26 -17.57 -66.74
N ILE B 235 40.85 -18.14 -65.69
CA ILE B 235 40.06 -18.86 -64.68
C ILE B 235 39.13 -17.90 -63.96
N GLN B 236 39.63 -16.71 -63.69
CA GLN B 236 38.83 -15.64 -63.09
C GLN B 236 37.61 -15.39 -63.94
N ASN B 237 37.82 -15.36 -65.25
CA ASN B 237 36.74 -15.10 -66.20
C ASN B 237 35.73 -16.23 -66.29
N VAL B 238 36.21 -17.48 -66.31
CA VAL B 238 35.32 -18.63 -66.37
C VAL B 238 34.44 -18.74 -65.14
N ILE B 239 35.02 -18.48 -63.97
CA ILE B 239 34.25 -18.58 -62.74
C ILE B 239 33.17 -17.51 -62.71
N ARG B 240 33.47 -16.31 -63.23
CA ARG B 240 32.46 -15.25 -63.24
C ARG B 240 31.27 -15.60 -64.15
N LYS B 241 31.55 -16.22 -65.30
CA LYS B 241 30.50 -16.58 -66.24
C LYS B 241 29.60 -17.69 -65.75
N GLY B 242 30.19 -18.67 -65.05
CA GLY B 242 29.50 -19.91 -64.74
C GLY B 242 28.71 -19.93 -63.46
N MET B 243 27.39 -19.95 -63.58
CA MET B 243 26.51 -19.97 -62.43
C MET B 243 26.54 -21.31 -61.71
N VAL B 244 26.47 -22.41 -62.45
CA VAL B 244 26.57 -23.74 -61.84
C VAL B 244 27.85 -23.89 -61.06
N VAL B 245 28.94 -23.43 -61.64
CA VAL B 245 30.25 -23.51 -61.03
C VAL B 245 30.28 -22.71 -59.74
N ARG B 246 29.80 -21.49 -59.80
CA ARG B 246 29.75 -20.61 -58.64
C ARG B 246 28.85 -21.16 -57.55
N HIS B 247 27.77 -21.81 -57.93
CA HIS B 247 26.90 -22.49 -56.97
C HIS B 247 27.68 -23.59 -56.25
N PHE B 248 28.44 -24.36 -57.04
CA PHE B 248 29.22 -25.46 -56.50
C PHE B 248 30.24 -24.97 -55.51
N LEU B 249 30.87 -23.85 -55.83
CA LEU B 249 31.86 -23.28 -54.93
C LEU B 249 31.18 -22.84 -53.65
N THR B 250 29.98 -22.31 -53.77
CA THR B 250 29.24 -21.89 -52.60
C THR B 250 28.98 -23.07 -51.69
N PHE B 251 28.61 -24.21 -52.27
CA PHE B 251 28.28 -25.38 -51.48
C PHE B 251 29.51 -25.81 -50.71
N GLU B 252 30.66 -25.72 -51.37
CA GLU B 252 31.93 -26.06 -50.75
C GLU B 252 32.29 -25.10 -49.63
N LEU B 253 32.02 -23.80 -49.81
CA LEU B 253 32.35 -22.85 -48.75
C LEU B 253 31.51 -23.13 -47.53
N GLN B 254 30.25 -23.50 -47.73
CA GLN B 254 29.38 -23.86 -46.62
C GLN B 254 29.83 -25.10 -45.86
N LEU B 255 30.31 -26.08 -46.60
CA LEU B 255 30.74 -27.32 -45.97
C LEU B 255 31.99 -27.04 -45.18
N ALA B 256 32.78 -26.11 -45.71
CA ALA B 256 33.97 -25.64 -45.06
C ALA B 256 33.63 -24.91 -43.77
N ARG B 257 32.45 -24.29 -43.70
CA ARG B 257 32.03 -23.55 -42.50
C ARG B 257 31.71 -24.49 -41.34
N ALA B 258 31.17 -25.66 -41.67
CA ALA B 258 30.69 -26.58 -40.65
C ALA B 258 31.78 -27.54 -40.16
N GLN B 259 33.01 -27.36 -40.62
CA GLN B 259 34.07 -28.30 -40.27
C GLN B 259 34.46 -28.14 -38.80
N SER B 260 35.00 -29.20 -38.22
CA SER B 260 35.44 -29.16 -36.83
C SER B 260 36.72 -28.34 -36.75
N LEU B 261 37.15 -27.99 -35.56
CA LEU B 261 38.40 -27.27 -35.41
C LEU B 261 39.51 -28.19 -35.87
N VAL B 262 39.31 -29.48 -35.66
CA VAL B 262 40.22 -30.49 -36.19
C VAL B 262 39.61 -31.01 -37.48
N SER B 263 40.31 -30.75 -38.58
CA SER B 263 39.77 -30.86 -39.92
C SER B 263 40.81 -31.53 -40.80
N ASN B 264 40.64 -31.45 -42.11
CA ASN B 264 41.70 -31.95 -42.98
C ASN B 264 42.35 -30.80 -43.73
N ARG B 265 43.36 -31.13 -44.53
CA ARG B 265 44.20 -30.14 -45.16
C ARG B 265 43.44 -29.26 -46.13
N TYR B 266 42.64 -29.88 -46.99
CA TYR B 266 41.93 -29.14 -48.01
C TYR B 266 40.87 -28.22 -47.46
N TYR B 267 40.02 -28.73 -46.59
CA TYR B 267 38.90 -27.92 -46.12
C TYR B 267 39.29 -26.82 -45.13
N ALA B 268 40.37 -27.02 -44.38
CA ALA B 268 40.92 -25.94 -43.57
C ALA B 268 41.38 -24.83 -44.51
N MET B 269 41.94 -25.26 -45.63
CA MET B 269 42.44 -24.36 -46.66
C MET B 269 41.31 -23.57 -47.29
N VAL B 270 40.24 -24.26 -47.66
CA VAL B 270 39.08 -23.62 -48.28
C VAL B 270 38.39 -22.68 -47.33
N GLY B 271 38.28 -23.07 -46.07
CA GLY B 271 37.65 -22.23 -45.07
C GLY B 271 38.39 -20.92 -44.89
N ASP B 272 39.71 -20.98 -44.98
CA ASP B 272 40.52 -19.79 -44.81
C ASP B 272 40.29 -18.81 -45.96
N VAL B 273 40.35 -19.30 -47.19
CA VAL B 273 40.22 -18.40 -48.33
C VAL B 273 38.78 -17.90 -48.42
N GLY B 274 37.86 -18.69 -47.88
CA GLY B 274 36.46 -18.35 -47.89
C GLY B 274 36.15 -17.09 -47.10
N LYS B 275 36.95 -16.80 -46.09
CA LYS B 275 36.71 -15.64 -45.24
C LYS B 275 36.93 -14.35 -46.01
N TYR B 276 37.77 -14.45 -47.04
CA TYR B 276 37.98 -13.37 -47.99
C TYR B 276 36.79 -13.20 -48.93
N ILE B 277 36.23 -14.32 -49.36
CA ILE B 277 35.10 -14.32 -50.29
C ILE B 277 33.78 -13.88 -49.65
N GLU B 278 33.59 -14.13 -48.36
CA GLU B 278 32.32 -13.79 -47.70
C GLU B 278 31.93 -12.33 -47.87
N ASN B 279 30.65 -12.10 -48.14
CA ASN B 279 30.07 -10.77 -48.25
C ASN B 279 30.70 -9.97 -49.38
N CYS B 280 31.31 -10.68 -50.33
CA CYS B 280 31.78 -10.08 -51.56
C CYS B 280 30.68 -9.29 -52.25
N GLY B 281 31.01 -8.12 -52.79
CA GLY B 281 30.10 -7.39 -53.64
C GLY B 281 29.15 -6.50 -52.85
N MET B 282 29.37 -6.42 -51.56
CA MET B 282 28.49 -5.67 -50.67
C MET B 282 29.27 -4.59 -49.94
N GLY B 283 30.29 -4.06 -50.59
CA GLY B 283 31.19 -3.14 -49.95
C GLY B 283 30.46 -1.92 -49.47
N GLY B 284 29.54 -1.43 -50.28
CA GLY B 284 28.83 -0.21 -49.96
C GLY B 284 28.02 -0.33 -48.69
N PHE B 285 27.39 -1.48 -48.49
CA PHE B 285 26.57 -1.72 -47.30
C PHE B 285 27.41 -1.83 -46.04
N PHE B 286 28.39 -2.74 -46.04
CA PHE B 286 29.18 -3.00 -44.84
C PHE B 286 30.14 -1.89 -44.47
N LEU B 287 30.66 -1.18 -45.47
CA LEU B 287 31.52 -0.05 -45.17
C LEU B 287 30.70 1.07 -44.56
N THR B 288 29.46 1.21 -45.01
CA THR B 288 28.57 2.23 -44.45
C THR B 288 28.30 1.92 -42.99
N LEU B 289 28.07 0.66 -42.67
CA LEU B 289 27.86 0.28 -41.28
C LEU B 289 29.11 0.60 -40.47
N LYS B 290 30.25 0.23 -41.03
CA LYS B 290 31.55 0.32 -40.35
C LYS B 290 31.92 1.75 -39.96
N TYR B 291 31.87 2.65 -40.93
CA TYR B 291 32.30 4.03 -40.73
C TYR B 291 31.19 4.97 -40.26
N ALA B 292 30.01 4.89 -40.85
CA ALA B 292 28.94 5.75 -40.40
C ALA B 292 28.45 5.39 -39.00
N LEU B 293 28.14 4.11 -38.79
CA LEU B 293 27.57 3.67 -37.52
C LEU B 293 28.63 3.26 -36.51
N GLY B 294 29.73 2.71 -36.99
CA GLY B 294 30.81 2.27 -36.12
C GLY B 294 31.45 3.41 -35.35
N THR B 295 31.62 4.54 -36.02
CA THR B 295 32.25 5.71 -35.41
C THR B 295 31.35 6.32 -34.36
N ARG B 296 30.04 6.25 -34.56
CA ARG B 296 29.08 6.80 -33.60
C ARG B 296 29.41 8.27 -33.31
N TRP B 297 29.73 9.02 -34.34
CA TRP B 297 29.98 10.44 -34.14
C TRP B 297 28.67 11.20 -34.13
N PRO B 298 28.66 12.39 -33.53
CA PRO B 298 27.47 13.21 -33.32
C PRO B 298 26.76 13.63 -34.61
N THR B 299 27.48 13.68 -35.72
CA THR B 299 26.87 14.07 -36.97
C THR B 299 25.85 13.03 -37.40
N LEU B 300 25.90 11.88 -36.76
CA LEU B 300 24.97 10.81 -37.06
C LEU B 300 23.59 11.20 -36.57
N ALA B 301 23.53 12.27 -35.80
CA ALA B 301 22.26 12.72 -35.24
C ALA B 301 21.56 13.73 -36.14
N LEU B 302 22.12 14.00 -37.31
CA LEU B 302 21.47 14.87 -38.27
C LEU B 302 20.12 14.30 -38.67
N ALA B 303 19.15 15.18 -38.89
CA ALA B 303 17.81 14.74 -39.24
C ALA B 303 17.75 14.14 -40.64
N ALA B 304 18.63 14.59 -41.52
CA ALA B 304 18.63 14.08 -42.89
C ALA B 304 18.89 12.57 -42.90
N PHE B 305 19.73 12.11 -41.99
CA PHE B 305 20.05 10.70 -41.90
C PHE B 305 18.91 9.86 -41.36
N SER B 306 17.87 10.50 -40.87
CA SER B 306 16.84 9.83 -40.08
C SER B 306 16.12 8.71 -40.81
N GLY B 307 15.69 8.98 -42.03
CA GLY B 307 14.99 7.97 -42.81
C GLY B 307 15.92 6.86 -43.23
N GLU B 308 17.14 7.24 -43.61
CA GLU B 308 18.13 6.28 -44.09
C GLU B 308 18.59 5.35 -42.98
N LEU B 309 18.62 5.87 -41.76
CA LEU B 309 18.99 5.06 -40.62
C LEU B 309 17.97 3.94 -40.39
N THR B 310 16.70 4.24 -40.62
CA THR B 310 15.65 3.22 -40.55
C THR B 310 15.86 2.18 -41.64
N LYS B 311 16.33 2.64 -42.80
CA LYS B 311 16.58 1.75 -43.93
C LYS B 311 17.71 0.77 -43.62
N LEU B 312 18.79 1.25 -43.02
CA LEU B 312 19.88 0.37 -42.63
C LEU B 312 19.42 -0.62 -41.58
N LYS B 313 18.56 -0.18 -40.69
CA LYS B 313 18.06 -1.04 -39.64
C LYS B 313 17.29 -2.21 -40.22
N SER B 314 16.45 -1.93 -41.20
CA SER B 314 15.72 -2.99 -41.90
C SER B 314 16.64 -3.91 -42.69
N LEU B 315 17.63 -3.33 -43.35
CA LEU B 315 18.54 -4.10 -44.18
C LEU B 315 19.36 -5.10 -43.37
N MET B 316 19.77 -4.72 -42.16
CA MET B 316 20.45 -5.65 -41.27
C MET B 316 19.48 -6.75 -40.85
N ALA B 317 18.24 -6.35 -40.57
CA ALA B 317 17.20 -7.29 -40.19
C ALA B 317 17.00 -8.25 -41.33
N LEU B 318 17.02 -7.70 -42.54
CA LEU B 318 16.87 -8.49 -43.74
C LEU B 318 17.98 -9.50 -43.87
N TYR B 319 19.20 -9.05 -43.58
CA TYR B 319 20.39 -9.88 -43.71
C TYR B 319 20.34 -11.11 -42.81
N GLN B 320 19.82 -10.93 -41.61
CA GLN B 320 19.74 -12.02 -40.66
C GLN B 320 18.71 -13.05 -41.10
N THR B 321 17.62 -12.59 -41.69
CA THR B 321 16.58 -13.50 -42.14
C THR B 321 17.04 -14.39 -43.27
N LEU B 322 17.99 -13.91 -44.06
CA LEU B 322 18.43 -14.67 -45.21
C LEU B 322 19.14 -15.96 -44.89
N GLY B 323 19.82 -16.03 -43.76
CA GLY B 323 20.44 -17.29 -43.40
C GLY B 323 21.93 -17.32 -43.61
N GLU B 324 22.47 -18.53 -43.73
CA GLU B 324 23.89 -18.76 -43.93
C GLU B 324 24.32 -18.15 -45.25
N GLN B 325 23.38 -18.21 -46.18
CA GLN B 325 23.67 -17.98 -47.59
C GLN B 325 23.67 -16.49 -47.90
N ALA B 326 23.39 -15.68 -46.89
CA ALA B 326 23.45 -14.24 -47.06
C ALA B 326 24.87 -13.76 -47.32
N ARG B 327 25.83 -14.60 -46.96
CA ARG B 327 27.23 -14.30 -47.17
C ARG B 327 27.60 -14.44 -48.65
N TYR B 328 26.78 -15.16 -49.39
CA TYR B 328 27.17 -15.58 -50.72
C TYR B 328 26.29 -14.99 -51.80
N LEU B 329 25.69 -13.83 -51.54
CA LEU B 329 24.75 -13.27 -52.50
C LEU B 329 25.36 -12.92 -53.86
N ALA B 330 26.56 -12.36 -53.87
CA ALA B 330 27.21 -12.00 -55.12
C ALA B 330 27.53 -13.24 -55.94
N LEU B 331 28.04 -14.26 -55.27
CA LEU B 331 28.37 -15.52 -55.92
C LEU B 331 27.11 -16.18 -56.48
N LEU B 332 26.04 -16.13 -55.68
CA LEU B 332 24.75 -16.73 -56.02
C LEU B 332 23.97 -15.96 -57.08
N GLU B 333 24.33 -14.70 -57.27
CA GLU B 333 23.68 -13.80 -58.23
C GLU B 333 22.27 -13.48 -57.74
N SER B 334 22.09 -13.50 -56.43
CA SER B 334 20.77 -13.28 -55.85
C SER B 334 20.31 -11.85 -56.03
N PRO B 335 19.03 -11.68 -56.38
CA PRO B 335 18.44 -10.36 -56.57
C PRO B 335 18.49 -9.54 -55.30
N HIS B 336 18.68 -10.20 -54.17
CA HIS B 336 18.74 -9.51 -52.89
C HIS B 336 19.92 -8.55 -52.83
N LEU B 337 20.88 -8.73 -53.75
CA LEU B 337 22.04 -7.86 -53.77
C LEU B 337 21.61 -6.47 -54.13
N MET B 338 20.45 -6.36 -54.77
CA MET B 338 19.88 -5.08 -55.13
C MET B 338 19.32 -4.36 -53.91
N ASP B 339 18.87 -5.12 -52.92
CA ASP B 339 18.27 -4.53 -51.72
C ASP B 339 19.29 -3.71 -50.97
N PHE B 340 20.53 -4.14 -51.01
CA PHE B 340 21.56 -3.52 -50.20
C PHE B 340 22.33 -2.46 -50.98
N ALA B 341 21.86 -2.17 -52.19
CA ALA B 341 22.54 -1.19 -53.01
C ALA B 341 22.52 0.16 -52.33
N ALA B 342 23.64 0.88 -52.41
CA ALA B 342 23.84 2.09 -51.62
C ALA B 342 22.90 3.21 -52.02
N ALA B 343 22.27 3.09 -53.18
CA ALA B 343 21.39 4.16 -53.67
C ALA B 343 20.20 4.39 -52.75
N ASN B 344 19.86 3.41 -51.92
CA ASN B 344 18.81 3.56 -50.93
C ASN B 344 19.20 4.42 -49.71
N TYR B 345 20.48 4.53 -49.43
CA TYR B 345 20.93 5.40 -48.34
C TYR B 345 22.12 6.27 -48.77
N PRO B 346 21.91 7.14 -49.78
CA PRO B 346 23.01 7.86 -50.42
C PRO B 346 23.73 8.82 -49.49
N LEU B 347 22.99 9.51 -48.63
CA LEU B 347 23.59 10.49 -47.76
C LEU B 347 24.54 9.83 -46.78
N LEU B 348 24.06 8.81 -46.09
CA LEU B 348 24.87 8.09 -45.12
C LEU B 348 26.06 7.43 -45.80
N TYR B 349 25.85 6.94 -47.01
CA TYR B 349 26.92 6.27 -47.73
C TYR B 349 28.00 7.28 -48.05
N SER B 350 27.59 8.40 -48.62
CA SER B 350 28.50 9.48 -48.96
C SER B 350 29.25 9.93 -47.72
N TYR B 351 28.50 10.12 -46.64
CA TYR B 351 29.04 10.57 -45.36
C TYR B 351 30.04 9.54 -44.84
N ALA B 352 29.66 8.27 -44.91
CA ALA B 352 30.52 7.18 -44.47
C ALA B 352 31.77 7.06 -45.32
N MET B 353 31.63 7.28 -46.62
CA MET B 353 32.77 7.17 -47.51
C MET B 353 33.81 8.21 -47.14
N GLY B 354 33.35 9.40 -46.77
CA GLY B 354 34.26 10.47 -46.38
C GLY B 354 35.03 10.13 -45.12
N ILE B 355 34.35 9.53 -44.16
CA ILE B 355 34.99 9.13 -42.92
C ILE B 355 36.08 8.12 -43.19
N GLY B 356 35.77 7.15 -44.04
CA GLY B 356 36.73 6.10 -44.36
C GLY B 356 37.97 6.65 -45.03
N TYR B 357 37.76 7.66 -45.85
CA TYR B 357 38.84 8.21 -46.68
C TYR B 357 39.98 8.75 -45.81
N VAL B 358 39.66 9.48 -44.75
CA VAL B 358 40.70 9.90 -43.83
C VAL B 358 41.06 8.80 -42.82
N LEU B 359 40.07 8.05 -42.33
CA LEU B 359 40.32 7.05 -41.30
C LEU B 359 41.14 5.86 -41.77
N ASP B 360 40.99 5.49 -43.04
CA ASP B 360 41.75 4.36 -43.58
C ASP B 360 42.48 4.76 -44.86
N VAL B 361 43.78 4.53 -44.89
CA VAL B 361 44.59 4.91 -46.04
C VAL B 361 44.23 4.04 -47.24
N ASN B 362 43.81 2.81 -46.97
CA ASN B 362 43.47 1.87 -48.03
C ASN B 362 42.18 2.24 -48.74
N MET B 363 41.33 3.01 -48.07
CA MET B 363 40.02 3.38 -48.59
C MET B 363 40.05 4.23 -49.84
N ARG B 364 41.14 4.96 -50.04
CA ARG B 364 41.24 5.84 -51.20
C ARG B 364 41.13 5.05 -52.49
N ASN B 365 41.62 3.81 -52.48
CA ASN B 365 41.62 3.01 -53.70
C ASN B 365 40.34 2.20 -53.86
N TYR B 366 39.42 2.36 -52.92
CA TYR B 366 38.08 1.81 -53.10
C TYR B 366 37.33 2.63 -54.13
N ALA B 367 36.51 1.99 -54.95
CA ALA B 367 35.75 2.72 -55.95
C ALA B 367 34.48 3.24 -55.33
N PHE B 368 34.62 4.27 -54.49
CA PHE B 368 33.47 4.79 -53.74
C PHE B 368 32.64 5.76 -54.57
N SER B 369 33.18 6.22 -55.69
CA SER B 369 32.48 7.22 -56.48
C SER B 369 31.23 6.60 -57.08
N ARG B 370 30.12 7.32 -57.03
CA ARG B 370 28.83 6.76 -57.46
C ARG B 370 27.93 7.82 -58.05
N SER B 371 26.88 7.38 -58.73
CA SER B 371 25.95 8.28 -59.39
C SER B 371 25.19 9.16 -58.40
N TYR B 372 24.73 8.55 -57.32
CA TYR B 372 23.86 9.18 -56.33
C TYR B 372 24.70 9.76 -55.22
N MET B 373 26.00 9.72 -55.43
CA MET B 373 26.96 10.21 -54.45
C MET B 373 26.77 11.70 -54.20
N ASN B 374 26.63 12.06 -52.94
CA ASN B 374 26.40 13.46 -52.62
C ASN B 374 27.67 13.98 -51.96
N LYS B 375 28.47 14.73 -52.72
CA LYS B 375 29.79 15.13 -52.25
C LYS B 375 29.75 16.09 -51.07
N THR B 376 28.67 16.84 -50.95
CA THR B 376 28.55 17.76 -49.83
C THR B 376 28.62 16.94 -48.56
N TYR B 377 27.89 15.84 -48.54
CA TYR B 377 27.93 14.92 -47.40
C TYR B 377 29.22 14.12 -47.32
N PHE B 378 29.86 13.89 -48.46
CA PHE B 378 31.18 13.28 -48.46
C PHE B 378 32.16 14.15 -47.68
N GLN B 379 32.13 15.45 -47.97
CA GLN B 379 33.01 16.40 -47.32
C GLN B 379 32.67 16.51 -45.85
N LEU B 380 31.39 16.40 -45.52
CA LEU B 380 30.97 16.45 -44.13
C LEU B 380 31.58 15.28 -43.37
N GLY B 381 31.61 14.11 -44.01
CA GLY B 381 32.20 12.92 -43.41
C GLY B 381 33.71 13.06 -43.24
N MET B 382 34.34 13.62 -44.26
CA MET B 382 35.79 13.77 -44.31
C MET B 382 36.16 14.63 -43.14
N GLU B 383 35.39 15.71 -43.02
CA GLU B 383 35.60 16.76 -42.02
C GLU B 383 35.24 16.34 -40.60
N THR B 384 34.14 15.61 -40.48
CA THR B 384 33.68 15.13 -39.19
C THR B 384 34.75 14.29 -38.55
N ALA B 385 35.32 13.45 -39.39
CA ALA B 385 36.35 12.52 -38.99
C ALA B 385 37.62 13.23 -38.52
N ARG B 386 37.96 14.38 -39.08
CA ARG B 386 39.12 15.08 -38.54
C ARG B 386 38.81 15.95 -37.34
N LYS B 387 37.73 16.73 -37.40
CA LYS B 387 37.38 17.60 -36.27
C LYS B 387 36.78 16.93 -35.04
N GLN B 388 36.10 15.82 -35.22
CA GLN B 388 35.54 15.12 -34.06
C GLN B 388 36.15 13.76 -33.85
N GLN B 389 37.37 13.72 -33.33
CA GLN B 389 37.94 12.44 -32.95
C GLN B 389 38.04 12.37 -31.44
N GLY B 390 38.06 13.54 -30.81
CA GLY B 390 38.00 13.62 -29.37
C GLY B 390 36.62 13.34 -28.85
N ALA B 391 35.64 13.27 -29.76
CA ALA B 391 34.26 13.02 -29.38
C ALA B 391 34.17 11.66 -28.70
N VAL B 392 33.37 11.57 -27.64
CA VAL B 392 33.36 10.35 -26.86
C VAL B 392 32.00 9.66 -26.89
N ASP B 393 32.01 8.34 -26.70
CA ASP B 393 30.75 7.61 -26.60
C ASP B 393 30.29 7.78 -25.16
N MET B 394 29.21 8.52 -24.98
CA MET B 394 28.77 8.93 -23.67
C MET B 394 28.29 7.73 -22.85
N ARG B 395 28.10 6.59 -23.50
CA ARG B 395 27.75 5.41 -22.73
C ARG B 395 29.02 4.82 -22.13
N MET B 396 30.12 4.94 -22.86
CA MET B 396 31.42 4.52 -22.35
C MET B 396 31.97 5.48 -21.32
N ALA B 397 31.87 6.76 -21.64
CA ALA B 397 32.42 7.81 -20.80
C ALA B 397 31.76 7.76 -19.43
N GLU B 398 30.51 7.31 -19.41
CA GLU B 398 29.77 7.20 -18.16
C GLU B 398 30.26 6.06 -17.28
N ASP B 399 30.54 4.91 -17.88
CA ASP B 399 31.00 3.77 -17.10
C ASP B 399 32.41 3.97 -16.57
N LEU B 400 33.21 4.74 -17.30
CA LEU B 400 34.54 5.12 -16.83
C LEU B 400 34.51 6.32 -15.88
N GLY B 401 33.34 6.92 -15.69
CA GLY B 401 33.23 8.10 -14.84
C GLY B 401 34.06 9.29 -15.31
N LEU B 402 34.04 9.54 -16.62
CA LEU B 402 34.84 10.61 -17.22
C LEU B 402 34.40 12.01 -16.80
N THR B 403 35.39 12.89 -16.65
CA THR B 403 35.20 14.26 -16.19
C THR B 403 35.22 15.27 -17.35
N GLN B 404 34.85 16.51 -17.02
CA GLN B 404 34.65 17.59 -18.01
C GLN B 404 35.99 18.06 -18.52
N ALA B 405 36.92 18.13 -17.59
CA ALA B 405 38.30 18.44 -17.91
C ALA B 405 38.88 17.29 -18.72
N GLU B 406 38.50 16.05 -18.45
CA GLU B 406 39.01 14.98 -19.29
C GLU B 406 38.47 14.90 -20.76
N ARG B 407 37.20 15.21 -21.01
CA ARG B 407 36.63 15.12 -22.37
C ARG B 407 37.24 16.23 -23.24
N THR B 408 37.89 17.16 -22.54
CA THR B 408 38.48 18.38 -23.07
C THR B 408 39.83 18.06 -23.68
N GLU B 409 40.78 17.63 -22.84
CA GLU B 409 42.11 17.20 -23.27
C GLU B 409 42.04 16.13 -24.38
N MET B 410 40.90 15.45 -24.43
CA MET B 410 40.76 14.21 -25.17
C MET B 410 40.72 14.60 -26.63
N ALA B 411 39.93 15.65 -26.85
CA ALA B 411 39.77 16.33 -28.12
C ALA B 411 41.07 16.97 -28.55
N ASN B 412 41.81 17.50 -27.59
CA ASN B 412 42.94 18.37 -27.87
C ASN B 412 44.21 17.69 -28.38
N THR B 413 44.69 16.69 -27.66
CA THR B 413 45.87 15.95 -28.09
C THR B 413 45.63 15.27 -29.44
N LEU B 414 44.45 14.68 -29.57
CA LEU B 414 44.07 13.97 -30.79
C LEU B 414 43.81 14.95 -31.95
N ALA B 415 43.40 16.17 -31.65
CA ALA B 415 43.17 17.20 -32.68
C ALA B 415 44.39 17.58 -33.52
N LYS B 416 45.56 17.69 -32.89
CA LYS B 416 46.81 17.95 -33.61
C LYS B 416 47.52 16.67 -34.05
N LEU B 417 47.18 15.54 -33.44
CA LEU B 417 47.72 14.25 -33.87
C LEU B 417 46.85 13.70 -34.99
N SER C 19 -22.47 22.08 -18.75
CA SER C 19 -23.46 21.03 -18.51
C SER C 19 -24.65 21.18 -19.45
N VAL C 20 -25.16 22.40 -19.55
CA VAL C 20 -26.16 22.70 -20.56
C VAL C 20 -25.49 22.64 -21.93
N LEU C 21 -24.24 23.08 -22.00
CA LEU C 21 -23.51 23.03 -23.26
C LEU C 21 -23.13 21.62 -23.69
N LYS C 22 -22.85 20.75 -22.72
CA LYS C 22 -22.54 19.36 -23.07
C LYS C 22 -23.82 18.69 -23.55
N ALA C 23 -24.95 19.13 -23.01
CA ALA C 23 -26.26 18.66 -23.43
C ALA C 23 -26.57 19.08 -24.87
N TYR C 24 -26.18 20.30 -25.24
CA TYR C 24 -26.38 20.79 -26.59
C TYR C 24 -25.55 19.96 -27.56
N GLU C 25 -24.34 19.57 -27.14
CA GLU C 25 -23.51 18.76 -28.01
C GLU C 25 -24.12 17.40 -28.27
N ARG C 26 -24.69 16.77 -27.24
CA ARG C 26 -25.27 15.46 -27.50
C ARG C 26 -26.61 15.60 -28.18
N PHE C 27 -27.30 16.71 -27.97
CA PHE C 27 -28.57 16.92 -28.65
C PHE C 27 -28.36 17.02 -30.15
N THR C 28 -27.37 17.80 -30.56
CA THR C 28 -27.03 17.95 -31.96
C THR C 28 -26.61 16.62 -32.57
N LEU C 29 -25.74 15.92 -31.86
CA LEU C 29 -25.14 14.70 -32.38
C LEU C 29 -26.10 13.54 -32.43
N THR C 30 -26.94 13.39 -31.40
CA THR C 30 -27.84 12.23 -31.36
C THR C 30 -28.96 12.16 -32.36
N GLN C 31 -29.60 13.25 -32.72
CA GLN C 31 -30.73 13.09 -33.61
C GLN C 31 -30.24 13.22 -35.04
N GLU C 32 -29.03 13.76 -35.21
CA GLU C 32 -28.43 13.72 -36.54
C GLU C 32 -28.26 12.27 -36.89
N LEU C 33 -27.88 11.49 -35.89
CA LEU C 33 -27.64 10.08 -36.13
C LEU C 33 -28.80 9.12 -35.91
N GLN C 34 -30.01 9.55 -35.55
CA GLN C 34 -31.05 8.52 -35.42
C GLN C 34 -32.14 8.81 -36.39
N ASP C 35 -32.62 7.73 -37.01
CA ASP C 35 -33.56 7.76 -38.09
C ASP C 35 -33.14 6.55 -38.91
N GLN C 36 -31.86 6.59 -39.23
CA GLN C 36 -31.23 5.64 -40.11
C GLN C 36 -30.36 4.68 -39.29
N SER C 37 -30.56 4.72 -37.97
CA SER C 37 -30.09 3.66 -37.09
C SER C 37 -30.68 2.37 -37.65
N GLU C 38 -31.98 2.43 -37.91
CA GLU C 38 -32.70 1.36 -38.60
C GLU C 38 -32.13 1.20 -40.01
N GLU C 39 -32.17 -0.01 -40.53
CA GLU C 39 -31.72 -0.24 -41.89
C GLU C 39 -32.80 0.33 -42.78
N GLY C 40 -32.46 0.60 -44.02
CA GLY C 40 -33.40 1.23 -44.92
C GLY C 40 -34.58 0.33 -45.22
N THR C 41 -35.76 0.91 -45.32
CA THR C 41 -36.93 0.15 -45.69
C THR C 41 -37.22 0.50 -47.13
N ILE C 42 -37.54 -0.51 -47.94
CA ILE C 42 -37.71 -0.29 -49.35
C ILE C 42 -39.03 0.48 -49.46
N PRO C 43 -39.07 1.51 -50.32
CA PRO C 43 -40.18 2.48 -50.23
C PRO C 43 -41.49 1.88 -50.72
N PRO C 44 -42.61 2.55 -50.40
CA PRO C 44 -43.89 2.07 -50.90
C PRO C 44 -43.86 2.05 -52.42
N THR C 45 -44.51 1.08 -53.05
CA THR C 45 -44.39 0.91 -54.49
C THR C 45 -45.13 2.01 -55.25
N THR C 46 -44.64 2.35 -56.42
CA THR C 46 -45.13 3.49 -57.18
C THR C 46 -45.28 3.06 -58.63
N LEU C 47 -46.05 3.78 -59.45
CA LEU C 47 -46.14 3.44 -60.86
C LEU C 47 -44.82 3.80 -61.50
N LYS C 48 -44.38 3.02 -62.48
CA LYS C 48 -43.08 3.27 -63.11
C LYS C 48 -43.17 3.18 -64.61
N PRO C 49 -42.37 3.98 -65.32
CA PRO C 49 -42.33 3.79 -66.76
C PRO C 49 -41.56 2.54 -67.09
N VAL C 50 -41.88 1.87 -68.18
CA VAL C 50 -41.09 0.74 -68.57
C VAL C 50 -39.93 1.25 -69.43
N ILE C 51 -38.73 0.80 -69.10
CA ILE C 51 -37.54 1.07 -69.89
C ILE C 51 -37.28 -0.16 -70.71
N ARG C 52 -37.09 -0.04 -72.02
CA ARG C 52 -36.81 -1.24 -72.79
C ARG C 52 -35.32 -1.36 -73.11
N VAL C 53 -34.74 -2.49 -72.74
CA VAL C 53 -33.31 -2.71 -72.87
C VAL C 53 -33.13 -3.82 -73.86
N PHE C 54 -32.21 -3.70 -74.80
CA PHE C 54 -32.06 -4.73 -75.81
C PHE C 54 -31.07 -5.79 -75.36
N ILE C 55 -31.42 -7.05 -75.59
CA ILE C 55 -30.57 -8.18 -75.20
C ILE C 55 -30.00 -8.88 -76.41
N LEU C 56 -28.68 -9.01 -76.47
CA LEU C 56 -28.02 -9.71 -77.55
C LEU C 56 -27.34 -10.97 -77.03
N THR C 57 -27.77 -12.14 -77.51
CA THR C 57 -27.24 -13.41 -77.02
C THR C 57 -25.99 -13.76 -77.82
N SER C 58 -25.88 -13.17 -79.01
CA SER C 58 -24.74 -13.40 -79.88
C SER C 58 -23.49 -12.68 -79.43
N ASN C 59 -22.34 -13.30 -79.65
CA ASN C 59 -21.05 -12.71 -79.35
C ASN C 59 -20.39 -12.19 -80.60
N ASN C 60 -21.17 -12.15 -81.68
CA ASN C 60 -20.66 -11.70 -82.97
C ASN C 60 -20.29 -10.23 -82.91
N PRO C 61 -19.06 -9.89 -83.31
CA PRO C 61 -18.56 -8.53 -83.19
C PRO C 61 -19.35 -7.49 -83.99
N GLU C 62 -19.81 -7.83 -85.19
CA GLU C 62 -20.50 -6.81 -85.97
C GLU C 62 -21.87 -6.50 -85.37
N LEU C 63 -22.55 -7.47 -84.79
CA LEU C 63 -23.84 -7.24 -84.15
C LEU C 63 -23.70 -6.42 -82.88
N ARG C 64 -22.68 -6.74 -82.09
CA ARG C 64 -22.38 -6.01 -80.87
C ARG C 64 -22.04 -4.57 -81.22
N SER C 65 -21.22 -4.40 -82.25
CA SER C 65 -20.80 -3.08 -82.67
C SER C 65 -21.95 -2.29 -83.25
N ARG C 66 -22.81 -3.00 -83.97
CA ARG C 66 -23.94 -2.37 -84.62
C ARG C 66 -25.02 -2.01 -83.61
N LEU C 67 -25.20 -2.84 -82.60
CA LEU C 67 -26.15 -2.52 -81.54
C LEU C 67 -25.70 -1.31 -80.73
N LEU C 68 -24.39 -1.19 -80.51
CA LEU C 68 -23.85 -0.03 -79.81
C LEU C 68 -24.15 1.21 -80.62
N LEU C 69 -23.89 1.13 -81.91
CA LEU C 69 -24.10 2.26 -82.79
C LEU C 69 -25.58 2.59 -82.85
N PHE C 70 -26.42 1.55 -82.89
CA PHE C 70 -27.86 1.74 -82.91
C PHE C 70 -28.35 2.44 -81.66
N CYS C 71 -27.90 1.98 -80.51
CA CYS C 71 -28.34 2.52 -79.24
C CYS C 71 -27.80 3.93 -79.06
N LEU C 72 -26.58 4.17 -79.54
CA LEU C 72 -25.96 5.47 -79.42
C LEU C 72 -26.77 6.52 -80.17
N ARG C 73 -27.26 6.14 -81.34
CA ARG C 73 -28.07 7.03 -82.13
C ARG C 73 -29.41 7.33 -81.49
N ILE C 74 -30.01 6.33 -80.86
CA ILE C 74 -31.28 6.56 -80.17
C ILE C 74 -31.13 7.52 -78.97
N VAL C 75 -30.02 7.42 -78.25
CA VAL C 75 -29.75 8.33 -77.13
C VAL C 75 -29.62 9.76 -77.61
N LEU C 76 -29.00 9.95 -78.76
CA LEU C 76 -28.76 11.27 -79.31
C LEU C 76 -29.91 11.72 -80.20
N SER C 77 -30.81 10.81 -80.52
CA SER C 77 -31.83 11.09 -81.53
C SER C 77 -32.70 12.26 -81.11
N ASN C 78 -33.19 12.98 -82.10
CA ASN C 78 -34.03 14.14 -81.88
C ASN C 78 -35.37 13.79 -81.22
N GLY C 79 -36.03 12.76 -81.74
CA GLY C 79 -37.39 12.47 -81.35
C GLY C 79 -37.66 11.47 -80.23
N ALA C 80 -36.62 10.81 -79.72
CA ALA C 80 -36.85 9.75 -78.74
C ALA C 80 -37.36 10.36 -77.47
N ARG C 81 -38.28 9.67 -76.81
CA ARG C 81 -38.70 10.15 -75.51
C ARG C 81 -37.70 9.59 -74.51
N ASP C 82 -37.76 10.03 -73.26
CA ASP C 82 -36.77 9.68 -72.26
C ASP C 82 -36.62 8.19 -72.02
N SER C 83 -37.73 7.46 -72.01
CA SER C 83 -37.64 6.03 -71.71
C SER C 83 -36.83 5.29 -72.74
N HIS C 84 -36.88 5.73 -73.99
CA HIS C 84 -36.07 5.13 -75.04
C HIS C 84 -34.59 5.43 -74.81
N ARG C 85 -34.29 6.66 -74.44
CA ARG C 85 -32.92 7.09 -74.21
C ARG C 85 -32.32 6.31 -73.06
N PHE C 86 -33.11 6.12 -72.01
CA PHE C 86 -32.65 5.39 -70.84
C PHE C 86 -32.37 3.93 -71.20
N GLY C 87 -33.23 3.33 -71.99
CA GLY C 87 -33.04 1.96 -72.40
C GLY C 87 -31.82 1.76 -73.27
N ALA C 88 -31.59 2.70 -74.17
CA ALA C 88 -30.44 2.58 -75.06
C ALA C 88 -29.14 2.68 -74.29
N LEU C 89 -29.08 3.59 -73.32
CA LEU C 89 -27.87 3.73 -72.54
C LEU C 89 -27.57 2.44 -71.77
N LEU C 90 -28.59 1.88 -71.13
CA LEU C 90 -28.42 0.68 -70.35
C LEU C 90 -27.94 -0.46 -71.22
N THR C 91 -28.37 -0.48 -72.47
CA THR C 91 -27.92 -1.49 -73.42
C THR C 91 -26.45 -1.28 -73.75
N MET C 92 -26.05 -0.04 -73.95
CA MET C 92 -24.67 0.24 -74.29
C MET C 92 -23.79 -0.23 -73.16
N PHE C 93 -24.20 0.07 -71.93
CA PHE C 93 -23.41 -0.29 -70.76
C PHE C 93 -23.32 -1.78 -70.52
N SER C 94 -24.21 -2.55 -71.13
CA SER C 94 -24.21 -4.01 -70.95
C SER C 94 -23.54 -4.74 -72.10
N LEU C 95 -23.13 -4.00 -73.12
CA LEU C 95 -22.52 -4.59 -74.31
C LEU C 95 -21.14 -5.25 -74.12
N PRO C 96 -20.35 -4.80 -73.14
CA PRO C 96 -19.12 -5.57 -72.92
C PRO C 96 -19.38 -6.98 -72.38
N SER C 97 -20.53 -7.23 -71.77
CA SER C 97 -20.76 -8.48 -71.06
C SER C 97 -20.78 -9.72 -71.92
N ALA C 98 -20.26 -10.80 -71.36
CA ALA C 98 -20.31 -12.11 -71.99
C ALA C 98 -21.75 -12.58 -72.08
N THR C 99 -22.51 -12.28 -71.04
CA THR C 99 -23.97 -12.46 -71.08
C THR C 99 -24.65 -11.16 -70.69
N MET C 100 -25.28 -10.51 -71.66
CA MET C 100 -25.96 -9.25 -71.37
C MET C 100 -27.10 -9.43 -70.39
N LEU C 101 -27.76 -10.57 -70.45
CA LEU C 101 -28.95 -10.76 -69.66
C LEU C 101 -28.64 -10.62 -68.19
N ASN C 102 -27.53 -11.21 -67.76
CA ASN C 102 -27.18 -11.21 -66.35
C ASN C 102 -26.96 -9.81 -65.83
N HIS C 103 -26.35 -8.98 -66.65
CA HIS C 103 -26.00 -7.62 -66.27
C HIS C 103 -27.16 -6.61 -66.43
N VAL C 104 -28.17 -6.92 -67.24
CA VAL C 104 -29.39 -6.11 -67.24
C VAL C 104 -30.17 -6.36 -65.95
N LYS C 105 -29.98 -7.54 -65.36
CA LYS C 105 -30.66 -7.87 -64.12
C LYS C 105 -30.13 -7.03 -62.95
N LEU C 106 -28.99 -6.39 -63.16
CA LEU C 106 -28.49 -5.45 -62.18
C LEU C 106 -29.41 -4.24 -62.06
N ALA C 107 -29.94 -3.79 -63.19
CA ALA C 107 -30.82 -2.64 -63.22
C ALA C 107 -32.10 -2.96 -62.47
N ASP C 108 -32.44 -4.24 -62.45
CA ASP C 108 -33.71 -4.68 -61.86
C ASP C 108 -33.69 -4.46 -60.35
N GLN C 109 -32.50 -4.22 -59.80
CA GLN C 109 -32.31 -4.05 -58.37
C GLN C 109 -32.76 -2.67 -57.94
N SER C 110 -33.08 -1.82 -58.92
CA SER C 110 -33.58 -0.48 -58.66
C SER C 110 -35.07 -0.47 -58.40
N PRO C 111 -35.51 0.19 -57.32
CA PRO C 111 -36.92 0.27 -56.97
C PRO C 111 -37.73 1.10 -57.96
N GLU C 112 -37.04 1.79 -58.86
CA GLU C 112 -37.65 2.67 -59.84
C GLU C 112 -37.63 1.97 -61.21
N ALA C 113 -37.17 0.73 -61.21
CA ALA C 113 -36.92 0.04 -62.46
C ALA C 113 -38.05 -0.89 -62.86
N ASP C 114 -38.49 -0.74 -64.10
CA ASP C 114 -39.38 -1.71 -64.71
C ASP C 114 -38.85 -1.95 -66.10
N ILE C 115 -38.16 -3.06 -66.30
CA ILE C 115 -37.44 -3.31 -67.54
C ILE C 115 -38.09 -4.35 -68.41
N GLU C 116 -38.16 -4.08 -69.71
CA GLU C 116 -38.52 -5.10 -70.70
C GLU C 116 -37.30 -5.40 -71.52
N ARG C 117 -37.01 -6.69 -71.63
CA ARG C 117 -35.75 -7.13 -72.17
C ARG C 117 -35.59 -7.15 -73.71
N VAL C 118 -36.67 -7.31 -74.46
CA VAL C 118 -36.57 -7.16 -75.93
C VAL C 118 -35.38 -7.97 -76.51
N GLU C 119 -35.48 -9.29 -76.49
CA GLU C 119 -34.40 -10.14 -76.98
C GLU C 119 -34.25 -9.98 -78.49
N ILE C 120 -33.02 -9.88 -79.00
CA ILE C 120 -32.89 -9.28 -80.32
C ILE C 120 -32.47 -10.18 -81.49
N ASP C 121 -31.36 -10.93 -81.47
CA ASP C 121 -31.00 -11.84 -82.60
C ASP C 121 -30.26 -11.22 -83.82
N GLY C 122 -30.29 -9.89 -84.01
CA GLY C 122 -29.56 -9.27 -85.10
C GLY C 122 -30.13 -8.01 -85.74
N PHE C 123 -29.54 -7.62 -86.88
CA PHE C 123 -30.01 -6.50 -87.71
C PHE C 123 -30.16 -6.99 -89.16
N GLU C 124 -31.13 -6.48 -89.90
CA GLU C 124 -31.20 -6.83 -91.32
C GLU C 124 -30.06 -6.12 -91.97
N GLU C 125 -29.25 -6.81 -92.74
CA GLU C 125 -27.96 -6.24 -93.09
C GLU C 125 -28.19 -5.03 -93.97
N GLY C 126 -27.32 -4.05 -93.83
CA GLY C 126 -27.61 -2.68 -94.24
C GLY C 126 -28.20 -1.91 -93.07
N SER C 127 -29.29 -2.40 -92.48
CA SER C 127 -29.73 -2.03 -91.11
C SER C 127 -30.10 -0.53 -91.06
N PHE C 128 -30.29 0.14 -89.92
CA PHE C 128 -30.54 -0.35 -88.55
C PHE C 128 -31.98 -0.79 -88.40
N ARG C 129 -32.41 -1.93 -88.90
CA ARG C 129 -33.83 -2.19 -88.74
C ARG C 129 -34.19 -2.92 -87.45
N LEU C 130 -33.57 -4.09 -87.24
CA LEU C 130 -33.75 -5.03 -86.12
C LEU C 130 -34.51 -6.23 -86.62
N ILE C 131 -33.91 -7.38 -86.37
CA ILE C 131 -34.52 -8.67 -86.54
C ILE C 131 -34.74 -9.12 -85.14
N PRO C 132 -35.99 -9.26 -84.70
CA PRO C 132 -36.18 -9.62 -83.29
C PRO C 132 -36.12 -11.12 -83.08
N ASN C 133 -35.74 -11.54 -81.89
CA ASN C 133 -35.79 -12.96 -81.55
C ASN C 133 -37.19 -13.53 -81.58
N ALA C 134 -37.38 -14.57 -82.39
CA ALA C 134 -38.47 -15.55 -82.28
C ALA C 134 -39.33 -15.45 -81.00
N ARG C 135 -38.63 -15.32 -79.88
CA ARG C 135 -39.18 -15.26 -78.53
C ARG C 135 -40.19 -14.13 -78.29
N SER C 136 -39.88 -12.92 -78.74
CA SER C 136 -40.88 -11.86 -78.72
C SER C 136 -40.93 -11.16 -80.07
N GLY C 137 -42.12 -11.10 -80.65
CA GLY C 137 -42.28 -10.51 -81.96
C GLY C 137 -42.22 -9.00 -81.91
N MET C 138 -42.13 -8.39 -83.08
CA MET C 138 -42.24 -6.95 -83.20
C MET C 138 -43.05 -6.67 -84.45
N SER C 139 -43.88 -5.63 -84.40
CA SER C 139 -44.58 -5.23 -85.61
C SER C 139 -43.55 -4.54 -86.47
N ARG C 140 -43.68 -4.64 -87.79
CA ARG C 140 -42.68 -4.00 -88.62
C ARG C 140 -42.97 -2.52 -88.66
N GLY C 141 -44.13 -2.13 -88.14
CA GLY C 141 -44.41 -0.73 -87.90
C GLY C 141 -43.45 -0.23 -86.85
N GLU C 142 -43.24 -1.03 -85.80
CA GLU C 142 -42.33 -0.69 -84.71
C GLU C 142 -40.89 -0.79 -85.13
N ILE C 143 -40.59 -1.82 -85.91
CA ILE C 143 -39.25 -2.04 -86.44
C ILE C 143 -38.90 -0.86 -87.33
N ASN C 144 -39.86 -0.40 -88.12
CA ASN C 144 -39.63 0.75 -89.00
C ASN C 144 -39.49 2.01 -88.18
N ALA C 145 -40.17 2.06 -87.05
CA ALA C 145 -40.14 3.24 -86.19
C ALA C 145 -38.77 3.39 -85.56
N TYR C 146 -38.18 2.27 -85.14
CA TYR C 146 -36.85 2.30 -84.55
C TYR C 146 -35.80 2.72 -85.56
N ALA C 147 -35.89 2.18 -86.77
CA ALA C 147 -34.93 2.48 -87.81
C ALA C 147 -34.95 3.97 -88.16
N ALA C 148 -36.15 4.56 -88.10
CA ALA C 148 -36.30 5.98 -88.33
C ALA C 148 -35.65 6.77 -87.21
N LEU C 149 -35.84 6.27 -85.99
CA LEU C 149 -35.32 6.92 -84.80
C LEU C 149 -33.80 6.95 -84.78
N ALA C 150 -33.18 5.91 -85.33
CA ALA C 150 -31.73 5.85 -85.35
C ALA C 150 -31.12 6.80 -86.35
N GLU C 151 -31.95 7.37 -87.22
CA GLU C 151 -31.43 8.27 -88.23
C GLU C 151 -31.99 9.66 -88.06
N ASP C 152 -32.28 10.02 -86.82
CA ASP C 152 -32.74 11.36 -86.55
C ASP C 152 -31.52 12.23 -86.29
N LEU C 153 -30.97 12.17 -85.08
CA LEU C 153 -29.79 12.97 -84.70
C LEU C 153 -29.93 14.47 -84.96
N PRO C 154 -29.42 15.28 -84.03
CA PRO C 154 -29.60 16.71 -84.24
C PRO C 154 -28.75 17.21 -85.39
N ASP C 155 -29.05 18.41 -85.86
CA ASP C 155 -28.25 19.01 -86.91
C ASP C 155 -27.07 19.73 -86.30
N THR C 156 -27.06 19.84 -84.98
CA THR C 156 -25.92 20.38 -84.26
C THR C 156 -24.72 19.45 -84.36
N LEU C 157 -24.99 18.18 -84.66
CA LEU C 157 -23.90 17.21 -84.74
C LEU C 157 -23.23 17.46 -86.07
N ASN C 158 -21.90 17.31 -86.15
CA ASN C 158 -21.22 17.82 -87.33
C ASN C 158 -21.07 16.71 -88.36
N HIS C 159 -22.19 16.62 -89.06
CA HIS C 159 -22.59 15.83 -90.23
C HIS C 159 -22.71 14.33 -90.04
N ALA C 160 -23.98 13.94 -89.94
CA ALA C 160 -24.48 12.57 -89.96
C ALA C 160 -24.18 11.67 -88.77
N THR C 161 -23.05 11.87 -88.11
CA THR C 161 -22.63 10.93 -87.09
C THR C 161 -22.16 11.68 -85.89
N PRO C 162 -21.97 10.98 -84.77
CA PRO C 162 -21.14 11.65 -83.77
C PRO C 162 -19.69 11.37 -84.12
N PHE C 163 -18.90 11.01 -83.13
CA PHE C 163 -17.59 10.43 -83.40
C PHE C 163 -16.49 11.32 -83.95
N VAL C 164 -16.76 12.60 -84.23
CA VAL C 164 -15.75 13.57 -84.70
C VAL C 164 -15.09 13.10 -85.99
N ASP C 165 -14.46 11.93 -85.95
CA ASP C 165 -13.90 11.32 -87.12
C ASP C 165 -15.00 10.69 -87.97
N SER C 166 -15.47 11.37 -89.00
CA SER C 166 -16.59 10.84 -89.79
C SER C 166 -16.23 9.58 -90.55
N GLU C 167 -15.41 8.73 -89.96
CA GLU C 167 -14.87 7.58 -90.67
C GLU C 167 -15.20 6.31 -89.93
N VAL C 168 -15.59 6.48 -88.66
CA VAL C 168 -15.82 5.36 -87.75
C VAL C 168 -16.93 4.42 -88.18
N GLU C 169 -18.11 4.98 -88.41
CA GLU C 169 -19.29 4.16 -88.66
C GLU C 169 -19.22 3.33 -89.92
N GLY C 170 -18.24 3.60 -90.77
CA GLY C 170 -18.11 2.83 -92.00
C GLY C 170 -17.18 1.65 -91.83
N THR C 171 -16.64 1.49 -90.62
CA THR C 171 -15.71 0.40 -90.33
C THR C 171 -16.32 -0.98 -90.53
N ALA C 172 -15.46 -1.98 -90.68
CA ALA C 172 -15.90 -3.35 -90.75
C ALA C 172 -15.55 -3.98 -89.42
N TRP C 173 -16.57 -4.31 -88.65
CA TRP C 173 -16.35 -4.78 -87.31
C TRP C 173 -16.11 -6.28 -87.34
N ASP C 174 -15.00 -6.67 -87.95
CA ASP C 174 -14.69 -8.08 -88.19
C ASP C 174 -14.16 -8.80 -86.96
N GLU C 175 -13.41 -8.12 -86.12
CA GLU C 175 -12.76 -8.81 -85.00
C GLU C 175 -13.24 -8.20 -83.69
N ILE C 176 -13.37 -9.03 -82.67
CA ILE C 176 -13.88 -8.59 -81.37
C ILE C 176 -13.05 -7.49 -80.72
N GLU C 177 -11.74 -7.42 -80.99
CA GLU C 177 -10.90 -6.38 -80.39
C GLU C 177 -11.41 -5.01 -80.77
N THR C 178 -11.87 -4.87 -82.02
CA THR C 178 -12.33 -3.59 -82.52
C THR C 178 -13.62 -3.14 -81.84
N PHE C 179 -14.54 -4.07 -81.63
CA PHE C 179 -15.77 -3.72 -80.96
C PHE C 179 -15.44 -3.25 -79.56
N LEU C 180 -14.62 -4.02 -78.86
CA LEU C 180 -14.27 -3.73 -77.48
C LEU C 180 -13.50 -2.43 -77.36
N ASP C 181 -12.64 -2.17 -78.33
CA ASP C 181 -11.89 -0.93 -78.33
C ASP C 181 -12.80 0.27 -78.50
N MET C 182 -13.76 0.18 -79.41
CA MET C 182 -14.77 1.23 -79.58
C MET C 182 -15.70 1.30 -78.41
N CYS C 183 -16.19 0.14 -77.98
CA CYS C 183 -17.17 0.07 -76.91
C CYS C 183 -16.66 0.71 -75.64
N TYR C 184 -15.44 0.38 -75.28
CA TYR C 184 -14.85 0.93 -74.08
C TYR C 184 -14.64 2.41 -74.28
N SER C 185 -14.23 2.81 -75.48
CA SER C 185 -13.97 4.22 -75.75
C SER C 185 -15.23 5.05 -75.68
N VAL C 186 -16.33 4.55 -76.23
CA VAL C 186 -17.59 5.27 -76.12
C VAL C 186 -18.12 5.31 -74.70
N LEU C 187 -18.11 4.16 -74.02
CA LEU C 187 -18.61 4.05 -72.65
C LEU C 187 -17.81 4.93 -71.67
N MET C 188 -16.50 5.03 -71.88
CA MET C 188 -15.66 5.85 -71.01
C MET C 188 -16.03 7.32 -71.04
N GLN C 189 -16.39 7.80 -72.22
CA GLN C 189 -16.82 9.19 -72.39
C GLN C 189 -18.11 9.41 -71.65
N ALA C 190 -18.98 8.40 -71.64
CA ALA C 190 -20.19 8.47 -70.84
C ALA C 190 -19.85 8.50 -69.35
N TRP C 191 -18.88 7.69 -68.93
CA TRP C 191 -18.51 7.64 -67.54
C TRP C 191 -17.98 9.01 -67.09
N ILE C 192 -17.26 9.68 -67.97
CA ILE C 192 -16.63 10.98 -67.68
C ILE C 192 -17.62 12.10 -67.43
N VAL C 193 -18.79 12.01 -68.06
CA VAL C 193 -19.81 13.05 -67.90
C VAL C 193 -20.92 12.65 -66.95
N THR C 194 -20.68 11.63 -66.14
CA THR C 194 -21.71 11.05 -65.31
C THR C 194 -22.20 11.93 -64.17
N CYS C 195 -21.30 12.60 -63.46
CA CYS C 195 -21.82 13.37 -62.36
C CYS C 195 -21.57 14.85 -62.56
N LYS C 196 -22.10 15.35 -63.68
CA LYS C 196 -22.01 16.75 -64.04
C LYS C 196 -23.43 17.25 -64.27
N CYS C 197 -23.78 18.35 -63.59
CA CYS C 197 -25.16 18.87 -63.62
C CYS C 197 -25.52 19.69 -64.86
N MET C 198 -24.50 20.41 -65.38
CA MET C 198 -24.36 21.07 -66.72
C MET C 198 -23.68 22.44 -66.70
N GLN C 203 -20.01 25.84 -74.32
CA GLN C 203 -20.17 25.97 -72.88
C GLN C 203 -19.12 25.08 -72.09
N PRO C 204 -19.29 24.87 -70.75
CA PRO C 204 -18.55 23.94 -69.90
C PRO C 204 -18.27 22.52 -70.46
N ALA C 205 -17.52 21.66 -69.75
CA ALA C 205 -16.74 22.00 -68.56
C ALA C 205 -15.26 21.70 -68.75
N ALA C 206 -14.43 22.23 -67.85
CA ALA C 206 -12.99 22.09 -67.95
C ALA C 206 -12.54 20.68 -67.61
N SER C 207 -13.25 20.05 -66.68
CA SER C 207 -12.91 18.74 -66.17
C SER C 207 -12.80 17.71 -67.28
N ILE C 208 -13.76 17.76 -68.19
CA ILE C 208 -13.94 16.73 -69.19
C ILE C 208 -12.71 16.53 -70.05
N GLU C 209 -12.13 17.61 -70.55
CA GLU C 209 -11.02 17.51 -71.49
C GLU C 209 -9.72 17.03 -70.88
N LYS C 210 -9.57 17.21 -69.58
CA LYS C 210 -8.39 16.69 -68.91
C LYS C 210 -8.54 15.21 -68.60
N ARG C 211 -9.77 14.76 -68.35
CA ARG C 211 -10.03 13.34 -68.16
C ARG C 211 -9.85 12.60 -69.46
N LEU C 212 -10.34 13.15 -70.57
CA LEU C 212 -10.12 12.47 -71.84
C LEU C 212 -8.66 12.36 -72.18
N GLN C 213 -7.81 13.35 -71.87
CA GLN C 213 -6.47 13.12 -72.36
C GLN C 213 -5.83 12.06 -71.48
N LYS C 214 -6.27 11.95 -70.23
CA LYS C 214 -5.72 10.94 -69.37
C LYS C 214 -5.92 9.54 -69.92
N TYR C 215 -7.14 9.23 -70.34
CA TYR C 215 -7.47 7.90 -70.84
C TYR C 215 -6.96 7.65 -72.25
N ARG C 216 -6.75 8.70 -73.02
CA ARG C 216 -6.09 8.52 -74.31
C ARG C 216 -4.65 8.11 -74.10
N GLN C 217 -3.98 8.74 -73.14
CA GLN C 217 -2.57 8.45 -72.97
C GLN C 217 -2.39 7.10 -72.29
N GLN C 218 -3.40 6.66 -71.55
CA GLN C 218 -3.39 5.32 -70.98
C GLN C 218 -3.84 4.27 -71.99
N GLY C 219 -4.44 4.72 -73.09
CA GLY C 219 -4.89 3.79 -74.11
C GLY C 219 -6.28 3.24 -73.82
N ARG C 220 -6.93 3.74 -72.79
CA ARG C 220 -8.29 3.33 -72.47
C ARG C 220 -9.32 3.93 -73.42
N ILE C 221 -9.04 5.12 -73.93
CA ILE C 221 -9.88 5.69 -74.96
C ILE C 221 -9.07 5.79 -76.23
N ASN C 222 -9.67 5.39 -77.34
CA ASN C 222 -8.98 5.46 -78.62
C ASN C 222 -9.50 6.72 -79.29
N PRO C 223 -8.59 7.61 -79.71
CA PRO C 223 -9.01 8.91 -80.24
C PRO C 223 -9.90 8.79 -81.47
N ARG C 224 -9.85 7.63 -82.13
CA ARG C 224 -10.64 7.41 -83.32
C ARG C 224 -12.11 7.42 -82.96
N TYR C 225 -12.42 6.95 -81.76
CA TYR C 225 -13.81 6.79 -81.36
C TYR C 225 -14.18 7.88 -80.38
N LEU C 226 -13.49 9.00 -80.49
CA LEU C 226 -13.80 10.14 -79.64
C LEU C 226 -15.12 10.68 -80.17
N LEU C 227 -15.96 11.23 -79.30
CA LEU C 227 -17.29 11.66 -79.72
C LEU C 227 -17.31 13.16 -79.91
N GLN C 228 -18.22 13.67 -80.73
CA GLN C 228 -18.35 15.12 -80.85
C GLN C 228 -18.85 15.67 -79.53
N PRO C 229 -18.38 16.86 -79.15
CA PRO C 229 -18.71 17.43 -77.83
C PRO C 229 -20.21 17.59 -77.65
N GLU C 230 -20.92 17.74 -78.74
CA GLU C 230 -22.36 17.83 -78.69
C GLU C 230 -23.00 16.51 -78.30
N ALA C 231 -22.39 15.40 -78.71
CA ALA C 231 -22.85 14.08 -78.31
C ALA C 231 -22.70 13.86 -76.82
N ARG C 232 -21.55 14.26 -76.28
CA ARG C 232 -21.33 14.12 -74.86
C ARG C 232 -22.27 14.93 -74.02
N ARG C 233 -22.63 16.13 -74.47
CA ARG C 233 -23.51 16.93 -73.64
C ARG C 233 -24.93 16.34 -73.62
N ILE C 234 -25.37 15.75 -74.73
CA ILE C 234 -26.66 15.09 -74.71
C ILE C 234 -26.65 13.87 -73.79
N ILE C 235 -25.60 13.05 -73.87
CA ILE C 235 -25.49 11.88 -73.01
C ILE C 235 -25.44 12.30 -71.55
N GLN C 236 -24.72 13.38 -71.27
CA GLN C 236 -24.65 14.00 -69.96
C GLN C 236 -26.07 14.31 -69.47
N ASN C 237 -26.90 14.75 -70.40
CA ASN C 237 -28.26 15.13 -70.11
C ASN C 237 -29.16 13.95 -69.81
N VAL C 238 -29.03 12.88 -70.58
CA VAL C 238 -29.80 11.68 -70.35
C VAL C 238 -29.46 11.05 -69.01
N ILE C 239 -28.18 11.01 -68.66
CA ILE C 239 -27.76 10.44 -67.39
C ILE C 239 -28.30 11.28 -66.23
N ARG C 240 -28.32 12.60 -66.38
CA ARG C 240 -28.84 13.45 -65.31
C ARG C 240 -30.34 13.20 -65.11
N LYS C 241 -31.08 13.00 -66.20
CA LYS C 241 -32.51 12.73 -66.08
C LYS C 241 -32.83 11.37 -65.47
N GLY C 242 -32.04 10.36 -65.84
CA GLY C 242 -32.39 8.99 -65.54
C GLY C 242 -31.91 8.43 -64.22
N MET C 243 -32.85 8.25 -63.30
CA MET C 243 -32.53 7.72 -62.00
C MET C 243 -32.17 6.23 -62.10
N VAL C 244 -32.98 5.46 -62.82
CA VAL C 244 -32.72 4.03 -63.01
C VAL C 244 -31.35 3.80 -63.65
N VAL C 245 -30.99 4.64 -64.63
CA VAL C 245 -29.68 4.53 -65.26
C VAL C 245 -28.60 4.81 -64.23
N ARG C 246 -28.78 5.90 -63.49
CA ARG C 246 -27.82 6.30 -62.47
C ARG C 246 -27.69 5.26 -61.38
N HIS C 247 -28.79 4.60 -61.02
CA HIS C 247 -28.73 3.49 -60.08
C HIS C 247 -27.88 2.38 -60.65
N PHE C 248 -28.09 2.07 -61.91
CA PHE C 248 -27.31 1.03 -62.55
C PHE C 248 -25.84 1.41 -62.53
N LEU C 249 -25.55 2.68 -62.77
CA LEU C 249 -24.17 3.12 -62.74
C LEU C 249 -23.60 2.95 -61.35
N THR C 250 -24.42 3.19 -60.34
CA THR C 250 -23.99 3.01 -58.97
C THR C 250 -23.61 1.56 -58.71
N PHE C 251 -24.43 0.64 -59.19
CA PHE C 251 -24.20 -0.77 -58.93
C PHE C 251 -22.90 -1.18 -59.57
N GLU C 252 -22.62 -0.64 -60.76
CA GLU C 252 -21.36 -0.95 -61.46
C GLU C 252 -20.13 -0.43 -60.77
N LEU C 253 -20.19 0.76 -60.20
CA LEU C 253 -19.04 1.29 -59.49
C LEU C 253 -18.75 0.47 -58.26
N GLN C 254 -19.79 0.01 -57.58
CA GLN C 254 -19.62 -0.84 -56.41
C GLN C 254 -18.96 -2.15 -56.79
N LEU C 255 -19.29 -2.70 -57.96
CA LEU C 255 -18.68 -3.95 -58.40
C LEU C 255 -17.22 -3.70 -58.73
N ALA C 256 -16.95 -2.52 -59.27
CA ALA C 256 -15.60 -2.12 -59.56
C ALA C 256 -14.76 -1.92 -58.30
N ARG C 257 -15.40 -1.57 -57.19
CA ARG C 257 -14.68 -1.37 -55.93
C ARG C 257 -14.17 -2.68 -55.35
N ALA C 258 -14.93 -3.74 -55.53
CA ALA C 258 -14.62 -5.02 -54.92
C ALA C 258 -13.68 -5.88 -55.76
N GLN C 259 -13.21 -5.33 -56.87
CA GLN C 259 -12.42 -6.10 -57.83
C GLN C 259 -11.06 -6.42 -57.23
N SER C 260 -10.43 -7.47 -57.74
CA SER C 260 -9.11 -7.82 -57.30
C SER C 260 -8.10 -6.87 -57.90
N LEU C 261 -6.86 -6.92 -57.42
CA LEU C 261 -5.80 -6.09 -57.99
C LEU C 261 -5.58 -6.57 -59.40
N VAL C 262 -5.79 -7.86 -59.59
CA VAL C 262 -5.78 -8.44 -60.92
C VAL C 262 -7.22 -8.54 -61.40
N SER C 263 -7.51 -7.79 -62.46
CA SER C 263 -8.88 -7.53 -62.89
C SER C 263 -8.95 -7.65 -64.37
N ASN C 264 -10.03 -7.19 -64.98
CA ASN C 264 -10.09 -7.14 -66.43
C ASN C 264 -10.07 -5.70 -66.91
N ARG C 265 -10.04 -5.54 -68.22
CA ARG C 265 -9.80 -4.25 -68.84
C ARG C 265 -10.88 -3.23 -68.51
N TYR C 266 -12.14 -3.65 -68.62
CA TYR C 266 -13.25 -2.75 -68.39
C TYR C 266 -13.36 -2.30 -66.95
N TYR C 267 -13.33 -3.24 -66.01
CA TYR C 267 -13.56 -2.89 -64.61
C TYR C 267 -12.41 -2.16 -63.93
N ALA C 268 -11.18 -2.38 -64.41
CA ALA C 268 -10.05 -1.57 -63.98
C ALA C 268 -10.30 -0.14 -64.42
N MET C 269 -10.83 -0.03 -65.62
CA MET C 269 -11.17 1.23 -66.27
C MET C 269 -12.29 1.95 -65.54
N VAL C 270 -13.35 1.22 -65.21
CA VAL C 270 -14.48 1.78 -64.50
C VAL C 270 -14.09 2.17 -63.08
N GLY C 271 -13.24 1.37 -62.46
CA GLY C 271 -12.78 1.68 -61.12
C GLY C 271 -12.00 2.97 -61.05
N ASP C 272 -11.16 3.19 -62.06
CA ASP C 272 -10.31 4.36 -62.12
C ASP C 272 -11.14 5.64 -62.26
N VAL C 273 -12.11 5.61 -63.17
CA VAL C 273 -12.93 6.79 -63.42
C VAL C 273 -13.89 6.97 -62.24
N GLY C 274 -14.18 5.89 -61.56
CA GLY C 274 -15.10 5.91 -60.44
C GLY C 274 -14.57 6.79 -59.32
N LYS C 275 -13.25 6.90 -59.21
CA LYS C 275 -12.66 7.68 -58.12
C LYS C 275 -12.93 9.15 -58.30
N TYR C 276 -13.13 9.56 -59.54
CA TYR C 276 -13.55 10.93 -59.83
C TYR C 276 -15.02 11.18 -59.46
N ILE C 277 -15.86 10.18 -59.70
CA ILE C 277 -17.29 10.30 -59.41
C ILE C 277 -17.61 10.25 -57.91
N GLU C 278 -16.80 9.54 -57.13
CA GLU C 278 -17.07 9.40 -55.70
C GLU C 278 -17.19 10.74 -55.00
N ASN C 279 -18.18 10.86 -54.14
CA ASN C 279 -18.41 12.03 -53.31
C ASN C 279 -18.70 13.27 -54.14
N CYS C 280 -19.08 13.05 -55.39
CA CYS C 280 -19.59 14.12 -56.24
C CYS C 280 -20.72 14.85 -55.54
N GLY C 281 -20.78 16.16 -55.71
CA GLY C 281 -21.95 16.90 -55.29
C GLY C 281 -21.85 17.28 -53.83
N MET C 282 -20.71 16.98 -53.23
CA MET C 282 -20.51 17.26 -51.82
C MET C 282 -19.29 18.13 -51.56
N GLY C 283 -18.97 19.00 -52.49
CA GLY C 283 -17.74 19.78 -52.40
C GLY C 283 -17.71 20.63 -51.15
N GLY C 284 -18.84 21.23 -50.80
CA GLY C 284 -18.88 22.13 -49.67
C GLY C 284 -18.49 21.44 -48.39
N PHE C 285 -18.96 20.22 -48.21
CA PHE C 285 -18.66 19.44 -47.01
C PHE C 285 -17.21 19.02 -46.94
N PHE C 286 -16.72 18.40 -48.02
CA PHE C 286 -15.37 17.87 -48.03
C PHE C 286 -14.30 18.94 -48.12
N LEU C 287 -14.60 20.04 -48.81
CA LEU C 287 -13.67 21.15 -48.87
C LEU C 287 -13.57 21.88 -47.53
N THR C 288 -14.69 21.98 -46.83
CA THR C 288 -14.66 22.61 -45.52
C THR C 288 -13.80 21.77 -44.59
N LEU C 289 -13.95 20.45 -44.66
CA LEU C 289 -13.12 19.58 -43.85
C LEU C 289 -11.66 19.79 -44.21
N LYS C 290 -11.38 19.84 -45.50
CA LYS C 290 -10.01 19.89 -45.98
C LYS C 290 -9.28 21.14 -45.51
N TYR C 291 -9.88 22.31 -45.71
CA TYR C 291 -9.21 23.56 -45.39
C TYR C 291 -9.44 24.05 -43.97
N ALA C 292 -10.67 23.97 -43.47
CA ALA C 292 -10.92 24.41 -42.10
C ALA C 292 -10.28 23.50 -41.07
N LEU C 293 -10.52 22.20 -41.19
CA LEU C 293 -10.02 21.26 -40.20
C LEU C 293 -8.64 20.72 -40.58
N GLY C 294 -8.38 20.59 -41.87
CA GLY C 294 -7.10 20.09 -42.34
C GLY C 294 -5.94 21.00 -41.99
N THR C 295 -6.14 22.30 -42.08
CA THR C 295 -5.09 23.27 -41.77
C THR C 295 -4.76 23.36 -40.28
N ARG C 296 -5.76 23.15 -39.44
CA ARG C 296 -5.58 23.17 -37.99
C ARG C 296 -4.94 24.47 -37.54
N TRP C 297 -5.41 25.58 -38.09
CA TRP C 297 -4.87 26.88 -37.69
C TRP C 297 -5.55 27.39 -36.43
N PRO C 298 -4.89 28.33 -35.75
CA PRO C 298 -5.40 28.78 -34.45
C PRO C 298 -6.81 29.37 -34.48
N THR C 299 -7.26 29.93 -35.60
CA THR C 299 -8.61 30.51 -35.66
C THR C 299 -9.71 29.46 -35.54
N LEU C 300 -9.31 28.18 -35.59
CA LEU C 300 -10.26 27.09 -35.40
C LEU C 300 -10.78 27.10 -33.97
N ALA C 301 -10.12 27.86 -33.11
CA ALA C 301 -10.49 27.91 -31.72
C ALA C 301 -11.47 29.02 -31.44
N LEU C 302 -11.90 29.72 -32.48
CA LEU C 302 -12.91 30.76 -32.30
C LEU C 302 -14.17 30.16 -31.72
N ALA C 303 -14.82 30.91 -30.83
CA ALA C 303 -16.00 30.42 -30.17
C ALA C 303 -17.15 30.33 -31.16
N ALA C 304 -17.12 31.21 -32.16
CA ALA C 304 -18.19 31.26 -33.15
C ALA C 304 -18.32 29.93 -33.87
N PHE C 305 -17.19 29.26 -34.07
CA PHE C 305 -17.15 27.96 -34.72
C PHE C 305 -17.65 26.82 -33.85
N SER C 306 -17.89 27.08 -32.57
CA SER C 306 -18.05 26.00 -31.60
C SER C 306 -19.22 25.06 -31.93
N GLY C 307 -20.37 25.64 -32.25
CA GLY C 307 -21.53 24.84 -32.58
C GLY C 307 -21.35 24.11 -33.89
N GLU C 308 -20.80 24.80 -34.88
CA GLU C 308 -20.65 24.24 -36.22
C GLU C 308 -19.64 23.09 -36.24
N LEU C 309 -18.65 23.17 -35.36
CA LEU C 309 -17.66 22.13 -35.27
C LEU C 309 -18.30 20.82 -34.83
N THR C 310 -19.26 20.92 -33.92
CA THR C 310 -20.02 19.75 -33.48
C THR C 310 -20.85 19.22 -34.63
N LYS C 311 -21.37 20.13 -35.44
CA LYS C 311 -22.20 19.74 -36.58
C LYS C 311 -21.40 18.93 -37.59
N LEU C 312 -20.17 19.35 -37.86
CA LEU C 312 -19.30 18.59 -38.73
C LEU C 312 -18.97 17.24 -38.12
N LYS C 313 -18.82 17.21 -36.80
CA LYS C 313 -18.49 15.97 -36.12
C LYS C 313 -19.63 14.95 -36.28
N SER C 314 -20.85 15.43 -36.14
CA SER C 314 -22.02 14.61 -36.36
C SER C 314 -22.13 14.18 -37.83
N LEU C 315 -21.84 15.09 -38.75
CA LEU C 315 -21.94 14.78 -40.16
C LEU C 315 -20.95 13.70 -40.60
N MET C 316 -19.74 13.72 -40.06
CA MET C 316 -18.80 12.64 -40.34
C MET C 316 -19.31 11.32 -39.79
N ALA C 317 -19.90 11.39 -38.60
CA ALA C 317 -20.46 10.21 -37.95
C ALA C 317 -21.59 9.63 -38.79
N LEU C 318 -22.42 10.52 -39.33
CA LEU C 318 -23.51 10.13 -40.20
C LEU C 318 -23.00 9.51 -41.48
N TYR C 319 -21.94 10.10 -42.01
CA TYR C 319 -21.38 9.64 -43.27
C TYR C 319 -20.91 8.20 -43.14
N GLN C 320 -20.36 7.85 -42.00
CA GLN C 320 -19.85 6.50 -41.82
C GLN C 320 -20.95 5.45 -41.70
N THR C 321 -22.03 5.78 -41.01
CA THR C 321 -23.13 4.85 -40.83
C THR C 321 -23.80 4.53 -42.15
N LEU C 322 -23.72 5.45 -43.09
CA LEU C 322 -24.39 5.28 -44.37
C LEU C 322 -23.81 4.14 -45.19
N GLY C 323 -22.54 3.85 -45.05
CA GLY C 323 -21.97 2.71 -45.73
C GLY C 323 -21.14 3.06 -46.94
N GLU C 324 -20.95 2.08 -47.82
CA GLU C 324 -20.16 2.31 -49.01
C GLU C 324 -20.85 3.33 -49.88
N GLN C 325 -22.16 3.33 -49.77
CA GLN C 325 -23.03 4.02 -50.70
C GLN C 325 -23.09 5.50 -50.38
N ALA C 326 -22.40 5.92 -49.32
CA ALA C 326 -22.28 7.33 -48.96
C ALA C 326 -21.50 8.08 -50.01
N ARG C 327 -20.73 7.34 -50.81
CA ARG C 327 -19.96 7.93 -51.89
C ARG C 327 -20.88 8.35 -53.02
N TYR C 328 -22.07 7.77 -53.07
CA TYR C 328 -22.89 7.90 -54.26
C TYR C 328 -24.20 8.66 -54.03
N LEU C 329 -24.24 9.51 -53.01
CA LEU C 329 -25.47 10.20 -52.66
C LEU C 329 -26.00 11.12 -53.75
N ALA C 330 -25.12 11.83 -54.44
CA ALA C 330 -25.57 12.72 -55.50
C ALA C 330 -26.19 11.90 -56.61
N LEU C 331 -25.52 10.80 -56.97
CA LEU C 331 -25.99 9.91 -58.02
C LEU C 331 -27.31 9.28 -57.63
N LEU C 332 -27.40 8.89 -56.37
CA LEU C 332 -28.57 8.21 -55.86
C LEU C 332 -29.75 9.14 -55.67
N GLU C 333 -29.47 10.44 -55.62
CA GLU C 333 -30.48 11.46 -55.40
C GLU C 333 -31.01 11.36 -53.99
N SER C 334 -30.16 10.93 -53.08
CA SER C 334 -30.55 10.73 -51.70
C SER C 334 -30.79 12.05 -50.97
N PRO C 335 -31.86 12.09 -50.17
CA PRO C 335 -32.20 13.26 -49.36
C PRO C 335 -31.10 13.56 -48.36
N HIS C 336 -30.26 12.57 -48.08
CA HIS C 336 -29.17 12.74 -47.12
C HIS C 336 -28.19 13.79 -47.60
N LEU C 337 -28.24 14.11 -48.88
CA LEU C 337 -27.32 15.09 -49.44
C LEU C 337 -27.63 16.46 -48.87
N MET C 338 -28.86 16.61 -48.38
CA MET C 338 -29.32 17.83 -47.75
C MET C 338 -28.71 18.04 -46.37
N ASP C 339 -28.39 16.94 -45.69
CA ASP C 339 -27.81 16.97 -44.36
C ASP C 339 -26.46 17.67 -44.38
N PHE C 340 -25.72 17.48 -45.46
CA PHE C 340 -24.35 17.96 -45.55
C PHE C 340 -24.26 19.31 -46.23
N ALA C 341 -25.41 19.91 -46.50
CA ALA C 341 -25.45 21.21 -47.17
C ALA C 341 -24.76 22.23 -46.29
N ALA C 342 -23.99 23.10 -46.91
CA ALA C 342 -23.11 24.00 -46.18
C ALA C 342 -23.85 25.00 -45.29
N ALA C 343 -25.14 25.18 -45.55
CA ALA C 343 -25.93 26.14 -44.79
C ALA C 343 -25.99 25.77 -43.31
N ASN C 344 -25.69 24.50 -43.01
CA ASN C 344 -25.66 24.03 -41.63
C ASN C 344 -24.44 24.52 -40.86
N TYR C 345 -23.37 24.82 -41.56
CA TYR C 345 -22.16 25.36 -40.95
C TYR C 345 -21.63 26.55 -41.71
N PRO C 346 -22.42 27.63 -41.81
CA PRO C 346 -22.06 28.71 -42.74
C PRO C 346 -20.76 29.40 -42.41
N LEU C 347 -20.47 29.64 -41.13
CA LEU C 347 -19.25 30.36 -40.79
C LEU C 347 -18.01 29.56 -41.15
N LEU C 348 -17.96 28.30 -40.72
CA LEU C 348 -16.82 27.44 -41.01
C LEU C 348 -16.64 27.26 -42.50
N TYR C 349 -17.76 27.19 -43.23
CA TYR C 349 -17.71 27.02 -44.67
C TYR C 349 -17.07 28.23 -45.31
N SER C 350 -17.56 29.40 -44.95
CA SER C 350 -17.03 30.66 -45.44
C SER C 350 -15.55 30.75 -45.12
N TYR C 351 -15.21 30.44 -43.87
CA TYR C 351 -13.84 30.50 -43.38
C TYR C 351 -12.95 29.53 -44.16
N ALA C 352 -13.45 28.33 -44.41
CA ALA C 352 -12.73 27.34 -45.19
C ALA C 352 -12.54 27.74 -46.65
N MET C 353 -13.55 28.38 -47.22
CA MET C 353 -13.47 28.78 -48.61
C MET C 353 -12.36 29.79 -48.80
N GLY C 354 -12.25 30.70 -47.84
CA GLY C 354 -11.21 31.72 -47.83
C GLY C 354 -9.83 31.16 -47.72
N ILE C 355 -9.67 30.15 -46.88
CA ILE C 355 -8.39 29.49 -46.78
C ILE C 355 -8.06 28.82 -48.08
N GLY C 356 -9.07 28.14 -48.62
CA GLY C 356 -8.96 27.51 -49.90
C GLY C 356 -8.66 28.59 -50.85
N TYR C 357 -9.22 29.76 -50.67
CA TYR C 357 -8.97 30.74 -51.66
C TYR C 357 -7.48 31.07 -51.77
N VAL C 358 -6.73 31.30 -50.69
CA VAL C 358 -5.32 31.58 -50.94
C VAL C 358 -4.47 30.32 -51.13
N LEU C 359 -4.75 29.22 -50.44
CA LEU C 359 -3.91 28.02 -50.50
C LEU C 359 -3.86 27.28 -51.85
N ASP C 360 -4.98 27.31 -52.58
CA ASP C 360 -5.06 26.62 -53.87
C ASP C 360 -5.52 27.50 -55.02
N VAL C 361 -4.73 27.55 -56.09
CA VAL C 361 -5.05 28.35 -57.27
C VAL C 361 -6.23 27.77 -58.02
N ASN C 362 -6.57 26.51 -57.79
CA ASN C 362 -7.73 25.97 -58.49
C ASN C 362 -9.07 26.38 -57.86
N MET C 363 -9.04 26.75 -56.58
CA MET C 363 -10.24 27.06 -55.82
C MET C 363 -11.04 28.27 -56.33
N ARG C 364 -10.40 29.18 -57.07
CA ARG C 364 -11.05 30.43 -57.54
C ARG C 364 -12.25 30.05 -58.36
N ASN C 365 -12.07 28.93 -59.06
CA ASN C 365 -12.98 28.52 -60.08
C ASN C 365 -14.07 27.68 -59.52
N TYR C 366 -13.99 27.41 -58.23
CA TYR C 366 -15.08 26.78 -57.52
C TYR C 366 -16.15 27.80 -57.27
N ALA C 367 -17.40 27.36 -57.36
CA ALA C 367 -18.52 28.24 -57.11
C ALA C 367 -18.83 28.30 -55.63
N PHE C 368 -17.98 29.00 -54.89
CA PHE C 368 -18.08 29.05 -53.44
C PHE C 368 -19.15 30.04 -52.97
N SER C 369 -19.63 30.89 -53.87
CA SER C 369 -20.62 31.89 -53.50
C SER C 369 -21.96 31.26 -53.15
N ARG C 370 -22.55 31.72 -52.05
CA ARG C 370 -23.79 31.15 -51.53
C ARG C 370 -24.60 32.22 -50.81
N SER C 371 -25.87 31.92 -50.56
CA SER C 371 -26.78 32.85 -49.89
C SER C 371 -26.35 33.14 -48.46
N TYR C 372 -25.93 32.10 -47.77
CA TYR C 372 -25.61 32.16 -46.35
C TYR C 372 -24.14 32.45 -46.15
N MET C 373 -23.45 32.72 -47.27
CA MET C 373 -22.03 33.00 -47.25
C MET C 373 -21.74 34.24 -46.44
N ASN C 374 -20.82 34.14 -45.48
CA ASN C 374 -20.56 35.25 -44.60
C ASN C 374 -19.21 35.86 -44.95
N LYS C 375 -19.24 37.01 -45.59
CA LYS C 375 -18.06 37.63 -46.21
C LYS C 375 -17.01 38.06 -45.19
N THR C 376 -17.45 38.36 -43.96
CA THR C 376 -16.51 38.72 -42.92
C THR C 376 -15.62 37.54 -42.62
N TYR C 377 -16.22 36.38 -42.44
CA TYR C 377 -15.47 35.17 -42.14
C TYR C 377 -14.70 34.64 -43.35
N PHE C 378 -15.17 34.96 -44.55
CA PHE C 378 -14.38 34.61 -45.75
C PHE C 378 -13.04 35.32 -45.67
N GLN C 379 -13.08 36.62 -45.34
CA GLN C 379 -11.87 37.42 -45.24
C GLN C 379 -10.98 36.92 -44.11
N LEU C 380 -11.60 36.47 -43.03
CA LEU C 380 -10.85 35.94 -41.91
C LEU C 380 -10.10 34.71 -42.38
N GLY C 381 -10.77 33.88 -43.18
CA GLY C 381 -10.13 32.69 -43.73
C GLY C 381 -8.99 33.09 -44.64
N MET C 382 -9.20 34.16 -45.39
CA MET C 382 -8.24 34.60 -46.39
C MET C 382 -6.98 35.06 -45.70
N GLU C 383 -7.16 35.89 -44.67
CA GLU C 383 -6.07 36.49 -43.92
C GLU C 383 -5.37 35.47 -43.03
N THR C 384 -6.13 34.52 -42.50
CA THR C 384 -5.56 33.49 -41.64
C THR C 384 -4.48 32.71 -42.35
N ALA C 385 -4.79 32.31 -43.57
CA ALA C 385 -3.87 31.57 -44.39
C ALA C 385 -2.66 32.40 -44.83
N ARG C 386 -2.83 33.71 -44.89
CA ARG C 386 -1.73 34.61 -45.21
C ARG C 386 -0.79 34.88 -44.05
N LYS C 387 -1.39 35.24 -42.91
CA LYS C 387 -0.65 35.52 -41.71
C LYS C 387 -0.23 34.30 -40.89
N GLN C 388 -1.03 33.25 -40.92
CA GLN C 388 -0.72 32.09 -40.09
C GLN C 388 -0.33 30.84 -40.87
N GLN C 389 0.85 30.81 -41.46
CA GLN C 389 1.32 29.56 -42.05
C GLN C 389 2.54 29.05 -41.29
N GLY C 390 3.21 29.96 -40.60
CA GLY C 390 4.33 29.56 -39.76
C GLY C 390 3.81 28.85 -38.53
N ALA C 391 2.49 28.88 -38.36
CA ALA C 391 1.85 28.25 -37.22
C ALA C 391 2.14 26.77 -37.25
N VAL C 392 2.37 26.21 -36.07
CA VAL C 392 2.78 24.82 -35.98
C VAL C 392 1.76 24.00 -35.19
N ASP C 393 1.73 22.71 -35.50
CA ASP C 393 0.89 21.77 -34.78
C ASP C 393 1.67 21.42 -33.52
N MET C 394 1.16 21.85 -32.39
CA MET C 394 1.89 21.74 -31.13
C MET C 394 2.07 20.29 -30.74
N ARG C 395 1.34 19.40 -31.40
CA ARG C 395 1.55 17.98 -31.20
C ARG C 395 2.67 17.42 -32.04
N MET C 396 2.88 17.96 -33.23
CA MET C 396 4.04 17.59 -34.03
C MET C 396 5.29 18.22 -33.46
N ALA C 397 5.17 19.51 -33.16
CA ALA C 397 6.29 20.31 -32.71
C ALA C 397 6.85 19.71 -31.44
N GLU C 398 5.98 19.07 -30.67
CA GLU C 398 6.39 18.44 -29.42
C GLU C 398 7.17 17.16 -29.67
N ASP C 399 6.77 16.38 -30.67
CA ASP C 399 7.51 15.14 -30.97
C ASP C 399 8.87 15.42 -31.57
N LEU C 400 8.99 16.49 -32.32
CA LEU C 400 10.28 16.87 -32.88
C LEU C 400 11.15 17.64 -31.88
N GLY C 401 10.62 17.89 -30.69
CA GLY C 401 11.33 18.63 -29.67
C GLY C 401 11.71 20.03 -30.10
N LEU C 402 10.79 20.68 -30.80
CA LEU C 402 11.01 22.01 -31.32
C LEU C 402 11.10 22.99 -30.14
N THR C 403 12.03 23.94 -30.16
CA THR C 403 12.08 24.96 -29.10
C THR C 403 11.46 26.20 -29.75
N GLN C 404 11.17 27.24 -28.99
CA GLN C 404 10.37 28.35 -29.50
C GLN C 404 11.12 29.25 -30.49
N ALA C 405 12.45 29.19 -30.49
CA ALA C 405 13.23 30.06 -31.37
C ALA C 405 13.11 29.72 -32.87
N GLU C 406 13.10 28.45 -33.26
CA GLU C 406 12.85 28.11 -34.67
C GLU C 406 11.39 28.27 -35.12
N ARG C 407 10.39 28.04 -34.25
CA ARG C 407 8.99 28.21 -34.65
C ARG C 407 8.90 29.68 -35.04
N THR C 408 9.60 30.48 -34.21
CA THR C 408 9.62 31.93 -34.36
C THR C 408 10.13 32.29 -35.73
N GLU C 409 11.20 31.59 -36.10
CA GLU C 409 11.83 31.70 -37.37
C GLU C 409 11.66 30.41 -38.17
N MET C 410 10.43 29.94 -38.04
CA MET C 410 9.70 29.15 -39.03
C MET C 410 8.58 30.04 -39.53
N ALA C 411 8.11 30.96 -38.70
CA ALA C 411 7.15 31.96 -39.18
C ALA C 411 7.85 32.86 -40.21
N ASN C 412 9.05 33.33 -39.87
CA ASN C 412 9.99 34.02 -40.77
C ASN C 412 9.94 33.56 -42.20
N THR C 413 9.96 32.25 -42.38
CA THR C 413 10.02 31.71 -43.70
C THR C 413 8.93 32.00 -44.70
N LEU C 414 7.72 32.06 -44.20
CA LEU C 414 6.60 31.67 -44.98
C LEU C 414 6.03 33.07 -45.19
N ALA C 415 6.38 33.83 -44.16
CA ALA C 415 6.35 35.26 -44.19
C ALA C 415 7.33 35.90 -45.21
N LYS C 416 8.56 35.42 -45.40
CA LYS C 416 9.40 36.01 -46.45
C LYS C 416 8.79 36.03 -47.83
N LEU C 417 8.05 34.98 -48.16
CA LEU C 417 7.28 34.93 -49.41
C LEU C 417 6.27 33.78 -49.49
N SER D 19 26.20 -1.53 25.57
CA SER D 19 26.04 -2.98 25.53
C SER D 19 26.65 -3.60 26.79
N VAL D 20 27.83 -3.12 27.16
CA VAL D 20 28.42 -3.51 28.42
C VAL D 20 27.62 -3.03 29.61
N LEU D 21 27.12 -1.80 29.52
CA LEU D 21 26.33 -1.24 30.60
C LEU D 21 24.97 -1.87 30.69
N LYS D 22 24.40 -2.17 29.54
CA LYS D 22 23.11 -2.84 29.50
C LYS D 22 23.29 -4.25 30.04
N ALA D 23 24.46 -4.83 29.80
CA ALA D 23 24.77 -6.14 30.35
C ALA D 23 24.88 -6.09 31.87
N TYR D 24 25.52 -5.02 32.35
CA TYR D 24 25.70 -4.78 33.78
C TYR D 24 24.41 -4.53 34.53
N GLU D 25 23.48 -3.84 33.89
CA GLU D 25 22.20 -3.56 34.55
C GLU D 25 21.47 -4.86 34.74
N ARG D 26 21.51 -5.73 33.74
CA ARG D 26 20.77 -6.99 33.84
C ARG D 26 21.52 -7.94 34.77
N PHE D 27 22.83 -7.78 34.85
CA PHE D 27 23.63 -8.61 35.75
C PHE D 27 23.19 -8.32 37.17
N THR D 28 23.09 -7.03 37.50
CA THR D 28 22.66 -6.61 38.83
C THR D 28 21.27 -7.09 39.15
N LEU D 29 20.37 -6.95 38.18
CA LEU D 29 18.97 -7.24 38.40
C LEU D 29 18.68 -8.74 38.51
N THR D 30 19.28 -9.54 37.65
CA THR D 30 19.07 -10.98 37.69
C THR D 30 19.72 -11.60 38.93
N GLN D 31 20.86 -11.05 39.36
CA GLN D 31 21.56 -11.59 40.52
C GLN D 31 20.82 -11.39 41.82
N GLU D 32 20.06 -10.30 41.93
CA GLU D 32 19.23 -10.10 43.09
C GLU D 32 18.08 -11.08 43.10
N LEU D 33 17.49 -11.29 41.93
CA LEU D 33 16.32 -12.15 41.80
C LEU D 33 16.64 -13.59 41.49
N GLN D 34 17.93 -13.93 41.43
CA GLN D 34 18.29 -15.32 41.22
C GLN D 34 18.04 -15.85 42.62
N ASP D 35 17.45 -17.06 42.73
CA ASP D 35 17.08 -17.74 44.01
C ASP D 35 15.61 -18.01 44.24
N GLN D 36 14.85 -16.93 44.17
CA GLN D 36 13.54 -16.85 44.76
C GLN D 36 12.59 -17.27 43.65
N SER D 37 13.22 -17.94 42.67
CA SER D 37 12.49 -18.62 41.62
C SER D 37 11.63 -19.58 42.39
N GLU D 38 12.32 -20.47 43.08
CA GLU D 38 11.78 -21.51 43.95
C GLU D 38 11.11 -20.97 45.22
N GLU D 39 10.16 -21.72 45.75
CA GLU D 39 9.52 -21.39 47.00
C GLU D 39 10.48 -21.69 48.14
N GLY D 40 10.24 -21.11 49.31
CA GLY D 40 11.14 -21.35 50.43
C GLY D 40 11.02 -22.79 50.90
N THR D 41 12.15 -23.40 51.26
CA THR D 41 12.10 -24.74 51.81
C THR D 41 12.36 -24.63 53.30
N ILE D 42 11.58 -25.36 54.08
CA ILE D 42 11.62 -25.26 55.53
C ILE D 42 12.92 -25.85 56.02
N PRO D 43 13.59 -25.15 56.95
CA PRO D 43 15.00 -25.42 57.24
C PRO D 43 15.23 -26.74 57.93
N PRO D 44 16.48 -27.22 57.95
CA PRO D 44 16.82 -28.46 58.65
C PRO D 44 16.42 -28.33 60.11
N THR D 45 15.98 -29.44 60.70
CA THR D 45 15.45 -29.38 62.05
C THR D 45 16.56 -29.16 63.07
N THR D 46 16.21 -28.51 64.17
CA THR D 46 17.17 -28.05 65.14
C THR D 46 16.61 -28.39 66.52
N LEU D 47 17.44 -28.45 67.55
CA LEU D 47 16.89 -28.67 68.88
C LEU D 47 16.24 -27.37 69.32
N LYS D 48 15.14 -27.48 70.05
CA LYS D 48 14.43 -26.29 70.47
C LYS D 48 14.07 -26.36 71.95
N PRO D 49 14.01 -25.19 72.60
CA PRO D 49 13.54 -25.15 73.98
C PRO D 49 12.05 -25.39 74.01
N VAL D 50 11.53 -25.93 75.10
CA VAL D 50 10.11 -26.07 75.21
C VAL D 50 9.51 -24.81 75.80
N ILE D 51 8.52 -24.25 75.13
CA ILE D 51 7.78 -23.13 75.67
C ILE D 51 6.44 -23.69 76.16
N ARG D 52 6.08 -23.43 77.41
CA ARG D 52 4.79 -23.93 77.88
C ARG D 52 3.78 -22.79 77.92
N VAL D 53 2.65 -23.01 77.29
CA VAL D 53 1.62 -21.99 77.14
C VAL D 53 0.44 -22.52 77.91
N PHE D 54 -0.25 -21.70 78.71
CA PHE D 54 -1.35 -22.22 79.53
C PHE D 54 -2.67 -22.20 78.78
N ILE D 55 -3.43 -23.29 78.87
CA ILE D 55 -4.69 -23.40 78.17
C ILE D 55 -5.85 -23.36 79.14
N LEU D 56 -6.77 -22.43 78.91
CA LEU D 56 -7.97 -22.28 79.72
C LEU D 56 -9.20 -22.64 78.89
N THR D 57 -9.93 -23.66 79.32
CA THR D 57 -11.10 -24.11 78.59
C THR D 57 -12.30 -23.28 79.04
N SER D 58 -12.20 -22.72 80.25
CA SER D 58 -13.29 -21.94 80.82
C SER D 58 -13.43 -20.55 80.24
N ASN D 59 -14.68 -20.10 80.16
CA ASN D 59 -14.99 -18.77 79.67
C ASN D 59 -15.32 -17.85 80.83
N ASN D 60 -15.02 -18.34 82.03
CA ASN D 60 -15.29 -17.59 83.25
C ASN D 60 -14.42 -16.36 83.32
N PRO D 61 -15.04 -15.20 83.53
CA PRO D 61 -14.32 -13.93 83.53
C PRO D 61 -13.26 -13.86 84.62
N GLU D 62 -13.52 -14.44 85.78
CA GLU D 62 -12.59 -14.35 86.89
C GLU D 62 -11.31 -15.14 86.63
N LEU D 63 -11.45 -16.30 86.00
CA LEU D 63 -10.29 -17.12 85.64
C LEU D 63 -9.47 -16.50 84.51
N ARG D 64 -10.16 -15.95 83.53
CA ARG D 64 -9.48 -15.28 82.43
C ARG D 64 -8.69 -14.11 82.96
N SER D 65 -9.30 -13.36 83.87
CA SER D 65 -8.64 -12.19 84.42
C SER D 65 -7.44 -12.56 85.27
N ARG D 66 -7.55 -13.59 86.09
CA ARG D 66 -6.40 -13.95 86.91
C ARG D 66 -5.30 -14.63 86.12
N LEU D 67 -5.65 -15.39 85.10
CA LEU D 67 -4.62 -15.98 84.26
C LEU D 67 -3.86 -14.89 83.54
N LEU D 68 -4.55 -13.83 83.14
CA LEU D 68 -3.87 -12.73 82.48
C LEU D 68 -2.90 -12.07 83.45
N LEU D 69 -3.38 -11.84 84.67
CA LEU D 69 -2.57 -11.19 85.69
C LEU D 69 -1.40 -12.09 86.09
N PHE D 70 -1.67 -13.38 86.21
CA PHE D 70 -0.65 -14.37 86.55
C PHE D 70 0.47 -14.38 85.55
N CYS D 71 0.09 -14.40 84.28
CA CYS D 71 1.03 -14.49 83.19
C CYS D 71 1.83 -13.18 83.07
N LEU D 72 1.14 -12.06 83.29
CA LEU D 72 1.78 -10.76 83.18
C LEU D 72 2.87 -10.64 84.22
N ARG D 73 2.62 -11.18 85.39
CA ARG D 73 3.59 -11.18 86.46
C ARG D 73 4.80 -12.05 86.14
N ILE D 74 4.58 -13.20 85.52
CA ILE D 74 5.69 -14.05 85.11
C ILE D 74 6.58 -13.38 84.06
N VAL D 75 5.98 -12.64 83.14
CA VAL D 75 6.75 -11.92 82.13
C VAL D 75 7.64 -10.86 82.75
N LEU D 76 7.12 -10.18 83.76
CA LEU D 76 7.86 -9.10 84.39
C LEU D 76 8.74 -9.59 85.53
N SER D 77 8.52 -10.83 85.93
CA SER D 77 9.14 -11.37 87.13
C SER D 77 10.66 -11.33 87.05
N ASN D 78 11.29 -11.19 88.21
CA ASN D 78 12.73 -11.12 88.31
C ASN D 78 13.46 -12.39 87.87
N GLY D 79 12.98 -13.52 88.37
CA GLY D 79 13.69 -14.78 88.23
C GLY D 79 13.35 -15.72 87.09
N ALA D 80 12.34 -15.40 86.28
CA ALA D 80 11.88 -16.33 85.25
C ALA D 80 12.92 -16.50 84.14
N ARG D 81 12.95 -17.70 83.56
CA ARG D 81 13.80 -17.96 82.41
C ARG D 81 13.11 -17.42 81.19
N ASP D 82 13.81 -17.33 80.06
CA ASP D 82 13.20 -16.76 78.88
C ASP D 82 11.99 -17.59 78.45
N SER D 83 12.13 -18.91 78.53
CA SER D 83 11.09 -19.82 78.09
C SER D 83 9.78 -19.64 78.86
N HIS D 84 9.88 -19.26 80.12
CA HIS D 84 8.70 -18.95 80.93
C HIS D 84 8.05 -17.66 80.44
N ARG D 85 8.88 -16.68 80.16
CA ARG D 85 8.41 -15.39 79.71
C ARG D 85 7.72 -15.51 78.35
N PHE D 86 8.31 -16.29 77.45
CA PHE D 86 7.73 -16.45 76.12
C PHE D 86 6.37 -17.11 76.23
N GLY D 87 6.30 -18.14 77.06
CA GLY D 87 5.06 -18.88 77.27
C GLY D 87 3.99 -18.03 77.91
N ALA D 88 4.38 -17.18 78.86
CA ALA D 88 3.41 -16.32 79.51
C ALA D 88 2.85 -15.36 78.48
N LEU D 89 3.70 -14.83 77.62
CA LEU D 89 3.26 -13.89 76.60
C LEU D 89 2.28 -14.52 75.64
N LEU D 90 2.62 -15.72 75.14
CA LEU D 90 1.80 -16.43 74.17
C LEU D 90 0.44 -16.76 74.78
N THR D 91 0.42 -17.01 76.08
CA THR D 91 -0.83 -17.24 76.78
C THR D 91 -1.67 -15.97 76.85
N MET D 92 -1.06 -14.84 77.17
CA MET D 92 -1.79 -13.58 77.26
C MET D 92 -2.42 -13.24 75.92
N PHE D 93 -1.64 -13.38 74.86
CA PHE D 93 -2.10 -13.05 73.51
C PHE D 93 -3.24 -13.95 73.05
N SER D 94 -3.39 -15.10 73.70
CA SER D 94 -4.44 -16.06 73.34
C SER D 94 -5.66 -15.98 74.24
N LEU D 95 -5.61 -15.14 75.26
CA LEU D 95 -6.72 -15.04 76.20
C LEU D 95 -8.04 -14.45 75.65
N PRO D 96 -7.99 -13.61 74.60
CA PRO D 96 -9.29 -13.21 74.08
C PRO D 96 -10.10 -14.30 73.39
N SER D 97 -9.45 -15.36 72.92
CA SER D 97 -10.10 -16.35 72.06
C SER D 97 -11.17 -17.17 72.75
N ALA D 98 -12.21 -17.50 71.99
CA ALA D 98 -13.26 -18.39 72.45
C ALA D 98 -12.69 -19.78 72.69
N THR D 99 -11.74 -20.18 71.85
CA THR D 99 -10.98 -21.39 72.11
C THR D 99 -9.50 -21.09 72.12
N MET D 100 -8.88 -21.10 73.31
CA MET D 100 -7.46 -20.81 73.38
C MET D 100 -6.64 -21.84 72.67
N LEU D 101 -7.13 -23.07 72.67
CA LEU D 101 -6.36 -24.17 72.14
C LEU D 101 -6.08 -23.94 70.68
N ASN D 102 -7.10 -23.50 69.94
CA ASN D 102 -6.98 -23.28 68.52
C ASN D 102 -5.99 -22.20 68.19
N HIS D 103 -5.94 -21.16 68.99
CA HIS D 103 -5.05 -20.06 68.67
C HIS D 103 -3.59 -20.31 69.12
N VAL D 104 -3.41 -21.18 70.12
CA VAL D 104 -2.07 -21.60 70.49
C VAL D 104 -1.46 -22.46 69.41
N LYS D 105 -2.33 -23.14 68.65
CA LYS D 105 -1.84 -23.98 67.57
C LYS D 105 -1.24 -23.14 66.44
N LEU D 106 -1.51 -21.85 66.43
CA LEU D 106 -0.90 -20.96 65.45
C LEU D 106 0.58 -20.93 65.67
N ALA D 107 0.98 -20.95 66.94
CA ALA D 107 2.40 -20.89 67.30
C ALA D 107 3.12 -22.12 66.80
N ASP D 108 2.38 -23.22 66.65
CA ASP D 108 2.95 -24.49 66.23
C ASP D 108 3.47 -24.36 64.80
N GLN D 109 3.02 -23.31 64.11
CA GLN D 109 3.37 -23.12 62.72
C GLN D 109 4.76 -22.56 62.61
N SER D 110 5.35 -22.21 63.74
CA SER D 110 6.71 -21.70 63.78
C SER D 110 7.70 -22.85 63.80
N PRO D 111 8.72 -22.79 62.94
CA PRO D 111 9.71 -23.85 62.88
C PRO D 111 10.60 -23.90 64.12
N GLU D 112 10.51 -22.86 64.95
CA GLU D 112 11.35 -22.74 66.13
C GLU D 112 10.57 -23.11 67.37
N ALA D 113 9.32 -23.52 67.15
CA ALA D 113 8.40 -23.70 68.25
C ALA D 113 8.27 -25.13 68.71
N ASP D 114 8.36 -25.32 70.02
CA ASP D 114 8.01 -26.58 70.65
C ASP D 114 7.15 -26.23 71.85
N ILE D 115 5.84 -26.37 71.73
CA ILE D 115 4.93 -25.89 72.75
C ILE D 115 4.32 -27.07 73.50
N GLU D 116 4.32 -27.01 74.84
CA GLU D 116 3.54 -27.96 75.64
C GLU D 116 2.44 -27.12 76.28
N ARG D 117 1.21 -27.61 76.16
CA ARG D 117 0.02 -26.82 76.45
C ARG D 117 -0.41 -26.62 77.93
N VAL D 118 -0.08 -27.52 78.86
CA VAL D 118 -0.34 -27.26 80.29
C VAL D 118 -1.80 -26.77 80.51
N GLU D 119 -2.78 -27.63 80.28
CA GLU D 119 -4.21 -27.29 80.40
C GLU D 119 -4.53 -27.03 81.85
N ILE D 120 -5.33 -26.01 82.13
CA ILE D 120 -5.31 -25.47 83.49
C ILE D 120 -6.57 -25.64 84.38
N ASP D 121 -7.78 -25.24 84.02
CA ASP D 121 -8.99 -25.45 84.87
C ASP D 121 -9.24 -24.46 86.04
N GLY D 122 -8.21 -23.73 86.48
CA GLY D 122 -8.44 -22.75 87.53
C GLY D 122 -7.30 -22.38 88.47
N PHE D 123 -7.64 -21.57 89.47
CA PHE D 123 -6.71 -21.14 90.51
C PHE D 123 -7.30 -21.42 91.89
N GLU D 124 -6.46 -21.75 92.86
CA GLU D 124 -6.97 -21.90 94.23
C GLU D 124 -7.28 -20.50 94.68
N GLU D 125 -8.48 -20.26 95.19
CA GLU D 125 -8.95 -18.88 95.31
C GLU D 125 -8.07 -18.14 96.31
N GLY D 126 -7.81 -16.87 96.02
CA GLY D 126 -6.72 -16.17 96.63
C GLY D 126 -5.45 -16.30 95.80
N SER D 127 -5.04 -17.53 95.46
CA SER D 127 -4.09 -17.79 94.35
C SER D 127 -2.67 -17.20 94.67
N PHE D 128 -1.71 -17.10 93.72
CA PHE D 128 -1.64 -17.71 92.39
C PHE D 128 -1.25 -19.18 92.43
N ARG D 129 -2.07 -20.01 93.02
CA ARG D 129 -1.76 -21.43 93.02
C ARG D 129 -2.59 -22.10 91.93
N LEU D 130 -1.90 -22.72 90.98
CA LEU D 130 -2.56 -23.27 89.82
C LEU D 130 -3.31 -24.51 90.26
N ILE D 131 -4.54 -24.65 89.81
CA ILE D 131 -5.24 -25.91 89.93
C ILE D 131 -5.21 -26.48 88.55
N PRO D 132 -4.44 -27.55 88.31
CA PRO D 132 -4.30 -28.06 86.95
C PRO D 132 -5.39 -29.03 86.55
N ASN D 133 -5.68 -29.09 85.26
CA ASN D 133 -6.60 -30.09 84.74
C ASN D 133 -6.13 -31.51 84.95
N ALA D 134 -6.94 -32.29 85.66
CA ALA D 134 -6.94 -33.75 85.64
C ALA D 134 -6.02 -34.36 84.58
N ARG D 135 -6.17 -33.84 83.38
CA ARG D 135 -5.47 -34.28 82.19
C ARG D 135 -3.95 -34.22 82.29
N SER D 136 -3.38 -33.16 82.85
CA SER D 136 -1.95 -33.19 83.14
C SER D 136 -1.70 -32.73 84.56
N GLY D 137 -1.04 -33.58 85.34
CA GLY D 137 -0.79 -33.27 86.72
C GLY D 137 0.33 -32.28 86.89
N MET D 138 0.47 -31.75 88.09
CA MET D 138 1.60 -30.90 88.45
C MET D 138 2.00 -31.22 89.89
N SER D 139 3.30 -31.22 90.17
CA SER D 139 3.75 -31.41 91.54
C SER D 139 3.49 -30.12 92.28
N ARG D 140 3.28 -30.20 93.58
CA ARG D 140 3.02 -29.01 94.36
C ARG D 140 4.32 -28.25 94.55
N GLY D 141 5.43 -28.88 94.18
CA GLY D 141 6.67 -28.17 94.06
C GLY D 141 6.53 -27.22 92.89
N GLU D 142 5.99 -27.70 91.77
CA GLU D 142 5.81 -26.85 90.58
C GLU D 142 4.70 -25.83 90.73
N ILE D 143 3.61 -26.23 91.38
CA ILE D 143 2.52 -25.31 91.61
C ILE D 143 2.99 -24.16 92.49
N ASN D 144 3.71 -24.50 93.56
CA ASN D 144 4.21 -23.49 94.48
C ASN D 144 5.34 -22.67 93.87
N ALA D 145 6.09 -23.27 92.97
CA ALA D 145 7.21 -22.58 92.34
C ALA D 145 6.75 -21.45 91.43
N TYR D 146 5.66 -21.70 90.70
CA TYR D 146 5.06 -20.69 89.84
C TYR D 146 4.48 -19.57 90.68
N ALA D 147 3.80 -19.95 91.75
CA ALA D 147 3.14 -18.98 92.61
C ALA D 147 4.16 -18.01 93.17
N ALA D 148 5.36 -18.51 93.43
CA ALA D 148 6.47 -17.67 93.88
C ALA D 148 6.94 -16.73 92.77
N LEU D 149 6.95 -17.26 91.55
CA LEU D 149 7.43 -16.52 90.39
C LEU D 149 6.53 -15.33 90.07
N ALA D 150 5.23 -15.50 90.30
CA ALA D 150 4.30 -14.42 90.02
C ALA D 150 4.33 -13.31 91.06
N GLU D 151 5.02 -13.53 92.17
CA GLU D 151 5.09 -12.51 93.20
C GLU D 151 6.49 -12.02 93.45
N ASP D 152 7.35 -12.08 92.45
CA ASP D 152 8.66 -11.53 92.67
C ASP D 152 8.62 -10.07 92.21
N LEU D 153 8.60 -9.84 90.89
CA LEU D 153 8.47 -8.51 90.29
C LEU D 153 9.63 -7.58 90.64
N PRO D 154 10.08 -6.75 89.69
CA PRO D 154 11.18 -5.90 90.14
C PRO D 154 10.65 -4.83 91.09
N ASP D 155 11.54 -4.21 91.87
CA ASP D 155 11.13 -3.10 92.73
C ASP D 155 11.23 -1.77 92.01
N THR D 156 11.72 -1.79 90.78
CA THR D 156 11.65 -0.61 89.93
C THR D 156 10.18 -0.32 89.74
N LEU D 157 9.37 -1.35 89.94
CA LEU D 157 7.93 -1.24 89.83
C LEU D 157 7.39 -0.69 91.14
N ASN D 158 6.33 0.10 91.06
CA ASN D 158 5.78 0.76 92.23
C ASN D 158 4.54 0.04 92.75
N HIS D 159 4.58 -0.41 94.00
CA HIS D 159 3.40 -0.94 94.69
C HIS D 159 3.23 -2.40 94.40
N ALA D 160 4.29 -3.00 93.86
CA ALA D 160 4.31 -4.44 93.63
C ALA D 160 3.34 -4.86 92.54
N THR D 161 2.94 -3.94 91.68
CA THR D 161 2.11 -4.33 90.55
C THR D 161 2.64 -3.65 89.31
N PRO D 162 2.32 -4.18 88.14
CA PRO D 162 2.39 -3.30 86.98
C PRO D 162 1.02 -2.67 86.98
N PHE D 163 0.80 -1.48 86.42
CA PHE D 163 -0.55 -0.87 86.19
C PHE D 163 -0.68 0.61 86.57
N VAL D 164 0.37 1.22 87.13
CA VAL D 164 0.29 2.63 87.50
C VAL D 164 -0.79 2.86 88.56
N ASP D 165 -2.04 2.52 88.23
CA ASP D 165 -3.15 2.58 89.17
C ASP D 165 -3.02 1.46 90.17
N SER D 166 -2.52 1.74 91.36
CA SER D 166 -2.25 0.67 92.33
C SER D 166 -3.49 -0.03 92.84
N GLU D 167 -4.57 -0.01 92.08
CA GLU D 167 -5.83 -0.55 92.59
C GLU D 167 -6.51 -1.47 91.60
N VAL D 168 -5.92 -1.60 90.42
CA VAL D 168 -6.52 -2.41 89.35
C VAL D 168 -6.64 -3.87 89.73
N GLU D 169 -5.54 -4.45 90.17
CA GLU D 169 -5.49 -5.88 90.43
C GLU D 169 -6.44 -6.36 91.51
N GLY D 170 -6.98 -5.43 92.28
CA GLY D 170 -7.91 -5.77 93.35
C GLY D 170 -9.35 -5.76 92.90
N THR D 171 -9.58 -5.45 91.63
CA THR D 171 -10.91 -5.37 91.05
C THR D 171 -11.64 -6.70 91.18
N ALA D 172 -12.95 -6.67 91.01
CA ALA D 172 -13.75 -7.88 91.00
C ALA D 172 -14.12 -8.13 89.55
N TRP D 173 -13.55 -9.18 88.98
CA TRP D 173 -13.72 -9.47 87.58
C TRP D 173 -14.95 -10.34 87.39
N ASP D 174 -16.09 -9.78 87.71
CA ASP D 174 -17.34 -10.49 87.65
C ASP D 174 -17.94 -10.57 86.27
N GLU D 175 -17.64 -9.58 85.43
CA GLU D 175 -18.26 -9.53 84.11
C GLU D 175 -17.23 -9.57 82.97
N ILE D 176 -17.57 -10.28 81.90
CA ILE D 176 -16.64 -10.49 80.78
C ILE D 176 -16.22 -9.21 80.08
N GLU D 177 -17.09 -8.20 80.06
CA GLU D 177 -16.71 -6.93 79.46
C GLU D 177 -15.51 -6.34 80.18
N THR D 178 -15.46 -6.55 81.49
CA THR D 178 -14.34 -6.04 82.28
C THR D 178 -13.04 -6.77 81.94
N PHE D 179 -13.10 -8.09 81.80
CA PHE D 179 -11.90 -8.85 81.46
C PHE D 179 -11.37 -8.43 80.11
N LEU D 180 -12.27 -8.35 79.15
CA LEU D 180 -11.90 -7.99 77.80
C LEU D 180 -11.37 -6.56 77.75
N ASP D 181 -11.93 -5.66 78.55
CA ASP D 181 -11.47 -4.29 78.57
C ASP D 181 -10.04 -4.21 79.07
N MET D 182 -9.71 -4.95 80.10
CA MET D 182 -8.33 -5.01 80.57
C MET D 182 -7.43 -5.73 79.58
N CYS D 183 -7.91 -6.86 79.11
CA CYS D 183 -7.14 -7.70 78.22
C CYS D 183 -6.73 -6.96 76.96
N TYR D 184 -7.67 -6.29 76.34
CA TYR D 184 -7.36 -5.56 75.14
C TYR D 184 -6.41 -4.42 75.47
N SER D 185 -6.60 -3.80 76.63
CA SER D 185 -5.78 -2.67 77.03
C SER D 185 -4.35 -3.10 77.28
N VAL D 186 -4.17 -4.23 77.97
CA VAL D 186 -2.84 -4.76 78.24
C VAL D 186 -2.15 -5.26 76.96
N LEU D 187 -2.88 -6.01 76.15
CA LEU D 187 -2.33 -6.55 74.91
C LEU D 187 -1.94 -5.45 73.93
N MET D 188 -2.71 -4.37 73.88
CA MET D 188 -2.41 -3.26 73.00
C MET D 188 -1.08 -2.61 73.33
N GLN D 189 -0.77 -2.52 74.61
CA GLN D 189 0.49 -1.95 75.03
C GLN D 189 1.65 -2.82 74.59
N ALA D 190 1.47 -4.13 74.60
CA ALA D 190 2.48 -5.05 74.09
C ALA D 190 2.66 -4.88 72.60
N TRP D 191 1.55 -4.72 71.91
CA TRP D 191 1.56 -4.54 70.46
C TRP D 191 2.32 -3.28 70.07
N ILE D 192 2.17 -2.22 70.85
CA ILE D 192 2.77 -0.92 70.57
C ILE D 192 4.28 -0.94 70.63
N VAL D 193 4.81 -1.82 71.47
CA VAL D 193 6.25 -1.89 71.64
C VAL D 193 6.86 -3.10 70.93
N THR D 194 6.12 -3.68 69.99
CA THR D 194 6.51 -4.94 69.37
C THR D 194 7.76 -4.84 68.52
N CYS D 195 7.89 -3.78 67.73
CA CYS D 195 9.06 -3.71 66.87
C CYS D 195 9.87 -2.47 67.23
N LYS D 196 10.41 -2.45 68.44
CA LYS D 196 11.19 -1.34 68.98
C LYS D 196 12.61 -1.73 69.42
N CYS D 197 13.57 -0.88 69.07
CA CYS D 197 15.00 -1.20 69.24
C CYS D 197 15.61 -1.23 70.63
N MET D 198 15.10 -0.36 71.52
CA MET D 198 15.33 -0.29 72.99
C MET D 198 15.40 1.21 73.34
N GLN D 203 14.57 5.89 80.16
CA GLN D 203 15.16 6.22 78.87
C GLN D 203 13.93 6.45 77.86
N PRO D 204 14.05 6.27 76.52
CA PRO D 204 12.94 6.85 75.72
C PRO D 204 11.47 6.22 75.83
N ALA D 205 10.81 5.64 74.81
CA ALA D 205 10.64 6.10 73.40
C ALA D 205 9.50 7.10 73.10
N ALA D 206 9.66 7.87 72.03
CA ALA D 206 8.71 8.92 71.65
C ALA D 206 7.41 8.38 71.07
N SER D 207 7.51 7.31 70.27
CA SER D 207 6.36 6.71 69.60
C SER D 207 5.30 6.24 70.57
N ILE D 208 5.76 5.61 71.64
CA ILE D 208 4.87 4.91 72.55
C ILE D 208 3.80 5.75 73.19
N GLU D 209 4.13 6.91 73.74
CA GLU D 209 3.09 7.67 74.41
C GLU D 209 2.14 8.33 73.41
N LYS D 210 2.59 8.52 72.18
CA LYS D 210 1.67 8.99 71.13
C LYS D 210 0.75 7.89 70.64
N ARG D 211 1.26 6.65 70.64
CA ARG D 211 0.42 5.50 70.30
C ARG D 211 -0.60 5.30 71.41
N LEU D 212 -0.15 5.45 72.65
CA LEU D 212 -1.03 5.28 73.78
C LEU D 212 -2.11 6.33 73.74
N GLN D 213 -1.74 7.53 73.31
CA GLN D 213 -2.69 8.63 73.30
C GLN D 213 -3.78 8.42 72.28
N LYS D 214 -3.45 7.80 71.16
CA LYS D 214 -4.44 7.48 70.14
C LYS D 214 -5.47 6.47 70.58
N TYR D 215 -4.98 5.36 71.14
CA TYR D 215 -5.86 4.27 71.50
C TYR D 215 -6.66 4.57 72.75
N ARG D 216 -6.20 5.53 73.55
CA ARG D 216 -7.04 5.97 74.66
C ARG D 216 -8.27 6.72 74.17
N GLN D 217 -8.10 7.65 73.24
CA GLN D 217 -9.26 8.41 72.79
C GLN D 217 -10.12 7.59 71.84
N GLN D 218 -9.54 6.57 71.21
CA GLN D 218 -10.35 5.67 70.43
C GLN D 218 -11.08 4.72 71.37
N GLY D 219 -10.67 4.66 72.63
CA GLY D 219 -11.35 3.80 73.57
C GLY D 219 -10.86 2.36 73.53
N ARG D 220 -9.81 2.13 72.75
CA ARG D 220 -9.21 0.81 72.66
C ARG D 220 -8.33 0.48 73.88
N ILE D 221 -7.71 1.50 74.44
CA ILE D 221 -6.99 1.31 75.71
C ILE D 221 -7.69 2.09 76.81
N ASN D 222 -7.87 1.45 77.95
CA ASN D 222 -8.54 2.08 79.07
C ASN D 222 -7.49 2.56 80.04
N PRO D 223 -7.52 3.86 80.39
CA PRO D 223 -6.43 4.45 81.17
C PRO D 223 -6.28 3.77 82.51
N ARG D 224 -7.33 3.07 82.92
CA ARG D 224 -7.30 2.39 84.18
C ARG D 224 -6.29 1.29 84.12
N TYR D 225 -6.13 0.67 82.95
CA TYR D 225 -5.28 -0.49 82.83
C TYR D 225 -3.98 -0.15 82.16
N LEU D 226 -3.57 1.10 82.27
CA LEU D 226 -2.31 1.54 81.72
C LEU D 226 -1.23 0.91 82.57
N LEU D 227 -0.09 0.58 81.98
CA LEU D 227 0.98 -0.11 82.69
C LEU D 227 2.06 0.87 83.09
N GLN D 228 2.83 0.55 84.10
CA GLN D 228 3.98 1.37 84.41
C GLN D 228 4.99 1.24 83.28
N PRO D 229 5.67 2.34 82.95
CA PRO D 229 6.58 2.36 81.78
C PRO D 229 7.67 1.31 81.86
N GLU D 230 8.03 0.94 83.08
CA GLU D 230 9.03 -0.10 83.27
C GLU D 230 8.48 -1.45 82.85
N ALA D 231 7.18 -1.67 83.04
CA ALA D 231 6.57 -2.92 82.58
C ALA D 231 6.64 -3.05 81.08
N ARG D 232 6.34 -1.97 80.38
CA ARG D 232 6.39 -1.97 78.93
C ARG D 232 7.80 -2.18 78.42
N ARG D 233 8.79 -1.65 79.13
CA ARG D 233 10.15 -1.83 78.69
C ARG D 233 10.61 -3.28 78.82
N ILE D 234 10.17 -3.95 79.87
CA ILE D 234 10.47 -5.35 80.06
C ILE D 234 9.78 -6.21 78.99
N ILE D 235 8.52 -5.90 78.72
CA ILE D 235 7.79 -6.60 77.68
C ILE D 235 8.41 -6.36 76.30
N GLN D 236 8.94 -5.16 76.06
CA GLN D 236 9.59 -4.82 74.80
C GLN D 236 10.71 -5.82 74.58
N ASN D 237 11.41 -6.04 75.68
CA ASN D 237 12.61 -6.85 75.70
C ASN D 237 12.32 -8.31 75.46
N VAL D 238 11.29 -8.81 76.10
CA VAL D 238 10.90 -10.19 75.91
C VAL D 238 10.52 -10.45 74.45
N ILE D 239 9.79 -9.52 73.86
CA ILE D 239 9.37 -9.68 72.47
C ILE D 239 10.54 -9.64 71.50
N ARG D 240 11.50 -8.76 71.70
CA ARG D 240 12.61 -8.70 70.77
C ARG D 240 13.44 -9.97 70.87
N LYS D 241 13.54 -10.51 72.09
CA LYS D 241 14.25 -11.77 72.35
C LYS D 241 13.56 -13.01 71.76
N GLY D 242 12.24 -13.00 71.76
CA GLY D 242 11.48 -14.20 71.41
C GLY D 242 11.11 -14.32 69.96
N MET D 243 11.76 -15.24 69.25
CA MET D 243 11.46 -15.48 67.85
C MET D 243 10.09 -16.14 67.66
N VAL D 244 9.85 -17.20 68.42
CA VAL D 244 8.56 -17.89 68.41
C VAL D 244 7.41 -16.95 68.75
N VAL D 245 7.62 -16.07 69.73
CA VAL D 245 6.62 -15.07 70.08
C VAL D 245 6.41 -14.14 68.91
N ARG D 246 7.50 -13.67 68.34
CA ARG D 246 7.43 -12.76 67.21
C ARG D 246 6.79 -13.39 65.98
N HIS D 247 7.08 -14.66 65.74
CA HIS D 247 6.45 -15.40 64.65
C HIS D 247 4.96 -15.41 64.86
N PHE D 248 4.55 -15.68 66.10
CA PHE D 248 3.15 -15.73 66.44
C PHE D 248 2.53 -14.38 66.18
N LEU D 249 3.23 -13.31 66.53
CA LEU D 249 2.68 -11.99 66.31
C LEU D 249 2.50 -11.76 64.83
N THR D 250 3.43 -12.27 64.03
CA THR D 250 3.33 -12.14 62.59
C THR D 250 2.09 -12.83 62.09
N PHE D 251 1.83 -14.01 62.63
CA PHE D 251 0.69 -14.79 62.16
C PHE D 251 -0.59 -14.06 62.47
N GLU D 252 -0.64 -13.43 63.64
CA GLU D 252 -1.79 -12.65 64.02
C GLU D 252 -1.98 -11.43 63.15
N LEU D 253 -0.87 -10.78 62.80
CA LEU D 253 -0.91 -9.57 62.02
C LEU D 253 -1.46 -9.86 60.63
N GLN D 254 -1.09 -11.03 60.10
CA GLN D 254 -1.58 -11.51 58.80
C GLN D 254 -3.07 -11.79 58.82
N LEU D 255 -3.55 -12.31 59.93
CA LEU D 255 -4.97 -12.62 60.06
C LEU D 255 -5.77 -11.34 60.12
N ALA D 256 -5.18 -10.33 60.73
CA ALA D 256 -5.78 -9.02 60.79
C ALA D 256 -5.86 -8.37 59.41
N ARG D 257 -4.94 -8.72 58.53
CA ARG D 257 -4.95 -8.14 57.18
C ARG D 257 -6.10 -8.66 56.36
N ALA D 258 -6.45 -9.92 56.59
CA ALA D 258 -7.44 -10.61 55.80
C ALA D 258 -8.86 -10.41 56.31
N GLN D 259 -9.01 -9.57 57.33
CA GLN D 259 -10.32 -9.42 57.94
C GLN D 259 -11.23 -8.64 57.00
N SER D 260 -12.53 -8.82 57.17
CA SER D 260 -13.52 -8.10 56.38
C SER D 260 -13.59 -6.68 56.90
N LEU D 261 -14.27 -5.81 56.17
CA LEU D 261 -14.44 -4.45 56.67
C LEU D 261 -15.27 -4.49 57.93
N VAL D 262 -16.17 -5.46 58.01
CA VAL D 262 -16.90 -5.70 59.23
C VAL D 262 -16.22 -6.83 60.00
N SER D 263 -15.72 -6.51 61.18
CA SER D 263 -14.78 -7.37 61.90
C SER D 263 -15.17 -7.42 63.36
N ASN D 264 -14.28 -7.92 64.21
CA ASN D 264 -14.53 -7.85 65.66
C ASN D 264 -13.58 -6.89 66.37
N ARG D 265 -13.80 -6.70 67.66
CA ARG D 265 -13.15 -5.62 68.41
C ARG D 265 -11.65 -5.78 68.45
N TYR D 266 -11.19 -6.98 68.75
CA TYR D 266 -9.75 -7.23 68.85
C TYR D 266 -9.00 -7.10 67.53
N TYR D 267 -9.48 -7.73 66.48
CA TYR D 267 -8.74 -7.75 65.22
C TYR D 267 -8.76 -6.44 64.46
N ALA D 268 -9.80 -5.64 64.65
CA ALA D 268 -9.80 -4.28 64.13
C ALA D 268 -8.69 -3.49 64.79
N MET D 269 -8.54 -3.75 66.08
CA MET D 269 -7.55 -3.13 66.93
C MET D 269 -6.14 -3.52 66.52
N VAL D 270 -5.93 -4.82 66.34
CA VAL D 270 -4.64 -5.37 65.94
C VAL D 270 -4.26 -4.94 64.54
N GLY D 271 -5.23 -4.89 63.65
CA GLY D 271 -4.98 -4.45 62.30
C GLY D 271 -4.52 -3.01 62.24
N ASP D 272 -5.11 -2.18 63.10
CA ASP D 272 -4.77 -0.77 63.13
C ASP D 272 -3.35 -0.59 63.62
N VAL D 273 -2.99 -1.26 64.72
CA VAL D 273 -1.65 -1.11 65.28
C VAL D 273 -0.66 -1.76 64.35
N GLY D 274 -1.12 -2.73 63.59
CA GLY D 274 -0.28 -3.45 62.66
C GLY D 274 0.30 -2.57 61.56
N LYS D 275 -0.41 -1.52 61.20
CA LYS D 275 0.03 -0.68 60.09
C LYS D 275 1.24 0.15 60.50
N TYR D 276 1.42 0.37 61.79
CA TYR D 276 2.64 0.98 62.29
C TYR D 276 3.81 0.00 62.27
N ILE D 277 3.52 -1.27 62.56
CA ILE D 277 4.55 -2.32 62.60
C ILE D 277 5.06 -2.75 61.21
N GLU D 278 4.23 -2.63 60.18
CA GLU D 278 4.61 -3.05 58.83
C GLU D 278 5.88 -2.34 58.37
N ASN D 279 6.79 -3.08 57.75
CA ASN D 279 8.01 -2.52 57.17
C ASN D 279 8.91 -1.88 58.21
N CYS D 280 8.71 -2.26 59.46
CA CYS D 280 9.61 -1.92 60.54
C CYS D 280 11.03 -2.31 60.17
N GLY D 281 12.00 -1.49 60.52
CA GLY D 281 13.39 -1.90 60.42
C GLY D 281 13.94 -1.69 59.03
N MET D 282 13.14 -1.08 58.17
CA MET D 282 13.53 -0.89 56.79
C MET D 282 13.53 0.58 56.40
N GLY D 283 13.81 1.43 57.37
CA GLY D 283 13.70 2.86 57.15
C GLY D 283 14.61 3.36 56.06
N GLY D 284 15.83 2.83 56.02
CA GLY D 284 16.81 3.31 55.06
C GLY D 284 16.34 3.09 53.64
N PHE D 285 15.72 1.95 53.38
CA PHE D 285 15.23 1.63 52.05
C PHE D 285 14.05 2.50 51.66
N PHE D 286 13.03 2.53 52.51
CA PHE D 286 11.80 3.23 52.19
C PHE D 286 11.93 4.74 52.22
N LEU D 287 12.80 5.24 53.09
CA LEU D 287 13.04 6.68 53.12
C LEU D 287 13.80 7.12 51.88
N THR D 288 14.71 6.29 51.40
CA THR D 288 15.43 6.58 50.16
C THR D 288 14.49 6.63 48.97
N LEU D 289 13.57 5.68 48.89
CA LEU D 289 12.57 5.70 47.82
C LEU D 289 11.75 6.99 47.89
N LYS D 290 11.32 7.33 49.10
CA LYS D 290 10.42 8.46 49.32
C LYS D 290 11.02 9.79 48.90
N TYR D 291 12.22 10.07 49.38
CA TYR D 291 12.85 11.36 49.12
C TYR D 291 13.70 11.41 47.86
N ALA D 292 14.51 10.39 47.61
CA ALA D 292 15.32 10.42 46.40
C ALA D 292 14.47 10.26 45.15
N LEU D 293 13.61 9.25 45.14
CA LEU D 293 12.83 8.97 43.94
C LEU D 293 11.51 9.71 43.92
N GLY D 294 10.91 9.89 45.08
CA GLY D 294 9.63 10.57 45.18
C GLY D 294 9.67 12.01 44.74
N THR D 295 10.73 12.72 45.08
CA THR D 295 10.88 14.12 44.72
C THR D 295 11.13 14.31 43.22
N ARG D 296 11.80 13.36 42.59
CA ARG D 296 12.05 13.42 41.15
C ARG D 296 12.72 14.74 40.77
N TRP D 297 13.71 15.15 41.54
CA TRP D 297 14.42 16.37 41.22
C TRP D 297 15.50 16.10 40.21
N PRO D 298 15.97 17.14 39.52
CA PRO D 298 16.90 16.95 38.41
C PRO D 298 18.21 16.28 38.80
N THR D 299 18.60 16.38 40.05
CA THR D 299 19.86 15.80 40.52
C THR D 299 19.86 14.28 40.44
N LEU D 300 18.68 13.68 40.24
CA LEU D 300 18.60 12.24 40.13
C LEU D 300 19.24 11.77 38.83
N ALA D 301 19.59 12.72 37.97
CA ALA D 301 20.13 12.38 36.67
C ALA D 301 21.64 12.32 36.73
N LEU D 302 22.19 12.48 37.92
CA LEU D 302 23.63 12.38 38.08
C LEU D 302 24.10 11.00 37.67
N ALA D 303 25.28 10.94 37.04
CA ALA D 303 25.80 9.68 36.57
C ALA D 303 26.20 8.78 37.73
N ALA D 304 26.61 9.37 38.84
CA ALA D 304 27.02 8.59 40.00
C ALA D 304 25.87 7.73 40.52
N PHE D 305 24.65 8.24 40.45
CA PHE D 305 23.49 7.49 40.93
C PHE D 305 23.12 6.34 40.01
N SER D 306 23.75 6.26 38.85
CA SER D 306 23.26 5.37 37.80
C SER D 306 23.23 3.91 38.21
N GLY D 307 24.31 3.41 38.80
CA GLY D 307 24.33 2.03 39.24
C GLY D 307 23.40 1.77 40.41
N GLU D 308 23.38 2.71 41.35
CA GLU D 308 22.59 2.57 42.56
C GLU D 308 21.11 2.60 42.22
N LEU D 309 20.76 3.32 41.16
CA LEU D 309 19.38 3.37 40.72
C LEU D 309 18.89 2.02 40.23
N THR D 310 19.76 1.27 39.54
CA THR D 310 19.44 -0.09 39.12
C THR D 310 19.28 -1.01 40.33
N LYS D 311 20.09 -0.76 41.36
CA LYS D 311 20.05 -1.54 42.57
C LYS D 311 18.73 -1.36 43.30
N LEU D 312 18.24 -0.12 43.38
CA LEU D 312 16.95 0.14 44.00
C LEU D 312 15.86 -0.54 43.21
N LYS D 313 16.02 -0.56 41.90
CA LYS D 313 15.05 -1.17 41.00
C LYS D 313 14.95 -2.67 41.25
N SER D 314 16.10 -3.31 41.45
CA SER D 314 16.16 -4.72 41.81
C SER D 314 15.52 -5.00 43.16
N LEU D 315 15.78 -4.14 44.12
CA LEU D 315 15.26 -4.33 45.47
C LEU D 315 13.74 -4.23 45.54
N MET D 316 13.16 -3.31 44.79
CA MET D 316 11.72 -3.23 44.73
C MET D 316 11.18 -4.49 44.11
N ALA D 317 11.85 -4.95 43.06
CA ALA D 317 11.44 -6.18 42.39
C ALA D 317 11.52 -7.34 43.36
N LEU D 318 12.59 -7.35 44.15
CA LEU D 318 12.79 -8.38 45.15
C LEU D 318 11.71 -8.31 46.20
N TYR D 319 11.36 -7.10 46.60
CA TYR D 319 10.37 -6.92 47.66
C TYR D 319 9.02 -7.51 47.29
N GLN D 320 8.61 -7.38 46.04
CA GLN D 320 7.33 -7.94 45.63
C GLN D 320 7.33 -9.45 45.55
N THR D 321 8.42 -10.05 45.07
CA THR D 321 8.47 -11.50 44.94
C THR D 321 8.37 -12.16 46.30
N LEU D 322 8.77 -11.45 47.34
CA LEU D 322 8.75 -12.04 48.68
C LEU D 322 7.34 -12.34 49.19
N GLY D 323 6.35 -11.54 48.77
CA GLY D 323 4.98 -11.81 49.14
C GLY D 323 4.44 -10.90 50.22
N GLU D 324 3.39 -11.35 50.89
CA GLU D 324 2.78 -10.57 51.97
C GLU D 324 3.73 -10.39 53.14
N GLN D 325 4.60 -11.36 53.33
CA GLN D 325 5.41 -11.43 54.54
C GLN D 325 6.63 -10.53 54.43
N ALA D 326 6.77 -9.84 53.30
CA ALA D 326 7.84 -8.88 53.13
C ALA D 326 7.66 -7.72 54.08
N ARG D 327 6.47 -7.57 54.64
CA ARG D 327 6.18 -6.52 55.61
C ARG D 327 6.81 -6.83 56.96
N TYR D 328 7.14 -8.10 57.18
CA TYR D 328 7.50 -8.55 58.51
C TYR D 328 8.93 -9.08 58.61
N LEU D 329 9.81 -8.61 57.72
CA LEU D 329 11.18 -9.13 57.68
C LEU D 329 11.95 -8.85 58.97
N ALA D 330 11.74 -7.68 59.55
CA ALA D 330 12.44 -7.33 60.79
C ALA D 330 11.97 -8.25 61.91
N LEU D 331 10.66 -8.45 62.01
CA LEU D 331 10.07 -9.30 63.03
C LEU D 331 10.50 -10.75 62.86
N LEU D 332 10.51 -11.19 61.61
CA LEU D 332 10.84 -12.56 61.25
C LEU D 332 12.32 -12.87 61.40
N GLU D 333 13.12 -11.82 61.42
CA GLU D 333 14.58 -11.93 61.52
C GLU D 333 15.16 -12.48 60.23
N SER D 334 14.51 -12.17 59.13
CA SER D 334 14.92 -12.67 57.82
C SER D 334 16.22 -12.08 57.34
N PRO D 335 17.08 -12.93 56.76
CA PRO D 335 18.35 -12.51 56.18
C PRO D 335 18.12 -11.53 55.04
N HIS D 336 16.91 -11.53 54.48
CA HIS D 336 16.60 -10.63 53.38
C HIS D 336 16.70 -9.19 53.80
N LEU D 337 16.69 -8.96 55.11
CA LEU D 337 16.74 -7.60 55.60
C LEU D 337 18.09 -7.01 55.29
N MET D 338 19.05 -7.89 55.04
CA MET D 338 20.39 -7.48 54.66
C MET D 338 20.44 -6.95 53.23
N ASP D 339 19.55 -7.46 52.39
CA ASP D 339 19.53 -7.06 50.98
C ASP D 339 19.19 -5.59 50.80
N PHE D 340 18.34 -5.06 51.68
CA PHE D 340 17.83 -3.72 51.55
C PHE D 340 18.67 -2.75 52.35
N ALA D 341 19.79 -3.24 52.85
CA ALA D 341 20.67 -2.39 53.64
C ALA D 341 21.17 -1.24 52.79
N ALA D 342 21.23 -0.07 53.39
CA ALA D 342 21.52 1.15 52.65
C ALA D 342 22.94 1.16 52.09
N ALA D 343 23.80 0.28 52.63
CA ALA D 343 25.19 0.25 52.22
C ALA D 343 25.36 -0.12 50.75
N ASN D 344 24.33 -0.75 50.20
CA ASN D 344 24.33 -1.10 48.78
C ASN D 344 24.13 0.10 47.87
N TYR D 345 23.48 1.14 48.39
CA TYR D 345 23.26 2.37 47.65
C TYR D 345 23.61 3.60 48.46
N PRO D 346 24.88 3.74 48.84
CA PRO D 346 25.35 4.74 49.82
C PRO D 346 25.17 6.17 49.37
N LEU D 347 25.40 6.44 48.09
CA LEU D 347 25.27 7.81 47.58
C LEU D 347 23.82 8.30 47.60
N LEU D 348 22.92 7.51 47.02
CA LEU D 348 21.50 7.84 46.98
C LEU D 348 20.92 7.94 48.37
N TYR D 349 21.39 7.09 49.27
CA TYR D 349 20.90 7.10 50.64
C TYR D 349 21.27 8.42 51.29
N SER D 350 22.54 8.79 51.19
CA SER D 350 23.03 10.06 51.71
C SER D 350 22.24 11.23 51.13
N TYR D 351 22.09 11.18 49.81
CA TYR D 351 21.39 12.22 49.07
C TYR D 351 19.94 12.31 49.51
N ALA D 352 19.29 11.17 49.66
CA ALA D 352 17.90 11.15 50.12
C ALA D 352 17.79 11.66 51.55
N MET D 353 18.76 11.32 52.39
CA MET D 353 18.73 11.71 53.78
C MET D 353 18.82 13.23 53.92
N GLY D 354 19.64 13.85 53.08
CA GLY D 354 19.78 15.30 53.08
C GLY D 354 18.48 15.98 52.67
N ILE D 355 17.79 15.41 51.69
CA ILE D 355 16.51 15.94 51.25
C ILE D 355 15.50 15.89 52.36
N GLY D 356 15.43 14.76 53.05
CA GLY D 356 14.47 14.57 54.11
C GLY D 356 14.69 15.56 55.22
N TYR D 357 15.95 15.86 55.47
CA TYR D 357 16.33 16.68 56.60
C TYR D 357 15.70 18.06 56.48
N VAL D 358 15.72 18.64 55.29
CA VAL D 358 15.05 19.93 55.10
C VAL D 358 13.54 19.78 54.81
N LEU D 359 13.16 18.77 54.04
CA LEU D 359 11.76 18.61 53.65
C LEU D 359 10.85 18.24 54.81
N ASP D 360 11.38 17.49 55.78
CA ASP D 360 10.60 17.07 56.95
C ASP D 360 11.32 17.41 58.25
N VAL D 361 10.62 18.09 59.17
CA VAL D 361 11.23 18.49 60.44
C VAL D 361 11.50 17.31 61.35
N ASN D 362 10.65 16.28 61.26
CA ASN D 362 10.80 15.10 62.10
C ASN D 362 11.99 14.23 61.70
N MET D 363 12.48 14.43 60.47
CA MET D 363 13.60 13.67 59.95
C MET D 363 14.88 13.90 60.75
N ARG D 364 14.95 15.03 61.45
CA ARG D 364 16.11 15.38 62.25
C ARG D 364 16.40 14.29 63.29
N ASN D 365 15.35 13.71 63.85
CA ASN D 365 15.53 12.73 64.93
C ASN D 365 15.66 11.28 64.45
N TYR D 366 15.65 11.08 63.14
CA TYR D 366 16.00 9.79 62.58
C TYR D 366 17.50 9.61 62.70
N ALA D 367 17.94 8.38 62.96
CA ALA D 367 19.36 8.09 63.06
C ALA D 367 19.95 7.81 61.67
N PHE D 368 20.09 8.85 60.87
CA PHE D 368 20.52 8.68 59.49
C PHE D 368 22.01 8.49 59.35
N SER D 369 22.75 8.81 60.41
CA SER D 369 24.20 8.75 60.35
C SER D 369 24.65 7.31 60.24
N ARG D 370 25.61 7.06 59.35
CA ARG D 370 26.09 5.72 59.05
C ARG D 370 27.55 5.77 58.66
N SER D 371 28.20 4.62 58.67
CA SER D 371 29.60 4.52 58.32
C SER D 371 29.88 4.91 56.88
N TYR D 372 29.01 4.43 55.99
CA TYR D 372 29.21 4.56 54.55
C TYR D 372 28.57 5.83 54.04
N MET D 373 28.07 6.59 54.99
CA MET D 373 27.40 7.85 54.71
C MET D 373 28.39 8.82 54.08
N ASN D 374 27.99 9.44 52.99
CA ASN D 374 28.87 10.30 52.22
C ASN D 374 28.48 11.76 52.41
N LYS D 375 29.29 12.52 53.13
CA LYS D 375 28.91 13.86 53.55
C LYS D 375 28.74 14.83 52.38
N THR D 376 29.46 14.61 51.30
CA THR D 376 29.32 15.45 50.13
C THR D 376 27.94 15.34 49.54
N TYR D 377 27.47 14.11 49.37
CA TYR D 377 26.15 13.86 48.82
C TYR D 377 25.01 14.17 49.78
N PHE D 378 25.26 14.07 51.08
CA PHE D 378 24.25 14.50 52.05
C PHE D 378 23.92 15.95 51.85
N GLN D 379 24.98 16.75 51.75
CA GLN D 379 24.86 18.19 51.58
C GLN D 379 24.25 18.54 50.23
N LEU D 380 24.57 17.73 49.21
CA LEU D 380 23.99 17.92 47.88
C LEU D 380 22.48 17.72 47.98
N GLY D 381 22.08 16.72 48.75
CA GLY D 381 20.68 16.43 48.97
C GLY D 381 20.05 17.58 49.71
N MET D 382 20.81 18.16 50.62
CA MET D 382 20.34 19.25 51.47
C MET D 382 20.04 20.43 50.57
N GLU D 383 20.99 20.69 49.68
CA GLU D 383 20.91 21.80 48.76
C GLU D 383 19.90 21.68 47.66
N THR D 384 19.77 20.49 47.10
CA THR D 384 18.83 20.26 46.01
C THR D 384 17.44 20.66 46.43
N ALA D 385 17.10 20.26 47.64
CA ALA D 385 15.82 20.55 48.23
C ALA D 385 15.64 22.04 48.51
N ARG D 386 16.73 22.74 48.79
CA ARG D 386 16.66 24.17 48.97
C ARG D 386 16.63 24.90 47.64
N LYS D 387 17.52 24.48 46.74
CA LYS D 387 17.61 25.08 45.43
C LYS D 387 16.52 24.71 44.45
N GLN D 388 16.07 23.47 44.48
CA GLN D 388 15.11 23.03 43.49
C GLN D 388 13.79 22.49 44.04
N GLN D 389 12.91 23.39 44.45
CA GLN D 389 11.57 22.99 44.84
C GLN D 389 10.66 23.48 43.75
N GLY D 390 11.16 24.50 43.04
CA GLY D 390 10.47 25.04 41.90
C GLY D 390 10.56 24.11 40.72
N ALA D 391 11.37 23.07 40.85
CA ALA D 391 11.55 22.10 39.79
C ALA D 391 10.21 21.44 39.51
N VAL D 392 9.91 21.20 38.24
CA VAL D 392 8.60 20.66 37.88
C VAL D 392 8.74 19.29 37.25
N ASP D 393 7.69 18.49 37.38
CA ASP D 393 7.66 17.20 36.72
C ASP D 393 7.20 17.51 35.30
N MET D 394 8.10 17.36 34.35
CA MET D 394 7.86 17.81 33.00
C MET D 394 6.76 17.05 32.32
N ARG D 395 6.40 15.90 32.86
CA ARG D 395 5.31 15.16 32.25
C ARG D 395 3.99 15.67 32.80
N MET D 396 3.98 16.13 34.04
CA MET D 396 2.83 16.82 34.59
C MET D 396 2.71 18.19 33.96
N ALA D 397 3.83 18.87 33.82
CA ALA D 397 3.82 20.23 33.33
C ALA D 397 3.24 20.31 31.93
N GLU D 398 3.47 19.28 31.13
CA GLU D 398 2.92 19.26 29.79
C GLU D 398 1.42 18.90 29.80
N ASP D 399 0.99 18.03 30.70
CA ASP D 399 -0.43 17.68 30.73
C ASP D 399 -1.27 18.88 31.13
N LEU D 400 -0.72 19.73 31.96
CA LEU D 400 -1.35 20.99 32.33
C LEU D 400 -1.09 22.10 31.31
N GLY D 401 -0.30 21.79 30.29
CA GLY D 401 0.06 22.76 29.26
C GLY D 401 0.76 23.99 29.78
N LEU D 402 1.67 23.79 30.74
CA LEU D 402 2.40 24.86 31.39
C LEU D 402 3.36 25.54 30.43
N THR D 403 3.49 26.86 30.53
CA THR D 403 4.44 27.56 29.70
C THR D 403 5.63 27.85 30.59
N GLN D 404 6.78 28.16 29.99
CA GLN D 404 8.02 28.26 30.75
C GLN D 404 8.08 29.54 31.56
N ALA D 405 7.22 30.50 31.24
CA ALA D 405 7.07 31.68 32.08
C ALA D 405 6.34 31.30 33.35
N GLU D 406 5.33 30.46 33.19
CA GLU D 406 4.56 29.98 34.31
C GLU D 406 5.44 29.16 35.23
N ARG D 407 6.35 28.40 34.65
CA ARG D 407 7.25 27.59 35.46
C ARG D 407 8.21 28.46 36.27
N THR D 408 8.67 29.56 35.69
CA THR D 408 9.83 30.24 36.25
C THR D 408 9.56 31.01 37.52
N GLU D 409 8.49 31.77 37.56
CA GLU D 409 8.24 32.47 38.79
C GLU D 409 7.25 31.73 39.64
N MET D 410 6.84 30.55 39.20
CA MET D 410 6.31 29.56 40.11
C MET D 410 7.43 29.05 40.96
N ALA D 411 8.53 28.83 40.29
CA ALA D 411 9.75 28.39 40.94
C ALA D 411 10.24 29.44 41.90
N ASN D 412 10.12 30.69 41.46
CA ASN D 412 10.51 31.84 42.28
C ASN D 412 9.49 32.32 43.31
N THR D 413 8.23 31.92 43.18
CA THR D 413 7.28 32.13 44.29
C THR D 413 7.70 31.26 45.44
N LEU D 414 8.02 30.02 45.10
CA LEU D 414 8.43 29.03 46.07
C LEU D 414 9.84 29.26 46.60
N ALA D 415 10.72 29.77 45.75
CA ALA D 415 12.07 30.14 46.16
C ALA D 415 12.05 31.26 47.19
N LYS D 416 11.13 32.22 47.01
CA LYS D 416 10.94 33.29 47.98
C LYS D 416 10.48 32.74 49.34
N LEU D 417 9.64 31.70 49.33
CA LEU D 417 9.14 31.10 50.58
C LEU D 417 9.99 29.94 51.08
N SER E 19 -25.57 22.69 13.74
CA SER E 19 -26.27 21.49 14.20
C SER E 19 -27.72 21.79 14.50
N VAL E 20 -27.95 22.87 15.25
CA VAL E 20 -29.28 23.37 15.46
C VAL E 20 -29.86 23.93 14.18
N LEU E 21 -29.03 24.60 13.38
CA LEU E 21 -29.52 25.15 12.12
C LEU E 21 -29.81 24.06 11.15
N LYS E 22 -28.99 23.02 11.18
CA LYS E 22 -29.24 21.88 10.33
C LYS E 22 -30.50 21.18 10.76
N ALA E 23 -30.77 21.20 12.05
CA ALA E 23 -32.01 20.63 12.54
C ALA E 23 -33.21 21.42 12.03
N TYR E 24 -33.06 22.74 11.98
CA TYR E 24 -34.13 23.61 11.51
C TYR E 24 -34.42 23.31 10.04
N GLU E 25 -33.37 22.97 9.28
CA GLU E 25 -33.58 22.62 7.88
C GLU E 25 -34.41 21.38 7.72
N ARG E 26 -34.09 20.34 8.46
CA ARG E 26 -34.87 19.12 8.27
C ARG E 26 -36.21 19.21 8.94
N PHE E 27 -36.32 20.04 9.99
CA PHE E 27 -37.61 20.26 10.62
C PHE E 27 -38.55 20.92 9.63
N THR E 28 -38.06 21.95 8.94
CA THR E 28 -38.86 22.65 7.96
C THR E 28 -39.31 21.72 6.85
N LEU E 29 -38.37 20.93 6.35
CA LEU E 29 -38.64 20.07 5.20
C LEU E 29 -39.50 18.86 5.54
N THR E 30 -39.24 18.20 6.67
CA THR E 30 -40.02 17.03 7.01
C THR E 30 -41.47 17.38 7.36
N GLN E 31 -41.68 18.49 8.06
CA GLN E 31 -43.06 18.85 8.42
C GLN E 31 -43.89 19.29 7.23
N GLU E 32 -43.24 19.85 6.22
CA GLU E 32 -43.94 20.17 4.99
C GLU E 32 -44.35 18.89 4.27
N LEU E 33 -43.44 17.91 4.25
CA LEU E 33 -43.69 16.65 3.56
C LEU E 33 -44.26 15.52 4.42
N GLN E 34 -44.31 15.67 5.75
CA GLN E 34 -44.92 14.62 6.55
C GLN E 34 -46.41 14.91 6.50
N ASP E 35 -47.19 13.92 6.04
CA ASP E 35 -48.47 14.20 5.40
C ASP E 35 -48.72 13.13 4.36
N GLN E 36 -47.89 13.26 3.33
CA GLN E 36 -48.19 13.00 1.94
C GLN E 36 -47.51 11.74 1.31
N SER E 37 -46.80 10.95 2.12
CA SER E 37 -46.37 9.62 1.68
C SER E 37 -47.56 8.73 1.34
N GLU E 38 -48.41 8.42 2.33
CA GLU E 38 -49.61 7.65 2.00
C GLU E 38 -50.58 8.53 1.19
N GLU E 39 -51.32 7.87 0.31
CA GLU E 39 -52.19 8.50 -0.65
C GLU E 39 -53.45 9.11 -0.05
N GLY E 40 -54.10 9.99 -0.81
CA GLY E 40 -55.29 10.69 -0.35
C GLY E 40 -56.44 9.74 -0.10
N THR E 41 -57.20 10.02 0.94
CA THR E 41 -58.37 9.23 1.29
C THR E 41 -59.60 10.00 0.85
N ILE E 42 -60.53 9.31 0.21
CA ILE E 42 -61.68 9.98 -0.36
C ILE E 42 -62.54 10.46 0.81
N PRO E 43 -63.00 11.72 0.76
CA PRO E 43 -63.51 12.36 1.96
C PRO E 43 -64.82 11.77 2.45
N PRO E 44 -65.19 12.10 3.69
CA PRO E 44 -66.48 11.62 4.19
C PRO E 44 -67.61 12.10 3.30
N THR E 45 -68.63 11.28 3.12
CA THR E 45 -69.67 11.62 2.16
C THR E 45 -70.56 12.72 2.73
N THR E 46 -71.09 13.53 1.83
CA THR E 46 -71.80 14.74 2.19
C THR E 46 -73.05 14.84 1.31
N LEU E 47 -74.04 15.66 1.68
CA LEU E 47 -75.19 15.81 0.83
C LEU E 47 -74.80 16.62 -0.39
N LYS E 48 -75.38 16.31 -1.54
CA LYS E 48 -75.02 17.01 -2.77
C LYS E 48 -76.24 17.41 -3.59
N PRO E 49 -76.13 18.54 -4.30
CA PRO E 49 -77.22 18.88 -5.21
C PRO E 49 -77.13 17.96 -6.42
N VAL E 50 -78.24 17.62 -7.06
CA VAL E 50 -78.14 16.81 -8.27
C VAL E 50 -78.00 17.74 -9.48
N ILE E 51 -77.03 17.41 -10.33
CA ILE E 51 -76.79 18.10 -11.56
C ILE E 51 -77.40 17.32 -12.73
N ARG E 52 -78.16 18.01 -13.56
CA ARG E 52 -78.81 17.37 -14.69
C ARG E 52 -78.05 17.57 -15.98
N VAL E 53 -77.66 16.47 -16.61
CA VAL E 53 -76.88 16.56 -17.82
C VAL E 53 -77.70 15.91 -18.91
N PHE E 54 -77.76 16.49 -20.10
CA PHE E 54 -78.54 15.87 -21.16
C PHE E 54 -77.71 14.91 -22.00
N ILE E 55 -78.28 13.75 -22.29
CA ILE E 55 -77.58 12.73 -23.05
C ILE E 55 -78.23 12.57 -24.41
N LEU E 56 -77.42 12.69 -25.45
CA LEU E 56 -77.90 12.53 -26.82
C LEU E 56 -77.30 11.27 -27.43
N THR E 57 -78.14 10.33 -27.84
CA THR E 57 -77.66 9.09 -28.43
C THR E 57 -77.44 9.31 -29.93
N SER E 58 -78.15 10.30 -30.47
CA SER E 58 -78.11 10.61 -31.90
C SER E 58 -76.86 11.37 -32.33
N ASN E 59 -76.41 11.08 -33.55
CA ASN E 59 -75.28 11.76 -34.13
C ASN E 59 -75.75 12.79 -35.15
N ASN E 60 -77.05 13.06 -35.16
CA ASN E 60 -77.62 13.99 -36.11
C ASN E 60 -77.14 15.41 -35.84
N PRO E 61 -76.59 16.08 -36.86
CA PRO E 61 -76.01 17.41 -36.73
C PRO E 61 -77.02 18.45 -36.25
N GLU E 62 -78.27 18.33 -36.66
CA GLU E 62 -79.29 19.30 -36.26
C GLU E 62 -79.64 19.18 -34.78
N LEU E 63 -79.69 17.95 -34.26
CA LEU E 63 -79.95 17.75 -32.84
C LEU E 63 -78.78 18.16 -31.97
N ARG E 64 -77.58 17.83 -32.41
CA ARG E 64 -76.40 18.22 -31.66
C ARG E 64 -76.35 19.73 -31.57
N SER E 65 -76.58 20.41 -32.68
CA SER E 65 -76.50 21.87 -32.73
C SER E 65 -77.60 22.54 -31.93
N ARG E 66 -78.80 21.98 -31.99
CA ARG E 66 -79.91 22.61 -31.31
C ARG E 66 -79.76 22.41 -29.82
N LEU E 67 -79.21 21.27 -29.41
CA LEU E 67 -78.93 21.02 -27.99
C LEU E 67 -77.81 21.90 -27.45
N LEU E 68 -76.79 22.18 -28.27
CA LEU E 68 -75.71 23.07 -27.84
C LEU E 68 -76.28 24.45 -27.61
N LEU E 69 -77.11 24.89 -28.55
CA LEU E 69 -77.75 26.19 -28.49
C LEU E 69 -78.72 26.24 -27.32
N PHE E 70 -79.43 25.13 -27.09
CA PHE E 70 -80.37 25.02 -25.99
C PHE E 70 -79.67 25.20 -24.66
N CYS E 71 -78.57 24.47 -24.50
CA CYS E 71 -77.81 24.48 -23.24
C CYS E 71 -77.08 25.79 -23.00
N LEU E 72 -76.58 26.40 -24.06
CA LEU E 72 -75.86 27.67 -23.95
C LEU E 72 -76.81 28.73 -23.42
N ARG E 73 -78.05 28.67 -23.88
CA ARG E 73 -79.06 29.58 -23.43
C ARG E 73 -79.44 29.39 -21.97
N ILE E 74 -79.48 28.14 -21.53
CA ILE E 74 -79.74 27.87 -20.12
C ILE E 74 -78.64 28.42 -19.23
N VAL E 75 -77.39 28.29 -19.67
CA VAL E 75 -76.27 28.81 -18.88
C VAL E 75 -76.35 30.33 -18.76
N LEU E 76 -76.77 30.98 -19.84
CA LEU E 76 -76.83 32.43 -19.84
C LEU E 76 -78.15 32.96 -19.33
N SER E 77 -79.12 32.06 -19.14
CA SER E 77 -80.47 32.47 -18.82
C SER E 77 -80.52 33.26 -17.52
N ASN E 78 -81.48 34.16 -17.44
CA ASN E 78 -81.67 34.98 -16.26
C ASN E 78 -82.10 34.21 -15.02
N GLY E 79 -83.08 33.31 -15.19
CA GLY E 79 -83.72 32.66 -14.06
C GLY E 79 -83.24 31.30 -13.59
N ALA E 80 -82.31 30.67 -14.30
CA ALA E 80 -81.88 29.32 -13.96
C ALA E 80 -81.07 29.32 -12.67
N ARG E 81 -81.22 28.24 -11.91
CA ARG E 81 -80.39 28.02 -10.72
C ARG E 81 -79.04 27.47 -11.13
N ASP E 82 -78.13 27.44 -10.17
CA ASP E 82 -76.76 27.03 -10.45
C ASP E 82 -76.74 25.61 -10.99
N SER E 83 -77.56 24.75 -10.42
CA SER E 83 -77.55 23.34 -10.79
C SER E 83 -77.91 23.16 -12.26
N HIS E 84 -78.77 24.03 -12.76
CA HIS E 84 -79.11 24.03 -14.18
C HIS E 84 -77.95 24.47 -15.05
N ARG E 85 -77.27 25.54 -14.63
CA ARG E 85 -76.18 26.10 -15.42
C ARG E 85 -75.02 25.10 -15.51
N PHE E 86 -74.72 24.45 -14.39
CA PHE E 86 -73.66 23.47 -14.31
C PHE E 86 -74.02 22.30 -15.21
N GLY E 87 -75.27 21.88 -15.13
CA GLY E 87 -75.75 20.76 -15.90
C GLY E 87 -75.72 21.02 -17.38
N ALA E 88 -76.10 22.22 -17.78
CA ALA E 88 -76.07 22.61 -19.19
C ALA E 88 -74.62 22.68 -19.68
N LEU E 89 -73.73 23.21 -18.84
CA LEU E 89 -72.32 23.29 -19.21
C LEU E 89 -71.71 21.92 -19.43
N LEU E 90 -71.96 21.00 -18.51
CA LEU E 90 -71.40 19.65 -18.60
C LEU E 90 -71.90 18.98 -19.87
N THR E 91 -73.13 19.29 -20.25
CA THR E 91 -73.70 18.78 -21.49
C THR E 91 -72.98 19.35 -22.70
N MET E 92 -72.70 20.64 -22.69
CA MET E 92 -72.05 21.24 -23.83
C MET E 92 -70.68 20.63 -24.07
N PHE E 93 -69.92 20.47 -22.99
CA PHE E 93 -68.57 19.94 -23.07
C PHE E 93 -68.54 18.47 -23.50
N SER E 94 -69.68 17.80 -23.41
CA SER E 94 -69.79 16.39 -23.81
C SER E 94 -70.37 16.22 -25.20
N LEU E 95 -70.76 17.32 -25.82
CA LEU E 95 -71.34 17.24 -27.14
C LEU E 95 -70.37 16.80 -28.25
N PRO E 96 -69.05 17.03 -28.11
CA PRO E 96 -68.22 16.47 -29.17
C PRO E 96 -68.15 14.95 -29.24
N SER E 97 -68.47 14.26 -28.14
CA SER E 97 -68.26 12.81 -28.09
C SER E 97 -69.17 12.00 -28.97
N ALA E 98 -68.61 10.93 -29.51
CA ALA E 98 -69.37 9.96 -30.28
C ALA E 98 -70.38 9.30 -29.37
N THR E 99 -69.99 9.07 -28.12
CA THR E 99 -70.93 8.64 -27.10
C THR E 99 -70.87 9.58 -25.90
N MET E 100 -71.91 10.40 -25.76
CA MET E 100 -71.96 11.35 -24.66
C MET E 100 -72.01 10.67 -23.33
N LEU E 101 -72.61 9.50 -23.29
CA LEU E 101 -72.84 8.84 -22.02
C LEU E 101 -71.50 8.52 -21.36
N ASN E 102 -70.57 7.99 -22.15
CA ASN E 102 -69.26 7.62 -21.64
C ASN E 102 -68.53 8.82 -21.11
N HIS E 103 -68.72 9.93 -21.79
CA HIS E 103 -68.01 11.13 -21.47
C HIS E 103 -68.61 11.86 -20.26
N VAL E 104 -69.90 11.66 -20.01
CA VAL E 104 -70.52 12.16 -18.80
C VAL E 104 -70.11 11.36 -17.56
N LYS E 105 -69.78 10.08 -17.73
CA LYS E 105 -69.39 9.25 -16.60
C LYS E 105 -68.05 9.71 -16.03
N LEU E 106 -67.35 10.57 -16.77
CA LEU E 106 -66.14 11.18 -16.26
C LEU E 106 -66.47 12.07 -15.07
N ALA E 107 -67.59 12.78 -15.16
CA ALA E 107 -68.00 13.68 -14.08
C ALA E 107 -68.30 12.89 -12.83
N ASP E 108 -68.69 11.63 -13.01
CA ASP E 108 -69.10 10.79 -11.90
C ASP E 108 -67.92 10.51 -10.98
N GLN E 109 -66.72 10.80 -11.47
CA GLN E 109 -65.50 10.55 -10.73
C GLN E 109 -65.28 11.63 -9.67
N SER E 110 -66.09 12.67 -9.70
CA SER E 110 -66.02 13.74 -8.70
C SER E 110 -66.81 13.40 -7.45
N PRO E 111 -66.20 13.60 -6.28
CA PRO E 111 -66.83 13.31 -5.00
C PRO E 111 -67.98 14.24 -4.67
N GLU E 112 -68.12 15.31 -5.44
CA GLU E 112 -69.15 16.31 -5.18
C GLU E 112 -70.30 16.10 -6.14
N ALA E 113 -70.17 15.08 -6.97
CA ALA E 113 -71.08 14.93 -8.09
C ALA E 113 -72.20 13.98 -7.78
N ASP E 114 -73.42 14.43 -8.10
CA ASP E 114 -74.57 13.56 -8.12
C ASP E 114 -75.28 13.90 -9.42
N ILE E 115 -75.12 13.07 -10.45
CA ILE E 115 -75.60 13.40 -11.78
C ILE E 115 -76.82 12.60 -12.15
N GLU E 116 -77.83 13.27 -12.72
CA GLU E 116 -78.93 12.56 -13.37
C GLU E 116 -78.82 12.83 -14.86
N ARG E 117 -78.83 11.75 -15.63
CA ARG E 117 -78.49 11.76 -17.05
C ARG E 117 -79.53 12.24 -18.06
N VAL E 118 -80.81 12.09 -17.81
CA VAL E 118 -81.83 12.71 -18.69
C VAL E 118 -81.58 12.45 -20.19
N GLU E 119 -81.75 11.20 -20.64
CA GLU E 119 -81.56 10.83 -22.04
C GLU E 119 -82.64 11.47 -22.91
N ILE E 120 -82.28 12.05 -24.05
CA ILE E 120 -83.18 13.04 -24.61
C ILE E 120 -83.93 12.66 -25.92
N ASP E 121 -83.26 12.25 -27.01
CA ASP E 121 -83.91 11.86 -28.30
C ASP E 121 -84.24 12.97 -29.28
N GLY E 122 -84.37 14.22 -28.84
CA GLY E 122 -84.64 15.28 -29.79
C GLY E 122 -85.40 16.51 -29.31
N PHE E 123 -85.75 17.37 -30.27
CA PHE E 123 -86.53 18.57 -30.02
C PHE E 123 -87.75 18.62 -30.94
N GLU E 124 -88.88 19.13 -30.46
CA GLU E 124 -90.04 19.30 -31.33
C GLU E 124 -89.71 20.43 -32.25
N GLU E 125 -89.84 20.24 -33.55
CA GLU E 125 -89.16 21.17 -34.46
C GLU E 125 -89.74 22.55 -34.30
N GLY E 126 -88.88 23.54 -34.48
CA GLY E 126 -89.13 24.89 -34.00
C GLY E 126 -88.60 25.00 -32.59
N SER E 127 -89.04 24.13 -31.67
CA SER E 127 -88.34 23.88 -30.39
C SER E 127 -88.35 25.16 -29.52
N PHE E 128 -87.58 25.30 -28.43
CA PHE E 128 -86.82 24.30 -27.68
C PHE E 128 -87.68 23.44 -26.77
N ARG E 129 -88.63 22.70 -27.32
CA ARG E 129 -89.39 21.82 -26.45
C ARG E 129 -88.78 20.46 -26.56
N LEU E 130 -88.33 19.95 -25.43
CA LEU E 130 -87.62 18.69 -25.40
C LEU E 130 -88.58 17.56 -25.71
N ILE E 131 -88.11 16.64 -26.52
CA ILE E 131 -88.78 15.37 -26.69
C ILE E 131 -87.94 14.43 -25.90
N PRO E 132 -88.45 13.88 -24.80
CA PRO E 132 -87.58 13.03 -23.99
C PRO E 132 -87.59 11.59 -24.47
N ASN E 133 -86.48 10.88 -24.22
CA ASN E 133 -86.41 9.45 -24.44
C ASN E 133 -87.36 8.65 -23.59
N ALA E 134 -88.21 7.87 -24.26
CA ALA E 134 -88.94 6.73 -23.69
C ALA E 134 -88.49 6.24 -22.32
N ARG E 135 -87.20 6.02 -22.18
CA ARG E 135 -86.62 5.49 -20.95
C ARG E 135 -86.92 6.35 -19.72
N SER E 136 -86.88 7.68 -19.81
CA SER E 136 -87.38 8.50 -18.71
C SER E 136 -88.29 9.62 -19.21
N GLY E 137 -89.50 9.69 -18.66
CA GLY E 137 -90.49 10.66 -19.08
C GLY E 137 -90.23 12.05 -18.57
N MET E 138 -90.99 13.02 -19.08
CA MET E 138 -90.96 14.37 -18.57
C MET E 138 -92.38 14.93 -18.53
N SER E 139 -92.71 15.73 -17.53
CA SER E 139 -94.01 16.37 -17.49
C SER E 139 -94.03 17.50 -18.50
N ARG E 140 -95.19 17.83 -19.06
CA ARG E 140 -95.17 18.93 -20.01
C ARG E 140 -95.09 20.26 -19.31
N GLY E 141 -95.26 20.25 -18.00
CA GLY E 141 -94.95 21.42 -17.22
C GLY E 141 -93.45 21.62 -17.28
N GLU E 142 -92.72 20.52 -17.13
CA GLU E 142 -91.26 20.55 -17.13
C GLU E 142 -90.68 20.80 -18.52
N ILE E 143 -91.32 20.24 -19.54
CA ILE E 143 -90.88 20.47 -20.91
C ILE E 143 -91.05 21.93 -21.27
N ASN E 144 -92.19 22.48 -20.89
CA ASN E 144 -92.50 23.87 -21.16
C ASN E 144 -91.68 24.84 -20.31
N ALA E 145 -91.31 24.42 -19.12
CA ALA E 145 -90.51 25.26 -18.23
C ALA E 145 -89.11 25.44 -18.77
N TYR E 146 -88.56 24.37 -19.33
CA TYR E 146 -87.23 24.43 -19.93
C TYR E 146 -87.21 25.32 -21.14
N ALA E 147 -88.21 25.20 -22.00
CA ALA E 147 -88.27 26.01 -23.20
C ALA E 147 -88.35 27.49 -22.84
N ALA E 148 -89.03 27.79 -21.74
CA ALA E 148 -89.14 29.14 -21.22
C ALA E 148 -87.80 29.64 -20.73
N LEU E 149 -87.05 28.74 -20.10
CA LEU E 149 -85.74 29.05 -19.55
C LEU E 149 -84.74 29.37 -20.66
N ALA E 150 -84.89 28.70 -21.79
CA ALA E 150 -84.04 28.91 -22.95
C ALA E 150 -84.36 30.21 -23.67
N GLU E 151 -85.43 30.86 -23.24
CA GLU E 151 -85.87 32.11 -23.86
C GLU E 151 -85.80 33.25 -22.86
N ASP E 152 -84.91 33.15 -21.87
CA ASP E 152 -84.78 34.22 -20.90
C ASP E 152 -83.72 35.22 -21.34
N LEU E 153 -82.46 34.90 -21.10
CA LEU E 153 -81.32 35.73 -21.52
C LEU E 153 -81.33 37.15 -20.93
N PRO E 154 -80.16 37.68 -20.57
CA PRO E 154 -80.13 39.03 -20.00
C PRO E 154 -80.42 40.12 -21.03
N ASP E 155 -80.67 41.34 -20.57
CA ASP E 155 -80.94 42.44 -21.49
C ASP E 155 -79.62 43.01 -21.95
N THR E 156 -78.59 42.67 -21.20
CA THR E 156 -77.23 43.05 -21.54
C THR E 156 -76.75 42.39 -22.81
N LEU E 157 -77.38 41.29 -23.18
CA LEU E 157 -76.98 40.59 -24.40
C LEU E 157 -77.65 41.30 -25.58
N ASN E 158 -76.96 41.37 -26.70
CA ASN E 158 -77.41 42.19 -27.81
C ASN E 158 -78.03 41.37 -28.96
N HIS E 159 -79.36 41.45 -29.07
CA HIS E 159 -80.19 40.87 -30.15
C HIS E 159 -80.77 39.49 -29.86
N ALA E 160 -81.10 39.21 -28.62
CA ALA E 160 -81.79 37.96 -28.26
C ALA E 160 -80.93 36.71 -28.49
N THR E 161 -79.63 36.89 -28.71
CA THR E 161 -78.70 35.77 -28.92
C THR E 161 -77.44 35.95 -28.10
N PRO E 162 -76.68 34.86 -27.92
CA PRO E 162 -75.38 35.00 -27.26
C PRO E 162 -74.24 35.39 -28.18
N PHE E 163 -74.49 35.51 -29.47
CA PHE E 163 -73.40 35.36 -30.43
C PHE E 163 -72.74 36.52 -31.15
N VAL E 164 -73.24 37.75 -31.07
CA VAL E 164 -72.76 38.80 -32.01
C VAL E 164 -73.17 38.24 -33.40
N ASP E 165 -73.13 39.03 -34.46
CA ASP E 165 -73.47 38.48 -35.76
C ASP E 165 -74.84 37.80 -35.69
N SER E 166 -75.85 38.53 -35.24
CA SER E 166 -77.14 37.91 -35.01
C SER E 166 -77.64 37.39 -36.33
N GLU E 167 -77.87 36.07 -36.38
CA GLU E 167 -78.22 35.29 -37.57
C GLU E 167 -77.42 34.00 -37.52
N VAL E 168 -76.56 33.84 -36.52
CA VAL E 168 -75.80 32.59 -36.39
C VAL E 168 -76.77 31.47 -36.11
N GLU E 169 -77.57 31.67 -35.07
CA GLU E 169 -78.48 30.66 -34.57
C GLU E 169 -79.55 30.27 -35.57
N GLY E 170 -79.72 31.06 -36.61
CA GLY E 170 -80.73 30.76 -37.60
C GLY E 170 -80.20 29.95 -38.75
N THR E 171 -78.91 29.67 -38.73
CA THR E 171 -78.30 28.88 -39.79
C THR E 171 -78.92 27.49 -39.80
N ALA E 172 -78.69 26.77 -40.90
CA ALA E 172 -79.20 25.42 -41.05
C ALA E 172 -78.07 24.43 -40.83
N TRP E 173 -78.21 23.65 -39.76
CA TRP E 173 -77.17 22.74 -39.34
C TRP E 173 -77.30 21.40 -40.03
N ASP E 174 -77.09 21.39 -41.35
CA ASP E 174 -77.29 20.21 -42.17
C ASP E 174 -76.15 19.21 -42.03
N GLU E 175 -74.95 19.73 -41.81
CA GLU E 175 -73.75 18.90 -41.88
C GLU E 175 -72.96 18.87 -40.59
N ILE E 176 -72.37 17.71 -40.30
CA ILE E 176 -71.63 17.52 -39.06
C ILE E 176 -70.45 18.46 -38.92
N GLU E 177 -69.83 18.86 -40.04
CA GLU E 177 -68.69 19.77 -40.01
C GLU E 177 -69.08 21.07 -39.35
N THR E 178 -70.29 21.51 -39.68
CA THR E 178 -70.81 22.78 -39.22
C THR E 178 -71.07 22.76 -37.72
N PHE E 179 -71.63 21.67 -37.22
CA PHE E 179 -71.89 21.55 -35.80
C PHE E 179 -70.58 21.60 -35.02
N LEU E 180 -69.61 20.83 -35.48
CA LEU E 180 -68.31 20.74 -34.84
C LEU E 180 -67.58 22.07 -34.88
N ASP E 181 -67.72 22.79 -35.98
CA ASP E 181 -67.04 24.07 -36.13
C ASP E 181 -67.57 25.05 -35.09
N MET E 182 -68.88 25.07 -34.89
CA MET E 182 -69.45 25.88 -33.83
C MET E 182 -69.11 25.34 -32.47
N CYS E 183 -69.30 24.04 -32.31
CA CYS E 183 -69.11 23.39 -31.02
C CYS E 183 -67.71 23.62 -30.49
N TYR E 184 -66.71 23.44 -31.33
CA TYR E 184 -65.35 23.66 -30.88
C TYR E 184 -65.15 25.14 -30.61
N SER E 185 -65.72 25.99 -31.44
CA SER E 185 -65.57 27.43 -31.28
C SER E 185 -66.19 27.94 -30.01
N VAL E 186 -67.38 27.47 -29.68
CA VAL E 186 -68.03 27.86 -28.43
C VAL E 186 -67.31 27.30 -27.21
N LEU E 187 -66.95 26.03 -27.26
CA LEU E 187 -66.27 25.41 -26.12
C LEU E 187 -64.91 26.04 -25.83
N MET E 188 -64.17 26.41 -26.87
CA MET E 188 -62.87 27.02 -26.69
C MET E 188 -62.97 28.34 -25.93
N GLN E 189 -64.02 29.11 -26.19
CA GLN E 189 -64.23 30.36 -25.50
C GLN E 189 -64.48 30.10 -24.02
N ALA E 190 -65.13 28.99 -23.71
CA ALA E 190 -65.29 28.58 -22.32
C ALA E 190 -63.95 28.20 -21.72
N TRP E 191 -63.14 27.49 -22.49
CA TRP E 191 -61.83 27.04 -22.02
C TRP E 191 -60.95 28.25 -21.69
N ILE E 192 -61.07 29.29 -22.50
CA ILE E 192 -60.26 30.51 -22.38
C ILE E 192 -60.49 31.30 -21.10
N VAL E 193 -61.70 31.25 -20.56
CA VAL E 193 -62.01 31.96 -19.33
C VAL E 193 -62.08 31.03 -18.10
N THR E 194 -61.50 29.85 -18.20
CA THR E 194 -61.71 28.83 -17.18
C THR E 194 -61.08 29.15 -15.82
N CYS E 195 -59.88 29.69 -15.80
CA CYS E 195 -59.27 29.93 -14.49
C CYS E 195 -59.04 31.43 -14.33
N LYS E 196 -60.15 32.17 -14.34
CA LYS E 196 -60.16 33.62 -14.25
C LYS E 196 -60.99 34.13 -13.06
N CYS E 197 -60.44 35.15 -12.41
CA CYS E 197 -60.88 35.63 -11.10
C CYS E 197 -62.19 36.42 -11.12
N MET E 198 -62.27 37.28 -12.14
CA MET E 198 -63.35 38.14 -12.66
C MET E 198 -62.70 39.46 -13.11
N GLN E 203 -66.14 45.36 -17.90
CA GLN E 203 -64.71 45.38 -17.55
C GLN E 203 -63.92 44.75 -18.70
N PRO E 204 -62.62 44.47 -18.54
CA PRO E 204 -62.11 43.70 -19.70
C PRO E 204 -61.53 42.30 -19.43
N ALA E 205 -60.31 42.27 -18.86
CA ALA E 205 -59.33 41.14 -18.92
C ALA E 205 -58.71 41.09 -20.34
N ALA E 206 -57.46 41.52 -20.44
CA ALA E 206 -56.71 41.60 -21.72
C ALA E 206 -56.29 40.25 -22.30
N SER E 207 -55.94 39.32 -21.43
CA SER E 207 -55.45 38.00 -21.85
C SER E 207 -56.46 37.29 -22.76
N ILE E 208 -57.74 37.41 -22.41
CA ILE E 208 -58.80 36.69 -23.10
C ILE E 208 -58.78 37.03 -24.59
N GLU E 209 -58.66 38.30 -24.92
CA GLU E 209 -58.74 38.68 -26.31
C GLU E 209 -57.50 38.25 -27.09
N LYS E 210 -56.36 38.09 -26.43
CA LYS E 210 -55.20 37.58 -27.16
C LYS E 210 -55.34 36.09 -27.37
N ARG E 211 -56.02 35.42 -26.47
CA ARG E 211 -56.33 34.02 -26.68
C ARG E 211 -57.30 33.88 -27.86
N LEU E 212 -58.27 34.78 -27.99
CA LEU E 212 -59.23 34.67 -29.07
C LEU E 212 -58.50 34.74 -30.40
N GLN E 213 -57.53 35.64 -30.49
CA GLN E 213 -56.84 35.79 -31.76
C GLN E 213 -55.86 34.67 -32.05
N LYS E 214 -55.30 34.08 -31.02
CA LYS E 214 -54.44 32.96 -31.29
C LYS E 214 -55.22 31.87 -31.99
N TYR E 215 -56.38 31.55 -31.43
CA TYR E 215 -57.21 30.48 -31.95
C TYR E 215 -58.01 30.80 -33.21
N ARG E 216 -58.30 32.08 -33.47
CA ARG E 216 -58.85 32.43 -34.77
C ARG E 216 -57.80 32.23 -35.86
N GLN E 217 -56.56 32.62 -35.56
CA GLN E 217 -55.52 32.52 -36.59
C GLN E 217 -55.14 31.07 -36.84
N GLN E 218 -55.33 30.22 -35.85
CA GLN E 218 -55.10 28.78 -36.02
C GLN E 218 -56.25 28.03 -36.66
N GLY E 219 -57.41 28.67 -36.75
CA GLY E 219 -58.57 28.01 -37.33
C GLY E 219 -59.30 27.20 -36.29
N ARG E 220 -58.86 27.30 -35.05
CA ARG E 220 -59.55 26.64 -33.95
C ARG E 220 -60.83 27.35 -33.53
N ILE E 221 -60.87 28.66 -33.63
CA ILE E 221 -62.11 29.41 -33.40
C ILE E 221 -62.58 30.07 -34.69
N ASN E 222 -63.88 29.98 -34.97
CA ASN E 222 -64.41 30.59 -36.17
C ASN E 222 -65.07 31.91 -35.78
N PRO E 223 -64.68 33.00 -36.45
CA PRO E 223 -65.15 34.33 -36.02
C PRO E 223 -66.65 34.44 -36.07
N ARG E 224 -67.27 33.55 -36.84
CA ARG E 224 -68.71 33.56 -36.98
C ARG E 224 -69.37 33.20 -35.65
N TYR E 225 -68.69 32.35 -34.89
CA TYR E 225 -69.29 31.81 -33.68
C TYR E 225 -68.69 32.45 -32.42
N LEU E 226 -68.21 33.68 -32.53
CA LEU E 226 -67.72 34.39 -31.34
C LEU E 226 -68.91 34.70 -30.48
N LEU E 227 -68.70 34.81 -29.18
CA LEU E 227 -69.80 35.09 -28.29
C LEU E 227 -69.67 36.56 -27.95
N GLN E 228 -70.75 37.24 -27.59
CA GLN E 228 -70.58 38.61 -27.09
C GLN E 228 -69.88 38.50 -25.75
N PRO E 229 -69.02 39.46 -25.42
CA PRO E 229 -68.18 39.31 -24.22
C PRO E 229 -68.92 39.10 -22.90
N GLU E 230 -70.13 39.61 -22.75
CA GLU E 230 -70.83 39.35 -21.49
C GLU E 230 -71.33 37.93 -21.40
N ALA E 231 -71.60 37.30 -22.54
CA ALA E 231 -71.93 35.89 -22.54
C ALA E 231 -70.73 35.14 -21.95
N ARG E 232 -69.52 35.52 -22.36
CA ARG E 232 -68.32 34.92 -21.80
C ARG E 232 -68.18 35.23 -20.32
N ARG E 233 -68.55 36.44 -19.91
CA ARG E 233 -68.43 36.83 -18.51
C ARG E 233 -69.35 36.01 -17.61
N ILE E 234 -70.53 35.65 -18.13
CA ILE E 234 -71.44 34.77 -17.42
C ILE E 234 -70.92 33.34 -17.31
N ILE E 235 -70.40 32.81 -18.41
CA ILE E 235 -69.84 31.45 -18.41
C ILE E 235 -68.64 31.36 -17.47
N GLN E 236 -67.82 32.40 -17.50
CA GLN E 236 -66.68 32.54 -16.60
C GLN E 236 -67.15 32.42 -15.17
N ASN E 237 -68.30 33.01 -14.88
CA ASN E 237 -68.89 32.98 -13.55
C ASN E 237 -69.39 31.62 -13.14
N VAL E 238 -70.08 30.96 -14.07
CA VAL E 238 -70.62 29.63 -13.80
C VAL E 238 -69.50 28.65 -13.52
N ILE E 239 -68.42 28.75 -14.27
CA ILE E 239 -67.30 27.83 -14.10
C ILE E 239 -66.59 27.97 -12.75
N ARG E 240 -66.37 29.19 -12.27
CA ARG E 240 -65.76 29.38 -10.95
C ARG E 240 -66.69 28.87 -9.85
N LYS E 241 -67.98 29.05 -10.03
CA LYS E 241 -68.93 28.58 -9.03
C LYS E 241 -69.01 27.07 -8.94
N GLY E 242 -68.88 26.38 -10.07
CA GLY E 242 -69.14 24.95 -10.12
C GLY E 242 -67.94 24.05 -9.85
N MET E 243 -67.92 23.42 -8.70
CA MET E 243 -66.81 22.56 -8.35
C MET E 243 -66.81 21.31 -9.22
N VAL E 244 -67.97 20.65 -9.33
CA VAL E 244 -68.13 19.49 -10.19
C VAL E 244 -67.77 19.80 -11.64
N VAL E 245 -68.18 20.95 -12.15
CA VAL E 245 -67.85 21.33 -13.51
C VAL E 245 -66.35 21.45 -13.63
N ARG E 246 -65.74 22.17 -12.71
CA ARG E 246 -64.28 22.36 -12.72
C ARG E 246 -63.52 21.05 -12.57
N HIS E 247 -64.04 20.14 -11.77
CA HIS E 247 -63.43 18.83 -11.64
C HIS E 247 -63.38 18.15 -13.00
N PHE E 248 -64.49 18.25 -13.72
CA PHE E 248 -64.63 17.63 -15.01
C PHE E 248 -63.61 18.19 -16.00
N LEU E 249 -63.42 19.51 -15.97
CA LEU E 249 -62.48 20.15 -16.88
C LEU E 249 -61.06 19.65 -16.60
N THR E 250 -60.78 19.43 -15.32
CA THR E 250 -59.50 18.91 -14.89
C THR E 250 -59.29 17.54 -15.50
N PHE E 251 -60.32 16.71 -15.48
CA PHE E 251 -60.24 15.35 -15.97
C PHE E 251 -59.97 15.36 -17.45
N GLU E 252 -60.61 16.29 -18.16
CA GLU E 252 -60.41 16.47 -19.59
C GLU E 252 -59.02 17.02 -19.90
N LEU E 253 -58.55 17.93 -19.06
CA LEU E 253 -57.24 18.55 -19.23
C LEU E 253 -56.16 17.51 -19.06
N GLN E 254 -56.38 16.63 -18.07
CA GLN E 254 -55.56 15.45 -17.92
C GLN E 254 -55.60 14.48 -19.07
N LEU E 255 -56.75 14.34 -19.70
CA LEU E 255 -56.85 13.39 -20.80
C LEU E 255 -56.08 13.94 -21.99
N ALA E 256 -56.11 15.25 -22.09
CA ALA E 256 -55.40 15.96 -23.13
C ALA E 256 -53.90 15.83 -23.04
N ARG E 257 -53.36 15.66 -21.83
CA ARG E 257 -51.92 15.50 -21.63
C ARG E 257 -51.41 14.17 -22.10
N ALA E 258 -52.26 13.16 -22.01
CA ALA E 258 -51.83 11.82 -22.29
C ALA E 258 -51.94 11.48 -23.75
N GLN E 259 -52.36 12.44 -24.56
CA GLN E 259 -52.60 12.14 -25.96
C GLN E 259 -51.27 11.95 -26.65
N SER E 260 -51.27 11.15 -27.72
CA SER E 260 -50.08 10.95 -28.50
C SER E 260 -49.90 12.15 -29.40
N LEU E 261 -48.75 12.24 -30.05
CA LEU E 261 -48.51 13.36 -30.93
C LEU E 261 -49.50 13.39 -32.07
N VAL E 262 -49.98 12.21 -32.45
CA VAL E 262 -51.04 12.14 -33.43
C VAL E 262 -52.38 11.98 -32.70
N SER E 263 -53.24 12.97 -32.86
CA SER E 263 -54.41 13.13 -32.01
C SER E 263 -55.62 13.48 -32.83
N ASN E 264 -56.67 13.96 -32.17
CA ASN E 264 -57.81 14.48 -32.92
C ASN E 264 -57.92 15.97 -32.72
N ARG E 265 -58.87 16.59 -33.41
CA ARG E 265 -58.95 18.04 -33.47
C ARG E 265 -59.24 18.62 -32.11
N TYR E 266 -60.20 18.02 -31.40
CA TYR E 266 -60.62 18.57 -30.12
C TYR E 266 -59.58 18.49 -29.04
N TYR E 267 -58.98 17.33 -28.84
CA TYR E 267 -58.06 17.17 -27.74
C TYR E 267 -56.71 17.84 -27.96
N ALA E 268 -56.30 17.99 -29.21
CA ALA E 268 -55.12 18.78 -29.49
C ALA E 268 -55.42 20.21 -29.10
N MET E 269 -56.65 20.64 -29.38
CA MET E 269 -57.15 21.97 -29.10
C MET E 269 -57.20 22.25 -27.59
N VAL E 270 -57.76 21.30 -26.86
CA VAL E 270 -57.85 21.37 -25.41
C VAL E 270 -56.48 21.32 -24.74
N GLY E 271 -55.59 20.51 -25.30
CA GLY E 271 -54.25 20.39 -24.78
C GLY E 271 -53.51 21.70 -24.87
N ASP E 272 -53.73 22.42 -25.96
CA ASP E 272 -53.06 23.70 -26.14
C ASP E 272 -53.54 24.74 -25.15
N VAL E 273 -54.85 24.88 -25.02
CA VAL E 273 -55.39 25.90 -24.14
C VAL E 273 -55.08 25.50 -22.72
N GLY E 274 -54.92 24.20 -22.51
CA GLY E 274 -54.66 23.67 -21.19
C GLY E 274 -53.35 24.17 -20.63
N LYS E 275 -52.41 24.46 -21.50
CA LYS E 275 -51.08 24.86 -21.03
C LYS E 275 -51.11 26.27 -20.44
N TYR E 276 -52.06 27.08 -20.87
CA TYR E 276 -52.30 28.38 -20.24
C TYR E 276 -52.93 28.23 -18.87
N ILE E 277 -53.83 27.26 -18.74
CA ILE E 277 -54.54 27.00 -17.49
C ILE E 277 -53.63 26.38 -16.44
N GLU E 278 -52.62 25.62 -16.86
CA GLU E 278 -51.72 24.95 -15.92
C GLU E 278 -51.09 25.93 -14.93
N ASN E 279 -51.09 25.53 -13.66
CA ASN E 279 -50.48 26.28 -12.55
C ASN E 279 -51.11 27.64 -12.32
N CYS E 280 -52.33 27.80 -12.81
CA CYS E 280 -53.14 28.98 -12.49
C CYS E 280 -53.20 29.21 -10.98
N GLY E 281 -53.15 30.46 -10.56
CA GLY E 281 -53.43 30.79 -9.17
C GLY E 281 -52.20 30.63 -8.31
N MET E 282 -51.08 30.33 -8.94
CA MET E 282 -49.83 30.10 -8.23
C MET E 282 -48.73 31.00 -8.69
N GLY E 283 -49.09 32.20 -9.12
CA GLY E 283 -48.14 33.11 -9.71
C GLY E 283 -47.06 33.49 -8.71
N GLY E 284 -47.46 33.70 -7.47
CA GLY E 284 -46.54 34.14 -6.45
C GLY E 284 -45.42 33.15 -6.25
N PHE E 285 -45.75 31.87 -6.29
CA PHE E 285 -44.77 30.81 -6.12
C PHE E 285 -43.84 30.69 -7.33
N PHE E 286 -44.42 30.55 -8.50
CA PHE E 286 -43.60 30.30 -9.68
C PHE E 286 -42.83 31.52 -10.16
N LEU E 287 -43.37 32.72 -9.95
CA LEU E 287 -42.62 33.91 -10.31
C LEU E 287 -41.42 34.12 -9.37
N THR E 288 -41.61 33.79 -8.10
CA THR E 288 -40.54 33.88 -7.12
C THR E 288 -39.40 32.94 -7.48
N LEU E 289 -39.74 31.73 -7.91
CA LEU E 289 -38.73 30.80 -8.37
C LEU E 289 -38.03 31.43 -9.57
N LYS E 290 -38.83 31.96 -10.48
CA LYS E 290 -38.36 32.45 -11.76
C LYS E 290 -37.37 33.60 -11.62
N TYR E 291 -37.73 34.61 -10.85
CA TYR E 291 -36.87 35.79 -10.74
C TYR E 291 -35.83 35.74 -9.63
N ALA E 292 -36.21 35.33 -8.43
CA ALA E 292 -35.27 35.26 -7.32
C ALA E 292 -34.22 34.19 -7.52
N LEU E 293 -34.66 32.98 -7.85
CA LEU E 293 -33.76 31.85 -7.98
C LEU E 293 -33.22 31.69 -9.39
N GLY E 294 -34.02 32.04 -10.38
CA GLY E 294 -33.62 31.94 -11.78
C GLY E 294 -32.47 32.86 -12.14
N THR E 295 -32.51 34.09 -11.62
CA THR E 295 -31.47 35.08 -11.89
C THR E 295 -30.13 34.72 -11.24
N ARG E 296 -30.16 34.07 -10.08
CA ARG E 296 -28.94 33.64 -9.39
C ARG E 296 -28.01 34.82 -9.14
N TRP E 297 -28.57 35.94 -8.72
CA TRP E 297 -27.73 37.09 -8.44
C TRP E 297 -27.17 36.99 -7.03
N PRO E 298 -26.07 37.72 -6.77
CA PRO E 298 -25.37 37.57 -5.48
C PRO E 298 -26.23 37.89 -4.26
N THR E 299 -27.26 38.71 -4.45
CA THR E 299 -28.10 39.11 -3.34
C THR E 299 -28.86 37.91 -2.76
N LEU E 300 -28.85 36.80 -3.49
CA LEU E 300 -29.49 35.58 -3.02
C LEU E 300 -28.75 34.95 -1.85
N ALA E 301 -27.55 35.46 -1.59
CA ALA E 301 -26.74 34.89 -0.53
C ALA E 301 -26.98 35.61 0.78
N LEU E 302 -27.92 36.55 0.79
CA LEU E 302 -28.25 37.24 2.03
C LEU E 302 -28.70 36.22 3.05
N ALA E 303 -28.33 36.45 4.31
CA ALA E 303 -28.68 35.54 5.39
C ALA E 303 -30.19 35.59 5.66
N ALA E 304 -30.82 36.74 5.42
CA ALA E 304 -32.24 36.89 5.67
C ALA E 304 -33.06 35.91 4.82
N PHE E 305 -32.60 35.64 3.61
CA PHE E 305 -33.25 34.69 2.72
C PHE E 305 -33.05 33.23 3.14
N SER E 306 -32.18 33.00 4.10
CA SER E 306 -31.72 31.64 4.40
C SER E 306 -32.83 30.68 4.79
N GLY E 307 -33.71 31.13 5.69
CA GLY E 307 -34.82 30.29 6.10
C GLY E 307 -35.84 30.10 4.99
N GLU E 308 -36.09 31.17 4.26
CA GLU E 308 -37.07 31.12 3.20
C GLU E 308 -36.61 30.26 2.03
N LEU E 309 -35.31 30.24 1.76
CA LEU E 309 -34.79 29.39 0.70
C LEU E 309 -35.02 27.92 1.02
N THR E 310 -34.87 27.55 2.29
CA THR E 310 -35.13 26.18 2.70
C THR E 310 -36.59 25.86 2.50
N LYS E 311 -37.44 26.83 2.76
CA LYS E 311 -38.85 26.61 2.61
C LYS E 311 -39.26 26.42 1.16
N LEU E 312 -38.69 27.20 0.25
CA LEU E 312 -38.98 27.01 -1.17
C LEU E 312 -38.52 25.64 -1.61
N LYS E 313 -37.43 25.18 -1.03
CA LYS E 313 -36.91 23.86 -1.36
C LYS E 313 -37.92 22.78 -0.98
N SER E 314 -38.55 22.94 0.17
CA SER E 314 -39.62 22.06 0.60
C SER E 314 -40.84 22.14 -0.29
N LEU E 315 -41.22 23.35 -0.68
CA LEU E 315 -42.41 23.52 -1.52
C LEU E 315 -42.26 22.87 -2.87
N MET E 316 -41.09 22.94 -3.45
CA MET E 316 -40.83 22.22 -4.68
C MET E 316 -40.93 20.72 -4.44
N ALA E 317 -40.40 20.26 -3.32
CA ALA E 317 -40.47 18.86 -2.97
C ALA E 317 -41.91 18.41 -2.81
N LEU E 318 -42.72 19.25 -2.18
CA LEU E 318 -44.13 18.97 -2.00
C LEU E 318 -44.87 18.92 -3.33
N TYR E 319 -44.54 19.85 -4.22
CA TYR E 319 -45.21 19.96 -5.50
C TYR E 319 -45.05 18.67 -6.28
N GLN E 320 -43.86 18.07 -6.20
CA GLN E 320 -43.59 16.85 -6.94
C GLN E 320 -44.35 15.66 -6.37
N THR E 321 -44.45 15.58 -5.05
CA THR E 321 -45.13 14.46 -4.43
C THR E 321 -46.61 14.43 -4.78
N LEU E 322 -47.18 15.60 -5.06
CA LEU E 322 -48.61 15.68 -5.36
C LEU E 322 -49.01 15.03 -6.68
N GLY E 323 -48.10 15.01 -7.65
CA GLY E 323 -48.32 14.34 -8.93
C GLY E 323 -48.64 15.28 -10.09
N GLU E 324 -49.23 14.73 -11.15
CA GLU E 324 -49.56 15.54 -12.33
C GLU E 324 -50.65 16.55 -11.96
N GLN E 325 -51.45 16.21 -10.95
CA GLN E 325 -52.63 16.95 -10.53
C GLN E 325 -52.28 18.21 -9.77
N ALA E 326 -50.98 18.39 -9.54
CA ALA E 326 -50.49 19.58 -8.86
C ALA E 326 -50.65 20.83 -9.70
N ARG E 327 -50.89 20.62 -10.99
CA ARG E 327 -51.12 21.71 -11.91
C ARG E 327 -52.48 22.33 -11.72
N TYR E 328 -53.38 21.59 -11.10
CA TYR E 328 -54.77 21.99 -11.14
C TYR E 328 -55.29 22.35 -9.76
N LEU E 329 -54.40 22.77 -8.87
CA LEU E 329 -54.79 23.04 -7.48
C LEU E 329 -55.84 24.15 -7.40
N ALA E 330 -55.67 25.17 -8.23
CA ALA E 330 -56.61 26.29 -8.24
C ALA E 330 -57.98 25.83 -8.68
N LEU E 331 -58.00 25.06 -9.76
CA LEU E 331 -59.25 24.52 -10.31
C LEU E 331 -59.89 23.56 -9.31
N LEU E 332 -59.05 22.73 -8.69
CA LEU E 332 -59.49 21.72 -7.75
C LEU E 332 -59.92 22.28 -6.41
N GLU E 333 -59.51 23.52 -6.12
CA GLU E 333 -59.83 24.21 -4.87
C GLU E 333 -59.09 23.53 -3.73
N SER E 334 -57.94 22.96 -4.04
CA SER E 334 -57.20 22.20 -3.06
C SER E 334 -56.65 23.07 -1.98
N PRO E 335 -56.76 22.58 -0.76
CA PRO E 335 -56.15 23.32 0.32
C PRO E 335 -54.66 23.43 0.15
N HIS E 336 -53.98 22.62 -0.65
CA HIS E 336 -52.51 22.78 -0.68
C HIS E 336 -52.15 24.12 -1.28
N LEU E 337 -53.11 24.77 -1.92
CA LEU E 337 -52.80 26.01 -2.59
C LEU E 337 -52.40 27.06 -1.54
N MET E 338 -52.80 26.83 -0.29
CA MET E 338 -52.40 27.68 0.82
C MET E 338 -50.93 27.47 1.20
N ASP E 339 -50.45 26.26 0.96
CA ASP E 339 -49.08 25.89 1.30
C ASP E 339 -48.07 26.74 0.54
N PHE E 340 -48.42 27.11 -0.68
CA PHE E 340 -47.50 27.82 -1.56
C PHE E 340 -47.72 29.33 -1.53
N ALA E 341 -48.59 29.78 -0.63
CA ALA E 341 -48.91 31.19 -0.55
C ALA E 341 -47.66 31.96 -0.20
N ALA E 342 -47.49 33.12 -0.81
CA ALA E 342 -46.24 33.88 -0.70
C ALA E 342 -46.01 34.39 0.72
N ALA E 343 -47.05 34.38 1.55
CA ALA E 343 -46.93 34.92 2.89
C ALA E 343 -45.90 34.16 3.73
N ASN E 344 -45.64 32.91 3.35
CA ASN E 344 -44.62 32.10 4.00
C ASN E 344 -43.18 32.44 3.63
N TYR E 345 -42.96 33.08 2.48
CA TYR E 345 -41.62 33.52 2.12
C TYR E 345 -41.67 34.97 1.66
N PRO E 346 -42.07 35.88 2.55
CA PRO E 346 -42.38 37.25 2.12
C PRO E 346 -41.17 38.01 1.59
N LEU E 347 -40.00 37.83 2.18
CA LEU E 347 -38.86 38.61 1.74
C LEU E 347 -38.43 38.27 0.32
N LEU E 348 -38.23 36.98 0.04
CA LEU E 348 -37.82 36.55 -1.27
C LEU E 348 -38.86 36.91 -2.32
N TYR E 349 -40.13 36.82 -1.92
CA TYR E 349 -41.22 37.15 -2.83
C TYR E 349 -41.13 38.62 -3.18
N SER E 350 -40.99 39.45 -2.16
CA SER E 350 -40.83 40.89 -2.36
C SER E 350 -39.66 41.14 -3.30
N TYR E 351 -38.55 40.50 -2.98
CA TYR E 351 -37.30 40.64 -3.72
C TYR E 351 -37.48 40.14 -5.16
N ALA E 352 -38.16 39.03 -5.33
CA ALA E 352 -38.42 38.51 -6.66
C ALA E 352 -39.32 39.44 -7.45
N MET E 353 -40.30 40.04 -6.77
CA MET E 353 -41.23 40.93 -7.43
C MET E 353 -40.50 42.14 -7.98
N GLY E 354 -39.55 42.63 -7.19
CA GLY E 354 -38.78 43.78 -7.60
C GLY E 354 -37.94 43.52 -8.83
N ILE E 355 -37.32 42.34 -8.88
CA ILE E 355 -36.50 41.98 -10.03
C ILE E 355 -37.32 41.89 -11.30
N GLY E 356 -38.47 41.23 -11.20
CA GLY E 356 -39.34 41.03 -12.33
C GLY E 356 -39.86 42.34 -12.87
N TYR E 357 -40.06 43.27 -11.96
CA TYR E 357 -40.69 44.55 -12.24
C TYR E 357 -39.88 45.31 -13.27
N VAL E 358 -38.57 45.33 -13.08
CA VAL E 358 -37.65 45.91 -14.04
C VAL E 358 -37.27 44.94 -15.17
N LEU E 359 -37.11 43.66 -14.87
CA LEU E 359 -36.67 42.68 -15.86
C LEU E 359 -37.70 42.40 -16.96
N ASP E 360 -38.97 42.43 -16.59
CA ASP E 360 -40.04 42.12 -17.52
C ASP E 360 -41.04 43.28 -17.59
N VAL E 361 -41.30 43.70 -18.83
CA VAL E 361 -42.19 44.82 -19.11
C VAL E 361 -43.63 44.46 -18.78
N ASN E 362 -43.97 43.18 -18.84
CA ASN E 362 -45.31 42.72 -18.49
C ASN E 362 -45.64 42.67 -17.00
N MET E 363 -44.60 42.59 -16.16
CA MET E 363 -44.74 42.42 -14.71
C MET E 363 -45.48 43.58 -14.05
N ARG E 364 -45.59 44.68 -14.78
CA ARG E 364 -46.20 45.91 -14.31
C ARG E 364 -47.60 45.67 -13.80
N ASN E 365 -48.35 44.92 -14.59
CA ASN E 365 -49.76 44.73 -14.42
C ASN E 365 -50.11 43.53 -13.56
N TYR E 366 -49.09 42.84 -13.07
CA TYR E 366 -49.32 41.80 -12.09
C TYR E 366 -49.65 42.47 -10.76
N ALA E 367 -50.56 41.88 -10.01
CA ALA E 367 -50.95 42.40 -8.71
C ALA E 367 -50.02 41.86 -7.64
N PHE E 368 -48.80 42.36 -7.61
CA PHE E 368 -47.79 41.84 -6.69
C PHE E 368 -47.92 42.41 -5.29
N SER E 369 -48.67 43.48 -5.15
CA SER E 369 -48.79 44.13 -3.85
C SER E 369 -49.55 43.21 -2.92
N ARG E 370 -49.08 43.09 -1.68
CA ARG E 370 -49.63 42.17 -0.70
C ARG E 370 -49.48 42.76 0.69
N SER E 371 -50.17 42.19 1.66
CA SER E 371 -50.11 42.68 3.04
C SER E 371 -48.72 42.53 3.66
N TYR E 372 -48.09 41.40 3.41
CA TYR E 372 -46.82 41.02 4.05
C TYR E 372 -45.66 41.48 3.20
N MET E 373 -45.97 42.22 2.15
CA MET E 373 -45.00 42.75 1.24
C MET E 373 -44.05 43.70 1.95
N ASN E 374 -42.75 43.49 1.78
CA ASN E 374 -41.74 44.30 2.46
C ASN E 374 -41.08 45.18 1.42
N LYS E 375 -41.45 46.46 1.40
CA LYS E 375 -41.04 47.33 0.31
C LYS E 375 -39.53 47.58 0.32
N THR E 376 -38.91 47.42 1.48
CA THR E 376 -37.46 47.55 1.55
C THR E 376 -36.80 46.51 0.67
N TYR E 377 -37.25 45.28 0.77
CA TYR E 377 -36.70 44.22 -0.06
C TYR E 377 -37.17 44.28 -1.51
N PHE E 378 -38.35 44.84 -1.73
CA PHE E 378 -38.81 45.06 -3.09
C PHE E 378 -37.82 45.96 -3.79
N GLN E 379 -37.43 47.05 -3.13
CA GLN E 379 -36.49 47.99 -3.72
C GLN E 379 -35.13 47.31 -3.90
N LEU E 380 -34.78 46.41 -3.00
CA LEU E 380 -33.51 45.70 -3.12
C LEU E 380 -33.52 44.88 -4.40
N GLY E 381 -34.65 44.25 -4.71
CA GLY E 381 -34.78 43.48 -5.94
C GLY E 381 -34.67 44.38 -7.15
N MET E 382 -35.28 45.55 -7.03
CA MET E 382 -35.35 46.51 -8.12
C MET E 382 -33.92 46.92 -8.42
N GLU E 383 -33.19 47.21 -7.34
CA GLU E 383 -31.83 47.71 -7.42
C GLU E 383 -30.86 46.67 -7.90
N THR E 384 -31.07 45.45 -7.43
CA THR E 384 -30.20 44.34 -7.78
C THR E 384 -30.15 44.10 -9.26
N ALA E 385 -31.32 44.15 -9.85
CA ALA E 385 -31.46 43.92 -11.27
C ALA E 385 -30.83 45.02 -12.12
N ARG E 386 -30.85 46.26 -11.66
CA ARG E 386 -30.20 47.27 -12.48
C ARG E 386 -28.70 47.27 -12.28
N LYS E 387 -28.27 47.22 -11.03
CA LYS E 387 -26.84 47.21 -10.77
C LYS E 387 -26.06 45.92 -10.98
N GLN E 388 -26.67 44.74 -10.79
CA GLN E 388 -25.89 43.54 -10.96
C GLN E 388 -26.38 42.65 -12.09
N GLN E 389 -26.82 43.28 -13.19
CA GLN E 389 -27.12 42.54 -14.39
C GLN E 389 -25.87 41.96 -15.01
N GLY E 390 -24.75 42.62 -14.76
CA GLY E 390 -23.47 42.15 -15.21
C GLY E 390 -22.93 40.96 -14.45
N ALA E 391 -23.59 40.62 -13.35
CA ALA E 391 -23.14 39.53 -12.50
C ALA E 391 -23.09 38.26 -13.32
N VAL E 392 -22.12 37.42 -13.01
CA VAL E 392 -21.88 36.23 -13.81
C VAL E 392 -22.10 34.99 -12.95
N ASP E 393 -22.55 33.90 -13.58
CA ASP E 393 -22.68 32.62 -12.90
C ASP E 393 -21.31 31.98 -12.90
N MET E 394 -20.71 31.87 -11.73
CA MET E 394 -19.32 31.48 -11.62
C MET E 394 -19.07 30.04 -12.04
N ARG E 395 -20.13 29.24 -12.12
CA ARG E 395 -19.98 27.88 -12.63
C ARG E 395 -20.02 27.87 -14.16
N MET E 396 -20.77 28.79 -14.76
CA MET E 396 -20.70 28.93 -16.20
C MET E 396 -19.38 29.56 -16.59
N ALA E 397 -18.98 30.58 -15.84
CA ALA E 397 -17.80 31.37 -16.14
C ALA E 397 -16.53 30.55 -16.17
N GLU E 398 -16.47 29.52 -15.34
CA GLU E 398 -15.27 28.68 -15.31
C GLU E 398 -15.23 27.74 -16.50
N ASP E 399 -16.36 27.23 -16.97
CA ASP E 399 -16.27 26.34 -18.13
C ASP E 399 -15.86 27.06 -19.38
N LEU E 400 -16.27 28.31 -19.48
CA LEU E 400 -15.88 29.14 -20.61
C LEU E 400 -14.48 29.66 -20.37
N GLY E 401 -13.97 29.39 -19.18
CA GLY E 401 -12.64 29.81 -18.76
C GLY E 401 -12.50 31.30 -18.89
N LEU E 402 -13.58 32.01 -18.58
CA LEU E 402 -13.59 33.45 -18.73
C LEU E 402 -12.73 34.11 -17.68
N THR E 403 -11.98 35.13 -18.05
CA THR E 403 -11.15 35.86 -17.08
C THR E 403 -11.71 37.25 -16.76
N GLN E 404 -11.15 37.87 -15.72
CA GLN E 404 -11.72 39.06 -15.09
C GLN E 404 -11.69 40.35 -15.92
N ALA E 405 -10.92 40.38 -16.99
CA ALA E 405 -11.00 41.51 -17.92
C ALA E 405 -12.30 41.39 -18.72
N GLU E 406 -12.62 40.17 -19.11
CA GLU E 406 -13.87 39.93 -19.80
C GLU E 406 -15.03 40.22 -18.86
N ARG E 407 -14.86 39.92 -17.58
CA ARG E 407 -15.98 40.07 -16.63
C ARG E 407 -16.45 41.50 -16.35
N THR E 408 -15.50 42.39 -16.10
CA THR E 408 -15.79 43.76 -15.75
C THR E 408 -16.17 44.55 -16.98
N GLU E 409 -15.68 44.10 -18.12
CA GLU E 409 -16.02 44.78 -19.35
C GLU E 409 -17.33 44.24 -19.84
N MET E 410 -17.73 43.06 -19.36
CA MET E 410 -19.06 42.56 -19.62
C MET E 410 -20.01 43.30 -18.69
N ALA E 411 -19.56 43.43 -17.45
CA ALA E 411 -20.28 44.12 -16.38
C ALA E 411 -20.46 45.62 -16.66
N ASN E 412 -19.41 46.28 -17.13
CA ASN E 412 -19.55 47.70 -17.44
C ASN E 412 -20.16 47.85 -18.80
N THR E 413 -20.16 46.76 -19.56
CA THR E 413 -20.90 46.76 -20.81
C THR E 413 -22.30 46.85 -20.25
N LEU E 414 -22.91 45.73 -19.96
CA LEU E 414 -24.30 45.66 -19.44
C LEU E 414 -24.76 46.87 -18.57
N ALA E 415 -23.82 47.55 -17.93
CA ALA E 415 -24.11 48.84 -17.34
C ALA E 415 -24.62 49.76 -18.45
N LYS E 416 -24.18 49.50 -19.70
CA LYS E 416 -24.62 50.12 -21.00
C LYS E 416 -25.90 50.90 -20.99
N LEU E 417 -26.90 50.21 -20.46
CA LEU E 417 -28.21 50.29 -21.04
C LEU E 417 -29.23 49.85 -20.03
N SER F 19 -27.59 24.34 -2.96
CA SER F 19 -28.35 23.10 -2.92
C SER F 19 -29.81 23.40 -3.23
N VAL F 20 -30.31 24.49 -2.67
CA VAL F 20 -31.64 24.98 -3.01
C VAL F 20 -31.65 25.32 -4.49
N LEU F 21 -30.53 25.80 -5.03
CA LEU F 21 -30.46 26.06 -6.46
C LEU F 21 -30.43 24.78 -7.28
N LYS F 22 -29.79 23.75 -6.74
CA LYS F 22 -29.71 22.45 -7.41
C LYS F 22 -31.08 21.80 -7.45
N ALA F 23 -31.86 22.08 -6.40
CA ALA F 23 -33.23 21.63 -6.34
C ALA F 23 -34.06 22.33 -7.41
N TYR F 24 -33.81 23.61 -7.62
CA TYR F 24 -34.53 24.38 -8.64
C TYR F 24 -34.24 23.82 -10.01
N GLU F 25 -33.00 23.39 -10.22
CA GLU F 25 -32.63 22.81 -11.49
C GLU F 25 -33.36 21.50 -11.70
N ARG F 26 -33.44 20.66 -10.67
CA ARG F 26 -34.08 19.37 -10.82
C ARG F 26 -35.58 19.54 -10.86
N PHE F 27 -36.09 20.57 -10.20
CA PHE F 27 -37.52 20.81 -10.23
C PHE F 27 -37.95 21.17 -11.63
N THR F 28 -37.20 22.07 -12.25
CA THR F 28 -37.50 22.51 -13.60
C THR F 28 -37.44 21.35 -14.59
N LEU F 29 -36.40 20.53 -14.48
CA LEU F 29 -36.21 19.47 -15.43
C LEU F 29 -37.19 18.32 -15.25
N THR F 30 -37.44 17.90 -14.02
CA THR F 30 -38.34 16.78 -13.79
C THR F 30 -39.78 17.17 -14.15
N GLN F 31 -40.16 18.41 -13.87
CA GLN F 31 -41.50 18.85 -14.22
C GLN F 31 -41.68 19.02 -15.71
N GLU F 32 -40.60 19.28 -16.44
CA GLU F 32 -40.71 19.24 -17.89
C GLU F 32 -40.84 17.79 -18.36
N LEU F 33 -40.08 16.88 -17.77
CA LEU F 33 -40.04 15.48 -18.20
C LEU F 33 -41.01 14.60 -17.44
N GLN F 34 -41.82 15.32 -16.65
CA GLN F 34 -43.30 15.14 -16.58
C GLN F 34 -43.90 13.98 -17.42
N ASP F 35 -45.01 13.41 -16.91
CA ASP F 35 -45.86 12.32 -17.52
C ASP F 35 -45.33 11.62 -18.76
N GLN F 36 -44.14 11.94 -19.25
CA GLN F 36 -43.80 11.49 -20.58
C GLN F 36 -43.13 10.16 -20.26
N SER F 37 -43.35 9.76 -19.00
CA SER F 37 -43.03 8.44 -18.50
C SER F 37 -43.73 7.46 -19.43
N GLU F 38 -45.03 7.66 -19.48
CA GLU F 38 -45.99 6.93 -20.28
C GLU F 38 -45.91 7.15 -21.79
N GLU F 39 -46.30 6.14 -22.55
CA GLU F 39 -46.48 6.32 -23.98
C GLU F 39 -47.82 7.04 -24.13
N GLY F 40 -48.05 7.66 -25.29
CA GLY F 40 -49.26 8.43 -25.52
C GLY F 40 -50.52 7.58 -25.57
N THR F 41 -51.62 8.10 -25.04
CA THR F 41 -52.88 7.39 -25.12
C THR F 41 -53.70 8.04 -26.20
N ILE F 42 -54.26 7.26 -27.11
CA ILE F 42 -54.97 7.88 -28.21
C ILE F 42 -56.29 8.38 -27.60
N PRO F 43 -56.70 9.58 -27.98
CA PRO F 43 -57.69 10.37 -27.24
C PRO F 43 -59.09 9.79 -27.28
N PRO F 44 -59.96 10.29 -26.39
CA PRO F 44 -61.35 9.88 -26.37
C PRO F 44 -61.97 10.15 -27.73
N THR F 45 -62.90 9.31 -28.17
CA THR F 45 -63.42 9.45 -29.51
C THR F 45 -64.35 10.65 -29.62
N THR F 46 -64.42 11.20 -30.83
CA THR F 46 -65.12 12.42 -31.10
C THR F 46 -65.88 12.24 -32.42
N LEU F 47 -66.89 13.05 -32.68
CA LEU F 47 -67.58 12.95 -33.95
C LEU F 47 -66.66 13.51 -35.02
N LYS F 48 -66.68 12.93 -36.21
CA LYS F 48 -65.78 13.39 -37.26
C LYS F 48 -66.51 13.55 -38.57
N PRO F 49 -66.05 14.50 -39.41
CA PRO F 49 -66.62 14.58 -40.74
C PRO F 49 -66.10 13.43 -41.56
N VAL F 50 -66.88 12.95 -42.52
CA VAL F 50 -66.37 11.92 -43.38
C VAL F 50 -65.73 12.63 -44.56
N ILE F 51 -64.51 12.20 -44.87
CA ILE F 51 -63.77 12.66 -46.02
C ILE F 51 -63.89 11.59 -47.07
N ARG F 52 -64.23 11.98 -48.30
CA ARG F 52 -64.35 11.04 -49.40
C ARG F 52 -63.10 11.08 -50.29
N VAL F 53 -62.45 9.93 -50.45
CA VAL F 53 -61.23 9.84 -51.23
C VAL F 53 -61.50 8.93 -52.39
N PHE F 54 -61.08 9.27 -53.61
CA PHE F 54 -61.38 8.42 -54.75
C PHE F 54 -60.33 7.33 -54.98
N ILE F 55 -60.77 6.10 -55.24
CA ILE F 55 -59.85 5.00 -55.45
C ILE F 55 -59.86 4.52 -56.89
N LEU F 56 -58.70 4.48 -57.51
CA LEU F 56 -58.57 4.01 -58.88
C LEU F 56 -57.79 2.70 -58.90
N THR F 57 -58.42 1.63 -59.38
CA THR F 57 -57.77 0.31 -59.44
C THR F 57 -56.97 0.18 -60.73
N SER F 58 -57.34 0.98 -61.73
CA SER F 58 -56.70 0.96 -63.03
C SER F 58 -55.35 1.66 -63.05
N ASN F 59 -54.44 1.18 -63.89
CA ASN F 59 -53.14 1.81 -64.05
C ASN F 59 -53.06 2.62 -65.34
N ASN F 60 -54.21 2.82 -65.97
CA ASN F 60 -54.29 3.54 -67.23
C ASN F 60 -53.87 4.98 -67.07
N PRO F 61 -52.89 5.43 -67.84
CA PRO F 61 -52.31 6.78 -67.72
C PRO F 61 -53.33 7.88 -67.93
N GLU F 62 -54.25 7.68 -68.87
CA GLU F 62 -55.22 8.70 -69.19
C GLU F 62 -56.22 8.86 -68.05
N LEU F 63 -56.59 7.76 -67.39
CA LEU F 63 -57.49 7.84 -66.23
C LEU F 63 -56.83 8.46 -65.03
N ARG F 64 -55.58 8.08 -64.78
CA ARG F 64 -54.83 8.61 -63.67
C ARG F 64 -54.67 10.11 -63.81
N SER F 65 -54.38 10.55 -65.02
CA SER F 65 -54.18 11.96 -65.27
C SER F 65 -55.45 12.75 -65.10
N ARG F 66 -56.55 12.17 -65.56
CA ARG F 66 -57.82 12.86 -65.54
C ARG F 66 -58.34 12.95 -64.13
N LEU F 67 -58.06 11.93 -63.33
CA LEU F 67 -58.43 11.96 -61.92
C LEU F 67 -57.63 13.00 -61.16
N LEU F 68 -56.35 13.16 -61.50
CA LEU F 68 -55.54 14.18 -60.86
C LEU F 68 -56.09 15.55 -61.16
N LEU F 69 -56.41 15.75 -62.43
CA LEU F 69 -56.90 17.03 -62.91
C LEU F 69 -58.26 17.31 -62.31
N PHE F 70 -59.08 16.28 -62.23
CA PHE F 70 -60.41 16.39 -61.64
C PHE F 70 -60.30 16.82 -60.20
N CYS F 71 -59.41 16.17 -59.47
CA CYS F 71 -59.27 16.45 -58.06
C CYS F 71 -58.65 17.82 -57.81
N LEU F 72 -57.70 18.21 -58.66
CA LEU F 72 -57.02 19.49 -58.50
C LEU F 72 -58.00 20.63 -58.62
N ARG F 73 -58.94 20.49 -59.55
CA ARG F 73 -59.98 21.48 -59.76
C ARG F 73 -60.93 21.58 -58.58
N ILE F 74 -61.27 20.45 -57.97
CA ILE F 74 -62.11 20.47 -56.78
C ILE F 74 -61.43 21.17 -55.61
N VAL F 75 -60.13 20.98 -55.46
CA VAL F 75 -59.40 21.65 -54.38
C VAL F 75 -59.47 23.16 -54.57
N LEU F 76 -59.39 23.59 -55.83
CA LEU F 76 -59.38 25.01 -56.16
C LEU F 76 -60.78 25.58 -56.39
N SER F 77 -61.77 24.71 -56.49
CA SER F 77 -63.10 25.13 -56.89
C SER F 77 -63.66 26.16 -55.93
N ASN F 78 -64.50 27.03 -56.47
CA ASN F 78 -65.14 28.06 -55.68
C ASN F 78 -66.07 27.49 -54.62
N GLY F 79 -66.89 26.53 -55.01
CA GLY F 79 -67.99 26.07 -54.19
C GLY F 79 -67.83 24.87 -53.27
N ALA F 80 -66.69 24.20 -53.30
CA ALA F 80 -66.52 22.98 -52.52
C ALA F 80 -66.46 23.25 -51.03
N ARG F 81 -67.00 22.34 -50.22
CA ARG F 81 -66.78 22.45 -48.79
C ARG F 81 -65.45 21.84 -48.43
N ASP F 82 -64.98 22.07 -47.20
CA ASP F 82 -63.64 21.67 -46.81
C ASP F 82 -63.46 20.17 -46.98
N SER F 83 -64.46 19.39 -46.61
CA SER F 83 -64.34 17.94 -46.69
C SER F 83 -64.11 17.44 -48.12
N HIS F 84 -64.68 18.14 -49.09
CA HIS F 84 -64.42 17.81 -50.49
C HIS F 84 -62.97 18.11 -50.87
N ARG F 85 -62.48 19.26 -50.43
CA ARG F 85 -61.12 19.68 -50.76
C ARG F 85 -60.10 18.71 -50.15
N PHE F 86 -60.36 18.29 -48.92
CA PHE F 86 -59.47 17.37 -48.23
C PHE F 86 -59.44 16.04 -48.98
N GLY F 87 -60.61 15.58 -49.39
CA GLY F 87 -60.73 14.33 -50.11
C GLY F 87 -60.01 14.37 -51.43
N ALA F 88 -60.12 15.49 -52.13
CA ALA F 88 -59.44 15.63 -53.40
C ALA F 88 -57.93 15.63 -53.19
N LEU F 89 -57.46 16.29 -52.15
CA LEU F 89 -56.03 16.34 -51.88
C LEU F 89 -55.47 14.95 -51.59
N LEU F 90 -56.14 14.20 -50.72
CA LEU F 90 -55.68 12.87 -50.33
C LEU F 90 -55.64 11.93 -51.53
N THR F 91 -56.58 12.14 -52.46
CA THR F 91 -56.61 11.36 -53.68
C THR F 91 -55.39 11.71 -54.54
N MET F 92 -55.07 12.99 -54.65
CA MET F 92 -53.94 13.39 -55.46
C MET F 92 -52.65 12.79 -54.94
N PHE F 93 -52.46 12.87 -53.64
CA PHE F 93 -51.24 12.41 -53.03
C PHE F 93 -51.07 10.90 -53.14
N SER F 94 -52.16 10.19 -53.39
CA SER F 94 -52.12 8.75 -53.50
C SER F 94 -52.08 8.26 -54.94
N LEU F 95 -52.15 9.18 -55.90
CA LEU F 95 -52.18 8.80 -57.30
C LEU F 95 -50.89 8.16 -57.86
N PRO F 96 -49.72 8.46 -57.27
CA PRO F 96 -48.57 7.68 -57.75
C PRO F 96 -48.59 6.19 -57.39
N SER F 97 -49.37 5.78 -56.39
CA SER F 97 -49.28 4.41 -55.88
C SER F 97 -49.70 3.35 -56.87
N ALA F 98 -49.00 2.22 -56.81
CA ALA F 98 -49.33 1.05 -57.60
C ALA F 98 -50.67 0.51 -57.14
N THR F 99 -50.91 0.60 -55.84
CA THR F 99 -52.23 0.34 -55.31
C THR F 99 -52.67 1.49 -54.43
N MET F 100 -53.62 2.28 -54.89
CA MET F 100 -54.07 3.41 -54.11
C MET F 100 -54.71 2.99 -52.80
N LEU F 101 -55.37 1.86 -52.81
CA LEU F 101 -56.16 1.44 -51.67
C LEU F 101 -55.28 1.28 -50.45
N ASN F 102 -54.10 0.69 -50.63
CA ASN F 102 -53.18 0.45 -49.52
C ASN F 102 -52.73 1.74 -48.90
N HIS F 103 -52.50 2.73 -49.73
CA HIS F 103 -51.98 4.01 -49.25
C HIS F 103 -53.05 5.03 -48.80
N VAL F 104 -54.32 4.86 -49.18
CA VAL F 104 -55.39 5.65 -48.54
C VAL F 104 -55.58 5.14 -47.11
N LYS F 105 -55.24 3.87 -46.88
CA LYS F 105 -55.38 3.31 -45.54
C LYS F 105 -54.36 3.92 -44.58
N LEU F 106 -53.38 4.63 -45.12
CA LEU F 106 -52.46 5.36 -44.28
C LEU F 106 -53.20 6.46 -43.54
N ALA F 107 -54.15 7.11 -44.23
CA ALA F 107 -54.96 8.16 -43.63
C ALA F 107 -55.82 7.63 -42.50
N ASP F 108 -56.14 6.33 -42.56
CA ASP F 108 -57.02 5.71 -41.58
C ASP F 108 -56.39 5.68 -40.21
N GLN F 109 -55.07 5.88 -40.17
CA GLN F 109 -54.30 5.81 -38.94
C GLN F 109 -54.49 7.08 -38.11
N SER F 110 -55.15 8.07 -38.69
CA SER F 110 -55.43 9.32 -37.99
C SER F 110 -56.67 9.24 -37.15
N PRO F 111 -56.58 9.68 -35.90
CA PRO F 111 -57.72 9.65 -34.98
C PRO F 111 -58.82 10.60 -35.39
N GLU F 112 -58.52 11.47 -36.34
CA GLU F 112 -59.49 12.48 -36.76
C GLU F 112 -60.09 12.04 -38.09
N ALA F 113 -59.73 10.84 -38.52
CA ALA F 113 -60.06 10.43 -39.86
C ALA F 113 -61.28 9.52 -39.92
N ASP F 114 -62.19 9.85 -40.81
CA ASP F 114 -63.26 8.96 -41.20
C ASP F 114 -63.35 9.02 -42.72
N ILE F 115 -62.84 8.00 -43.40
CA ILE F 115 -62.71 8.03 -44.86
C ILE F 115 -63.74 7.17 -45.59
N GLU F 116 -64.33 7.70 -46.66
CA GLU F 116 -65.11 6.87 -47.57
C GLU F 116 -64.39 6.76 -48.88
N ARG F 117 -64.22 5.51 -49.32
CA ARG F 117 -63.33 5.19 -50.42
C ARG F 117 -63.80 5.41 -51.86
N VAL F 118 -65.09 5.32 -52.16
CA VAL F 118 -65.59 5.72 -53.48
C VAL F 118 -64.71 5.18 -54.63
N GLU F 119 -64.74 3.86 -54.83
CA GLU F 119 -63.91 3.20 -55.86
C GLU F 119 -64.41 3.65 -57.23
N ILE F 120 -63.54 3.99 -58.19
CA ILE F 120 -64.10 4.80 -59.27
C ILE F 120 -64.25 4.13 -60.66
N ASP F 121 -63.22 3.54 -61.30
CA ASP F 121 -63.33 2.87 -62.62
C ASP F 121 -63.22 3.75 -63.88
N GLY F 122 -63.42 5.06 -63.77
CA GLY F 122 -63.24 5.89 -64.95
C GLY F 122 -64.04 7.16 -65.10
N PHE F 123 -63.94 7.77 -66.28
CA PHE F 123 -64.69 8.98 -66.62
C PHE F 123 -65.44 8.77 -67.94
N GLU F 124 -66.64 9.35 -68.05
CA GLU F 124 -67.39 9.29 -69.30
C GLU F 124 -66.65 10.21 -70.23
N GLU F 125 -66.30 9.74 -71.43
CA GLU F 125 -65.28 10.44 -72.20
C GLU F 125 -65.78 11.85 -72.55
N GLY F 126 -64.85 12.80 -72.55
CA GLY F 126 -65.19 14.20 -72.46
C GLY F 126 -65.17 14.66 -71.01
N SER F 127 -65.88 13.93 -70.13
CA SER F 127 -65.67 14.03 -68.67
C SER F 127 -66.13 15.42 -68.19
N PHE F 128 -65.90 15.85 -66.93
CA PHE F 128 -65.58 15.05 -65.75
C PHE F 128 -66.81 14.40 -65.16
N ARG F 129 -67.48 13.52 -65.88
CA ARG F 129 -68.60 12.83 -65.25
C ARG F 129 -68.06 11.50 -64.77
N LEU F 130 -68.18 11.25 -63.48
CA LEU F 130 -67.60 10.03 -62.93
C LEU F 130 -68.39 8.81 -63.40
N ILE F 131 -67.66 7.78 -63.74
CA ILE F 131 -68.24 6.47 -63.93
C ILE F 131 -67.83 5.67 -62.73
N PRO F 132 -68.78 5.31 -61.84
CA PRO F 132 -68.45 4.64 -60.60
C PRO F 132 -68.35 3.12 -60.69
N ASN F 133 -67.56 2.54 -59.80
CA ASN F 133 -67.49 1.09 -59.65
C ASN F 133 -68.82 0.50 -59.19
N ALA F 134 -69.35 -0.41 -60.02
CA ALA F 134 -70.38 -1.38 -59.64
C ALA F 134 -70.63 -1.56 -58.14
N ARG F 135 -69.53 -1.71 -57.40
CA ARG F 135 -69.52 -1.94 -55.96
C ARG F 135 -70.17 -0.80 -55.15
N SER F 136 -69.96 0.45 -55.52
CA SER F 136 -70.76 1.51 -54.90
C SER F 136 -71.35 2.40 -56.00
N GLY F 137 -72.67 2.53 -55.97
CA GLY F 137 -73.38 3.30 -56.98
C GLY F 137 -73.28 4.79 -56.74
N MET F 138 -73.72 5.56 -57.72
CA MET F 138 -73.84 7.00 -57.54
C MET F 138 -75.10 7.51 -58.22
N SER F 139 -75.77 8.48 -57.60
CA SER F 139 -76.92 9.09 -58.26
C SER F 139 -76.35 9.99 -59.33
N ARG F 140 -77.09 10.20 -60.41
CA ARG F 140 -76.56 11.04 -61.48
C ARG F 140 -76.66 12.49 -61.08
N GLY F 141 -77.38 12.75 -60.00
CA GLY F 141 -77.36 14.05 -59.37
C GLY F 141 -75.99 14.31 -58.76
N GLU F 142 -75.44 13.30 -58.11
CA GLU F 142 -74.16 13.41 -57.45
C GLU F 142 -73.02 13.42 -58.47
N ILE F 143 -73.16 12.63 -59.53
CA ILE F 143 -72.17 12.61 -60.59
C ILE F 143 -72.10 13.98 -61.26
N ASN F 144 -73.26 14.53 -61.58
CA ASN F 144 -73.32 15.81 -62.26
C ASN F 144 -72.90 16.93 -61.34
N ALA F 145 -73.14 16.74 -60.05
CA ALA F 145 -72.79 17.74 -59.05
C ALA F 145 -71.29 17.88 -58.95
N TYR F 146 -70.60 16.75 -59.03
CA TYR F 146 -69.14 16.76 -59.01
C TYR F 146 -68.57 17.41 -60.25
N ALA F 147 -69.12 17.08 -61.42
CA ALA F 147 -68.64 17.61 -62.68
C ALA F 147 -68.81 19.12 -62.73
N ALA F 148 -69.86 19.62 -62.09
CA ALA F 148 -70.08 21.06 -62.01
C ALA F 148 -69.03 21.71 -61.13
N LEU F 149 -68.70 21.03 -60.04
CA LEU F 149 -67.75 21.50 -59.05
C LEU F 149 -66.36 21.59 -59.65
N ALA F 150 -66.07 20.69 -60.58
CA ALA F 150 -64.77 20.66 -61.23
C ALA F 150 -64.58 21.79 -62.24
N GLU F 151 -65.65 22.48 -62.57
CA GLU F 151 -65.57 23.58 -63.52
C GLU F 151 -65.99 24.88 -62.88
N ASP F 152 -65.73 24.97 -61.59
CA ASP F 152 -66.01 26.18 -60.84
C ASP F 152 -64.81 27.09 -60.98
N LEU F 153 -63.75 26.83 -60.23
CA LEU F 153 -62.50 27.61 -60.29
C LEU F 153 -62.68 29.11 -60.04
N PRO F 154 -61.75 29.72 -59.30
CA PRO F 154 -61.94 31.16 -59.09
C PRO F 154 -61.67 31.93 -60.36
N ASP F 155 -62.11 33.18 -60.43
CA ASP F 155 -61.84 34.02 -61.59
C ASP F 155 -60.50 34.70 -61.42
N THR F 156 -59.94 34.59 -60.23
CA THR F 156 -58.58 35.05 -59.99
C THR F 156 -57.63 34.21 -60.82
N LEU F 157 -58.09 33.02 -61.21
CA LEU F 157 -57.23 32.15 -61.97
C LEU F 157 -57.23 32.65 -63.40
N ASN F 158 -56.10 32.51 -64.07
CA ASN F 158 -55.87 33.20 -65.31
C ASN F 158 -56.02 32.41 -66.62
N HIS F 159 -57.20 31.78 -66.82
CA HIS F 159 -57.67 31.10 -68.07
C HIS F 159 -58.35 29.76 -67.92
N ALA F 160 -59.30 29.66 -66.99
CA ALA F 160 -60.14 28.46 -66.84
C ALA F 160 -59.36 27.22 -66.45
N THR F 161 -58.07 27.40 -66.18
CA THR F 161 -57.20 26.33 -65.72
C THR F 161 -56.26 26.92 -64.69
N PRO F 162 -55.58 26.07 -63.92
CA PRO F 162 -54.41 26.63 -63.24
C PRO F 162 -53.24 26.52 -64.21
N PHE F 163 -52.14 25.95 -63.76
CA PHE F 163 -51.09 25.51 -64.68
C PHE F 163 -50.29 26.52 -65.50
N VAL F 164 -50.60 27.82 -65.40
CA VAL F 164 -49.87 28.91 -66.08
C VAL F 164 -49.84 28.73 -67.60
N ASP F 165 -49.28 27.62 -68.08
CA ASP F 165 -49.30 27.28 -69.50
C ASP F 165 -50.70 26.81 -69.86
N SER F 166 -51.50 27.70 -70.43
CA SER F 166 -52.91 27.38 -70.68
C SER F 166 -53.13 26.26 -71.70
N GLU F 167 -52.20 25.32 -71.82
CA GLU F 167 -52.33 24.34 -72.88
C GLU F 167 -52.03 22.93 -72.31
N VAL F 168 -51.67 22.87 -71.03
CA VAL F 168 -51.32 21.61 -70.37
C VAL F 168 -52.46 20.63 -70.34
N GLU F 169 -53.60 21.09 -69.84
CA GLU F 169 -54.74 20.20 -69.64
C GLU F 169 -55.30 19.58 -70.93
N GLY F 170 -54.87 20.10 -72.08
CA GLY F 170 -55.31 19.61 -73.37
C GLY F 170 -54.40 18.52 -73.93
N THR F 171 -53.36 18.19 -73.17
CA THR F 171 -52.39 17.16 -73.54
C THR F 171 -53.06 15.81 -73.70
N ALA F 172 -52.37 14.89 -74.38
CA ALA F 172 -52.84 13.52 -74.54
C ALA F 172 -52.01 12.65 -73.61
N TRP F 173 -52.66 12.11 -72.58
CA TRP F 173 -51.96 11.36 -71.55
C TRP F 173 -51.88 9.91 -71.98
N ASP F 174 -51.14 9.65 -73.05
CA ASP F 174 -51.09 8.33 -73.64
C ASP F 174 -50.20 7.39 -72.86
N GLU F 175 -49.13 7.93 -72.30
CA GLU F 175 -48.15 7.09 -71.63
C GLU F 175 -47.90 7.46 -70.18
N ILE F 176 -47.62 6.44 -69.37
CA ILE F 176 -47.45 6.62 -67.94
C ILE F 176 -46.36 7.61 -67.55
N GLU F 177 -45.31 7.77 -68.37
CA GLU F 177 -44.25 8.72 -68.02
C GLU F 177 -44.79 10.13 -67.88
N THR F 178 -45.69 10.50 -68.77
CA THR F 178 -46.24 11.83 -68.79
C THR F 178 -47.09 12.06 -67.56
N PHE F 179 -47.87 11.06 -67.18
CA PHE F 179 -48.72 11.19 -66.01
C PHE F 179 -47.88 11.43 -64.78
N LEU F 180 -46.85 10.60 -64.64
CA LEU F 180 -45.96 10.68 -63.49
C LEU F 180 -45.21 11.99 -63.48
N ASP F 181 -44.84 12.46 -64.66
CA ASP F 181 -44.08 13.70 -64.75
C ASP F 181 -44.95 14.86 -64.23
N MET F 182 -46.22 14.88 -64.61
CA MET F 182 -47.13 15.86 -64.06
C MET F 182 -47.46 15.63 -62.61
N CYS F 183 -47.80 14.39 -62.27
CA CYS F 183 -48.26 14.09 -60.94
C CYS F 183 -47.20 14.51 -59.94
N TYR F 184 -45.96 14.16 -60.20
CA TYR F 184 -44.86 14.53 -59.33
C TYR F 184 -44.65 16.03 -59.28
N SER F 185 -44.83 16.70 -60.42
CA SER F 185 -44.64 18.13 -60.47
C SER F 185 -45.67 18.87 -59.65
N VAL F 186 -46.93 18.48 -59.77
CA VAL F 186 -48.01 19.11 -59.02
C VAL F 186 -47.89 18.82 -57.53
N LEU F 187 -47.66 17.57 -57.20
CA LEU F 187 -47.56 17.16 -55.81
C LEU F 187 -46.41 17.88 -55.13
N MET F 188 -45.32 18.09 -55.85
CA MET F 188 -44.18 18.79 -55.30
C MET F 188 -44.53 20.24 -54.94
N GLN F 189 -45.35 20.90 -55.74
CA GLN F 189 -45.78 22.27 -55.45
C GLN F 189 -46.63 22.33 -54.19
N ALA F 190 -47.45 21.31 -53.97
CA ALA F 190 -48.18 21.19 -52.72
C ALA F 190 -47.26 20.94 -51.54
N TRP F 191 -46.24 20.10 -51.75
CA TRP F 191 -45.30 19.79 -50.69
C TRP F 191 -44.56 21.06 -50.26
N ILE F 192 -44.27 21.91 -51.25
CA ILE F 192 -43.53 23.15 -51.06
C ILE F 192 -44.26 24.15 -50.18
N VAL F 193 -45.58 24.11 -50.21
CA VAL F 193 -46.37 25.04 -49.42
C VAL F 193 -46.92 24.39 -48.17
N THR F 194 -46.36 23.24 -47.80
CA THR F 194 -46.96 22.43 -46.76
C THR F 194 -46.92 23.06 -45.38
N CYS F 195 -45.81 23.66 -44.98
CA CYS F 195 -45.82 24.21 -43.64
C CYS F 195 -45.62 25.70 -43.67
N LYS F 196 -46.55 26.39 -44.33
CA LYS F 196 -46.51 27.85 -44.42
C LYS F 196 -47.84 28.38 -43.85
N CYS F 197 -47.74 29.31 -42.90
CA CYS F 197 -48.87 29.81 -42.12
C CYS F 197 -49.80 30.81 -42.85
N MET F 198 -49.24 31.51 -43.84
CA MET F 198 -49.87 32.31 -44.93
C MET F 198 -48.98 33.50 -45.27
N GLN F 203 -49.11 38.90 -52.14
CA GLN F 203 -48.41 38.21 -51.05
C GLN F 203 -46.98 37.78 -51.42
N PRO F 204 -46.23 37.26 -50.42
CA PRO F 204 -44.97 36.52 -50.31
C PRO F 204 -45.11 35.15 -51.04
N ALA F 205 -44.14 34.24 -51.04
CA ALA F 205 -43.01 34.18 -50.11
C ALA F 205 -41.74 33.95 -50.89
N ALA F 206 -40.63 34.35 -50.28
CA ALA F 206 -39.34 34.24 -50.93
C ALA F 206 -38.95 32.78 -50.98
N SER F 207 -39.29 32.06 -49.92
CA SER F 207 -38.97 30.64 -49.79
C SER F 207 -39.56 29.83 -50.94
N ILE F 208 -40.80 30.14 -51.31
CA ILE F 208 -41.51 29.31 -52.27
C ILE F 208 -40.81 29.26 -53.63
N GLU F 209 -40.50 30.39 -54.23
CA GLU F 209 -39.90 30.36 -55.58
C GLU F 209 -38.48 29.87 -55.58
N LYS F 210 -37.81 29.93 -54.45
CA LYS F 210 -36.48 29.36 -54.36
C LYS F 210 -36.52 27.84 -54.42
N ARG F 211 -37.58 27.24 -53.89
CA ARG F 211 -37.77 25.80 -53.98
C ARG F 211 -38.09 25.31 -55.39
N LEU F 212 -38.98 26.01 -56.09
CA LEU F 212 -39.35 25.57 -57.43
C LEU F 212 -38.17 25.64 -58.36
N GLN F 213 -37.34 26.66 -58.18
CA GLN F 213 -36.24 26.83 -59.09
C GLN F 213 -35.24 25.72 -58.81
N LYS F 214 -35.19 25.28 -57.55
CA LYS F 214 -34.33 24.16 -57.20
C LYS F 214 -34.79 22.87 -57.86
N TYR F 215 -36.08 22.59 -57.73
CA TYR F 215 -36.65 21.35 -58.25
C TYR F 215 -36.82 21.34 -59.76
N ARG F 216 -36.89 22.49 -60.39
CA ARG F 216 -36.85 22.54 -61.85
C ARG F 216 -35.47 22.15 -62.38
N GLN F 217 -34.41 22.63 -61.72
CA GLN F 217 -33.05 22.32 -62.16
C GLN F 217 -32.65 20.89 -61.82
N GLN F 218 -33.28 20.31 -60.81
CA GLN F 218 -33.07 18.89 -60.53
C GLN F 218 -33.92 18.02 -61.43
N GLY F 219 -34.89 18.63 -62.09
CA GLY F 219 -35.76 17.89 -62.99
C GLY F 219 -36.92 17.22 -62.27
N ARG F 220 -37.03 17.48 -60.98
CA ARG F 220 -38.13 16.92 -60.21
C ARG F 220 -39.45 17.64 -60.51
N ILE F 221 -39.39 18.92 -60.84
CA ILE F 221 -40.58 19.62 -61.30
C ILE F 221 -40.38 20.04 -62.76
N ASN F 222 -41.40 19.82 -63.59
CA ASN F 222 -41.30 20.18 -64.99
C ASN F 222 -42.00 21.51 -65.17
N PRO F 223 -41.31 22.51 -65.76
CA PRO F 223 -41.85 23.88 -65.79
C PRO F 223 -43.20 23.98 -66.50
N ARG F 224 -43.51 22.98 -67.31
CA ARG F 224 -44.77 22.96 -68.05
C ARG F 224 -45.97 22.84 -67.14
N TYR F 225 -45.78 22.10 -66.04
CA TYR F 225 -46.88 21.76 -65.17
C TYR F 225 -46.80 22.60 -63.93
N LEU F 226 -46.17 23.76 -64.04
CA LEU F 226 -46.07 24.65 -62.91
C LEU F 226 -47.46 25.23 -62.72
N LEU F 227 -47.83 25.59 -61.50
CA LEU F 227 -49.20 26.05 -61.23
C LEU F 227 -49.21 27.56 -61.17
N GLN F 228 -50.36 28.17 -61.42
CA GLN F 228 -50.45 29.61 -61.24
C GLN F 228 -50.31 29.86 -59.76
N PRO F 229 -49.65 30.95 -59.37
CA PRO F 229 -49.36 31.17 -57.96
C PRO F 229 -50.62 31.20 -57.10
N GLU F 230 -51.74 31.58 -57.68
CA GLU F 230 -52.97 31.60 -56.91
C GLU F 230 -53.45 30.18 -56.62
N ALA F 231 -53.15 29.26 -57.53
CA ALA F 231 -53.50 27.87 -57.31
C ALA F 231 -52.78 27.36 -56.10
N ARG F 232 -51.51 27.70 -55.98
CA ARG F 232 -50.73 27.28 -54.83
C ARG F 232 -51.21 27.89 -53.53
N ARG F 233 -51.64 29.14 -53.54
CA ARG F 233 -52.05 29.78 -52.30
C ARG F 233 -53.32 29.13 -51.76
N ILE F 234 -54.20 28.72 -52.65
CA ILE F 234 -55.38 27.98 -52.22
C ILE F 234 -55.00 26.62 -51.64
N ILE F 235 -54.12 25.89 -52.32
CA ILE F 235 -53.68 24.58 -51.84
C ILE F 235 -52.97 24.72 -50.51
N GLN F 236 -52.17 25.78 -50.38
CA GLN F 236 -51.50 26.12 -49.13
C GLN F 236 -52.51 26.23 -48.01
N ASN F 237 -53.63 26.89 -48.30
CA ASN F 237 -54.68 27.10 -47.32
C ASN F 237 -55.45 25.84 -46.96
N VAL F 238 -55.75 25.00 -47.95
CA VAL F 238 -56.46 23.74 -47.71
C VAL F 238 -55.65 22.85 -46.80
N ILE F 239 -54.35 22.82 -47.02
CA ILE F 239 -53.45 22.02 -46.21
C ILE F 239 -53.41 22.50 -44.77
N ARG F 240 -53.40 23.81 -44.58
CA ARG F 240 -53.34 24.34 -43.22
C ARG F 240 -54.63 24.02 -42.49
N LYS F 241 -55.75 24.06 -43.20
CA LYS F 241 -57.05 23.73 -42.64
C LYS F 241 -57.22 22.26 -42.25
N GLY F 242 -56.64 21.36 -43.04
CA GLY F 242 -56.89 19.94 -42.90
C GLY F 242 -55.95 19.18 -41.97
N MET F 243 -56.46 18.81 -40.81
CA MET F 243 -55.64 18.06 -39.86
C MET F 243 -55.40 16.65 -40.37
N VAL F 244 -56.45 15.97 -40.80
CA VAL F 244 -56.29 14.62 -41.33
C VAL F 244 -55.32 14.63 -42.54
N VAL F 245 -55.41 15.63 -43.40
CA VAL F 245 -54.50 15.71 -44.53
C VAL F 245 -53.08 15.86 -44.04
N ARG F 246 -52.88 16.78 -43.10
CA ARG F 246 -51.57 17.04 -42.53
C ARG F 246 -51.03 15.81 -41.82
N HIS F 247 -51.92 15.06 -41.20
CA HIS F 247 -51.54 13.78 -40.62
C HIS F 247 -51.00 12.87 -41.69
N PHE F 248 -51.71 12.80 -42.82
CA PHE F 248 -51.30 11.92 -43.91
C PHE F 248 -49.95 12.32 -44.44
N LEU F 249 -49.70 13.62 -44.55
CA LEU F 249 -48.41 14.10 -45.01
C LEU F 249 -47.31 13.69 -44.06
N THR F 250 -47.63 13.69 -42.76
CA THR F 250 -46.66 13.27 -41.76
C THR F 250 -46.27 11.82 -41.94
N PHE F 251 -47.25 10.97 -42.19
CA PHE F 251 -47.01 9.54 -42.31
C PHE F 251 -46.11 9.24 -43.49
N GLU F 252 -46.33 10.00 -44.57
CA GLU F 252 -45.52 9.91 -45.77
C GLU F 252 -44.11 10.41 -45.53
N LEU F 253 -43.99 11.48 -44.75
CA LEU F 253 -42.70 12.06 -44.51
C LEU F 253 -41.85 11.10 -43.68
N GLN F 254 -42.50 10.38 -42.77
CA GLN F 254 -41.81 9.35 -42.01
C GLN F 254 -41.36 8.21 -42.87
N LEU F 255 -42.18 7.81 -43.81
CA LEU F 255 -41.85 6.68 -44.66
C LEU F 255 -40.72 7.07 -45.58
N ALA F 256 -40.73 8.32 -45.95
CA ALA F 256 -39.67 8.87 -46.78
C ALA F 256 -38.34 8.87 -46.02
N ARG F 257 -38.39 9.00 -44.71
CA ARG F 257 -37.19 8.95 -43.90
C ARG F 257 -36.62 7.55 -43.78
N ALA F 258 -37.46 6.52 -43.81
CA ALA F 258 -36.98 5.18 -43.57
C ALA F 258 -36.46 4.52 -44.85
N GLN F 259 -36.43 5.27 -45.94
CA GLN F 259 -36.05 4.69 -47.21
C GLN F 259 -34.57 4.39 -47.21
N SER F 260 -34.17 3.39 -48.00
CA SER F 260 -32.77 3.09 -48.17
C SER F 260 -32.17 4.11 -49.11
N LEU F 261 -30.85 4.11 -49.23
CA LEU F 261 -30.16 5.01 -50.12
C LEU F 261 -30.56 4.76 -51.57
N VAL F 262 -30.90 3.52 -51.87
CA VAL F 262 -31.43 3.20 -53.18
C VAL F 262 -32.96 3.15 -53.07
N SER F 263 -33.61 4.06 -53.78
CA SER F 263 -35.02 4.34 -53.56
C SER F 263 -35.76 4.50 -54.87
N ASN F 264 -36.98 5.04 -54.83
CA ASN F 264 -37.67 5.36 -56.07
C ASN F 264 -37.78 6.86 -56.22
N ARG F 265 -38.31 7.29 -57.36
CA ARG F 265 -38.25 8.69 -57.70
C ARG F 265 -39.07 9.55 -56.73
N TYR F 266 -40.29 9.12 -56.44
CA TYR F 266 -41.17 9.93 -55.61
C TYR F 266 -40.65 10.09 -54.20
N TYR F 267 -40.25 9.01 -53.56
CA TYR F 267 -39.87 9.09 -52.16
C TYR F 267 -38.50 9.76 -51.91
N ALA F 268 -37.59 9.67 -52.88
CA ALA F 268 -36.38 10.47 -52.78
C ALA F 268 -36.78 11.93 -52.82
N MET F 269 -37.75 12.20 -53.67
CA MET F 269 -38.29 13.53 -53.89
C MET F 269 -38.99 14.04 -52.64
N VAL F 270 -39.83 13.21 -52.03
CA VAL F 270 -40.52 13.55 -50.80
C VAL F 270 -39.53 13.71 -49.65
N GLY F 271 -38.50 12.86 -49.64
CA GLY F 271 -37.48 12.94 -48.62
C GLY F 271 -36.70 14.23 -48.64
N ASP F 272 -36.42 14.71 -49.83
CA ASP F 272 -35.64 15.94 -49.99
C ASP F 272 -36.42 17.16 -49.50
N VAL F 273 -37.67 17.28 -49.94
CA VAL F 273 -38.47 18.44 -49.58
C VAL F 273 -38.80 18.35 -48.09
N GLY F 274 -38.78 17.15 -47.56
CA GLY F 274 -39.11 16.92 -46.17
C GLY F 274 -38.12 17.60 -45.24
N LYS F 275 -36.89 17.78 -45.71
CA LYS F 275 -35.87 18.39 -44.87
C LYS F 275 -36.14 19.87 -44.65
N TYR F 276 -36.87 20.48 -45.56
CA TYR F 276 -37.33 21.85 -45.39
C TYR F 276 -38.49 21.94 -44.39
N ILE F 277 -39.39 20.96 -44.41
CA ILE F 277 -40.55 20.94 -43.52
C ILE F 277 -40.23 20.57 -42.06
N GLU F 278 -39.19 19.76 -41.84
CA GLU F 278 -38.84 19.31 -40.49
C GLU F 278 -38.63 20.49 -39.53
N ASN F 279 -39.17 20.36 -38.33
CA ASN F 279 -38.98 21.34 -37.26
C ASN F 279 -39.56 22.69 -37.64
N CYS F 280 -40.44 22.70 -38.62
CA CYS F 280 -41.22 23.89 -38.95
C CYS F 280 -41.93 24.42 -37.70
N GLY F 281 -41.98 25.74 -37.56
CA GLY F 281 -42.80 26.36 -36.53
C GLY F 281 -42.08 26.48 -35.21
N MET F 282 -40.82 26.06 -35.21
CA MET F 282 -40.01 26.03 -34.00
C MET F 282 -38.77 26.88 -34.15
N GLY F 283 -38.88 27.93 -34.94
CA GLY F 283 -37.73 28.75 -35.26
C GLY F 283 -37.11 29.35 -34.02
N GLY F 284 -37.94 29.80 -33.08
CA GLY F 284 -37.44 30.44 -31.89
C GLY F 284 -36.58 29.54 -31.03
N PHE F 285 -37.01 28.29 -30.89
CA PHE F 285 -36.28 27.33 -30.08
C PHE F 285 -34.95 26.99 -30.74
N PHE F 286 -34.99 26.63 -32.01
CA PHE F 286 -33.77 26.22 -32.71
C PHE F 286 -32.83 27.38 -33.04
N LEU F 287 -33.37 28.57 -33.29
CA LEU F 287 -32.49 29.70 -33.52
C LEU F 287 -31.79 30.11 -32.23
N THR F 288 -32.49 29.98 -31.10
CA THR F 288 -31.88 30.30 -29.82
C THR F 288 -30.71 29.35 -29.54
N LEU F 289 -30.87 28.07 -29.81
CA LEU F 289 -29.78 27.11 -29.60
C LEU F 289 -28.58 27.47 -30.47
N LYS F 290 -28.86 27.78 -31.74
CA LYS F 290 -27.85 28.00 -32.75
C LYS F 290 -26.98 29.21 -32.42
N TYR F 291 -27.61 30.34 -32.11
CA TYR F 291 -26.88 31.58 -31.87
C TYR F 291 -26.45 31.79 -30.41
N ALA F 292 -27.35 31.55 -29.46
CA ALA F 292 -26.98 31.73 -28.07
C ALA F 292 -25.97 30.69 -27.59
N LEU F 293 -26.26 29.41 -27.85
CA LEU F 293 -25.41 28.34 -27.35
C LEU F 293 -24.32 27.94 -28.34
N GLY F 294 -24.62 28.02 -29.62
CA GLY F 294 -23.67 27.65 -30.64
C GLY F 294 -22.43 28.53 -30.67
N THR F 295 -22.64 29.82 -30.46
CA THR F 295 -21.55 30.79 -30.46
C THR F 295 -20.64 30.63 -29.23
N ARG F 296 -21.20 30.22 -28.10
CA ARG F 296 -20.44 29.97 -26.88
C ARG F 296 -19.61 31.20 -26.52
N TRP F 297 -20.23 32.37 -26.62
CA TRP F 297 -19.55 33.60 -26.27
C TRP F 297 -19.61 33.82 -24.76
N PRO F 298 -18.72 34.67 -24.24
CA PRO F 298 -18.58 34.91 -22.80
C PRO F 298 -19.83 35.44 -22.11
N THR F 299 -20.70 36.14 -22.84
CA THR F 299 -21.91 36.71 -22.25
C THR F 299 -22.88 35.63 -21.82
N LEU F 300 -22.65 34.40 -22.27
CA LEU F 300 -23.50 33.29 -21.92
C LEU F 300 -23.37 32.93 -20.46
N ALA F 301 -22.38 33.51 -19.79
CA ALA F 301 -22.14 33.21 -18.40
C ALA F 301 -22.86 34.17 -17.48
N LEU F 302 -23.68 35.06 -18.04
CA LEU F 302 -24.45 35.97 -17.21
C LEU F 302 -25.36 35.18 -16.28
N ALA F 303 -25.53 35.68 -15.07
CA ALA F 303 -26.35 35.00 -14.10
C ALA F 303 -27.82 35.04 -14.51
N ALA F 304 -28.22 36.08 -15.22
CA ALA F 304 -29.60 36.24 -15.65
C ALA F 304 -30.04 35.07 -16.54
N PHE F 305 -29.10 34.58 -17.35
CA PHE F 305 -29.38 33.45 -18.22
C PHE F 305 -29.48 32.12 -17.47
N SER F 306 -29.13 32.11 -16.19
CA SER F 306 -28.92 30.86 -15.46
C SER F 306 -30.14 29.95 -15.43
N GLY F 307 -31.29 30.51 -15.12
CA GLY F 307 -32.52 29.73 -15.08
C GLY F 307 -32.98 29.29 -16.44
N GLU F 308 -32.85 30.19 -17.41
CA GLU F 308 -33.31 29.92 -18.77
C GLU F 308 -32.46 28.86 -19.44
N LEU F 309 -31.18 28.82 -19.10
CA LEU F 309 -30.28 27.81 -19.64
C LEU F 309 -30.70 26.43 -19.18
N THR F 310 -31.16 26.33 -17.95
CA THR F 310 -31.68 25.06 -17.47
C THR F 310 -32.95 24.70 -18.23
N LYS F 311 -33.74 25.72 -18.55
CA LYS F 311 -34.99 25.52 -19.26
C LYS F 311 -34.77 25.01 -20.67
N LEU F 312 -33.76 25.52 -21.36
CA LEU F 312 -33.42 24.98 -22.67
C LEU F 312 -32.92 23.55 -22.58
N LYS F 313 -32.18 23.23 -21.53
CA LYS F 313 -31.65 21.89 -21.36
C LYS F 313 -32.82 20.91 -21.16
N SER F 314 -33.83 21.32 -20.39
CA SER F 314 -35.03 20.52 -20.24
C SER F 314 -35.74 20.32 -21.57
N LEU F 315 -35.83 21.38 -22.37
CA LEU F 315 -36.52 21.31 -23.64
C LEU F 315 -35.84 20.38 -24.64
N MET F 316 -34.52 20.38 -24.70
CA MET F 316 -33.82 19.44 -25.57
C MET F 316 -34.09 18.02 -25.12
N ALA F 317 -34.06 17.81 -23.81
CA ALA F 317 -34.33 16.51 -23.22
C ALA F 317 -35.74 16.07 -23.55
N LEU F 318 -36.68 17.02 -23.49
CA LEU F 318 -38.06 16.75 -23.82
C LEU F 318 -38.22 16.40 -25.30
N TYR F 319 -37.50 17.12 -26.14
CA TYR F 319 -37.58 16.93 -27.58
C TYR F 319 -37.22 15.52 -27.99
N GLN F 320 -36.20 14.97 -27.34
CA GLN F 320 -35.68 13.65 -27.65
C GLN F 320 -36.64 12.54 -27.24
N THR F 321 -37.31 12.72 -26.11
CA THR F 321 -38.26 11.73 -25.61
C THR F 321 -39.45 11.58 -26.54
N LEU F 322 -39.75 12.63 -27.30
CA LEU F 322 -40.91 12.64 -28.18
C LEU F 322 -40.79 11.67 -29.36
N GLY F 323 -39.57 11.41 -29.83
CA GLY F 323 -39.38 10.46 -30.91
C GLY F 323 -39.11 11.05 -32.27
N GLU F 324 -39.37 10.26 -33.32
CA GLU F 324 -39.17 10.68 -34.72
C GLU F 324 -40.06 11.87 -35.05
N GLN F 325 -41.23 11.85 -34.42
CA GLN F 325 -42.39 12.70 -34.64
C GLN F 325 -42.28 14.06 -34.03
N ALA F 326 -41.18 14.27 -33.32
CA ALA F 326 -40.95 15.57 -32.73
C ALA F 326 -40.66 16.60 -33.80
N ARG F 327 -40.31 16.15 -34.99
CA ARG F 327 -40.04 17.07 -36.08
C ARG F 327 -41.32 17.66 -36.62
N TYR F 328 -42.43 17.03 -36.33
CA TYR F 328 -43.67 17.33 -37.05
C TYR F 328 -44.72 17.96 -36.15
N LEU F 329 -44.28 18.60 -35.06
CA LEU F 329 -45.21 19.14 -34.08
C LEU F 329 -46.12 20.20 -34.67
N ALA F 330 -45.58 21.03 -35.54
CA ALA F 330 -46.39 22.06 -36.16
C ALA F 330 -47.46 21.43 -37.04
N LEU F 331 -47.04 20.46 -37.85
CA LEU F 331 -47.95 19.78 -38.76
C LEU F 331 -49.00 19.02 -37.97
N LEU F 332 -48.54 18.40 -36.89
CA LEU F 332 -49.40 17.60 -36.03
C LEU F 332 -50.33 18.44 -35.16
N GLU F 333 -49.98 19.72 -35.01
CA GLU F 333 -50.75 20.63 -34.18
C GLU F 333 -50.64 20.24 -32.73
N SER F 334 -49.52 19.64 -32.37
CA SER F 334 -49.32 19.13 -31.02
C SER F 334 -49.21 20.27 -30.02
N PRO F 335 -49.83 20.09 -28.85
CA PRO F 335 -49.75 21.05 -27.77
C PRO F 335 -48.33 21.21 -27.26
N HIS F 336 -47.48 20.22 -27.55
CA HIS F 336 -46.09 20.26 -27.11
C HIS F 336 -45.37 21.47 -27.72
N LEU F 337 -45.95 22.05 -28.76
CA LEU F 337 -45.33 23.18 -29.40
C LEU F 337 -45.33 24.40 -28.50
N MET F 338 -46.24 24.39 -27.53
CA MET F 338 -46.31 25.46 -26.55
C MET F 338 -45.15 25.38 -25.59
N ASP F 339 -44.65 24.16 -25.38
CA ASP F 339 -43.55 23.93 -24.45
C ASP F 339 -42.30 24.66 -24.91
N PHE F 340 -42.11 24.74 -26.22
CA PHE F 340 -40.89 25.29 -26.77
C PHE F 340 -41.03 26.76 -27.09
N ALA F 341 -42.14 27.36 -26.68
CA ALA F 341 -42.38 28.77 -26.96
C ALA F 341 -41.32 29.64 -26.31
N ALA F 342 -40.88 30.65 -27.03
CA ALA F 342 -39.74 31.45 -26.62
C ALA F 342 -40.00 32.25 -25.33
N ALA F 343 -41.26 32.38 -24.97
CA ALA F 343 -41.63 33.14 -23.79
C ALA F 343 -41.06 32.51 -22.53
N ASN F 344 -40.73 31.23 -22.61
CA ASN F 344 -40.10 30.53 -21.49
C ASN F 344 -38.65 30.91 -21.26
N TYR F 345 -37.98 31.37 -22.31
CA TYR F 345 -36.60 31.84 -22.19
C TYR F 345 -36.41 33.18 -22.88
N PRO F 346 -37.11 34.21 -22.42
CA PRO F 346 -37.17 35.49 -23.13
C PRO F 346 -35.84 36.20 -23.25
N LEU F 347 -35.04 36.17 -22.19
CA LEU F 347 -33.77 36.87 -22.24
C LEU F 347 -32.85 36.21 -23.26
N LEU F 348 -32.69 34.89 -23.14
CA LEU F 348 -31.83 34.14 -24.03
C LEU F 348 -32.32 34.26 -25.48
N TYR F 349 -33.62 34.29 -25.65
CA TYR F 349 -34.19 34.40 -26.99
C TYR F 349 -33.82 35.75 -27.57
N SER F 350 -34.07 36.79 -26.79
CA SER F 350 -33.76 38.15 -27.20
C SER F 350 -32.30 38.23 -27.59
N TYR F 351 -31.45 37.68 -26.73
CA TYR F 351 -30.02 37.70 -26.90
C TYR F 351 -29.58 36.96 -28.16
N ALA F 352 -30.15 35.78 -28.39
CA ALA F 352 -29.82 35.00 -29.57
C ALA F 352 -30.27 35.72 -30.84
N MET F 353 -31.41 36.39 -30.75
CA MET F 353 -31.93 37.11 -31.90
C MET F 353 -30.97 38.21 -32.29
N GLY F 354 -30.41 38.88 -31.29
CA GLY F 354 -29.46 39.96 -31.50
C GLY F 354 -28.20 39.49 -32.17
N ILE F 355 -27.72 38.34 -31.74
CA ILE F 355 -26.54 37.73 -32.33
C ILE F 355 -26.82 37.34 -33.77
N GLY F 356 -27.97 36.73 -34.00
CA GLY F 356 -28.32 36.27 -35.33
C GLY F 356 -28.41 37.43 -36.28
N TYR F 357 -28.88 38.56 -35.79
CA TYR F 357 -29.13 39.72 -36.64
C TYR F 357 -27.86 40.25 -37.32
N VAL F 358 -26.75 40.32 -36.59
CA VAL F 358 -25.49 40.72 -37.20
C VAL F 358 -24.80 39.53 -37.92
N LEU F 359 -24.87 38.35 -37.33
CA LEU F 359 -24.15 37.18 -37.85
C LEU F 359 -24.68 36.65 -39.19
N ASP F 360 -25.99 36.75 -39.42
CA ASP F 360 -26.58 36.25 -40.66
C ASP F 360 -27.41 37.35 -41.30
N VAL F 361 -27.15 37.59 -42.58
CA VAL F 361 -27.83 38.66 -43.31
C VAL F 361 -29.31 38.32 -43.44
N ASN F 362 -29.60 37.03 -43.54
CA ASN F 362 -30.96 36.59 -43.71
C ASN F 362 -31.82 36.76 -42.46
N MET F 363 -31.20 36.85 -41.29
CA MET F 363 -31.95 36.92 -40.04
C MET F 363 -32.83 38.16 -39.85
N ARG F 364 -32.50 39.26 -40.52
CA ARG F 364 -33.25 40.50 -40.38
C ARG F 364 -34.71 40.30 -40.77
N ASN F 365 -34.95 39.42 -41.73
CA ASN F 365 -36.29 39.21 -42.25
C ASN F 365 -37.03 38.16 -41.47
N TYR F 366 -36.40 37.59 -40.45
CA TYR F 366 -37.12 36.73 -39.53
C TYR F 366 -38.02 37.61 -38.67
N ALA F 367 -39.20 37.11 -38.33
CA ALA F 367 -40.12 37.89 -37.50
C ALA F 367 -39.76 37.68 -36.04
N PHE F 368 -38.66 38.30 -35.61
CA PHE F 368 -38.14 38.03 -34.28
C PHE F 368 -38.81 38.80 -33.14
N SER F 369 -39.45 39.92 -33.46
CA SER F 369 -40.04 40.76 -32.43
C SER F 369 -41.21 40.05 -31.78
N ARG F 370 -41.31 40.17 -30.47
CA ARG F 370 -42.30 39.47 -29.69
C ARG F 370 -42.69 40.34 -28.52
N SER F 371 -43.78 39.99 -27.85
CA SER F 371 -44.25 40.77 -26.71
C SER F 371 -43.24 40.76 -25.58
N TYR F 372 -42.65 39.60 -25.33
CA TYR F 372 -41.78 39.39 -24.18
C TYR F 372 -40.35 39.70 -24.56
N MET F 373 -40.19 40.19 -25.78
CA MET F 373 -38.89 40.53 -26.29
C MET F 373 -38.30 41.64 -25.45
N ASN F 374 -37.06 41.45 -25.01
CA ASN F 374 -36.41 42.40 -24.12
C ASN F 374 -35.32 43.12 -24.89
N LYS F 375 -35.56 44.37 -25.27
CA LYS F 375 -34.67 45.06 -26.19
C LYS F 375 -33.29 45.29 -25.61
N THR F 376 -33.18 45.34 -24.28
CA THR F 376 -31.88 45.54 -23.64
C THR F 376 -30.95 44.39 -24.00
N TYR F 377 -31.48 43.18 -23.89
CA TYR F 377 -30.72 41.99 -24.23
C TYR F 377 -30.52 41.76 -25.72
N PHE F 378 -31.46 42.22 -26.53
CA PHE F 378 -31.28 42.14 -27.97
C PHE F 378 -30.04 42.90 -28.33
N GLN F 379 -29.92 44.11 -27.79
CA GLN F 379 -28.77 44.96 -28.07
C GLN F 379 -27.50 44.35 -27.48
N LEU F 380 -27.62 43.66 -26.34
CA LEU F 380 -26.46 43.02 -25.76
C LEU F 380 -25.94 41.94 -26.70
N GLY F 381 -26.87 41.18 -27.27
CA GLY F 381 -26.53 40.14 -28.20
C GLY F 381 -25.92 40.72 -29.46
N MET F 382 -26.42 41.87 -29.87
CA MET F 382 -26.01 42.42 -31.14
C MET F 382 -24.54 42.72 -31.09
N GLU F 383 -24.18 43.47 -30.06
CA GLU F 383 -22.82 43.96 -29.90
C GLU F 383 -21.87 42.88 -29.35
N THR F 384 -22.40 41.92 -28.56
CA THR F 384 -21.57 40.80 -28.13
C THR F 384 -20.93 40.17 -29.34
N ALA F 385 -21.75 40.00 -30.37
CA ALA F 385 -21.32 39.45 -31.62
C ALA F 385 -20.33 40.35 -32.35
N ARG F 386 -20.42 41.66 -32.20
CA ARG F 386 -19.43 42.51 -32.86
C ARG F 386 -18.15 42.66 -32.02
N LYS F 387 -18.31 42.89 -30.72
CA LYS F 387 -17.14 43.08 -29.85
C LYS F 387 -16.37 41.81 -29.54
N GLN F 388 -17.04 40.68 -29.45
CA GLN F 388 -16.29 39.46 -29.17
C GLN F 388 -16.44 38.35 -30.21
N GLN F 389 -15.72 38.48 -31.33
CA GLN F 389 -15.69 37.39 -32.30
C GLN F 389 -14.34 36.74 -32.25
N GLY F 390 -13.35 37.50 -31.77
CA GLY F 390 -12.02 36.97 -31.57
C GLY F 390 -12.02 36.05 -30.37
N ALA F 391 -13.12 36.05 -29.63
CA ALA F 391 -13.24 35.24 -28.45
C ALA F 391 -13.07 33.78 -28.84
N VAL F 392 -12.38 33.03 -28.00
CA VAL F 392 -12.03 31.66 -28.34
C VAL F 392 -12.66 30.64 -27.40
N ASP F 393 -12.88 29.44 -27.92
CA ASP F 393 -13.35 28.34 -27.10
C ASP F 393 -12.07 27.76 -26.50
N MET F 394 -11.87 27.98 -25.20
CA MET F 394 -10.59 27.62 -24.61
C MET F 394 -10.37 26.13 -24.50
N ARG F 395 -11.41 25.34 -24.73
CA ARG F 395 -11.18 23.92 -24.75
C ARG F 395 -10.60 23.55 -26.11
N MET F 396 -10.99 24.28 -27.16
CA MET F 396 -10.33 24.17 -28.44
C MET F 396 -8.95 24.80 -28.40
N ALA F 397 -8.88 25.97 -27.78
CA ALA F 397 -7.66 26.76 -27.77
C ALA F 397 -6.49 26.08 -27.10
N GLU F 398 -6.75 25.28 -26.07
CA GLU F 398 -5.64 24.58 -25.41
C GLU F 398 -5.15 23.33 -26.17
N ASP F 399 -6.05 22.59 -26.83
CA ASP F 399 -5.64 21.39 -27.55
C ASP F 399 -4.76 21.77 -28.73
N LEU F 400 -5.03 22.94 -29.28
CA LEU F 400 -4.19 23.53 -30.30
C LEU F 400 -2.96 24.16 -29.65
N GLY F 401 -2.95 24.17 -28.31
CA GLY F 401 -1.86 24.75 -27.54
C GLY F 401 -1.63 26.21 -27.87
N LEU F 402 -2.71 26.94 -28.05
CA LEU F 402 -2.60 28.33 -28.44
C LEU F 402 -1.99 29.16 -27.34
N THR F 403 -1.20 30.15 -27.77
CA THR F 403 -0.51 31.02 -26.85
C THR F 403 -1.32 32.31 -26.67
N GLN F 404 -1.03 33.02 -25.56
CA GLN F 404 -1.73 34.24 -25.11
C GLN F 404 -1.30 35.51 -25.81
N ALA F 405 -0.15 35.45 -26.45
CA ALA F 405 0.36 36.60 -27.17
C ALA F 405 -0.52 36.83 -28.36
N GLU F 406 -0.85 35.69 -28.94
CA GLU F 406 -1.59 35.59 -30.13
C GLU F 406 -3.10 35.31 -29.88
N ARG F 407 -3.48 34.75 -28.72
CA ARG F 407 -4.79 35.10 -28.06
C ARG F 407 -5.60 36.16 -28.79
N THR F 408 -5.03 37.35 -28.75
CA THR F 408 -5.59 38.48 -29.40
C THR F 408 -5.01 38.64 -30.83
N GLU F 409 -4.40 37.60 -31.41
CA GLU F 409 -3.83 37.72 -32.79
C GLU F 409 -4.93 37.63 -33.79
N MET F 410 -6.08 37.47 -33.18
CA MET F 410 -7.21 36.83 -33.78
C MET F 410 -8.32 37.76 -33.40
N ALA F 411 -8.23 38.19 -32.16
CA ALA F 411 -9.13 39.22 -31.65
C ALA F 411 -8.92 40.46 -32.47
N ASN F 412 -7.67 40.81 -32.74
CA ASN F 412 -7.41 42.02 -33.51
C ASN F 412 -7.50 41.87 -35.00
N THR F 413 -7.36 40.65 -35.52
CA THR F 413 -7.59 40.41 -36.95
C THR F 413 -9.02 40.58 -37.28
N LEU F 414 -9.81 39.85 -36.51
CA LEU F 414 -11.24 39.78 -36.68
C LEU F 414 -11.95 41.02 -36.18
N ALA F 415 -11.36 41.67 -35.18
CA ALA F 415 -11.96 42.88 -34.61
C ALA F 415 -12.18 44.04 -35.56
N LYS F 416 -11.28 44.31 -36.49
CA LYS F 416 -11.63 45.39 -37.41
C LYS F 416 -11.89 44.83 -38.82
N LEU F 417 -12.03 43.51 -38.92
CA LEU F 417 -12.54 42.91 -40.17
C LEU F 417 -14.06 42.81 -40.07
N SER G 19 30.50 -2.53 -20.41
CA SER G 19 29.93 -3.79 -20.84
C SER G 19 30.92 -4.62 -21.66
N VAL G 20 31.60 -3.98 -22.61
CA VAL G 20 32.69 -4.66 -23.29
C VAL G 20 33.75 -4.90 -22.22
N LEU G 21 33.92 -3.95 -21.32
CA LEU G 21 34.89 -4.12 -20.25
C LEU G 21 34.44 -5.17 -19.23
N LYS G 22 33.15 -5.28 -18.99
CA LYS G 22 32.66 -6.32 -18.09
C LYS G 22 32.81 -7.69 -18.75
N ALA G 23 32.68 -7.71 -20.07
CA ALA G 23 32.91 -8.92 -20.85
C ALA G 23 34.37 -9.35 -20.77
N TYR G 24 35.29 -8.38 -20.78
CA TYR G 24 36.71 -8.67 -20.67
C TYR G 24 36.99 -9.27 -19.31
N GLU G 25 36.27 -8.81 -18.28
CA GLU G 25 36.48 -9.35 -16.95
C GLU G 25 36.13 -10.81 -16.83
N ARG G 26 34.98 -11.21 -17.36
CA ARG G 26 34.61 -12.61 -17.25
C ARG G 26 35.31 -13.45 -18.28
N PHE G 27 35.74 -12.83 -19.37
CA PHE G 27 36.52 -13.56 -20.36
C PHE G 27 37.80 -13.99 -19.67
N THR G 28 38.40 -13.07 -18.93
CA THR G 28 39.62 -13.37 -18.17
C THR G 28 39.36 -14.45 -17.12
N LEU G 29 38.25 -14.33 -16.42
CA LEU G 29 37.94 -15.22 -15.30
C LEU G 29 37.60 -16.64 -15.70
N THR G 30 36.78 -16.77 -16.73
CA THR G 30 36.35 -18.08 -17.21
C THR G 30 37.45 -18.89 -17.89
N GLN G 31 38.35 -18.21 -18.59
CA GLN G 31 39.41 -18.90 -19.31
C GLN G 31 40.46 -19.51 -18.38
N GLU G 32 40.66 -18.88 -17.23
CA GLU G 32 41.54 -19.41 -16.20
C GLU G 32 40.94 -20.63 -15.53
N LEU G 33 39.65 -20.52 -15.26
CA LEU G 33 38.88 -21.51 -14.52
C LEU G 33 38.25 -22.52 -15.46
N GLN G 34 38.62 -22.44 -16.72
CA GLN G 34 38.12 -23.35 -17.72
C GLN G 34 38.79 -24.67 -17.40
N ASP G 35 38.12 -25.76 -17.79
CA ASP G 35 38.59 -27.14 -17.57
C ASP G 35 38.54 -27.78 -16.20
N GLN G 36 38.68 -27.00 -15.14
CA GLN G 36 38.99 -27.66 -13.88
C GLN G 36 37.71 -27.82 -13.10
N SER G 37 36.62 -27.44 -13.77
CA SER G 37 35.39 -28.20 -13.76
C SER G 37 35.62 -29.65 -13.33
N GLU G 38 36.11 -30.40 -14.32
CA GLU G 38 36.41 -31.80 -14.23
C GLU G 38 37.59 -32.00 -13.26
N GLU G 39 37.60 -33.07 -12.47
CA GLU G 39 38.81 -33.32 -11.67
C GLU G 39 39.82 -34.08 -12.52
N GLY G 40 41.07 -34.10 -12.10
CA GLY G 40 42.16 -34.60 -12.92
C GLY G 40 42.14 -36.04 -13.36
N THR G 41 42.61 -36.28 -14.58
CA THR G 41 42.67 -37.61 -15.16
C THR G 41 44.11 -38.10 -15.12
N ILE G 42 44.32 -39.35 -14.75
CA ILE G 42 45.67 -39.87 -14.58
C ILE G 42 46.30 -40.01 -15.97
N PRO G 43 47.56 -39.57 -16.13
CA PRO G 43 48.14 -39.35 -17.46
C PRO G 43 48.42 -40.65 -18.19
N PRO G 44 48.63 -40.58 -19.52
CA PRO G 44 48.96 -41.78 -20.29
C PRO G 44 50.21 -42.43 -19.73
N THR G 45 50.25 -43.75 -19.73
CA THR G 45 51.36 -44.45 -19.08
C THR G 45 52.63 -44.34 -19.90
N THR G 46 53.75 -44.37 -19.19
CA THR G 46 55.08 -44.10 -19.73
C THR G 46 56.06 -45.13 -19.18
N LEU G 47 57.21 -45.32 -19.81
CA LEU G 47 58.19 -46.23 -19.26
C LEU G 47 58.83 -45.55 -18.06
N LYS G 48 59.15 -46.33 -17.03
CA LYS G 48 59.70 -45.77 -15.80
C LYS G 48 60.89 -46.58 -15.33
N PRO G 49 61.86 -45.89 -14.71
CA PRO G 49 62.98 -46.61 -14.10
C PRO G 49 62.49 -47.31 -12.86
N VAL G 50 63.13 -48.41 -12.49
CA VAL G 50 62.77 -49.09 -11.27
C VAL G 50 63.54 -48.50 -10.11
N ILE G 51 62.82 -48.15 -9.06
CA ILE G 51 63.44 -47.70 -7.83
C ILE G 51 63.36 -48.86 -6.83
N ARG G 52 64.47 -49.19 -6.19
CA ARG G 52 64.47 -50.26 -5.21
C ARG G 52 64.46 -49.67 -3.81
N VAL G 53 63.50 -50.10 -3.00
CA VAL G 53 63.39 -49.58 -1.66
C VAL G 53 63.60 -50.79 -0.77
N PHE G 54 64.36 -50.63 0.30
CA PHE G 54 64.62 -51.76 1.20
C PHE G 54 63.55 -51.83 2.27
N ILE G 55 63.07 -53.04 2.53
CA ILE G 55 62.05 -53.23 3.55
C ILE G 55 62.64 -54.02 4.70
N LEU G 56 62.46 -53.50 5.91
CA LEU G 56 62.93 -54.18 7.10
C LEU G 56 61.72 -54.63 7.91
N THR G 57 61.59 -55.93 8.15
CA THR G 57 60.42 -56.44 8.87
C THR G 57 60.69 -56.38 10.38
N SER G 58 61.97 -56.38 10.72
CA SER G 58 62.40 -56.37 12.12
C SER G 58 62.28 -55.01 12.79
N ASN G 59 62.04 -55.03 14.09
CA ASN G 59 61.97 -53.81 14.88
C ASN G 59 63.24 -53.62 15.69
N ASN G 60 64.25 -54.42 15.37
CA ASN G 60 65.52 -54.38 16.08
C ASN G 60 66.24 -53.06 15.84
N PRO G 61 66.64 -52.39 16.92
CA PRO G 61 67.25 -51.06 16.84
C PRO G 61 68.56 -51.06 16.04
N GLU G 62 69.35 -52.12 16.16
CA GLU G 62 70.64 -52.16 15.48
C GLU G 62 70.46 -52.28 13.97
N LEU G 63 69.46 -53.05 13.55
CA LEU G 63 69.17 -53.19 12.13
C LEU G 63 68.60 -51.94 11.53
N ARG G 64 67.69 -51.31 12.24
CA ARG G 64 67.12 -50.08 11.75
C ARG G 64 68.23 -49.06 11.57
N SER G 65 69.10 -48.97 12.55
CA SER G 65 70.19 -48.01 12.51
C SER G 65 71.20 -48.33 11.43
N ARG G 66 71.51 -49.61 11.24
CA ARG G 66 72.50 -49.94 10.25
C ARG G 66 71.94 -49.69 8.87
N LEU G 67 70.64 -49.94 8.69
CA LEU G 67 70.00 -49.67 7.41
C LEU G 67 69.93 -48.18 7.07
N LEU G 68 69.65 -47.35 8.07
CA LEU G 68 69.62 -45.91 7.86
C LEU G 68 70.98 -45.41 7.43
N LEU G 69 72.00 -45.87 8.13
CA LEU G 69 73.38 -45.50 7.85
C LEU G 69 73.79 -46.01 6.48
N PHE G 70 73.39 -47.23 6.17
CA PHE G 70 73.69 -47.86 4.88
C PHE G 70 73.08 -47.04 3.76
N CYS G 71 71.82 -46.67 3.93
CA CYS G 71 71.12 -45.94 2.89
C CYS G 71 71.67 -44.52 2.73
N LEU G 72 72.03 -43.88 3.85
CA LEU G 72 72.55 -42.51 3.82
C LEU G 72 73.84 -42.45 3.04
N ARG G 73 74.64 -43.50 3.21
CA ARG G 73 75.88 -43.60 2.48
C ARG G 73 75.64 -43.78 1.00
N ILE G 74 74.65 -44.58 0.62
CA ILE G 74 74.32 -44.74 -0.78
C ILE G 74 73.83 -43.44 -1.40
N VAL G 75 73.05 -42.66 -0.66
CA VAL G 75 72.56 -41.38 -1.19
C VAL G 75 73.74 -40.46 -1.44
N LEU G 76 74.71 -40.50 -0.54
CA LEU G 76 75.87 -39.61 -0.63
C LEU G 76 77.00 -40.23 -1.45
N SER G 77 76.87 -41.51 -1.78
CA SER G 77 77.96 -42.23 -2.42
C SER G 77 78.35 -41.62 -3.74
N ASN G 78 79.64 -41.78 -4.06
CA ASN G 78 80.20 -41.31 -5.31
C ASN G 78 79.64 -42.01 -6.54
N GLY G 79 79.54 -43.33 -6.47
CA GLY G 79 79.22 -44.13 -7.63
C GLY G 79 77.78 -44.51 -7.93
N ALA G 80 76.86 -44.15 -7.05
CA ALA G 80 75.47 -44.56 -7.17
C ALA G 80 74.74 -43.92 -8.33
N ARG G 81 73.78 -44.65 -8.87
CA ARG G 81 72.87 -44.14 -9.90
C ARG G 81 71.80 -43.28 -9.27
N ASP G 82 71.07 -42.51 -10.08
CA ASP G 82 70.02 -41.69 -9.49
C ASP G 82 69.02 -42.63 -8.85
N SER G 83 68.72 -43.72 -9.54
CA SER G 83 67.72 -44.66 -9.06
C SER G 83 68.11 -45.29 -7.72
N HIS G 84 69.40 -45.49 -7.49
CA HIS G 84 69.88 -45.99 -6.21
C HIS G 84 69.70 -44.96 -5.12
N ARG G 85 70.03 -43.72 -5.43
CA ARG G 85 69.94 -42.65 -4.45
C ARG G 85 68.47 -42.46 -4.06
N PHE G 86 67.59 -42.49 -5.05
CA PHE G 86 66.17 -42.30 -4.81
C PHE G 86 65.64 -43.43 -3.93
N GLY G 87 66.06 -44.65 -4.23
CA GLY G 87 65.62 -45.80 -3.48
C GLY G 87 66.07 -45.75 -2.04
N ALA G 88 67.31 -45.30 -1.84
CA ALA G 88 67.84 -45.19 -0.50
C ALA G 88 67.09 -44.14 0.30
N LEU G 89 66.76 -43.02 -0.34
CA LEU G 89 66.02 -41.96 0.34
C LEU G 89 64.66 -42.45 0.80
N LEU G 90 63.95 -43.12 -0.10
CA LEU G 90 62.61 -43.61 0.21
C LEU G 90 62.64 -44.60 1.35
N THR G 91 63.73 -45.35 1.46
CA THR G 91 63.90 -46.25 2.59
C THR G 91 64.08 -45.51 3.91
N MET G 92 64.93 -44.49 3.90
CA MET G 92 65.21 -43.74 5.12
C MET G 92 63.95 -43.08 5.65
N PHE G 93 63.17 -42.50 4.75
CA PHE G 93 61.94 -41.82 5.10
C PHE G 93 60.87 -42.77 5.61
N SER G 94 61.03 -44.05 5.33
CA SER G 94 60.07 -45.03 5.79
C SER G 94 60.53 -45.76 7.04
N LEU G 95 61.75 -45.51 7.46
CA LEU G 95 62.31 -46.22 8.61
C LEU G 95 61.61 -45.98 9.94
N PRO G 96 60.98 -44.80 10.14
CA PRO G 96 60.27 -44.68 11.42
C PRO G 96 59.08 -45.60 11.57
N SER G 97 58.53 -46.12 10.49
CA SER G 97 57.28 -46.87 10.54
C SER G 97 57.34 -48.20 11.27
N ALA G 98 56.25 -48.53 11.95
CA ALA G 98 56.07 -49.82 12.60
C ALA G 98 56.02 -50.91 11.53
N THR G 99 55.39 -50.58 10.42
CA THR G 99 55.46 -51.44 9.24
C THR G 99 55.96 -50.61 8.07
N MET G 100 57.17 -50.88 7.63
CA MET G 100 57.73 -50.14 6.50
C MET G 100 56.98 -50.39 5.21
N LEU G 101 56.47 -51.59 5.07
CA LEU G 101 55.89 -52.01 3.82
C LEU G 101 54.72 -51.15 3.40
N ASN G 102 53.82 -50.88 4.32
CA ASN G 102 52.63 -50.12 3.99
C ASN G 102 52.94 -48.70 3.59
N HIS G 103 53.95 -48.15 4.22
CA HIS G 103 54.37 -46.78 4.00
C HIS G 103 55.27 -46.65 2.75
N VAL G 104 55.87 -47.75 2.28
CA VAL G 104 56.47 -47.73 0.94
C VAL G 104 55.36 -47.75 -0.13
N LYS G 105 54.21 -48.31 0.23
CA LYS G 105 53.07 -48.35 -0.70
C LYS G 105 52.53 -46.95 -0.93
N LEU G 106 52.93 -46.00 -0.10
CA LEU G 106 52.63 -44.59 -0.30
C LEU G 106 53.33 -44.09 -1.57
N ALA G 107 54.54 -44.56 -1.82
CA ALA G 107 55.24 -44.15 -3.02
C ALA G 107 54.49 -44.65 -4.25
N ASP G 108 53.77 -45.76 -4.10
CA ASP G 108 53.14 -46.42 -5.23
C ASP G 108 52.01 -45.65 -5.89
N GLN G 109 51.45 -44.66 -5.19
CA GLN G 109 50.33 -43.90 -5.73
C GLN G 109 50.88 -42.85 -6.70
N SER G 110 52.21 -42.78 -6.82
CA SER G 110 52.82 -41.87 -7.78
C SER G 110 52.85 -42.48 -9.15
N PRO G 111 52.42 -41.72 -10.16
CA PRO G 111 52.36 -42.21 -11.54
C PRO G 111 53.73 -42.43 -12.16
N GLU G 112 54.78 -41.95 -11.50
CA GLU G 112 56.11 -42.04 -12.06
C GLU G 112 56.88 -43.14 -11.35
N ALA G 113 56.20 -43.82 -10.44
CA ALA G 113 56.88 -44.75 -9.56
C ALA G 113 56.74 -46.17 -10.03
N ASP G 114 57.86 -46.87 -10.07
CA ASP G 114 57.88 -48.31 -10.26
C ASP G 114 58.83 -48.85 -9.20
N ILE G 115 58.28 -49.42 -8.13
CA ILE G 115 59.08 -49.79 -6.97
C ILE G 115 59.31 -51.28 -6.86
N GLU G 116 60.56 -51.68 -6.58
CA GLU G 116 60.87 -53.06 -6.24
C GLU G 116 61.29 -53.08 -4.77
N ARG G 117 60.64 -53.95 -4.00
CA ARG G 117 60.70 -53.91 -2.56
C ARG G 117 61.92 -54.50 -1.84
N VAL G 118 62.61 -55.49 -2.41
CA VAL G 118 63.91 -55.93 -1.85
C VAL G 118 63.86 -56.17 -0.33
N GLU G 119 63.18 -57.23 0.09
CA GLU G 119 62.98 -57.52 1.51
C GLU G 119 64.30 -57.95 2.15
N ILE G 120 64.63 -57.47 3.36
CA ILE G 120 66.03 -57.54 3.72
C ILE G 120 66.44 -58.50 4.87
N ASP G 121 65.93 -58.39 6.09
CA ASP G 121 66.28 -59.29 7.24
C ASP G 121 67.53 -58.96 8.07
N GLY G 122 68.49 -58.19 7.55
CA GLY G 122 69.66 -57.88 8.36
C GLY G 122 70.96 -57.62 7.64
N PHE G 123 72.03 -57.50 8.41
CA PHE G 123 73.37 -57.30 7.86
C PHE G 123 74.33 -58.33 8.42
N GLU G 124 75.29 -58.76 7.60
CA GLU G 124 76.32 -59.66 8.11
C GLU G 124 77.20 -58.84 9.02
N GLU G 125 77.50 -59.35 10.21
CA GLU G 125 78.02 -58.50 11.27
C GLU G 125 79.33 -57.85 10.86
N GLY G 126 79.49 -56.59 11.25
CA GLY G 126 80.51 -55.76 10.67
C GLY G 126 80.03 -55.04 9.42
N SER G 127 79.52 -55.79 8.43
CA SER G 127 78.68 -55.24 7.35
C SER G 127 79.50 -54.27 6.45
N PHE G 128 78.93 -53.46 5.54
CA PHE G 128 77.55 -53.46 5.03
C PHE G 128 77.25 -54.56 4.03
N ARG G 129 77.31 -55.81 4.43
CA ARG G 129 76.91 -56.85 3.49
C ARG G 129 75.50 -57.25 3.82
N LEU G 130 74.60 -57.11 2.85
CA LEU G 130 73.20 -57.38 3.09
C LEU G 130 72.96 -58.87 3.22
N ILE G 131 72.14 -59.21 4.19
CA ILE G 131 71.60 -60.55 4.28
C ILE G 131 70.20 -60.40 3.80
N PRO G 132 69.86 -60.95 2.63
CA PRO G 132 68.56 -60.75 2.01
C PRO G 132 67.56 -61.76 2.50
N ASN G 133 66.28 -61.40 2.48
CA ASN G 133 65.23 -62.33 2.83
C ASN G 133 65.16 -63.55 1.93
N ALA G 134 65.14 -64.72 2.54
CA ALA G 134 64.68 -65.98 1.92
C ALA G 134 63.78 -65.74 0.72
N ARG G 135 62.80 -64.87 0.92
CA ARG G 135 61.79 -64.50 -0.06
C ARG G 135 62.32 -63.97 -1.41
N SER G 136 63.32 -63.10 -1.41
CA SER G 136 64.00 -62.78 -2.67
C SER G 136 65.50 -62.83 -2.49
N GLY G 137 66.17 -63.61 -3.34
CA GLY G 137 67.61 -63.78 -3.27
C GLY G 137 68.40 -62.61 -3.84
N MET G 138 69.70 -62.63 -3.60
CA MET G 138 70.60 -61.68 -4.22
C MET G 138 71.87 -62.41 -4.59
N SER G 139 72.48 -62.04 -5.71
CA SER G 139 73.77 -62.63 -6.06
C SER G 139 74.77 -62.04 -5.11
N ARG G 140 75.83 -62.77 -4.79
CA ARG G 140 76.79 -62.24 -3.84
C ARG G 140 77.65 -61.22 -4.56
N GLY G 141 77.46 -61.15 -5.88
CA GLY G 141 78.08 -60.10 -6.64
C GLY G 141 77.52 -58.73 -6.35
N GLU G 142 76.20 -58.56 -6.32
CA GLU G 142 75.71 -57.22 -5.99
C GLU G 142 75.59 -57.04 -4.48
N ILE G 143 75.58 -58.12 -3.71
CA ILE G 143 75.59 -57.96 -2.26
C ILE G 143 76.88 -57.21 -1.97
N ASN G 144 77.95 -57.67 -2.59
CA ASN G 144 79.27 -57.07 -2.44
C ASN G 144 79.37 -55.74 -3.17
N ALA G 145 78.60 -55.57 -4.25
CA ALA G 145 78.60 -54.32 -4.98
C ALA G 145 77.94 -53.21 -4.16
N TYR G 146 76.89 -53.55 -3.44
CA TYR G 146 76.24 -52.56 -2.59
C TYR G 146 77.15 -52.14 -1.44
N ALA G 147 77.82 -53.12 -0.82
CA ALA G 147 78.68 -52.84 0.32
C ALA G 147 79.81 -51.90 -0.06
N ALA G 148 80.29 -52.03 -1.29
CA ALA G 148 81.30 -51.14 -1.84
C ALA G 148 80.71 -49.76 -2.05
N LEU G 149 79.47 -49.71 -2.52
CA LEU G 149 78.80 -48.45 -2.78
C LEU G 149 78.62 -47.66 -1.51
N ALA G 150 78.41 -48.36 -0.41
CA ALA G 150 78.26 -47.72 0.89
C ALA G 150 79.57 -47.20 1.43
N GLU G 151 80.68 -47.56 0.80
CA GLU G 151 81.96 -47.04 1.26
C GLU G 151 82.73 -46.22 0.25
N ASP G 152 82.03 -45.54 -0.66
CA ASP G 152 82.78 -44.65 -1.52
C ASP G 152 82.82 -43.29 -0.83
N LEU G 153 81.71 -42.56 -0.84
CA LEU G 153 81.58 -41.25 -0.17
C LEU G 153 82.53 -40.22 -0.78
N PRO G 154 82.07 -38.98 -0.95
CA PRO G 154 83.07 -38.08 -1.54
C PRO G 154 84.17 -37.76 -0.55
N ASP G 155 85.30 -37.24 -1.00
CA ASP G 155 86.33 -36.88 -0.06
C ASP G 155 86.08 -35.45 0.39
N THR G 156 85.08 -34.80 -0.21
CA THR G 156 84.66 -33.48 0.24
C THR G 156 84.10 -33.65 1.64
N LEU G 157 83.67 -34.87 1.94
CA LEU G 157 83.13 -35.15 3.25
C LEU G 157 84.36 -35.29 4.11
N ASN G 158 84.33 -34.70 5.28
CA ASN G 158 85.58 -34.52 5.98
C ASN G 158 85.91 -35.51 7.05
N HIS G 159 85.85 -36.81 6.71
CA HIS G 159 86.34 -37.94 7.54
C HIS G 159 85.46 -39.18 7.35
N ALA G 160 85.51 -39.78 6.16
CA ALA G 160 84.91 -41.11 5.90
C ALA G 160 83.51 -41.38 6.44
N THR G 161 82.87 -40.36 6.98
CA THR G 161 81.50 -40.42 7.45
C THR G 161 80.89 -39.09 7.14
N PRO G 162 79.56 -39.00 7.21
CA PRO G 162 79.04 -37.63 7.34
C PRO G 162 79.05 -37.27 8.82
N PHE G 163 78.02 -36.58 9.28
CA PHE G 163 77.76 -36.45 10.72
C PHE G 163 78.58 -35.45 11.54
N VAL G 164 79.59 -34.83 10.96
CA VAL G 164 80.42 -33.85 11.68
C VAL G 164 81.08 -34.52 12.89
N ASP G 165 80.27 -35.06 13.79
CA ASP G 165 80.73 -35.83 14.95
C ASP G 165 81.26 -37.20 14.52
N SER G 166 82.57 -37.35 14.53
CA SER G 166 83.28 -38.51 13.97
C SER G 166 83.01 -39.88 14.57
N GLU G 167 82.20 -39.98 15.61
CA GLU G 167 82.11 -41.25 16.32
C GLU G 167 80.68 -41.70 16.44
N VAL G 168 79.79 -40.92 15.83
CA VAL G 168 78.36 -41.21 15.86
C VAL G 168 78.11 -42.59 15.28
N GLU G 169 78.66 -42.81 14.10
CA GLU G 169 78.39 -44.04 13.38
C GLU G 169 78.90 -45.33 14.02
N GLY G 170 79.82 -45.23 14.96
CA GLY G 170 80.36 -46.41 15.60
C GLY G 170 79.65 -46.79 16.88
N THR G 171 78.68 -45.98 17.27
CA THR G 171 77.93 -46.22 18.50
C THR G 171 77.17 -47.54 18.49
N ALA G 172 76.71 -47.95 19.66
CA ALA G 172 75.96 -49.19 19.78
C ALA G 172 74.49 -48.90 19.90
N TRP G 173 73.77 -49.29 18.85
CA TRP G 173 72.36 -48.97 18.74
C TRP G 173 71.54 -50.07 19.39
N ASP G 174 71.71 -50.22 20.69
CA ASP G 174 71.01 -51.28 21.40
C ASP G 174 69.57 -50.93 21.77
N GLU G 175 69.27 -49.65 21.95
CA GLU G 175 67.92 -49.30 22.36
C GLU G 175 67.23 -48.41 21.32
N ILE G 176 65.92 -48.63 21.17
CA ILE G 176 65.14 -47.97 20.15
C ILE G 176 65.12 -46.44 20.24
N GLU G 177 65.26 -45.87 21.43
CA GLU G 177 65.27 -44.41 21.54
C GLU G 177 66.38 -43.79 20.73
N THR G 178 67.53 -44.44 20.78
CA THR G 178 68.71 -43.94 20.13
C THR G 178 68.50 -43.98 18.63
N PHE G 179 67.90 -45.06 18.13
CA PHE G 179 67.67 -45.13 16.70
C PHE G 179 66.74 -44.00 16.27
N LEU G 180 65.63 -43.85 16.97
CA LEU G 180 64.64 -42.86 16.62
C LEU G 180 65.20 -41.45 16.73
N ASP G 181 66.05 -41.22 17.74
CA ASP G 181 66.66 -39.89 17.91
C ASP G 181 67.53 -39.53 16.73
N MET G 182 68.33 -40.49 16.25
CA MET G 182 69.11 -40.25 15.06
C MET G 182 68.23 -40.15 13.84
N CYS G 183 67.31 -41.10 13.72
CA CYS G 183 66.50 -41.19 12.53
C CYS G 183 65.75 -39.91 12.28
N TYR G 184 65.09 -39.39 13.31
CA TYR G 184 64.32 -38.17 13.16
C TYR G 184 65.24 -37.01 12.86
N SER G 185 66.41 -37.01 13.49
CA SER G 185 67.34 -35.91 13.32
C SER G 185 67.85 -35.84 11.91
N VAL G 186 68.21 -36.98 11.33
CA VAL G 186 68.67 -37.01 9.94
C VAL G 186 67.55 -36.67 8.97
N LEU G 187 66.37 -37.26 9.19
CA LEU G 187 65.24 -37.02 8.32
C LEU G 187 64.81 -35.56 8.32
N MET G 188 64.91 -34.90 9.47
CA MET G 188 64.56 -33.50 9.54
C MET G 188 65.47 -32.66 8.68
N GLN G 189 66.76 -33.01 8.65
CA GLN G 189 67.73 -32.27 7.85
C GLN G 189 67.41 -32.39 6.38
N ALA G 190 66.92 -33.55 5.96
CA ALA G 190 66.44 -33.74 4.60
C ALA G 190 65.21 -32.89 4.33
N TRP G 191 64.30 -32.85 5.30
CA TRP G 191 63.08 -32.08 5.16
C TRP G 191 63.44 -30.62 5.01
N ILE G 192 64.45 -30.18 5.76
CA ILE G 192 64.82 -28.79 5.76
C ILE G 192 65.32 -28.29 4.39
N VAL G 193 65.92 -29.16 3.59
CA VAL G 193 66.41 -28.75 2.29
C VAL G 193 65.51 -29.21 1.15
N THR G 194 64.28 -29.60 1.45
CA THR G 194 63.42 -30.21 0.46
C THR G 194 63.02 -29.30 -0.69
N CYS G 195 62.69 -28.05 -0.41
CA CYS G 195 62.25 -27.24 -1.54
C CYS G 195 63.19 -26.09 -1.75
N LYS G 196 64.46 -26.41 -2.00
CA LYS G 196 65.49 -25.42 -2.26
C LYS G 196 66.14 -25.70 -3.59
N CYS G 197 66.24 -24.65 -4.40
CA CYS G 197 66.71 -24.77 -5.77
C CYS G 197 68.23 -24.93 -5.85
N MET G 198 68.94 -24.23 -4.95
CA MET G 198 70.35 -24.47 -4.56
C MET G 198 71.09 -23.15 -4.36
N GLN G 203 79.17 -22.24 -0.78
CA GLN G 203 77.95 -21.41 -0.74
C GLN G 203 77.20 -21.75 0.56
N PRO G 204 76.37 -20.82 1.08
CA PRO G 204 75.58 -21.26 2.23
C PRO G 204 74.13 -21.67 1.97
N ALA G 205 73.27 -20.63 1.93
CA ALA G 205 71.80 -20.62 2.20
C ALA G 205 71.59 -20.37 3.72
N ALA G 206 71.22 -19.14 4.08
CA ALA G 206 71.06 -18.71 5.48
C ALA G 206 69.84 -19.31 6.20
N SER G 207 68.75 -19.50 5.46
CA SER G 207 67.49 -20.04 6.01
C SER G 207 67.70 -21.39 6.67
N ILE G 208 68.51 -22.23 6.03
CA ILE G 208 68.74 -23.60 6.48
C ILE G 208 69.30 -23.61 7.89
N GLU G 209 70.28 -22.75 8.15
CA GLU G 209 70.92 -22.76 9.47
C GLU G 209 70.03 -22.25 10.59
N LYS G 210 69.09 -21.37 10.28
CA LYS G 210 68.14 -20.97 11.30
C LYS G 210 67.12 -22.05 11.57
N ARG G 211 66.81 -22.84 10.55
CA ARG G 211 65.92 -23.99 10.74
C ARG G 211 66.56 -25.01 11.65
N LEU G 212 67.86 -25.23 11.48
CA LEU G 212 68.54 -26.20 12.30
C LEU G 212 68.52 -25.74 13.75
N GLN G 213 68.66 -24.44 13.98
CA GLN G 213 68.73 -23.96 15.36
C GLN G 213 67.40 -24.08 16.05
N LYS G 214 66.32 -23.90 15.29
CA LYS G 214 64.97 -24.03 15.83
C LYS G 214 64.73 -25.45 16.32
N TYR G 215 65.09 -26.40 15.48
CA TYR G 215 64.88 -27.80 15.78
C TYR G 215 65.87 -28.38 16.80
N ARG G 216 67.02 -27.77 16.97
CA ARG G 216 67.91 -28.17 18.06
C ARG G 216 67.30 -27.75 19.39
N GLN G 217 66.73 -26.57 19.36
CA GLN G 217 66.15 -25.87 20.50
C GLN G 217 64.85 -26.51 20.97
N GLN G 218 64.12 -27.09 20.02
CA GLN G 218 62.92 -27.86 20.32
C GLN G 218 63.23 -29.30 20.70
N GLY G 219 64.46 -29.72 20.46
CA GLY G 219 64.86 -31.07 20.80
C GLY G 219 64.51 -32.05 19.69
N ARG G 220 64.03 -31.52 18.57
CA ARG G 220 63.71 -32.35 17.41
C ARG G 220 64.96 -32.80 16.67
N ILE G 221 66.00 -31.97 16.65
CA ILE G 221 67.27 -32.40 16.10
C ILE G 221 68.27 -32.47 17.24
N ASN G 222 69.05 -33.54 17.27
CA ASN G 222 70.05 -33.73 18.30
C ASN G 222 71.37 -33.33 17.67
N PRO G 223 72.09 -32.38 18.29
CA PRO G 223 73.24 -31.78 17.62
C PRO G 223 74.28 -32.83 17.28
N ARG G 224 74.18 -33.95 17.96
CA ARG G 224 75.12 -35.02 17.76
C ARG G 224 74.99 -35.62 16.38
N TYR G 225 73.78 -35.66 15.86
CA TYR G 225 73.54 -36.33 14.61
C TYR G 225 73.39 -35.34 13.48
N LEU G 226 74.04 -34.19 13.64
CA LEU G 226 74.01 -33.17 12.60
C LEU G 226 74.85 -33.69 11.47
N LEU G 227 74.53 -33.30 10.24
CA LEU G 227 75.26 -33.80 9.10
C LEU G 227 76.24 -32.74 8.66
N GLN G 228 77.30 -33.16 7.97
CA GLN G 228 78.20 -32.19 7.39
C GLN G 228 77.44 -31.45 6.30
N PRO G 229 77.71 -30.15 6.14
CA PRO G 229 76.89 -29.37 5.20
C PRO G 229 76.96 -29.91 3.78
N GLU G 230 78.05 -30.57 3.42
CA GLU G 230 78.15 -31.13 2.10
C GLU G 230 77.20 -32.31 1.95
N ALA G 231 76.97 -33.03 3.03
CA ALA G 231 76.01 -34.12 2.99
C ALA G 231 74.62 -33.58 2.67
N ARG G 232 74.25 -32.47 3.30
CA ARG G 232 72.98 -31.84 3.02
C ARG G 232 72.95 -31.34 1.59
N ARG G 233 74.09 -30.87 1.10
CA ARG G 233 74.15 -30.29 -0.22
C ARG G 233 73.84 -31.36 -1.26
N ILE G 234 74.31 -32.58 -1.01
CA ILE G 234 73.97 -33.73 -1.85
C ILE G 234 72.52 -34.20 -1.75
N ILE G 235 72.00 -34.31 -0.53
CA ILE G 235 70.62 -34.72 -0.33
C ILE G 235 69.65 -33.74 -0.95
N GLN G 236 69.98 -32.46 -0.81
CA GLN G 236 69.21 -31.40 -1.44
C GLN G 236 69.08 -31.63 -2.91
N ASN G 237 70.19 -32.04 -3.51
CA ASN G 237 70.26 -32.26 -4.94
C ASN G 237 69.45 -33.48 -5.37
N VAL G 238 69.56 -34.55 -4.59
CA VAL G 238 68.82 -35.78 -4.87
C VAL G 238 67.32 -35.58 -4.81
N ILE G 239 66.86 -34.82 -3.83
CA ILE G 239 65.44 -34.56 -3.69
C ILE G 239 64.94 -33.74 -4.87
N ARG G 240 65.73 -32.78 -5.32
CA ARG G 240 65.32 -31.97 -6.47
C ARG G 240 65.23 -32.80 -7.74
N LYS G 241 66.15 -33.74 -7.92
CA LYS G 241 66.12 -34.61 -9.08
C LYS G 241 64.97 -35.61 -9.06
N GLY G 242 64.60 -36.08 -7.87
CA GLY G 242 63.67 -37.17 -7.76
C GLY G 242 62.21 -36.77 -7.69
N MET G 243 61.49 -37.01 -8.79
CA MET G 243 60.07 -36.71 -8.83
C MET G 243 59.29 -37.65 -7.94
N VAL G 244 59.55 -38.94 -8.09
CA VAL G 244 58.91 -39.95 -7.25
C VAL G 244 59.21 -39.66 -5.78
N VAL G 245 60.43 -39.27 -5.47
CA VAL G 245 60.77 -38.94 -4.08
C VAL G 245 59.95 -37.75 -3.60
N ARG G 246 59.92 -36.71 -4.43
CA ARG G 246 59.19 -35.48 -4.12
C ARG G 246 57.70 -35.75 -4.00
N HIS G 247 57.17 -36.65 -4.82
CA HIS G 247 55.79 -37.09 -4.71
C HIS G 247 55.52 -37.71 -3.34
N PHE G 248 56.43 -38.57 -2.92
CA PHE G 248 56.31 -39.25 -1.64
C PHE G 248 56.32 -38.24 -0.51
N LEU G 249 57.22 -37.27 -0.58
CA LEU G 249 57.32 -36.25 0.47
C LEU G 249 56.04 -35.44 0.52
N THR G 250 55.44 -35.22 -0.64
CA THR G 250 54.17 -34.53 -0.71
C THR G 250 53.11 -35.31 0.04
N PHE G 251 53.08 -36.63 -0.19
CA PHE G 251 52.05 -37.46 0.42
C PHE G 251 52.19 -37.44 1.92
N GLU G 252 53.42 -37.47 2.41
CA GLU G 252 53.66 -37.39 3.85
C GLU G 252 53.24 -36.06 4.43
N LEU G 253 53.47 -34.98 3.69
CA LEU G 253 53.11 -33.68 4.20
C LEU G 253 51.59 -33.56 4.27
N GLN G 254 50.88 -34.20 3.34
CA GLN G 254 49.42 -34.26 3.41
C GLN G 254 48.92 -35.04 4.62
N LEU G 255 49.60 -36.13 4.97
CA LEU G 255 49.18 -36.90 6.13
C LEU G 255 49.42 -36.14 7.41
N ALA G 256 50.51 -35.39 7.44
CA ALA G 256 50.85 -34.57 8.59
C ALA G 256 49.85 -33.46 8.82
N ARG G 257 49.22 -32.98 7.75
CA ARG G 257 48.24 -31.92 7.88
C ARG G 257 46.94 -32.43 8.51
N ALA G 258 46.63 -33.70 8.27
CA ALA G 258 45.38 -34.27 8.74
C ALA G 258 45.49 -34.80 10.16
N GLN G 259 46.63 -34.61 10.81
CA GLN G 259 46.86 -35.19 12.13
C GLN G 259 46.02 -34.46 13.15
N SER G 260 45.74 -35.13 14.26
CA SER G 260 45.00 -34.54 15.35
C SER G 260 45.90 -33.59 16.09
N LEU G 261 45.33 -32.79 16.99
CA LEU G 261 46.15 -31.92 17.80
C LEU G 261 47.04 -32.77 18.67
N VAL G 262 46.50 -33.92 19.07
CA VAL G 262 47.28 -34.91 19.80
C VAL G 262 47.78 -35.93 18.79
N SER G 263 49.09 -36.02 18.66
CA SER G 263 49.74 -36.72 17.56
C SER G 263 50.93 -37.51 18.04
N ASN G 264 51.79 -37.94 17.12
CA ASN G 264 53.04 -38.54 17.54
C ASN G 264 54.22 -37.64 17.20
N ARG G 265 55.41 -38.06 17.63
CA ARG G 265 56.58 -37.21 17.56
C ARG G 265 56.98 -36.88 16.13
N TYR G 266 57.03 -37.89 15.27
CA TYR G 266 57.49 -37.68 13.90
C TYR G 266 56.54 -36.80 13.09
N TYR G 267 55.25 -37.07 13.12
CA TYR G 267 54.34 -36.30 12.31
C TYR G 267 54.09 -34.87 12.80
N ALA G 268 54.21 -34.64 14.11
CA ALA G 268 54.19 -33.27 14.62
C ALA G 268 55.38 -32.52 14.06
N MET G 269 56.48 -33.23 13.97
CA MET G 269 57.74 -32.73 13.45
C MET G 269 57.65 -32.41 11.97
N VAL G 270 57.09 -33.35 11.21
CA VAL G 270 56.90 -33.20 9.77
C VAL G 270 55.90 -32.09 9.45
N GLY G 271 54.84 -32.02 10.24
CA GLY G 271 53.83 -31.00 10.07
C GLY G 271 54.38 -29.62 10.28
N ASP G 272 55.28 -29.49 11.25
CA ASP G 272 55.86 -28.20 11.57
C ASP G 272 56.74 -27.69 10.43
N VAL G 273 57.62 -28.55 9.93
CA VAL G 273 58.56 -28.15 8.88
C VAL G 273 57.83 -27.95 7.56
N GLY G 274 56.70 -28.64 7.42
CA GLY G 274 55.91 -28.57 6.21
C GLY G 274 55.40 -27.17 6.00
N LYS G 275 55.23 -26.41 7.07
CA LYS G 275 54.68 -25.07 6.97
C LYS G 275 55.67 -24.14 6.27
N TYR G 276 56.96 -24.47 6.36
CA TYR G 276 57.99 -23.77 5.62
C TYR G 276 57.96 -24.14 4.15
N ILE G 277 57.72 -25.42 3.87
CA ILE G 277 57.67 -25.91 2.50
C ILE G 277 56.43 -25.46 1.72
N GLU G 278 55.30 -25.26 2.41
CA GLU G 278 54.05 -24.90 1.74
C GLU G 278 54.19 -23.66 0.85
N ASN G 279 53.61 -23.73 -0.35
CA ASN G 279 53.58 -22.61 -1.31
C ASN G 279 54.97 -22.20 -1.74
N CYS G 280 55.92 -23.11 -1.56
CA CYS G 280 57.26 -22.97 -2.09
C CYS G 280 57.20 -22.70 -3.59
N GLY G 281 58.06 -21.82 -4.10
CA GLY G 281 58.21 -21.67 -5.54
C GLY G 281 57.19 -20.71 -6.11
N MET G 282 56.42 -20.09 -5.23
CA MET G 282 55.36 -19.18 -5.61
C MET G 282 55.47 -17.79 -4.98
N GLY G 283 56.70 -17.35 -4.73
CA GLY G 283 56.91 -16.11 -4.01
C GLY G 283 56.33 -14.89 -4.69
N GLY G 284 56.45 -14.82 -6.01
CA GLY G 284 55.98 -13.67 -6.76
C GLY G 284 54.49 -13.45 -6.62
N PHE G 285 53.73 -14.53 -6.61
CA PHE G 285 52.28 -14.44 -6.49
C PHE G 285 51.87 -13.98 -5.10
N PHE G 286 52.36 -14.67 -4.08
CA PHE G 286 51.95 -14.38 -2.71
C PHE G 286 52.52 -13.06 -2.20
N LEU G 287 53.71 -12.70 -2.66
CA LEU G 287 54.27 -11.41 -2.29
C LEU G 287 53.51 -10.29 -2.94
N THR G 288 53.04 -10.50 -4.16
CA THR G 288 52.25 -9.49 -4.82
C THR G 288 50.93 -9.29 -4.08
N LEU G 289 50.31 -10.37 -3.65
CA LEU G 289 49.09 -10.25 -2.86
C LEU G 289 49.38 -9.49 -1.57
N LYS G 290 50.48 -9.85 -0.91
CA LYS G 290 50.81 -9.33 0.41
C LYS G 290 51.05 -7.83 0.39
N TYR G 291 51.91 -7.37 -0.50
CA TYR G 291 52.27 -5.96 -0.53
C TYR G 291 51.39 -5.08 -1.41
N ALA G 292 51.03 -5.56 -2.60
CA ALA G 292 50.19 -4.75 -3.46
C ALA G 292 48.78 -4.63 -2.90
N LEU G 293 48.14 -5.74 -2.57
CA LEU G 293 46.74 -5.73 -2.13
C LEU G 293 46.60 -5.61 -0.63
N GLY G 294 47.54 -6.19 0.10
CA GLY G 294 47.51 -6.14 1.56
C GLY G 294 47.64 -4.72 2.09
N THR G 295 48.47 -3.92 1.45
CA THR G 295 48.69 -2.55 1.87
C THR G 295 47.48 -1.67 1.62
N ARG G 296 46.73 -1.95 0.55
CA ARG G 296 45.51 -1.20 0.23
C ARG G 296 45.79 0.31 0.13
N TRP G 297 46.88 0.68 -0.51
CA TRP G 297 47.20 2.08 -0.67
C TRP G 297 46.45 2.67 -1.86
N PRO G 298 46.32 4.01 -1.89
CA PRO G 298 45.50 4.63 -2.93
C PRO G 298 46.02 4.39 -4.34
N THR G 299 47.32 4.17 -4.51
CA THR G 299 47.86 3.98 -5.84
C THR G 299 47.36 2.72 -6.49
N LEU G 300 46.69 1.90 -5.69
CA LEU G 300 46.15 0.66 -6.22
C LEU G 300 45.05 1.03 -7.18
N ALA G 301 44.68 2.31 -7.19
CA ALA G 301 43.55 2.80 -7.97
C ALA G 301 43.97 3.22 -9.36
N LEU G 302 45.24 3.02 -9.73
CA LEU G 302 45.68 3.30 -11.08
C LEU G 302 44.89 2.46 -12.08
N ALA G 303 44.58 3.03 -13.24
CA ALA G 303 43.83 2.31 -14.24
C ALA G 303 44.70 1.22 -14.83
N ALA G 304 46.01 1.45 -14.84
CA ALA G 304 46.95 0.51 -15.42
C ALA G 304 46.84 -0.86 -14.74
N PHE G 305 46.60 -0.83 -13.44
CA PHE G 305 46.46 -2.03 -12.64
C PHE G 305 45.14 -2.76 -12.90
N SER G 306 44.24 -2.13 -13.64
CA SER G 306 42.86 -2.60 -13.73
C SER G 306 42.74 -4.02 -14.28
N GLY G 307 43.42 -4.29 -15.38
CA GLY G 307 43.39 -5.60 -15.98
C GLY G 307 44.11 -6.63 -15.14
N GLU G 308 45.24 -6.25 -14.58
CA GLU G 308 46.04 -7.18 -13.81
C GLU G 308 45.34 -7.56 -12.53
N LEU G 309 44.57 -6.64 -11.97
CA LEU G 309 43.82 -6.91 -10.75
C LEU G 309 42.79 -8.02 -10.96
N THR G 310 42.17 -8.05 -12.12
CA THR G 310 41.25 -9.13 -12.45
C THR G 310 42.00 -10.45 -12.59
N LYS G 311 43.23 -10.39 -13.09
CA LYS G 311 44.05 -11.59 -13.26
C LYS G 311 44.40 -12.21 -11.92
N LEU G 312 44.76 -11.38 -10.95
CA LEU G 312 45.03 -11.89 -9.61
C LEU G 312 43.78 -12.49 -9.00
N LYS G 313 42.64 -11.87 -9.25
CA LYS G 313 41.38 -12.37 -8.72
C LYS G 313 41.09 -13.75 -9.28
N SER G 314 41.34 -13.95 -10.57
CA SER G 314 41.20 -15.26 -11.18
C SER G 314 42.18 -16.26 -10.60
N LEU G 315 43.42 -15.84 -10.42
CA LEU G 315 44.44 -16.73 -9.90
C LEU G 315 44.07 -17.19 -8.49
N MET G 316 43.49 -16.31 -7.68
CA MET G 316 43.02 -16.73 -6.37
C MET G 316 41.92 -17.75 -6.52
N ALA G 317 41.02 -17.53 -7.46
CA ALA G 317 39.93 -18.48 -7.71
C ALA G 317 40.46 -19.83 -8.16
N LEU G 318 41.47 -19.79 -9.02
CA LEU G 318 42.13 -20.98 -9.53
C LEU G 318 42.79 -21.77 -8.43
N TYR G 319 43.44 -21.05 -7.52
CA TYR G 319 44.15 -21.65 -6.41
C TYR G 319 43.18 -22.42 -5.54
N GLN G 320 41.98 -21.88 -5.36
CA GLN G 320 41.00 -22.50 -4.48
C GLN G 320 40.49 -23.81 -5.03
N THR G 321 40.22 -23.81 -6.33
CA THR G 321 39.71 -25.00 -7.01
C THR G 321 40.71 -26.14 -7.01
N LEU G 322 41.99 -25.82 -6.94
CA LEU G 322 43.03 -26.84 -7.01
C LEU G 322 43.06 -27.80 -5.83
N GLY G 323 42.66 -27.34 -4.65
CA GLY G 323 42.57 -28.25 -3.53
C GLY G 323 43.71 -28.14 -2.54
N GLU G 324 43.90 -29.20 -1.75
CA GLU G 324 44.96 -29.22 -0.73
C GLU G 324 46.32 -29.14 -1.38
N GLN G 325 46.38 -29.66 -2.59
CA GLN G 325 47.62 -29.91 -3.29
C GLN G 325 48.11 -28.65 -4.01
N ALA G 326 47.38 -27.55 -3.89
CA ALA G 326 47.83 -26.27 -4.40
C ALA G 326 49.03 -25.76 -3.62
N ARG G 327 49.23 -26.31 -2.43
CA ARG G 327 50.37 -25.94 -1.61
C ARG G 327 51.66 -26.55 -2.14
N TYR G 328 51.54 -27.60 -2.94
CA TYR G 328 52.70 -28.40 -3.28
C TYR G 328 53.04 -28.38 -4.77
N LEU G 329 52.64 -27.33 -5.48
CA LEU G 329 52.82 -27.28 -6.93
C LEU G 329 54.27 -27.33 -7.38
N ALA G 330 55.14 -26.65 -6.65
CA ALA G 330 56.55 -26.65 -7.00
C ALA G 330 57.13 -28.05 -6.86
N LEU G 331 56.78 -28.70 -5.76
CA LEU G 331 57.24 -30.03 -5.44
C LEU G 331 56.72 -31.02 -6.47
N LEU G 332 55.47 -30.86 -6.82
CA LEU G 332 54.77 -31.73 -7.76
C LEU G 332 55.21 -31.55 -9.21
N GLU G 333 55.85 -30.43 -9.50
CA GLU G 333 56.30 -30.08 -10.85
C GLU G 333 55.10 -29.82 -11.74
N SER G 334 54.05 -29.29 -11.13
CA SER G 334 52.81 -29.03 -11.82
C SER G 334 52.93 -27.91 -12.83
N PRO G 335 52.31 -28.09 -14.01
CA PRO G 335 52.30 -27.00 -14.98
C PRO G 335 51.55 -25.79 -14.46
N HIS G 336 50.70 -25.98 -13.45
CA HIS G 336 49.90 -24.88 -12.91
C HIS G 336 50.77 -23.81 -12.30
N LEU G 337 52.02 -24.13 -12.06
CA LEU G 337 52.97 -23.18 -11.51
C LEU G 337 53.25 -22.07 -12.51
N MET G 338 53.01 -22.37 -13.77
CA MET G 338 53.18 -21.39 -14.83
C MET G 338 52.07 -20.34 -14.81
N ASP G 339 50.89 -20.75 -14.35
CA ASP G 339 49.74 -19.86 -14.34
C ASP G 339 49.94 -18.65 -13.44
N PHE G 340 50.66 -18.86 -12.35
CA PHE G 340 50.82 -17.83 -11.34
C PHE G 340 52.08 -17.02 -11.55
N ALA G 341 52.76 -17.25 -12.66
CA ALA G 341 54.01 -16.57 -12.95
C ALA G 341 53.77 -15.07 -13.00
N ALA G 342 54.71 -14.31 -12.45
CA ALA G 342 54.51 -12.88 -12.26
C ALA G 342 54.36 -12.15 -13.60
N ALA G 343 54.77 -12.81 -14.68
CA ALA G 343 54.74 -12.20 -16.01
C ALA G 343 53.32 -11.86 -16.44
N ASN G 344 52.33 -12.48 -15.81
CA ASN G 344 50.93 -12.17 -16.07
C ASN G 344 50.47 -10.85 -15.49
N TYR G 345 51.13 -10.42 -14.43
CA TYR G 345 50.83 -9.14 -13.78
C TYR G 345 52.09 -8.36 -13.50
N PRO G 346 52.82 -7.95 -14.56
CA PRO G 346 54.15 -7.37 -14.37
C PRO G 346 54.14 -6.06 -13.60
N LEU G 347 53.14 -5.22 -13.85
CA LEU G 347 53.09 -3.91 -13.20
C LEU G 347 52.86 -4.04 -11.70
N LEU G 348 51.82 -4.78 -11.33
CA LEU G 348 51.49 -5.01 -9.93
C LEU G 348 52.61 -5.74 -9.23
N TYR G 349 53.26 -6.64 -9.95
CA TYR G 349 54.37 -7.38 -9.37
C TYR G 349 55.48 -6.40 -9.03
N SER G 350 55.85 -5.58 -10.03
CA SER G 350 56.87 -4.57 -9.88
C SER G 350 56.52 -3.63 -8.73
N TYR G 351 55.29 -3.14 -8.75
CA TYR G 351 54.81 -2.19 -7.75
C TYR G 351 54.87 -2.81 -6.37
N ALA G 352 54.46 -4.06 -6.25
CA ALA G 352 54.50 -4.76 -4.96
C ALA G 352 55.91 -4.96 -4.48
N MET G 353 56.82 -5.25 -5.40
CA MET G 353 58.21 -5.49 -5.05
C MET G 353 58.81 -4.22 -4.48
N GLY G 354 58.42 -3.09 -5.05
CA GLY G 354 58.87 -1.80 -4.58
C GLY G 354 58.38 -1.54 -3.18
N ILE G 355 57.15 -1.91 -2.91
CA ILE G 355 56.59 -1.74 -1.57
C ILE G 355 57.31 -2.58 -0.53
N GLY G 356 57.54 -3.84 -0.86
CA GLY G 356 58.18 -4.76 0.05
C GLY G 356 59.58 -4.30 0.37
N TYR G 357 60.23 -3.72 -0.62
CA TYR G 357 61.64 -3.33 -0.49
C TYR G 357 61.84 -2.35 0.64
N VAL G 358 60.96 -1.36 0.77
CA VAL G 358 61.04 -0.47 1.92
C VAL G 358 60.35 -1.03 3.18
N LEU G 359 59.20 -1.68 3.02
CA LEU G 359 58.43 -2.15 4.18
C LEU G 359 59.11 -3.25 4.97
N ASP G 360 59.83 -4.12 4.29
CA ASP G 360 60.51 -5.21 4.97
C ASP G 360 61.97 -5.23 4.55
N VAL G 361 62.86 -5.21 5.53
CA VAL G 361 64.29 -5.17 5.26
C VAL G 361 64.73 -6.48 4.63
N ASN G 362 64.03 -7.57 4.96
CA ASN G 362 64.39 -8.88 4.46
C ASN G 362 64.14 -9.01 2.96
N MET G 363 63.26 -8.19 2.43
CA MET G 363 62.86 -8.27 1.03
C MET G 363 63.95 -7.96 0.01
N ARG G 364 64.96 -7.19 0.38
CA ARG G 364 66.01 -6.84 -0.57
C ARG G 364 66.77 -8.09 -1.05
N ASN G 365 66.89 -9.10 -0.19
CA ASN G 365 67.63 -10.30 -0.55
C ASN G 365 66.77 -11.29 -1.29
N TYR G 366 65.52 -10.93 -1.50
CA TYR G 366 64.69 -11.67 -2.43
C TYR G 366 65.15 -11.33 -3.85
N ALA G 367 65.12 -12.31 -4.74
CA ALA G 367 65.53 -12.10 -6.13
C ALA G 367 64.35 -11.58 -6.95
N PHE G 368 63.99 -10.32 -6.74
CA PHE G 368 62.79 -9.79 -7.38
C PHE G 368 63.02 -9.38 -8.82
N SER G 369 64.27 -9.23 -9.22
CA SER G 369 64.55 -8.76 -10.57
C SER G 369 64.14 -9.79 -11.59
N ARG G 370 63.47 -9.34 -12.64
CA ARG G 370 62.89 -10.21 -13.66
C ARG G 370 62.94 -9.49 -15.00
N SER G 371 62.74 -10.23 -16.07
CA SER G 371 62.80 -9.64 -17.41
C SER G 371 61.74 -8.59 -17.65
N TYR G 372 60.53 -8.87 -17.18
CA TYR G 372 59.35 -8.07 -17.44
C TYR G 372 59.17 -7.02 -16.38
N MET G 373 60.16 -6.94 -15.51
CA MET G 373 60.15 -6.01 -14.40
C MET G 373 60.16 -4.58 -14.92
N ASN G 374 59.25 -3.76 -14.40
CA ASN G 374 59.07 -2.40 -14.89
C ASN G 374 59.63 -1.40 -13.88
N LYS G 375 60.76 -0.78 -14.21
CA LYS G 375 61.50 0.05 -13.27
C LYS G 375 60.71 1.27 -12.83
N THR G 376 59.82 1.77 -13.68
CA THR G 376 59.03 2.92 -13.31
C THR G 376 58.09 2.58 -12.17
N TYR G 377 57.42 1.44 -12.31
CA TYR G 377 56.48 0.99 -11.29
C TYR G 377 57.14 0.49 -10.03
N PHE G 378 58.36 -0.04 -10.14
CA PHE G 378 59.10 -0.41 -8.94
C PHE G 378 59.31 0.85 -8.12
N GLN G 379 59.70 1.93 -8.80
CA GLN G 379 59.94 3.20 -8.13
C GLN G 379 58.67 3.76 -7.53
N LEU G 380 57.56 3.57 -8.21
CA LEU G 380 56.27 4.05 -7.73
C LEU G 380 55.91 3.34 -6.43
N GLY G 381 56.14 2.03 -6.39
CA GLY G 381 55.85 1.25 -5.22
C GLY G 381 56.73 1.67 -4.05
N MET G 382 57.98 1.98 -4.36
CA MET G 382 58.96 2.30 -3.35
C MET G 382 58.49 3.56 -2.65
N GLU G 383 58.15 4.53 -3.48
CA GLU G 383 57.76 5.87 -3.07
C GLU G 383 56.36 5.94 -2.47
N THR G 384 55.44 5.12 -2.98
CA THR G 384 54.10 5.05 -2.41
C THR G 384 54.22 4.68 -0.95
N ALA G 385 55.08 3.71 -0.70
CA ALA G 385 55.34 3.20 0.62
C ALA G 385 56.02 4.21 1.55
N ARG G 386 56.76 5.15 1.00
CA ARG G 386 57.34 6.18 1.86
C ARG G 386 56.37 7.32 2.20
N LYS G 387 55.77 7.93 1.19
CA LYS G 387 54.81 9.01 1.41
C LYS G 387 53.37 8.61 1.77
N GLN G 388 52.92 7.43 1.38
CA GLN G 388 51.55 7.05 1.71
C GLN G 388 51.54 5.95 2.74
N GLN G 389 51.89 6.27 3.98
CA GLN G 389 51.74 5.32 5.07
C GLN G 389 50.74 5.83 6.05
N GLY G 390 50.56 7.14 6.05
CA GLY G 390 49.54 7.77 6.87
C GLY G 390 48.21 7.49 6.25
N ALA G 391 48.23 6.94 5.05
CA ALA G 391 47.01 6.69 4.33
C ALA G 391 46.13 5.79 5.15
N VAL G 392 44.84 6.06 5.18
CA VAL G 392 43.99 5.27 6.04
C VAL G 392 43.05 4.49 5.16
N ASP G 393 42.62 3.36 5.69
CA ASP G 393 41.65 2.47 5.10
C ASP G 393 40.28 3.00 5.51
N MET G 394 39.53 3.52 4.56
CA MET G 394 38.30 4.26 4.85
C MET G 394 37.19 3.39 5.38
N ARG G 395 37.33 2.07 5.28
CA ARG G 395 36.33 1.22 5.86
C ARG G 395 36.51 1.14 7.35
N MET G 396 37.75 1.15 7.78
CA MET G 396 38.12 1.13 9.19
C MET G 396 37.92 2.49 9.84
N ALA G 397 38.35 3.53 9.13
CA ALA G 397 38.33 4.89 9.65
C ALA G 397 36.89 5.28 9.97
N GLU G 398 35.95 4.74 9.21
CA GLU G 398 34.54 5.03 9.42
C GLU G 398 33.96 4.31 10.65
N ASP G 399 34.31 3.04 10.86
CA ASP G 399 33.80 2.34 12.04
C ASP G 399 34.41 2.91 13.31
N LEU G 400 35.63 3.41 13.21
CA LEU G 400 36.24 4.10 14.32
C LEU G 400 35.79 5.53 14.41
N GLY G 401 35.03 5.97 13.41
CA GLY G 401 34.55 7.33 13.38
C GLY G 401 35.65 8.39 13.37
N LEU G 402 36.70 8.12 12.60
CA LEU G 402 37.85 9.01 12.53
C LEU G 402 37.51 10.34 11.84
N THR G 403 38.11 11.40 12.38
CA THR G 403 37.99 12.77 11.91
C THR G 403 38.58 12.94 10.53
N GLN G 404 38.44 14.12 9.96
CA GLN G 404 39.43 14.48 8.97
C GLN G 404 40.72 14.93 9.65
N ALA G 405 40.65 15.43 10.89
CA ALA G 405 41.88 15.98 11.50
C ALA G 405 42.96 15.03 12.00
N GLU G 406 42.56 13.96 12.67
CA GLU G 406 43.50 12.99 13.20
C GLU G 406 44.24 12.30 12.08
N ARG G 407 43.56 12.08 10.96
CA ARG G 407 44.14 11.31 9.86
C ARG G 407 45.37 11.98 9.29
N THR G 408 45.31 13.30 9.10
CA THR G 408 46.39 14.02 8.45
C THR G 408 47.61 14.34 9.32
N GLU G 409 47.46 14.51 10.63
CA GLU G 409 48.69 14.72 11.40
C GLU G 409 49.24 13.44 12.00
N MET G 410 48.50 12.35 11.76
CA MET G 410 48.96 11.03 12.11
C MET G 410 49.61 10.57 10.79
N ALA G 411 49.14 11.19 9.69
CA ALA G 411 49.61 10.89 8.35
C ALA G 411 51.09 11.06 8.35
N ASN G 412 51.56 12.11 9.00
CA ASN G 412 52.98 12.30 9.19
C ASN G 412 53.20 12.68 10.67
N THR G 413 52.45 11.99 11.54
CA THR G 413 52.99 11.35 12.76
C THR G 413 53.75 10.08 12.30
N LEU G 414 53.47 9.51 11.12
CA LEU G 414 54.22 8.32 10.71
C LEU G 414 55.54 8.78 9.97
N ALA G 415 55.40 9.91 9.25
CA ALA G 415 56.19 11.18 9.49
C ALA G 415 57.70 11.54 9.27
N LYS G 416 58.11 12.41 10.20
CA LYS G 416 59.18 12.37 11.20
C LYS G 416 59.69 11.02 11.53
N LEU G 417 58.81 10.04 11.48
CA LEU G 417 59.17 8.66 11.84
C LEU G 417 59.55 8.00 10.54
N SER H 19 18.54 3.04 -31.10
CA SER H 19 17.83 1.83 -31.52
C SER H 19 18.44 1.26 -32.80
N VAL H 20 18.72 2.13 -33.75
CA VAL H 20 19.47 1.71 -34.93
C VAL H 20 20.87 1.31 -34.48
N LEU H 21 21.40 2.03 -33.49
CA LEU H 21 22.70 1.68 -32.95
C LEU H 21 22.63 0.39 -32.16
N LYS H 22 21.51 0.17 -31.49
CA LYS H 22 21.36 -1.07 -30.74
C LYS H 22 21.20 -2.22 -31.75
N ALA H 23 20.56 -1.97 -32.89
CA ALA H 23 20.43 -2.98 -33.93
C ALA H 23 21.78 -3.35 -34.53
N TYR H 24 22.61 -2.35 -34.75
CA TYR H 24 23.95 -2.57 -35.29
C TYR H 24 24.76 -3.38 -34.30
N GLU H 25 24.53 -3.14 -33.02
CA GLU H 25 25.22 -3.88 -31.99
C GLU H 25 24.83 -5.34 -32.01
N ARG H 26 23.55 -5.63 -32.12
CA ARG H 26 23.13 -7.02 -32.06
C ARG H 26 23.45 -7.72 -33.36
N PHE H 27 23.46 -6.94 -34.43
CA PHE H 27 23.78 -7.46 -35.74
C PHE H 27 25.22 -7.96 -35.74
N THR H 28 26.12 -7.16 -35.17
CA THR H 28 27.52 -7.55 -35.09
C THR H 28 27.73 -8.82 -34.27
N LEU H 29 27.11 -8.94 -33.10
CA LEU H 29 27.34 -10.12 -32.26
C LEU H 29 26.70 -11.37 -32.81
N THR H 30 25.47 -11.25 -33.29
CA THR H 30 24.75 -12.41 -33.80
C THR H 30 25.41 -12.92 -35.07
N GLN H 31 25.92 -12.03 -35.90
CA GLN H 31 26.55 -12.47 -37.14
C GLN H 31 27.87 -13.16 -36.92
N GLU H 32 28.58 -12.78 -35.86
CA GLU H 32 29.79 -13.50 -35.47
C GLU H 32 29.47 -14.87 -34.87
N LEU H 33 28.43 -14.93 -34.05
CA LEU H 33 28.06 -16.16 -33.35
C LEU H 33 27.03 -16.99 -34.11
N GLN H 34 26.67 -16.51 -35.30
CA GLN H 34 25.78 -17.25 -36.18
C GLN H 34 26.81 -18.21 -36.65
N ASP H 35 26.41 -19.47 -36.82
CA ASP H 35 27.26 -20.59 -37.26
C ASP H 35 27.62 -21.48 -36.09
N GLN H 36 27.82 -21.00 -34.85
CA GLN H 36 28.41 -21.98 -33.97
C GLN H 36 27.27 -22.58 -33.16
N SER H 37 26.07 -22.37 -33.70
CA SER H 37 24.83 -23.03 -33.37
C SER H 37 25.08 -24.47 -32.95
N GLU H 38 25.35 -25.31 -33.95
CA GLU H 38 25.59 -26.74 -33.83
C GLU H 38 27.09 -27.02 -33.90
N GLU H 39 27.52 -28.14 -33.34
CA GLU H 39 28.94 -28.44 -33.34
C GLU H 39 29.36 -28.82 -34.77
N GLY H 40 30.66 -28.76 -35.03
CA GLY H 40 31.23 -28.93 -36.35
C GLY H 40 31.05 -30.30 -37.01
N THR H 41 30.94 -30.32 -38.32
CA THR H 41 30.75 -31.61 -38.98
C THR H 41 32.10 -32.01 -39.56
N ILE H 42 32.44 -33.29 -39.43
CA ILE H 42 33.75 -33.76 -39.89
C ILE H 42 33.71 -33.66 -41.40
N PRO H 43 34.77 -33.11 -41.99
CA PRO H 43 34.72 -32.61 -43.37
C PRO H 43 34.62 -33.72 -44.39
N PRO H 44 34.28 -33.36 -45.63
CA PRO H 44 34.17 -34.33 -46.71
C PRO H 44 35.50 -35.05 -46.88
N THR H 45 35.46 -36.34 -47.22
CA THR H 45 36.69 -37.11 -47.26
C THR H 45 37.54 -36.73 -48.46
N THR H 46 38.85 -36.87 -48.29
CA THR H 46 39.82 -36.41 -49.26
C THR H 46 40.91 -37.50 -49.37
N LEU H 47 41.69 -37.51 -50.44
CA LEU H 47 42.78 -38.45 -50.54
C LEU H 47 43.87 -38.01 -49.58
N LYS H 48 44.58 -38.96 -48.98
CA LYS H 48 45.64 -38.60 -48.04
C LYS H 48 46.90 -39.38 -48.34
N PRO H 49 48.07 -38.77 -48.08
CA PRO H 49 49.30 -39.52 -48.20
C PRO H 49 49.40 -40.50 -47.05
N VAL H 50 50.11 -41.59 -47.24
CA VAL H 50 50.31 -42.53 -46.16
C VAL H 50 51.51 -42.10 -45.36
N ILE H 51 51.34 -42.03 -44.04
CA ILE H 51 52.43 -41.76 -43.11
C ILE H 51 52.82 -43.07 -42.45
N ARG H 52 54.11 -43.39 -42.46
CA ARG H 52 54.56 -44.63 -41.85
C ARG H 52 55.19 -44.36 -40.48
N VAL H 53 54.66 -45.01 -39.46
CA VAL H 53 55.08 -44.80 -38.10
C VAL H 53 55.62 -46.12 -37.61
N PHE H 54 56.75 -46.14 -36.92
CA PHE H 54 57.30 -47.41 -36.46
C PHE H 54 56.80 -47.81 -35.08
N ILE H 55 56.42 -49.07 -34.95
CA ILE H 55 55.91 -49.57 -33.68
C ILE H 55 56.89 -50.53 -33.06
N LEU H 56 57.30 -50.22 -31.84
CA LEU H 56 58.22 -51.04 -31.07
C LEU H 56 57.47 -51.65 -29.89
N THR H 57 57.42 -52.98 -29.84
CA THR H 57 56.70 -53.69 -28.79
C THR H 57 57.63 -53.90 -27.61
N SER H 58 58.92 -53.92 -27.89
CA SER H 58 59.94 -54.14 -26.87
C SER H 58 60.17 -52.90 -26.02
N ASN H 59 60.48 -53.14 -24.75
CA ASN H 59 60.79 -52.06 -23.82
C ASN H 59 62.29 -51.96 -23.63
N ASN H 60 63.04 -52.64 -24.48
CA ASN H 60 64.49 -52.64 -24.39
C ASN H 60 65.10 -51.29 -24.69
N PRO H 61 65.94 -50.79 -23.78
CA PRO H 61 66.55 -49.46 -23.87
C PRO H 61 67.45 -49.29 -25.09
N GLU H 62 68.15 -50.33 -25.50
CA GLU H 62 69.07 -50.22 -26.63
C GLU H 62 68.27 -50.00 -27.91
N LEU H 63 67.14 -50.69 -28.01
CA LEU H 63 66.27 -50.54 -29.16
C LEU H 63 65.53 -49.23 -29.20
N ARG H 64 65.00 -48.82 -28.05
CA ARG H 64 64.29 -47.57 -27.98
C ARG H 64 65.21 -46.45 -28.36
N SER H 65 66.43 -46.48 -27.82
CA SER H 65 67.39 -45.42 -28.09
C SER H 65 67.81 -45.42 -29.53
N ARG H 66 68.02 -46.59 -30.12
CA ARG H 66 68.45 -46.62 -31.52
C ARG H 66 67.31 -46.25 -32.45
N LEU H 67 66.09 -46.62 -32.10
CA LEU H 67 64.96 -46.21 -32.90
C LEU H 67 64.75 -44.69 -32.82
N LEU H 68 64.97 -44.10 -31.65
CA LEU H 68 64.84 -42.65 -31.53
C LEU H 68 65.90 -42.00 -32.40
N LEU H 69 67.11 -42.52 -32.32
CA LEU H 69 68.23 -42.02 -33.10
C LEU H 69 68.01 -42.24 -34.58
N PHE H 70 67.45 -43.39 -34.94
CA PHE H 70 67.14 -43.71 -36.32
C PHE H 70 66.17 -42.71 -36.94
N CYS H 71 65.09 -42.43 -36.22
CA CYS H 71 64.05 -41.55 -36.72
C CYS H 71 64.50 -40.10 -36.77
N LEU H 72 65.31 -39.70 -35.79
CA LEU H 72 65.81 -38.33 -35.73
C LEU H 72 66.65 -38.04 -36.94
N ARG H 73 67.39 -39.04 -37.38
CA ARG H 73 68.21 -38.89 -38.57
C ARG H 73 67.37 -38.74 -39.84
N ILE H 74 66.29 -39.52 -39.94
CA ILE H 74 65.38 -39.41 -41.09
C ILE H 74 64.69 -38.05 -41.16
N VAL H 75 64.34 -37.49 -40.02
CA VAL H 75 63.72 -36.18 -40.00
C VAL H 75 64.70 -35.14 -40.54
N LEU H 76 65.97 -35.29 -40.20
CA LEU H 76 66.98 -34.32 -40.58
C LEU H 76 67.61 -34.62 -41.92
N SER H 77 67.30 -35.81 -42.44
CA SER H 77 67.95 -36.31 -43.65
C SER H 77 67.71 -35.43 -44.86
N ASN H 78 68.68 -35.43 -45.77
CA ASN H 78 68.61 -34.68 -47.00
C ASN H 78 67.53 -35.18 -47.96
N GLY H 79 67.48 -36.48 -48.15
CA GLY H 79 66.65 -37.07 -49.20
C GLY H 79 65.25 -37.53 -48.86
N ALA H 80 64.87 -37.47 -47.60
CA ALA H 80 63.56 -38.02 -47.21
C ALA H 80 62.43 -37.16 -47.74
N ARG H 81 61.32 -37.81 -48.08
CA ARG H 81 60.14 -37.06 -48.45
C ARG H 81 59.41 -36.64 -47.19
N ASP H 82 58.44 -35.75 -47.32
CA ASP H 82 57.75 -35.20 -46.16
C ASP H 82 57.07 -36.29 -45.35
N SER H 83 56.46 -37.24 -46.03
CA SER H 83 55.73 -38.32 -45.38
C SER H 83 56.64 -39.17 -44.48
N HIS H 84 57.89 -39.29 -44.88
CA HIS H 84 58.91 -39.97 -44.08
C HIS H 84 59.28 -39.17 -42.83
N ARG H 85 59.44 -37.86 -43.00
CA ARG H 85 59.80 -37.00 -41.88
C ARG H 85 58.66 -37.00 -40.88
N PHE H 86 57.44 -36.92 -41.39
CA PHE H 86 56.27 -36.87 -40.53
C PHE H 86 56.14 -38.15 -39.73
N GLY H 87 56.33 -39.28 -40.39
CA GLY H 87 56.24 -40.57 -39.75
C GLY H 87 57.29 -40.78 -38.69
N ALA H 88 58.50 -40.32 -38.96
CA ALA H 88 59.57 -40.43 -37.99
C ALA H 88 59.26 -39.58 -36.76
N LEU H 89 58.74 -38.38 -36.97
CA LEU H 89 58.41 -37.50 -35.85
C LEU H 89 57.33 -38.14 -34.97
N LEU H 90 56.28 -38.67 -35.58
CA LEU H 90 55.22 -39.30 -34.83
C LEU H 90 55.75 -40.48 -34.05
N THR H 91 56.76 -41.16 -34.62
CA THR H 91 57.40 -42.27 -33.93
C THR H 91 58.16 -41.78 -32.71
N MET H 92 58.89 -40.69 -32.86
CA MET H 92 59.66 -40.15 -31.76
C MET H 92 58.77 -39.74 -30.60
N PHE H 93 57.67 -39.06 -30.90
CA PHE H 93 56.77 -38.56 -29.87
C PHE H 93 56.07 -39.71 -29.15
N SER H 94 56.12 -40.90 -29.73
CA SER H 94 55.47 -42.05 -29.14
C SER H 94 56.41 -42.96 -28.36
N LEU H 95 57.70 -42.67 -28.43
CA LEU H 95 58.69 -43.54 -27.81
C LEU H 95 58.65 -43.61 -26.27
N PRO H 96 58.19 -42.56 -25.59
CA PRO H 96 58.07 -42.76 -24.15
C PRO H 96 57.03 -43.79 -23.72
N SER H 97 56.07 -44.11 -24.57
CA SER H 97 54.94 -44.93 -24.13
C SER H 97 55.27 -46.36 -23.78
N ALA H 98 54.60 -46.86 -22.76
CA ALA H 98 54.69 -48.25 -22.38
C ALA H 98 54.12 -49.09 -23.51
N THR H 99 53.08 -48.57 -24.13
CA THR H 99 52.57 -49.16 -25.36
C THR H 99 52.50 -48.10 -26.45
N MET H 100 53.41 -48.18 -27.41
CA MET H 100 53.45 -47.23 -28.50
C MET H 100 52.25 -47.31 -29.39
N LEU H 101 51.70 -48.51 -29.51
CA LEU H 101 50.62 -48.73 -30.44
C LEU H 101 49.44 -47.84 -30.07
N ASN H 102 49.14 -47.79 -28.78
CA ASN H 102 48.05 -47.00 -28.26
C ASN H 102 48.26 -45.52 -28.51
N HIS H 103 49.51 -45.09 -28.47
CA HIS H 103 49.78 -43.69 -28.64
C HIS H 103 49.75 -43.27 -30.10
N VAL H 104 50.04 -44.20 -31.01
CA VAL H 104 49.90 -43.94 -32.43
C VAL H 104 48.45 -43.84 -32.88
N LYS H 105 47.56 -44.52 -32.17
CA LYS H 105 46.14 -44.46 -32.51
C LYS H 105 45.54 -43.10 -32.19
N LEU H 106 46.28 -42.30 -31.43
CA LEU H 106 45.87 -40.92 -31.20
C LEU H 106 45.91 -40.15 -32.49
N ALA H 107 46.92 -40.43 -33.31
CA ALA H 107 47.10 -39.77 -34.59
C ALA H 107 45.96 -40.10 -35.54
N ASP H 108 45.34 -41.27 -35.33
CA ASP H 108 44.30 -41.75 -36.22
C ASP H 108 43.07 -40.86 -36.14
N GLN H 109 43.01 -40.04 -35.10
CA GLN H 109 41.87 -39.18 -34.84
C GLN H 109 41.92 -37.96 -35.74
N SER H 110 43.01 -37.80 -36.48
CA SER H 110 43.12 -36.71 -37.43
C SER H 110 42.46 -37.10 -38.73
N PRO H 111 41.60 -36.22 -39.25
CA PRO H 111 40.89 -36.50 -40.48
C PRO H 111 41.82 -36.55 -41.68
N GLU H 112 43.06 -36.11 -41.48
CA GLU H 112 44.04 -35.99 -42.55
C GLU H 112 45.02 -37.15 -42.47
N ALA H 113 44.78 -38.04 -41.51
CA ALA H 113 45.77 -39.06 -41.20
C ALA H 113 45.43 -40.39 -41.83
N ASP H 114 46.40 -40.97 -42.50
CA ASP H 114 46.30 -42.34 -42.97
C ASP H 114 47.59 -43.02 -42.58
N ILE H 115 47.55 -43.79 -41.51
CA ILE H 115 48.78 -44.31 -40.92
C ILE H 115 48.95 -45.79 -41.19
N GLU H 116 50.16 -46.18 -41.59
CA GLU H 116 50.56 -47.59 -41.60
C GLU H 116 51.58 -47.80 -40.52
N ARG H 117 51.30 -48.79 -39.68
CA ARG H 117 51.99 -48.97 -38.41
C ARG H 117 53.38 -49.61 -38.45
N VAL H 118 53.72 -50.40 -39.46
CA VAL H 118 55.13 -50.86 -39.63
C VAL H 118 55.75 -51.40 -38.34
N GLU H 119 55.34 -52.61 -37.96
CA GLU H 119 55.77 -53.29 -36.74
C GLU H 119 57.25 -53.63 -36.79
N ILE H 120 58.02 -53.35 -35.75
CA ILE H 120 59.45 -53.33 -36.02
C ILE H 120 60.31 -54.44 -35.37
N ASP H 121 60.34 -54.63 -34.05
CA ASP H 121 61.08 -55.75 -33.40
C ASP H 121 62.60 -55.60 -33.22
N GLY H 122 63.25 -54.71 -33.95
CA GLY H 122 64.67 -54.51 -33.74
C GLY H 122 65.54 -54.02 -34.89
N PHE H 123 66.84 -53.99 -34.62
CA PHE H 123 67.86 -53.57 -35.58
C PHE H 123 68.96 -54.62 -35.73
N GLU H 124 69.51 -54.76 -36.93
CA GLU H 124 70.65 -55.65 -37.14
C GLU H 124 71.84 -55.00 -36.47
N GLU H 125 72.63 -55.77 -35.72
CA GLU H 125 73.58 -55.16 -34.79
C GLU H 125 74.59 -54.32 -35.55
N GLY H 126 74.91 -53.17 -35.01
CA GLY H 126 75.57 -52.15 -35.80
C GLY H 126 74.59 -51.24 -36.53
N SER H 127 73.66 -51.82 -37.31
CA SER H 127 72.46 -51.10 -37.79
C SER H 127 72.84 -49.97 -38.77
N PHE H 128 71.99 -49.01 -39.17
CA PHE H 128 70.54 -48.97 -39.02
C PHE H 128 69.80 -49.86 -40.01
N ARG H 129 70.02 -51.18 -39.95
CA ARG H 129 69.21 -52.01 -40.82
C ARG H 129 68.09 -52.58 -40.00
N LEU H 130 66.87 -52.30 -40.44
CA LEU H 130 65.70 -52.66 -39.69
C LEU H 130 65.52 -54.17 -39.74
N ILE H 131 65.20 -54.75 -38.60
CA ILE H 131 64.72 -56.11 -38.56
C ILE H 131 63.26 -55.98 -38.31
N PRO H 132 62.41 -56.31 -39.29
CA PRO H 132 60.97 -56.10 -39.12
C PRO H 132 60.27 -57.28 -38.46
N ASN H 133 59.17 -57.02 -37.76
CA ASN H 133 58.33 -58.08 -37.22
C ASN H 133 57.72 -58.99 -38.29
N ALA H 134 58.00 -60.28 -38.18
CA ALA H 134 57.24 -61.37 -38.81
C ALA H 134 55.90 -60.96 -39.43
N ARG H 135 55.15 -60.20 -38.64
CA ARG H 135 53.82 -59.74 -38.95
C ARG H 135 53.74 -58.94 -40.25
N SER H 136 54.66 -58.00 -40.51
CA SER H 136 54.73 -57.41 -41.85
C SER H 136 56.17 -57.37 -42.33
N GLY H 137 56.43 -57.94 -43.51
CA GLY H 137 57.77 -58.02 -44.06
C GLY H 137 58.29 -56.74 -44.67
N MET H 138 59.58 -56.75 -45.00
CA MET H 138 60.18 -55.66 -45.75
C MET H 138 61.15 -56.22 -46.77
N SER H 139 61.22 -55.60 -47.94
CA SER H 139 62.18 -56.03 -48.94
C SER H 139 63.56 -55.63 -48.47
N ARG H 140 64.60 -56.34 -48.92
CA ARG H 140 65.93 -56.01 -48.44
C ARG H 140 66.39 -54.73 -49.12
N GLY H 141 65.66 -54.33 -50.16
CA GLY H 141 65.81 -53.04 -50.77
C GLY H 141 65.31 -51.95 -49.86
N GLU H 142 64.15 -52.18 -49.26
CA GLU H 142 63.53 -51.18 -48.39
C GLU H 142 64.29 -51.08 -47.09
N ILE H 143 64.77 -52.21 -46.59
CA ILE H 143 65.57 -52.21 -45.37
C ILE H 143 66.85 -51.44 -45.61
N ASN H 144 67.47 -51.68 -46.75
CA ASN H 144 68.71 -51.02 -47.11
C ASN H 144 68.53 -49.55 -47.47
N ALA H 145 67.37 -49.21 -48.04
CA ALA H 145 67.11 -47.83 -48.44
C ALA H 145 66.95 -46.92 -47.24
N TYR H 146 66.29 -47.43 -46.21
CA TYR H 146 66.11 -46.66 -44.98
C TYR H 146 67.46 -46.43 -44.34
N ALA H 147 68.29 -47.46 -44.34
CA ALA H 147 69.61 -47.40 -43.72
C ALA H 147 70.45 -46.32 -44.37
N ALA H 148 70.26 -46.12 -45.66
CA ALA H 148 70.93 -45.05 -46.39
C ALA H 148 70.41 -43.68 -45.99
N LEU H 149 69.10 -43.60 -45.79
CA LEU H 149 68.43 -42.35 -45.46
C LEU H 149 68.86 -41.84 -44.10
N ALA H 150 69.10 -42.77 -43.18
CA ALA H 150 69.57 -42.45 -41.85
C ALA H 150 71.03 -42.05 -41.86
N GLU H 151 71.66 -42.21 -43.01
CA GLU H 151 73.06 -41.89 -43.15
C GLU H 151 73.25 -40.74 -44.11
N ASP H 152 72.22 -39.92 -44.28
CA ASP H 152 72.39 -38.78 -45.17
C ASP H 152 72.88 -37.60 -44.37
N LEU H 153 71.96 -36.82 -43.83
CA LEU H 153 72.26 -35.65 -43.01
C LEU H 153 72.96 -34.57 -43.85
N PRO H 154 72.59 -33.30 -43.63
CA PRO H 154 73.16 -32.19 -44.38
C PRO H 154 74.62 -31.92 -44.02
N ASP H 155 75.29 -31.07 -44.81
CA ASP H 155 76.67 -30.71 -44.51
C ASP H 155 76.65 -29.61 -43.49
N THR H 156 75.46 -29.08 -43.25
CA THR H 156 75.22 -28.05 -42.27
C THR H 156 75.43 -28.49 -40.82
N LEU H 157 75.21 -29.76 -40.54
CA LEU H 157 75.36 -30.23 -39.19
C LEU H 157 76.86 -30.41 -39.07
N ASN H 158 77.42 -30.22 -37.87
CA ASN H 158 78.86 -29.98 -37.83
C ASN H 158 79.79 -31.17 -37.67
N HIS H 159 79.31 -32.34 -37.25
CA HIS H 159 80.22 -33.49 -37.29
C HIS H 159 79.53 -34.80 -37.55
N ALA H 160 78.70 -34.82 -38.59
CA ALA H 160 78.06 -36.06 -39.05
C ALA H 160 77.01 -36.60 -38.08
N THR H 161 76.64 -35.77 -37.11
CA THR H 161 75.63 -36.10 -36.12
C THR H 161 74.78 -34.86 -35.85
N PRO H 162 73.64 -35.01 -35.17
CA PRO H 162 73.07 -33.77 -34.62
C PRO H 162 73.77 -33.44 -33.31
N PHE H 163 73.01 -33.25 -32.25
CA PHE H 163 73.54 -33.36 -30.90
C PHE H 163 74.71 -32.53 -30.34
N VAL H 164 75.41 -31.75 -31.17
CA VAL H 164 76.52 -30.92 -30.68
C VAL H 164 77.69 -31.72 -30.08
N ASP H 165 77.45 -32.49 -29.02
CA ASP H 165 78.49 -33.32 -28.39
C ASP H 165 78.79 -34.47 -29.32
N SER H 166 79.88 -34.38 -30.05
CA SER H 166 80.15 -35.27 -31.17
C SER H 166 80.20 -36.75 -30.85
N GLU H 167 80.03 -37.12 -29.60
CA GLU H 167 80.20 -38.51 -29.26
C GLU H 167 79.04 -39.08 -28.50
N VAL H 168 78.02 -38.27 -28.29
CA VAL H 168 76.84 -38.68 -27.52
C VAL H 168 76.21 -39.94 -28.12
N GLU H 169 76.04 -39.96 -29.43
CA GLU H 169 75.38 -41.06 -30.11
C GLU H 169 76.07 -42.42 -29.95
N GLY H 170 77.30 -42.40 -29.45
CA GLY H 170 78.06 -43.62 -29.28
C GLY H 170 77.84 -44.21 -27.90
N THR H 171 76.96 -43.57 -27.13
CA THR H 171 76.67 -44.01 -25.76
C THR H 171 76.19 -45.45 -25.74
N ALA H 172 76.26 -46.07 -24.57
CA ALA H 172 75.73 -47.40 -24.39
C ALA H 172 74.45 -47.26 -23.63
N TRP H 173 73.35 -47.54 -24.31
CA TRP H 173 72.03 -47.33 -23.75
C TRP H 173 71.64 -48.59 -22.99
N ASP H 174 72.35 -48.87 -21.91
CA ASP H 174 72.13 -50.11 -21.19
C ASP H 174 70.90 -50.03 -20.32
N GLU H 175 70.64 -48.84 -19.79
CA GLU H 175 69.55 -48.67 -18.83
C GLU H 175 68.51 -47.66 -19.28
N ILE H 176 67.27 -47.96 -18.92
CA ILE H 176 66.11 -47.19 -19.30
C ILE H 176 66.18 -45.72 -18.85
N GLU H 177 66.88 -45.44 -17.76
CA GLU H 177 67.01 -44.04 -17.33
C GLU H 177 67.69 -43.22 -18.40
N THR H 178 68.68 -43.81 -19.05
CA THR H 178 69.45 -43.10 -20.06
C THR H 178 68.62 -42.81 -21.29
N PHE H 179 67.83 -43.78 -21.72
CA PHE H 179 67.00 -43.58 -22.87
C PHE H 179 65.98 -42.48 -22.60
N LEU H 180 65.29 -42.57 -21.47
CA LEU H 180 64.25 -41.59 -21.16
C LEU H 180 64.80 -40.19 -20.98
N ASP H 181 65.99 -40.06 -20.41
CA ASP H 181 66.58 -38.73 -20.22
C ASP H 181 66.90 -38.10 -21.58
N MET H 182 67.44 -38.89 -22.49
CA MET H 182 67.64 -38.42 -23.86
C MET H 182 66.34 -38.20 -24.62
N CYS H 183 65.43 -39.16 -24.50
CA CYS H 183 64.18 -39.11 -25.21
C CYS H 183 63.42 -37.85 -24.83
N TYR H 184 63.34 -37.56 -23.54
CA TYR H 184 62.65 -36.39 -23.08
C TYR H 184 63.39 -35.13 -23.53
N SER H 185 64.72 -35.16 -23.51
CA SER H 185 65.53 -34.01 -23.89
C SER H 185 65.37 -33.64 -25.36
N VAL H 186 65.38 -34.66 -26.21
CA VAL H 186 65.19 -34.42 -27.63
C VAL H 186 63.77 -33.97 -27.89
N LEU H 187 62.79 -34.66 -27.31
CA LEU H 187 61.39 -34.31 -27.55
C LEU H 187 61.04 -32.92 -27.06
N MET H 188 61.58 -32.52 -25.93
CA MET H 188 61.32 -31.18 -25.38
C MET H 188 61.82 -30.14 -26.35
N GLN H 189 62.94 -30.46 -26.97
CA GLN H 189 63.50 -29.61 -28.00
C GLN H 189 62.63 -29.49 -29.23
N ALA H 190 61.91 -30.53 -29.60
CA ALA H 190 60.91 -30.41 -30.66
C ALA H 190 59.75 -29.55 -30.18
N TRP H 191 59.35 -29.75 -28.93
CA TRP H 191 58.21 -29.05 -28.35
C TRP H 191 58.40 -27.53 -28.32
N ILE H 192 59.63 -27.12 -28.05
CA ILE H 192 59.97 -25.71 -27.95
C ILE H 192 59.81 -24.95 -29.26
N VAL H 193 60.00 -25.64 -30.38
CA VAL H 193 59.90 -24.99 -31.68
C VAL H 193 58.60 -25.28 -32.40
N THR H 194 57.59 -25.75 -31.67
CA THR H 194 56.36 -26.19 -32.29
C THR H 194 55.53 -25.09 -32.95
N CYS H 195 55.40 -23.94 -32.32
CA CYS H 195 54.56 -22.94 -32.95
C CYS H 195 55.36 -21.70 -33.29
N LYS H 196 56.36 -21.86 -34.15
CA LYS H 196 57.24 -20.77 -34.60
C LYS H 196 57.22 -20.64 -36.12
N CYS H 197 57.02 -19.41 -36.61
CA CYS H 197 56.84 -19.15 -38.04
C CYS H 197 58.12 -19.20 -38.90
N MET H 198 59.26 -18.82 -38.32
CA MET H 198 60.66 -19.18 -38.74
C MET H 198 61.63 -18.00 -38.54
N GLN H 203 71.37 -16.63 -36.11
CA GLN H 203 70.04 -16.30 -36.62
C GLN H 203 69.02 -16.19 -35.46
N PRO H 204 67.71 -16.22 -35.79
CA PRO H 204 66.66 -16.41 -34.77
C PRO H 204 66.78 -17.73 -34.00
N ALA H 205 65.95 -17.96 -32.97
CA ALA H 205 65.06 -16.95 -32.37
C ALA H 205 65.42 -16.70 -30.90
N ALA H 206 64.88 -15.65 -30.31
CA ALA H 206 65.22 -15.32 -28.92
C ALA H 206 64.56 -16.24 -27.90
N SER H 207 63.29 -16.56 -28.14
CA SER H 207 62.51 -17.37 -27.21
C SER H 207 63.10 -18.76 -26.99
N ILE H 208 63.56 -19.36 -28.07
CA ILE H 208 63.97 -20.76 -28.02
C ILE H 208 65.08 -21.01 -27.01
N GLU H 209 66.11 -20.17 -26.99
CA GLU H 209 67.20 -20.39 -26.01
C GLU H 209 66.81 -19.99 -24.59
N LYS H 210 65.84 -19.10 -24.43
CA LYS H 210 65.33 -18.83 -23.09
C LYS H 210 64.46 -19.98 -22.61
N ARG H 211 63.76 -20.61 -23.55
CA ARG H 211 62.99 -21.80 -23.24
C ARG H 211 63.90 -22.97 -22.93
N LEU H 212 64.97 -23.12 -23.70
CA LEU H 212 65.91 -24.21 -23.46
C LEU H 212 66.56 -24.05 -22.10
N GLN H 213 66.86 -22.81 -21.73
CA GLN H 213 67.59 -22.55 -20.50
C GLN H 213 66.76 -22.87 -19.27
N LYS H 214 65.45 -22.68 -19.38
CA LYS H 214 64.53 -23.02 -18.30
C LYS H 214 64.52 -24.51 -18.03
N TYR H 215 64.40 -25.29 -19.10
CA TYR H 215 64.27 -26.73 -18.96
C TYR H 215 65.56 -27.46 -18.59
N ARG H 216 66.71 -26.91 -18.92
CA ARG H 216 67.93 -27.52 -18.41
C ARG H 216 68.04 -27.26 -16.91
N GLN H 217 67.67 -26.08 -16.44
CA GLN H 217 67.81 -25.84 -15.02
C GLN H 217 66.76 -26.57 -14.21
N GLN H 218 65.64 -26.89 -14.84
CA GLN H 218 64.66 -27.76 -14.19
C GLN H 218 65.06 -29.22 -14.29
N GLY H 219 66.05 -29.51 -15.13
CA GLY H 219 66.51 -30.87 -15.27
C GLY H 219 65.68 -31.64 -16.27
N ARG H 220 64.76 -30.96 -16.93
CA ARG H 220 63.96 -31.59 -17.96
C ARG H 220 64.76 -31.79 -19.25
N ILE H 221 65.70 -30.90 -19.51
CA ILE H 221 66.61 -31.11 -20.62
C ILE H 221 68.02 -31.32 -20.07
N ASN H 222 68.70 -32.35 -20.59
CA ASN H 222 70.05 -32.65 -20.18
C ASN H 222 70.93 -32.10 -21.27
N PRO H 223 71.86 -31.21 -20.92
CA PRO H 223 72.62 -30.49 -21.95
C PRO H 223 73.42 -31.43 -22.86
N ARG H 224 73.65 -32.65 -22.39
CA ARG H 224 74.42 -33.62 -23.13
C ARG H 224 73.75 -33.94 -24.45
N TYR H 225 72.42 -33.92 -24.43
CA TYR H 225 71.64 -34.34 -25.58
C TYR H 225 71.07 -33.12 -26.27
N LEU H 226 71.74 -31.99 -26.12
CA LEU H 226 71.25 -30.78 -26.74
C LEU H 226 71.50 -30.93 -28.24
N LEU H 227 70.67 -30.34 -29.08
CA LEU H 227 70.79 -30.54 -30.52
C LEU H 227 71.49 -29.35 -31.14
N GLN H 228 72.11 -29.56 -32.29
CA GLN H 228 72.71 -28.45 -33.00
C GLN H 228 71.57 -27.57 -33.44
N PRO H 229 71.80 -26.25 -33.44
CA PRO H 229 70.68 -25.34 -33.71
C PRO H 229 70.03 -25.56 -35.07
N GLU H 230 70.78 -26.01 -36.05
CA GLU H 230 70.19 -26.26 -37.34
C GLU H 230 69.31 -27.50 -37.33
N ALA H 231 69.64 -28.47 -36.47
CA ALA H 231 68.80 -29.65 -36.31
C ALA H 231 67.41 -29.24 -35.84
N ARG H 232 67.34 -28.31 -34.90
CA ARG H 232 66.05 -27.82 -34.43
C ARG H 232 65.29 -27.08 -35.52
N ARG H 233 65.99 -26.31 -36.35
CA ARG H 233 65.30 -25.52 -37.35
C ARG H 233 64.68 -26.44 -38.41
N ILE H 234 65.36 -27.54 -38.70
CA ILE H 234 64.79 -28.53 -39.60
C ILE H 234 63.56 -29.14 -38.98
N ILE H 235 63.64 -29.50 -37.70
CA ILE H 235 62.48 -30.04 -36.97
C ILE H 235 61.37 -29.01 -36.83
N GLN H 236 61.76 -27.77 -36.58
CA GLN H 236 60.81 -26.66 -36.56
C GLN H 236 60.06 -26.60 -37.88
N ASN H 237 60.80 -26.79 -38.97
CA ASN H 237 60.24 -26.73 -40.31
C ASN H 237 59.33 -27.91 -40.63
N VAL H 238 59.73 -29.10 -40.21
CA VAL H 238 58.92 -30.29 -40.44
C VAL H 238 57.58 -30.21 -39.72
N ILE H 239 57.60 -29.72 -38.50
CA ILE H 239 56.37 -29.62 -37.72
C ILE H 239 55.37 -28.67 -38.33
N ARG H 240 55.84 -27.55 -38.85
CA ARG H 240 54.95 -26.58 -39.45
C ARG H 240 54.25 -27.10 -40.70
N LYS H 241 54.94 -27.85 -41.54
CA LYS H 241 54.31 -28.37 -42.77
C LYS H 241 53.27 -29.44 -42.47
N GLY H 242 53.53 -30.27 -41.46
CA GLY H 242 52.73 -31.46 -41.23
C GLY H 242 51.54 -31.21 -40.32
N MET H 243 50.36 -31.20 -40.94
CA MET H 243 49.13 -30.96 -40.22
C MET H 243 48.82 -32.10 -39.28
N VAL H 244 48.93 -33.33 -39.79
CA VAL H 244 48.70 -34.54 -39.00
C VAL H 244 49.59 -34.61 -37.75
N VAL H 245 50.85 -34.24 -37.90
CA VAL H 245 51.77 -34.20 -36.78
C VAL H 245 51.31 -33.14 -35.79
N ARG H 246 50.97 -31.97 -36.32
CA ARG H 246 50.49 -30.87 -35.50
C ARG H 246 49.20 -31.22 -34.77
N HIS H 247 48.33 -31.98 -35.43
CA HIS H 247 47.13 -32.50 -34.79
C HIS H 247 47.49 -33.37 -33.61
N PHE H 248 48.46 -34.25 -33.81
CA PHE H 248 48.90 -35.17 -32.77
C PHE H 248 49.43 -34.43 -31.57
N LEU H 249 50.20 -33.37 -31.81
CA LEU H 249 50.76 -32.59 -30.72
C LEU H 249 49.62 -31.95 -29.96
N THR H 250 48.60 -31.53 -30.69
CA THR H 250 47.42 -30.94 -30.10
C THR H 250 46.74 -31.94 -29.16
N PHE H 251 46.62 -33.19 -29.61
CA PHE H 251 45.95 -34.20 -28.81
C PHE H 251 46.72 -34.47 -27.53
N GLU H 252 48.04 -34.48 -27.65
CA GLU H 252 48.92 -34.68 -26.51
C GLU H 252 48.84 -33.52 -25.55
N LEU H 253 48.72 -32.31 -26.10
CA LEU H 253 48.68 -31.12 -25.28
C LEU H 253 47.42 -31.12 -24.46
N GLN H 254 46.33 -31.59 -25.03
CA GLN H 254 45.08 -31.73 -24.31
C GLN H 254 45.16 -32.77 -23.22
N LEU H 255 45.89 -33.84 -23.47
CA LEU H 255 45.99 -34.91 -22.48
C LEU H 255 46.74 -34.40 -21.27
N ALA H 256 47.72 -33.55 -21.54
CA ALA H 256 48.50 -32.88 -20.52
C ALA H 256 47.66 -31.89 -19.72
N ARG H 257 46.61 -31.34 -20.33
CA ARG H 257 45.76 -30.38 -19.63
C ARG H 257 44.92 -31.07 -18.56
N ALA H 258 44.55 -32.31 -18.82
CA ALA H 258 43.64 -33.03 -17.93
C ALA H 258 44.38 -33.79 -16.83
N GLN H 259 45.70 -33.64 -16.76
CA GLN H 259 46.48 -34.44 -15.82
C GLN H 259 46.22 -33.96 -14.42
N SER H 260 46.38 -34.84 -13.44
CA SER H 260 46.20 -34.48 -12.05
C SER H 260 47.39 -33.67 -11.61
N LEU H 261 47.31 -33.07 -10.43
CA LEU H 261 48.46 -32.34 -9.93
C LEU H 261 49.57 -33.33 -9.70
N VAL H 262 49.20 -34.56 -9.40
CA VAL H 262 50.18 -35.63 -9.28
C VAL H 262 50.22 -36.37 -10.61
N SER H 263 51.36 -36.30 -11.28
CA SER H 263 51.46 -36.71 -12.68
C SER H 263 52.71 -37.52 -12.93
N ASN H 264 53.06 -37.75 -14.19
CA ASN H 264 54.35 -38.39 -14.43
C ASN H 264 55.29 -37.40 -15.08
N ARG H 265 56.52 -37.83 -15.29
CA ARG H 265 57.59 -36.94 -15.69
C ARG H 265 57.33 -36.32 -17.06
N TYR H 266 56.92 -37.13 -18.03
CA TYR H 266 56.72 -36.60 -19.37
C TYR H 266 55.59 -35.60 -19.46
N TYR H 267 54.43 -35.95 -18.92
CA TYR H 267 53.27 -35.10 -19.09
C TYR H 267 53.30 -33.83 -18.24
N ALA H 268 54.01 -33.86 -17.12
CA ALA H 268 54.26 -32.64 -16.40
C ALA H 268 55.08 -31.72 -17.30
N MET H 269 56.02 -32.33 -17.99
CA MET H 269 56.93 -31.67 -18.91
C MET H 269 56.19 -31.10 -20.11
N VAL H 270 55.33 -31.92 -20.71
CA VAL H 270 54.51 -31.51 -21.85
C VAL H 270 53.50 -30.43 -21.48
N GLY H 271 52.92 -30.53 -20.30
CA GLY H 271 51.98 -29.53 -19.83
C GLY H 271 52.60 -28.15 -19.63
N ASP H 272 53.83 -28.13 -19.12
CA ASP H 272 54.52 -26.87 -18.85
C ASP H 272 54.83 -26.15 -20.15
N VAL H 273 55.38 -26.87 -21.11
CA VAL H 273 55.78 -26.25 -22.37
C VAL H 273 54.50 -25.89 -23.14
N GLY H 274 53.42 -26.58 -22.82
CA GLY H 274 52.15 -26.35 -23.48
C GLY H 274 51.63 -24.95 -23.23
N LYS H 275 51.96 -24.38 -22.08
CA LYS H 275 51.44 -23.07 -21.70
C LYS H 275 52.04 -21.97 -22.59
N TYR H 276 53.23 -22.24 -23.11
CA TYR H 276 53.85 -21.34 -24.08
C TYR H 276 53.21 -21.43 -25.46
N ILE H 277 52.83 -22.63 -25.85
CA ILE H 277 52.20 -22.86 -27.14
C ILE H 277 50.76 -22.33 -27.19
N GLU H 278 50.07 -22.33 -26.05
CA GLU H 278 48.67 -21.93 -26.02
C GLU H 278 48.46 -20.54 -26.60
N ASN H 279 47.42 -20.40 -27.42
CA ASN H 279 47.01 -19.13 -28.02
C ASN H 279 48.07 -18.53 -28.92
N CYS H 280 48.97 -19.39 -29.38
CA CYS H 280 49.92 -19.04 -30.41
C CYS H 280 49.19 -18.45 -31.61
N GLY H 281 49.80 -17.46 -32.24
CA GLY H 281 49.33 -17.00 -33.53
C GLY H 281 48.23 -15.98 -33.39
N MET H 282 47.94 -15.61 -32.16
CA MET H 282 46.85 -14.70 -31.90
C MET H 282 47.30 -13.47 -31.15
N GLY H 283 48.54 -13.07 -31.40
CA GLY H 283 49.15 -11.99 -30.64
C GLY H 283 48.40 -10.69 -30.74
N GLY H 284 47.90 -10.38 -31.94
CA GLY H 284 47.22 -9.12 -32.14
C GLY H 284 45.97 -9.02 -31.30
N PHE H 285 45.23 -10.12 -31.19
CA PHE H 285 43.98 -10.13 -30.44
C PHE H 285 44.16 -9.98 -28.95
N PHE H 286 45.02 -10.81 -28.38
CA PHE H 286 45.20 -10.81 -26.93
C PHE H 286 45.96 -9.59 -26.44
N LEU H 287 46.86 -9.08 -27.27
CA LEU H 287 47.58 -7.87 -26.90
C LEU H 287 46.66 -6.67 -26.94
N THR H 288 45.75 -6.65 -27.90
CA THR H 288 44.79 -5.56 -27.98
C THR H 288 43.91 -5.55 -26.74
N LEU H 289 43.46 -6.71 -26.32
CA LEU H 289 42.67 -6.81 -25.10
C LEU H 289 43.52 -6.30 -23.93
N LYS H 290 44.76 -6.76 -23.87
CA LYS H 290 45.62 -6.51 -22.71
C LYS H 290 45.89 -5.02 -22.50
N TYR H 291 46.31 -4.33 -23.55
CA TYR H 291 46.72 -2.92 -23.43
C TYR H 291 45.57 -1.94 -23.63
N ALA H 292 44.72 -2.16 -24.62
CA ALA H 292 43.58 -1.28 -24.83
C ALA H 292 42.53 -1.44 -23.73
N LEU H 293 42.14 -2.67 -23.44
CA LEU H 293 41.08 -2.93 -22.47
C LEU H 293 41.59 -3.10 -21.04
N GLY H 294 42.78 -3.67 -20.91
CA GLY H 294 43.39 -3.87 -19.60
C GLY H 294 43.70 -2.56 -18.88
N THR H 295 44.20 -1.58 -19.62
CA THR H 295 44.57 -0.28 -19.05
C THR H 295 43.37 0.56 -18.63
N ARG H 296 42.24 0.44 -19.34
CA ARG H 296 41.02 1.16 -18.98
C ARG H 296 41.27 2.67 -18.88
N TRP H 297 42.02 3.22 -19.81
CA TRP H 297 42.27 4.65 -19.80
C TRP H 297 41.12 5.40 -20.46
N PRO H 298 41.00 6.70 -20.19
CA PRO H 298 39.83 7.45 -20.66
C PRO H 298 39.66 7.49 -22.18
N THR H 299 40.74 7.34 -22.92
CA THR H 299 40.68 7.41 -24.37
C THR H 299 39.89 6.22 -24.93
N LEU H 300 39.59 5.24 -24.08
CA LEU H 300 38.79 4.09 -24.51
C LEU H 300 37.37 4.54 -24.79
N ALA H 301 37.05 5.76 -24.39
CA ALA H 301 35.71 6.27 -24.54
C ALA H 301 35.52 7.01 -25.84
N LEU H 302 36.55 7.01 -26.69
CA LEU H 302 36.43 7.64 -27.99
C LEU H 302 35.32 7.00 -28.77
N ALA H 303 34.60 7.79 -29.54
CA ALA H 303 33.49 7.28 -30.32
C ALA H 303 34.03 6.39 -31.43
N ALA H 304 35.22 6.68 -31.93
CA ALA H 304 35.78 5.91 -33.03
C ALA H 304 35.94 4.44 -32.65
N PHE H 305 36.27 4.18 -31.39
CA PHE H 305 36.42 2.82 -30.90
C PHE H 305 35.10 2.08 -30.72
N SER H 306 33.99 2.80 -30.86
CA SER H 306 32.68 2.27 -30.46
C SER H 306 32.29 0.99 -31.21
N GLY H 307 32.43 1.02 -32.52
CA GLY H 307 32.09 -0.15 -33.30
C GLY H 307 33.05 -1.28 -33.03
N GLU H 308 34.34 -0.95 -32.94
CA GLU H 308 35.37 -1.96 -32.75
C GLU H 308 35.31 -2.62 -31.37
N LEU H 309 34.90 -1.86 -30.36
CA LEU H 309 34.77 -2.42 -29.03
C LEU H 309 33.72 -3.51 -29.00
N THR H 310 32.65 -3.33 -29.78
CA THR H 310 31.62 -4.35 -29.95
C THR H 310 32.19 -5.58 -30.66
N LYS H 311 33.08 -5.36 -31.61
CA LYS H 311 33.67 -6.45 -32.36
C LYS H 311 34.51 -7.36 -31.48
N LEU H 312 35.28 -6.76 -30.58
CA LEU H 312 36.07 -7.52 -29.61
C LEU H 312 35.16 -8.31 -28.69
N LYS H 313 34.04 -7.70 -28.33
CA LYS H 313 33.09 -8.34 -27.45
C LYS H 313 32.57 -9.61 -28.08
N SER H 314 32.28 -9.55 -29.37
CA SER H 314 31.89 -10.72 -30.13
C SER H 314 32.99 -11.75 -30.21
N LEU H 315 34.22 -11.28 -30.44
CA LEU H 315 35.35 -12.17 -30.58
C LEU H 315 35.63 -12.94 -29.29
N MET H 316 35.48 -12.29 -28.14
CA MET H 316 35.60 -13.00 -26.88
C MET H 316 34.49 -14.03 -26.72
N ALA H 317 33.28 -13.65 -27.10
CA ALA H 317 32.14 -14.55 -27.04
C ALA H 317 32.37 -15.75 -27.94
N LEU H 318 32.92 -15.51 -29.14
CA LEU H 318 33.20 -16.59 -30.07
C LEU H 318 34.26 -17.52 -29.51
N TYR H 319 35.26 -16.95 -28.86
CA TYR H 319 36.36 -17.72 -28.31
C TYR H 319 35.87 -18.73 -27.27
N GLN H 320 34.90 -18.32 -26.46
CA GLN H 320 34.40 -19.21 -25.42
C GLN H 320 33.59 -20.37 -25.99
N THR H 321 32.81 -20.10 -27.02
CA THR H 321 32.00 -21.14 -27.64
C THR H 321 32.84 -22.21 -28.32
N LEU H 322 34.04 -21.83 -28.76
CA LEU H 322 34.89 -22.77 -29.50
C LEU H 322 35.40 -23.94 -28.65
N GLY H 323 35.53 -23.75 -27.35
CA GLY H 323 35.90 -24.86 -26.50
C GLY H 323 37.34 -24.82 -26.03
N GLU H 324 37.85 -25.97 -25.62
CA GLU H 324 39.21 -26.08 -25.12
C GLU H 324 40.16 -25.77 -26.23
N GLN H 325 39.72 -26.10 -27.42
CA GLN H 325 40.55 -26.15 -28.60
C GLN H 325 40.74 -24.77 -29.19
N ALA H 326 40.15 -23.76 -28.57
CA ALA H 326 40.36 -22.39 -28.99
C ALA H 326 41.80 -21.99 -28.77
N ARG H 327 42.48 -22.73 -27.91
CA ARG H 327 43.89 -22.50 -27.63
C ARG H 327 44.77 -22.96 -28.77
N TYR H 328 44.25 -23.80 -29.65
CA TYR H 328 45.10 -24.46 -30.62
C TYR H 328 44.79 -24.11 -32.09
N LEU H 329 44.18 -22.96 -32.34
CA LEU H 329 43.74 -22.59 -33.69
C LEU H 329 44.90 -22.47 -34.66
N ALA H 330 46.02 -21.92 -34.20
CA ALA H 330 47.18 -21.77 -35.06
C ALA H 330 47.71 -23.15 -35.45
N LEU H 331 47.82 -24.01 -34.45
CA LEU H 331 48.31 -25.37 -34.63
C LEU H 331 47.38 -26.16 -35.55
N LEU H 332 46.09 -25.99 -35.32
CA LEU H 332 45.06 -26.70 -36.06
C LEU H 332 44.88 -26.18 -37.49
N GLU H 333 45.38 -24.97 -37.75
CA GLU H 333 45.24 -24.29 -39.04
C GLU H 333 43.80 -23.89 -39.26
N SER H 334 43.11 -23.61 -38.16
CA SER H 334 41.71 -23.27 -38.22
C SER H 334 41.41 -21.96 -38.90
N PRO H 335 40.39 -21.94 -39.76
CA PRO H 335 39.98 -20.71 -40.43
C PRO H 335 39.52 -19.66 -39.45
N HIS H 336 39.16 -20.08 -38.25
CA HIS H 336 38.68 -19.16 -37.23
C HIS H 336 39.75 -18.15 -36.87
N LEU H 337 40.98 -18.44 -37.24
CA LEU H 337 42.08 -17.54 -36.93
C LEU H 337 41.92 -16.25 -37.70
N MET H 338 41.17 -16.31 -38.79
CA MET H 338 40.92 -15.16 -39.61
C MET H 338 39.97 -14.21 -38.91
N ASP H 339 39.10 -14.78 -38.09
CA ASP H 339 38.09 -14.01 -37.37
C ASP H 339 38.73 -13.02 -36.40
N PHE H 340 39.85 -13.41 -35.80
CA PHE H 340 40.49 -12.62 -34.76
C PHE H 340 41.59 -11.72 -35.31
N ALA H 341 41.73 -11.68 -36.62
CA ALA H 341 42.77 -10.86 -37.25
C ALA H 341 42.54 -9.41 -36.91
N ALA H 342 43.62 -8.67 -36.69
CA ALA H 342 43.52 -7.30 -36.19
C ALA H 342 42.84 -6.36 -37.18
N ALA H 343 42.73 -6.77 -38.44
CA ALA H 343 42.15 -5.90 -39.45
C ALA H 343 40.69 -5.60 -39.15
N ASN H 344 40.05 -6.42 -38.33
CA ASN H 344 38.68 -6.18 -37.94
C ASN H 344 38.53 -5.04 -36.94
N TYR H 345 39.57 -4.76 -36.18
CA TYR H 345 39.54 -3.64 -35.23
C TYR H 345 40.82 -2.81 -35.31
N PRO H 346 41.07 -2.20 -36.48
CA PRO H 346 42.36 -1.58 -36.79
C PRO H 346 42.68 -0.41 -35.87
N LEU H 347 41.69 0.40 -35.52
CA LEU H 347 41.96 1.55 -34.69
C LEU H 347 42.40 1.12 -33.31
N LEU H 348 41.60 0.26 -32.68
CA LEU H 348 41.91 -0.23 -31.35
C LEU H 348 43.21 -0.98 -31.33
N TYR H 349 43.49 -1.70 -32.41
CA TYR H 349 44.73 -2.45 -32.49
C TYR H 349 45.90 -1.50 -32.51
N SER H 350 45.84 -0.50 -33.38
CA SER H 350 46.86 0.53 -33.49
C SER H 350 47.11 1.23 -32.15
N TYR H 351 46.02 1.62 -31.51
CA TYR H 351 46.05 2.30 -30.22
C TYR H 351 46.66 1.43 -29.13
N ALA H 352 46.29 0.15 -29.10
CA ALA H 352 46.82 -0.80 -28.14
C ALA H 352 48.30 -1.07 -28.34
N MET H 353 48.73 -1.11 -29.60
CA MET H 353 50.13 -1.34 -29.91
C MET H 353 50.92 -0.18 -29.36
N GLY H 354 50.35 1.01 -29.49
CA GLY H 354 50.97 2.23 -29.02
C GLY H 354 51.14 2.23 -27.52
N ILE H 355 50.14 1.74 -26.81
CA ILE H 355 50.23 1.64 -25.36
C ILE H 355 51.32 0.67 -24.97
N GLY H 356 51.33 -0.48 -25.62
CA GLY H 356 52.27 -1.54 -25.31
C GLY H 356 53.70 -1.09 -25.53
N TYR H 357 53.90 -0.27 -26.54
CA TYR H 357 55.23 0.13 -26.94
C TYR H 357 55.94 0.87 -25.83
N VAL H 358 55.26 1.78 -25.14
CA VAL H 358 55.86 2.44 -24.00
C VAL H 358 55.78 1.62 -22.71
N LEU H 359 54.65 0.95 -22.46
CA LEU H 359 54.47 0.24 -21.21
C LEU H 359 55.39 -0.97 -21.05
N ASP H 360 55.69 -1.66 -22.15
CA ASP H 360 56.56 -2.83 -22.09
C ASP H 360 57.71 -2.73 -23.08
N VAL H 361 58.93 -2.87 -22.58
CA VAL H 361 60.12 -2.73 -23.40
C VAL H 361 60.23 -3.89 -24.38
N ASN H 362 59.67 -5.04 -24.01
CA ASN H 362 59.75 -6.20 -24.88
C ASN H 362 58.90 -6.01 -26.11
N MET H 363 57.93 -5.11 -26.02
CA MET H 363 57.00 -4.87 -27.12
C MET H 363 57.65 -4.28 -28.38
N ARG H 364 58.82 -3.67 -28.23
CA ARG H 364 59.47 -3.06 -29.39
C ARG H 364 59.75 -4.10 -30.45
N ASN H 365 60.04 -5.32 -30.00
CA ASN H 365 60.47 -6.37 -30.89
C ASN H 365 59.32 -7.20 -31.46
N TYR H 366 58.10 -6.89 -31.06
CA TYR H 366 56.92 -7.48 -31.67
C TYR H 366 56.71 -6.87 -33.05
N ALA H 367 56.28 -7.67 -34.00
CA ALA H 367 56.03 -7.16 -35.35
C ALA H 367 54.64 -6.55 -35.46
N PHE H 368 54.47 -5.38 -34.85
CA PHE H 368 53.17 -4.73 -34.80
C PHE H 368 52.86 -3.99 -36.10
N SER H 369 53.87 -3.78 -36.94
CA SER H 369 53.69 -3.01 -38.14
C SER H 369 52.80 -3.77 -39.11
N ARG H 370 51.81 -3.09 -39.66
CA ARG H 370 50.81 -3.72 -40.50
C ARG H 370 50.25 -2.78 -41.54
N SER H 371 49.56 -3.35 -42.52
CA SER H 371 48.99 -2.57 -43.62
C SER H 371 47.91 -1.60 -43.15
N TYR H 372 47.04 -2.08 -42.27
CA TYR H 372 45.86 -1.31 -41.85
C TYR H 372 46.14 -0.48 -40.62
N MET H 373 47.40 -0.48 -40.23
CA MET H 373 47.88 0.25 -39.08
C MET H 373 47.68 1.77 -39.24
N ASN H 374 47.11 2.42 -38.25
CA ASN H 374 46.77 3.85 -38.34
C ASN H 374 47.74 4.65 -37.47
N LYS H 375 48.64 5.39 -38.11
CA LYS H 375 49.75 6.04 -37.41
C LYS H 375 49.25 7.07 -36.40
N THR H 376 48.12 7.69 -36.69
CA THR H 376 47.55 8.67 -35.77
C THR H 376 47.13 8.04 -34.46
N TYR H 377 46.43 6.92 -34.58
CA TYR H 377 45.99 6.18 -33.41
C TYR H 377 47.09 5.44 -32.68
N PHE H 378 48.16 5.06 -33.38
CA PHE H 378 49.32 4.48 -32.70
C PHE H 378 49.94 5.49 -31.73
N GLN H 379 50.17 6.69 -32.25
CA GLN H 379 50.76 7.77 -31.48
C GLN H 379 49.82 8.23 -30.38
N LEU H 380 48.53 8.17 -30.66
CA LEU H 380 47.53 8.53 -29.66
C LEU H 380 47.67 7.55 -28.51
N GLY H 381 47.92 6.29 -28.86
CA GLY H 381 48.13 5.26 -27.86
C GLY H 381 49.40 5.51 -27.04
N MET H 382 50.44 5.99 -27.71
CA MET H 382 51.73 6.20 -27.07
C MET H 382 51.64 7.26 -26.00
N GLU H 383 51.10 8.39 -26.41
CA GLU H 383 51.00 9.58 -25.59
C GLU H 383 49.96 9.40 -24.50
N THR H 384 48.90 8.67 -24.80
CA THR H 384 47.91 8.38 -23.78
C THR H 384 48.59 7.69 -22.62
N ALA H 385 49.45 6.74 -22.96
CA ALA H 385 50.12 5.95 -21.97
C ALA H 385 51.08 6.71 -21.05
N ARG H 386 51.76 7.71 -21.56
CA ARG H 386 52.61 8.52 -20.68
C ARG H 386 51.82 9.65 -19.99
N LYS H 387 50.91 10.31 -20.71
CA LYS H 387 50.11 11.36 -20.09
C LYS H 387 48.99 10.83 -19.19
N GLN H 388 48.48 9.63 -19.43
CA GLN H 388 47.43 9.12 -18.55
C GLN H 388 47.92 7.90 -17.79
N GLN H 389 48.79 8.11 -16.79
CA GLN H 389 49.17 7.02 -15.90
C GLN H 389 48.60 7.25 -14.52
N GLY H 390 48.38 8.52 -14.21
CA GLY H 390 47.74 8.90 -12.96
C GLY H 390 46.26 8.67 -13.00
N ALA H 391 45.76 8.37 -14.18
CA ALA H 391 44.33 8.14 -14.35
C ALA H 391 43.97 6.95 -13.48
N VAL H 392 42.80 7.01 -12.86
CA VAL H 392 42.42 5.99 -11.91
C VAL H 392 41.18 5.26 -12.38
N ASP H 393 41.01 4.03 -11.93
CA ASP H 393 39.81 3.26 -12.23
C ASP H 393 38.80 3.78 -11.23
N MET H 394 37.80 4.49 -11.74
CA MET H 394 36.90 5.24 -10.88
C MET H 394 36.00 4.37 -10.03
N ARG H 395 35.87 3.10 -10.37
CA ARG H 395 35.10 2.23 -9.50
C ARG H 395 35.93 1.79 -8.33
N MET H 396 37.18 1.51 -8.53
CA MET H 396 37.90 1.13 -7.35
C MET H 396 38.27 2.35 -6.49
N ALA H 397 38.43 3.51 -7.12
CA ALA H 397 38.79 4.72 -6.39
C ALA H 397 37.70 5.02 -5.37
N GLU H 398 36.46 4.66 -5.68
CA GLU H 398 35.38 4.88 -4.72
C GLU H 398 35.41 3.91 -3.55
N ASP H 399 35.75 2.65 -3.83
CA ASP H 399 35.76 1.64 -2.78
C ASP H 399 36.87 1.95 -1.78
N LEU H 400 37.95 2.53 -2.28
CA LEU H 400 39.02 3.03 -1.42
C LEU H 400 38.71 4.40 -0.84
N GLY H 401 37.60 5.00 -1.24
CA GLY H 401 37.23 6.31 -0.76
C GLY H 401 38.24 7.41 -1.05
N LEU H 402 38.78 7.39 -2.25
CA LEU H 402 39.79 8.36 -2.64
C LEU H 402 39.21 9.77 -2.74
N THR H 403 40.00 10.77 -2.34
CA THR H 403 39.57 12.15 -2.45
C THR H 403 40.26 12.63 -3.72
N GLN H 404 39.78 13.72 -4.33
CA GLN H 404 40.28 14.17 -5.63
C GLN H 404 41.61 14.90 -5.43
N ALA H 405 41.86 15.28 -4.19
CA ALA H 405 43.15 15.81 -3.84
C ALA H 405 44.11 14.63 -3.93
N GLU H 406 43.67 13.47 -3.43
CA GLU H 406 44.46 12.23 -3.50
C GLU H 406 44.66 11.68 -4.92
N ARG H 407 43.73 11.90 -5.84
CA ARG H 407 43.94 11.41 -7.20
C ARG H 407 45.10 12.09 -7.94
N THR H 408 45.14 13.42 -7.94
CA THR H 408 46.22 14.10 -8.65
C THR H 408 47.46 14.13 -7.78
N GLU H 409 47.27 14.12 -6.45
CA GLU H 409 48.34 13.69 -5.53
C GLU H 409 49.18 12.64 -6.26
N MET H 410 48.53 11.54 -6.53
CA MET H 410 49.06 10.37 -7.23
C MET H 410 49.28 10.57 -8.72
N ALA H 411 48.40 11.33 -9.37
CA ALA H 411 48.46 11.43 -10.83
C ALA H 411 49.79 11.97 -11.36
N ASN H 412 50.31 13.09 -10.86
CA ASN H 412 51.66 13.48 -11.26
C ASN H 412 52.78 13.11 -10.25
N THR H 413 52.51 12.29 -9.22
CA THR H 413 53.62 11.63 -8.51
C THR H 413 54.19 10.75 -9.57
N LEU H 414 53.26 10.09 -10.25
CA LEU H 414 53.57 9.17 -11.30
C LEU H 414 54.01 9.85 -12.60
N ALA H 415 53.43 11.02 -12.92
CA ALA H 415 53.79 11.74 -14.16
C ALA H 415 55.24 12.23 -14.31
N LYS H 416 55.84 12.75 -13.25
CA LYS H 416 57.26 13.09 -13.22
C LYS H 416 58.16 11.85 -13.03
N LEU H 417 57.60 10.76 -12.50
CA LEU H 417 58.36 9.51 -12.56
C LEU H 417 58.29 9.02 -14.00
N SER I 19 12.64 4.62 33.83
CA SER I 19 12.50 3.17 33.95
C SER I 19 12.56 2.78 35.40
N VAL I 20 13.50 3.36 36.13
CA VAL I 20 13.54 3.21 37.57
C VAL I 20 12.34 3.88 38.19
N LEU I 21 11.98 5.03 37.64
CA LEU I 21 10.83 5.75 38.13
C LEU I 21 9.50 5.11 37.77
N LYS I 22 9.40 4.50 36.60
CA LYS I 22 8.15 3.80 36.28
C LYS I 22 8.05 2.59 37.19
N ALA I 23 9.20 2.03 37.54
CA ALA I 23 9.27 0.93 38.47
C ALA I 23 8.75 1.33 39.86
N TYR I 24 9.10 2.54 40.29
CA TYR I 24 8.67 3.07 41.58
C TYR I 24 7.16 3.29 41.65
N GLU I 25 6.56 3.72 40.55
CA GLU I 25 5.12 3.94 40.49
C GLU I 25 4.36 2.63 40.60
N ARG I 26 4.83 1.60 39.92
CA ARG I 26 4.11 0.35 39.92
C ARG I 26 4.32 -0.30 41.27
N PHE I 27 5.45 0.01 41.90
CA PHE I 27 5.73 -0.53 43.22
C PHE I 27 4.77 0.03 44.24
N THR I 28 4.59 1.34 44.20
CA THR I 28 3.69 2.01 45.11
C THR I 28 2.26 1.51 44.93
N LEU I 29 1.84 1.41 43.69
CA LEU I 29 0.45 1.08 43.39
C LEU I 29 0.11 -0.38 43.67
N THR I 30 1.00 -1.29 43.29
CA THR I 30 0.70 -2.70 43.48
C THR I 30 0.73 -3.14 44.92
N GLN I 31 1.66 -2.61 45.72
CA GLN I 31 1.73 -3.06 47.11
C GLN I 31 0.54 -2.54 47.93
N GLU I 32 -0.01 -1.40 47.51
CA GLU I 32 -1.23 -0.90 48.11
C GLU I 32 -2.43 -1.79 47.80
N LEU I 33 -2.51 -2.28 46.57
CA LEU I 33 -3.64 -3.12 46.16
C LEU I 33 -3.36 -4.61 46.28
N GLN I 34 -2.14 -4.97 46.64
CA GLN I 34 -1.80 -6.36 46.89
C GLN I 34 -2.20 -6.68 48.30
N ASP I 35 -3.18 -7.56 48.40
CA ASP I 35 -3.84 -8.01 49.63
C ASP I 35 -5.32 -8.04 49.34
N GLN I 36 -5.71 -7.27 48.34
CA GLN I 36 -7.11 -6.93 48.14
C GLN I 36 -7.74 -7.71 47.00
N SER I 37 -7.00 -8.66 46.44
CA SER I 37 -7.57 -9.63 45.51
C SER I 37 -8.64 -10.46 46.17
N GLU I 38 -8.21 -11.23 47.15
CA GLU I 38 -9.10 -12.07 47.94
C GLU I 38 -9.96 -11.14 48.79
N GLU I 39 -11.24 -11.45 48.95
CA GLU I 39 -12.07 -10.65 49.83
C GLU I 39 -11.77 -11.14 51.24
N GLY I 40 -12.14 -10.34 52.24
CA GLY I 40 -11.84 -10.60 53.63
C GLY I 40 -12.43 -11.83 54.27
N THR I 41 -11.65 -12.43 55.17
CA THR I 41 -12.08 -13.62 55.88
C THR I 41 -12.53 -13.24 57.30
N ILE I 42 -13.62 -13.84 57.76
CA ILE I 42 -14.22 -13.45 59.03
C ILE I 42 -13.21 -13.82 60.12
N PRO I 43 -13.00 -12.89 61.08
CA PRO I 43 -11.82 -13.00 61.94
C PRO I 43 -11.90 -14.16 62.90
N PRO I 44 -10.76 -14.52 63.50
CA PRO I 44 -10.78 -15.60 64.48
C PRO I 44 -11.75 -15.23 65.58
N THR I 45 -12.47 -16.19 66.13
CA THR I 45 -13.52 -15.88 67.07
C THR I 45 -12.93 -15.48 68.41
N THR I 46 -13.65 -14.61 69.12
CA THR I 46 -13.18 -14.00 70.35
C THR I 46 -14.33 -14.01 71.34
N LEU I 47 -14.06 -13.89 72.63
CA LEU I 47 -15.14 -13.82 73.61
C LEU I 47 -15.82 -12.47 73.49
N LYS I 48 -17.12 -12.46 73.72
CA LYS I 48 -17.88 -11.23 73.55
C LYS I 48 -18.81 -11.01 74.73
N PRO I 49 -19.06 -9.75 75.05
CA PRO I 49 -20.07 -9.46 76.06
C PRO I 49 -21.44 -9.73 75.48
N VAL I 50 -22.39 -10.08 76.34
CA VAL I 50 -23.75 -10.27 75.91
C VAL I 50 -24.47 -8.94 75.94
N ILE I 51 -25.10 -8.58 74.83
CA ILE I 51 -25.93 -7.39 74.76
C ILE I 51 -27.38 -7.85 74.81
N ARG I 52 -28.17 -7.30 75.71
CA ARG I 52 -29.56 -7.72 75.80
C ARG I 52 -30.46 -6.67 75.13
N VAL I 53 -31.27 -7.13 74.19
CA VAL I 53 -32.13 -6.25 73.40
C VAL I 53 -33.54 -6.64 73.73
N PHE I 54 -34.43 -5.69 73.96
CA PHE I 54 -35.79 -6.06 74.33
C PHE I 54 -36.64 -6.22 73.09
N ILE I 55 -37.42 -7.30 73.04
CA ILE I 55 -38.25 -7.60 71.89
C ILE I 55 -39.72 -7.43 72.21
N LEU I 56 -40.39 -6.62 71.39
CA LEU I 56 -41.81 -6.37 71.56
C LEU I 56 -42.65 -6.95 70.41
N THR I 57 -43.58 -7.85 70.75
CA THR I 57 -44.41 -8.51 69.76
C THR I 57 -45.64 -7.64 69.48
N SER I 58 -46.00 -6.83 70.47
CA SER I 58 -47.17 -5.98 70.41
C SER I 58 -46.95 -4.75 69.55
N ASN I 59 -48.02 -4.32 68.89
CA ASN I 59 -48.00 -3.08 68.12
C ASN I 59 -48.72 -1.96 68.85
N ASN I 60 -49.02 -2.20 70.12
CA ASN I 60 -49.75 -1.22 70.93
C ASN I 60 -48.94 0.04 71.13
N PRO I 61 -49.53 1.19 70.82
CA PRO I 61 -48.82 2.48 70.88
C PRO I 61 -48.31 2.85 72.26
N GLU I 62 -49.04 2.52 73.31
CA GLU I 62 -48.63 2.91 74.65
C GLU I 62 -47.39 2.15 75.12
N LEU I 63 -47.34 0.87 74.82
CA LEU I 63 -46.20 0.04 75.17
C LEU I 63 -44.97 0.36 74.32
N ARG I 64 -45.17 0.58 73.04
CA ARG I 64 -44.07 0.97 72.18
C ARG I 64 -43.46 2.24 72.70
N SER I 65 -44.30 3.20 73.07
CA SER I 65 -43.81 4.48 73.58
C SER I 65 -43.14 4.32 74.93
N ARG I 66 -43.68 3.48 75.80
CA ARG I 66 -43.06 3.36 77.11
C ARG I 66 -41.73 2.61 77.04
N LEU I 67 -41.63 1.63 76.14
CA LEU I 67 -40.37 0.92 75.96
C LEU I 67 -39.29 1.83 75.40
N LEU I 68 -39.66 2.75 74.52
CA LEU I 68 -38.71 3.72 73.98
C LEU I 68 -38.21 4.60 75.11
N LEU I 69 -39.14 5.07 75.92
CA LEU I 69 -38.83 5.95 77.03
C LEU I 69 -37.99 5.20 78.06
N PHE I 70 -38.37 3.93 78.32
CA PHE I 70 -37.64 3.06 79.25
C PHE I 70 -36.20 2.88 78.80
N CYS I 71 -36.02 2.58 77.52
CA CYS I 71 -34.70 2.33 76.97
C CYS I 71 -33.86 3.59 76.92
N LEU I 72 -34.50 4.70 76.59
CA LEU I 72 -33.80 5.98 76.49
C LEU I 72 -33.23 6.34 77.84
N ARG I 73 -33.97 6.04 78.89
CA ARG I 73 -33.52 6.28 80.24
C ARG I 73 -32.33 5.43 80.66
N ILE I 74 -32.31 4.16 80.25
CA ILE I 74 -31.16 3.30 80.51
C ILE I 74 -29.92 3.76 79.77
N VAL I 75 -30.09 4.27 78.56
CA VAL I 75 -28.95 4.80 77.80
C VAL I 75 -28.35 5.98 78.50
N LEU I 76 -29.20 6.82 79.08
CA LEU I 76 -28.74 8.01 79.76
C LEU I 76 -28.42 7.80 81.24
N SER I 77 -28.82 6.64 81.75
CA SER I 77 -28.75 6.38 83.19
C SER I 77 -27.35 6.48 83.71
N ASN I 78 -27.24 6.86 84.97
CA ASN I 78 -25.98 7.01 85.67
C ASN I 78 -25.24 5.70 85.84
N GLY I 79 -25.97 4.68 86.28
CA GLY I 79 -25.36 3.43 86.69
C GLY I 79 -25.26 2.28 85.73
N ALA I 80 -25.85 2.41 84.54
CA ALA I 80 -25.91 1.28 83.62
C ALA I 80 -24.52 0.97 83.14
N ARG I 81 -24.27 -0.31 82.92
CA ARG I 81 -23.01 -0.69 82.35
C ARG I 81 -23.14 -0.58 80.82
N ASP I 82 -22.01 -0.57 80.10
CA ASP I 82 -22.03 -0.32 78.66
C ASP I 82 -22.91 -1.33 77.92
N SER I 83 -22.88 -2.58 78.35
CA SER I 83 -23.66 -3.60 77.67
C SER I 83 -25.16 -3.27 77.74
N HIS I 84 -25.58 -2.68 78.84
CA HIS I 84 -26.96 -2.26 78.99
C HIS I 84 -27.31 -1.11 78.06
N ARG I 85 -26.43 -0.12 77.97
CA ARG I 85 -26.67 1.05 77.15
C ARG I 85 -26.77 0.63 75.71
N PHE I 86 -25.89 -0.28 75.29
CA PHE I 86 -25.86 -0.75 73.91
C PHE I 86 -27.15 -1.48 73.55
N GLY I 87 -27.60 -2.35 74.43
CA GLY I 87 -28.82 -3.12 74.23
C GLY I 87 -30.04 -2.24 74.16
N ALA I 88 -30.08 -1.21 74.99
CA ALA I 88 -31.16 -0.25 74.97
C ALA I 88 -31.16 0.55 73.67
N LEU I 89 -29.98 0.94 73.21
CA LEU I 89 -29.89 1.64 71.92
C LEU I 89 -30.38 0.77 70.78
N LEU I 90 -29.95 -0.48 70.75
CA LEU I 90 -30.34 -1.39 69.69
C LEU I 90 -31.83 -1.60 69.69
N THR I 91 -32.43 -1.57 70.88
CA THR I 91 -33.87 -1.69 71.02
C THR I 91 -34.61 -0.47 70.45
N MET I 92 -34.12 0.73 70.76
CA MET I 92 -34.77 1.96 70.29
C MET I 92 -34.78 2.01 68.78
N PHE I 93 -33.65 1.68 68.18
CA PHE I 93 -33.51 1.71 66.73
C PHE I 93 -34.38 0.66 66.03
N SER I 94 -34.83 -0.33 66.77
CA SER I 94 -35.68 -1.40 66.22
C SER I 94 -37.16 -1.19 66.50
N LEU I 95 -37.51 -0.15 67.24
CA LEU I 95 -38.90 0.09 67.61
C LEU I 95 -39.87 0.49 66.48
N PRO I 96 -39.38 1.14 65.42
CA PRO I 96 -40.29 1.39 64.29
C PRO I 96 -40.76 0.14 63.56
N SER I 97 -40.07 -0.99 63.75
CA SER I 97 -40.34 -2.18 62.95
C SER I 97 -41.72 -2.76 63.19
N ALA I 98 -42.32 -3.26 62.13
CA ALA I 98 -43.55 -4.00 62.22
C ALA I 98 -43.25 -5.30 62.96
N THR I 99 -42.07 -5.84 62.70
CA THR I 99 -41.54 -6.96 63.47
C THR I 99 -40.14 -6.64 64.00
N MET I 100 -40.03 -6.41 65.30
CA MET I 100 -38.73 -6.10 65.89
C MET I 100 -37.76 -7.25 65.80
N LEU I 101 -38.27 -8.46 65.92
CA LEU I 101 -37.42 -9.63 66.03
C LEU I 101 -36.55 -9.74 64.79
N ASN I 102 -37.14 -9.51 63.64
CA ASN I 102 -36.39 -9.58 62.39
C ASN I 102 -35.30 -8.55 62.30
N HIS I 103 -35.55 -7.36 62.83
CA HIS I 103 -34.55 -6.32 62.66
C HIS I 103 -33.45 -6.42 63.71
N VAL I 104 -33.73 -7.04 64.84
CA VAL I 104 -32.68 -7.30 65.81
C VAL I 104 -31.71 -8.35 65.27
N LYS I 105 -32.20 -9.22 64.40
CA LYS I 105 -31.31 -10.22 63.80
C LYS I 105 -30.30 -9.57 62.88
N LEU I 106 -30.52 -8.32 62.49
CA LEU I 106 -29.54 -7.60 61.70
C LEU I 106 -28.27 -7.43 62.53
N ALA I 107 -28.46 -7.21 63.82
CA ALA I 107 -27.35 -7.04 64.73
C ALA I 107 -26.54 -8.31 64.82
N ASP I 108 -27.18 -9.45 64.57
CA ASP I 108 -26.50 -10.73 64.71
C ASP I 108 -25.43 -10.92 63.65
N GLN I 109 -25.47 -10.08 62.63
CA GLN I 109 -24.55 -10.18 61.52
C GLN I 109 -23.18 -9.63 61.91
N SER I 110 -23.10 -9.04 63.08
CA SER I 110 -21.84 -8.51 63.57
C SER I 110 -21.00 -9.57 64.22
N PRO I 111 -19.72 -9.65 63.84
CA PRO I 111 -18.82 -10.64 64.43
C PRO I 111 -18.52 -10.37 65.89
N GLU I 112 -18.92 -9.21 66.40
CA GLU I 112 -18.63 -8.85 67.79
C GLU I 112 -19.90 -8.98 68.62
N ALA I 113 -20.97 -9.43 68.00
CA ALA I 113 -22.28 -9.39 68.65
C ALA I 113 -22.68 -10.73 69.25
N ASP I 114 -23.13 -10.67 70.49
CA ASP I 114 -23.78 -11.79 71.15
C ASP I 114 -25.05 -11.24 71.78
N ILE I 115 -26.20 -11.51 71.16
CA ILE I 115 -27.44 -10.87 71.56
C ILE I 115 -28.33 -11.84 72.32
N GLU I 116 -28.89 -11.37 73.44
CA GLU I 116 -29.95 -12.09 74.12
C GLU I 116 -31.22 -11.27 73.99
N ARG I 117 -32.25 -11.90 73.48
CA ARG I 117 -33.43 -11.21 73.01
C ARG I 117 -34.47 -10.74 74.03
N VAL I 118 -34.63 -11.39 75.16
CA VAL I 118 -35.50 -10.86 76.23
C VAL I 118 -36.86 -10.39 75.68
N GLU I 119 -37.70 -11.33 75.27
CA GLU I 119 -39.03 -11.00 74.76
C GLU I 119 -39.87 -10.46 75.92
N ILE I 120 -40.62 -9.39 75.69
CA ILE I 120 -41.04 -8.61 76.82
C ILE I 120 -42.54 -8.66 77.17
N ASP I 121 -43.49 -8.34 76.29
CA ASP I 121 -44.96 -8.41 76.56
C ASP I 121 -45.63 -7.22 77.26
N GLY I 122 -44.87 -6.36 77.94
CA GLY I 122 -45.50 -5.20 78.56
C GLY I 122 -44.86 -4.59 79.80
N PHE I 123 -45.56 -3.62 80.38
CA PHE I 123 -45.15 -2.93 81.60
C PHE I 123 -46.26 -2.97 82.63
N GLU I 124 -45.93 -3.11 83.91
CA GLU I 124 -46.96 -3.05 84.94
C GLU I 124 -47.39 -1.61 85.00
N GLU I 125 -48.69 -1.33 84.94
CA GLU I 125 -49.10 0.04 84.63
C GLU I 125 -48.63 0.97 85.72
N GLY I 126 -48.25 2.18 85.32
CA GLY I 126 -47.44 3.02 86.16
C GLY I 126 -45.96 2.75 85.93
N SER I 127 -45.51 1.49 86.09
CA SER I 127 -44.25 1.03 85.50
C SER I 127 -43.05 1.81 86.08
N PHE I 128 -41.83 1.78 85.53
CA PHE I 128 -41.30 0.86 84.51
C PHE I 128 -40.93 -0.50 85.06
N ARG I 129 -41.92 -1.25 85.56
CA ARG I 129 -41.61 -2.59 86.00
C ARG I 129 -42.01 -3.51 84.84
N LEU I 130 -41.05 -4.23 84.32
CA LEU I 130 -41.26 -5.03 83.13
C LEU I 130 -42.14 -6.22 83.47
N ILE I 131 -43.07 -6.52 82.57
CA ILE I 131 -43.79 -7.77 82.62
C ILE I 131 -43.19 -8.59 81.53
N PRO I 132 -42.46 -9.65 81.87
CA PRO I 132 -41.77 -10.39 80.80
C PRO I 132 -42.65 -11.45 80.17
N ASN I 133 -42.38 -11.78 78.92
CA ASN I 133 -43.06 -12.89 78.28
C ASN I 133 -42.82 -14.23 78.96
N ALA I 134 -43.90 -14.89 79.36
CA ALA I 134 -43.95 -16.33 79.65
C ALA I 134 -42.75 -17.13 79.16
N ARG I 135 -42.31 -16.79 77.96
CA ARG I 135 -41.22 -17.44 77.26
C ARG I 135 -39.90 -17.42 78.01
N SER I 136 -39.53 -16.27 78.55
CA SER I 136 -38.37 -16.18 79.44
C SER I 136 -38.75 -15.42 80.69
N GLY I 137 -38.52 -16.04 81.84
CA GLY I 137 -38.88 -15.44 83.11
C GLY I 137 -37.91 -14.37 83.54
N MET I 138 -38.29 -13.63 84.58
CA MET I 138 -37.39 -12.70 85.23
C MET I 138 -37.58 -12.77 86.72
N SER I 139 -36.49 -12.65 87.47
CA SER I 139 -36.59 -12.58 88.91
C SER I 139 -37.14 -11.21 89.23
N ARG I 140 -37.83 -11.06 90.36
CA ARG I 140 -38.44 -9.77 90.66
C ARG I 140 -37.38 -8.80 91.10
N GLY I 141 -36.19 -9.32 91.39
CA GLY I 141 -35.02 -8.51 91.64
C GLY I 141 -34.53 -7.79 90.41
N GLU I 142 -34.48 -8.49 89.28
CA GLU I 142 -34.02 -7.90 88.03
C GLU I 142 -35.10 -6.97 87.46
N ILE I 143 -36.37 -7.31 87.65
CA ILE I 143 -37.47 -6.46 87.22
C ILE I 143 -37.38 -5.13 87.96
N ASN I 144 -37.20 -5.23 89.27
CA ASN I 144 -37.11 -4.05 90.10
C ASN I 144 -35.80 -3.30 89.87
N ALA I 145 -34.76 -4.04 89.51
CA ALA I 145 -33.45 -3.44 89.27
C ALA I 145 -33.46 -2.56 88.04
N TYR I 146 -34.15 -3.02 87.00
CA TYR I 146 -34.29 -2.25 85.77
C TYR I 146 -35.11 -1.00 86.03
N ALA I 147 -36.19 -1.16 86.78
CA ALA I 147 -37.09 -0.05 87.05
C ALA I 147 -36.33 1.05 87.79
N ALA I 148 -35.39 0.64 88.63
CA ALA I 148 -34.51 1.55 89.33
C ALA I 148 -33.54 2.22 88.37
N LEU I 149 -33.03 1.45 87.41
CA LEU I 149 -32.08 1.96 86.43
C LEU I 149 -32.70 3.02 85.53
N ALA I 150 -33.99 2.86 85.24
CA ALA I 150 -34.72 3.82 84.42
C ALA I 150 -35.05 5.09 85.20
N GLU I 151 -34.79 5.06 86.50
CA GLU I 151 -35.10 6.19 87.36
C GLU I 151 -33.81 6.75 87.89
N ASP I 152 -32.72 6.55 87.15
CA ASP I 152 -31.45 7.10 87.59
C ASP I 152 -31.23 8.48 86.99
N LEU I 153 -30.80 8.51 85.73
CA LEU I 153 -30.61 9.77 84.99
C LEU I 153 -29.61 10.71 85.67
N PRO I 154 -28.83 11.46 84.89
CA PRO I 154 -27.89 12.32 85.60
C PRO I 154 -28.65 13.42 86.36
N ASP I 155 -28.01 14.11 87.30
CA ASP I 155 -28.71 15.16 88.02
C ASP I 155 -28.66 16.49 87.31
N THR I 156 -27.73 16.62 86.38
CA THR I 156 -27.64 17.81 85.55
C THR I 156 -28.82 17.92 84.61
N LEU I 157 -29.52 16.80 84.42
CA LEU I 157 -30.61 16.82 83.47
C LEU I 157 -31.78 17.53 84.14
N ASN I 158 -32.50 18.33 83.36
CA ASN I 158 -33.45 19.26 83.91
C ASN I 158 -34.86 18.72 83.90
N HIS I 159 -35.38 18.48 85.11
CA HIS I 159 -36.75 18.05 85.41
C HIS I 159 -36.83 16.54 85.45
N ALA I 160 -35.67 15.88 85.56
CA ALA I 160 -35.63 14.43 85.73
C ALA I 160 -36.11 13.70 84.48
N THR I 161 -36.14 14.39 83.34
CA THR I 161 -36.50 13.79 82.06
C THR I 161 -35.49 14.31 81.06
N PRO I 162 -35.42 13.71 79.86
CA PRO I 162 -34.66 14.45 78.87
C PRO I 162 -35.56 15.51 78.25
N PHE I 163 -35.57 15.54 76.93
CA PHE I 163 -36.65 16.18 76.20
C PHE I 163 -36.84 17.71 76.25
N VAL I 164 -36.06 18.42 77.06
CA VAL I 164 -36.18 19.89 77.16
C VAL I 164 -37.57 20.33 77.64
N ASP I 165 -38.59 19.97 76.86
CA ASP I 165 -39.98 20.19 77.24
C ASP I 165 -40.34 19.19 78.34
N SER I 166 -40.30 19.64 79.58
CA SER I 166 -40.39 18.79 80.76
C SER I 166 -41.66 17.97 80.98
N GLU I 167 -42.59 18.01 80.03
CA GLU I 167 -43.89 17.43 80.30
C GLU I 167 -44.33 16.48 79.18
N VAL I 168 -43.46 16.28 78.20
CA VAL I 168 -43.74 15.37 77.09
C VAL I 168 -44.00 13.97 77.59
N GLU I 169 -43.14 13.45 78.46
CA GLU I 169 -43.25 12.08 78.91
C GLU I 169 -44.58 11.78 79.59
N GLY I 170 -45.34 12.81 79.88
CA GLY I 170 -46.64 12.65 80.51
C GLY I 170 -47.75 12.52 79.48
N THR I 171 -47.37 12.56 78.21
CA THR I 171 -48.34 12.43 77.13
C THR I 171 -49.05 11.10 77.21
N ALA I 172 -50.19 11.00 76.54
CA ALA I 172 -50.93 9.76 76.47
C ALA I 172 -50.68 9.21 75.08
N TRP I 173 -49.96 8.10 75.02
CA TRP I 173 -49.54 7.54 73.74
C TRP I 173 -50.59 6.57 73.23
N ASP I 174 -51.79 7.10 72.99
CA ASP I 174 -52.90 6.27 72.58
C ASP I 174 -52.90 5.96 71.09
N GLU I 175 -52.31 6.83 70.28
CA GLU I 175 -52.39 6.61 68.84
C GLU I 175 -50.99 6.37 68.29
N ILE I 176 -50.89 5.46 67.32
CA ILE I 176 -49.61 5.07 66.74
C ILE I 176 -48.89 6.25 66.07
N GLU I 177 -49.62 7.23 65.57
CA GLU I 177 -48.99 8.38 64.93
C GLU I 177 -48.07 9.09 65.88
N THR I 178 -48.52 9.21 67.12
CA THR I 178 -47.79 9.95 68.14
C THR I 178 -46.51 9.20 68.50
N PHE I 179 -46.61 7.88 68.62
CA PHE I 179 -45.46 7.07 68.95
C PHE I 179 -44.42 7.26 67.88
N LEU I 180 -44.85 7.13 66.63
CA LEU I 180 -43.93 7.25 65.51
C LEU I 180 -43.36 8.64 65.41
N ASP I 181 -44.17 9.64 65.71
CA ASP I 181 -43.69 11.01 65.61
C ASP I 181 -42.57 11.22 66.62
N MET I 182 -42.74 10.69 67.83
CA MET I 182 -41.65 10.74 68.81
C MET I 182 -40.49 9.85 68.45
N CYS I 183 -40.79 8.61 68.08
CA CYS I 183 -39.76 7.64 67.83
C CYS I 183 -38.81 8.11 66.75
N TYR I 184 -39.37 8.62 65.66
CA TYR I 184 -38.55 9.11 64.57
C TYR I 184 -37.78 10.34 65.02
N SER I 185 -38.41 11.19 65.83
CA SER I 185 -37.75 12.40 66.31
C SER I 185 -36.57 12.08 67.21
N VAL I 186 -36.75 11.13 68.12
CA VAL I 186 -35.68 10.73 69.01
C VAL I 186 -34.55 9.99 68.27
N LEU I 187 -34.91 9.04 67.42
CA LEU I 187 -33.92 8.27 66.67
C LEU I 187 -33.12 9.18 65.75
N MET I 188 -33.75 10.19 65.18
CA MET I 188 -33.06 11.12 64.29
C MET I 188 -31.97 11.90 65.00
N GLN I 189 -32.20 12.26 66.26
CA GLN I 189 -31.19 12.95 67.05
C GLN I 189 -30.00 12.05 67.31
N ALA I 190 -30.26 10.76 67.49
CA ALA I 190 -29.19 9.78 67.61
C ALA I 190 -28.42 9.68 66.31
N TRP I 191 -29.14 9.70 65.20
CA TRP I 191 -28.52 9.61 63.89
C TRP I 191 -27.59 10.80 63.62
N ILE I 192 -28.02 11.97 64.04
CA ILE I 192 -27.27 13.21 63.83
C ILE I 192 -25.93 13.22 64.55
N VAL I 193 -25.86 12.50 65.66
CA VAL I 193 -24.65 12.47 66.46
C VAL I 193 -23.84 11.21 66.26
N THR I 194 -24.11 10.49 65.19
CA THR I 194 -23.51 9.17 64.99
C THR I 194 -22.03 9.14 64.68
N CYS I 195 -21.55 10.03 63.82
CA CYS I 195 -20.15 9.92 63.53
C CYS I 195 -19.43 11.18 63.99
N LYS I 196 -19.53 11.42 65.30
CA LYS I 196 -18.87 12.54 65.96
C LYS I 196 -18.02 11.97 67.08
N CYS I 197 -16.74 12.35 67.09
CA CYS I 197 -15.76 11.83 68.04
C CYS I 197 -15.80 12.48 69.44
N MET I 198 -16.33 13.70 69.52
CA MET I 198 -16.85 14.41 70.72
C MET I 198 -16.49 15.90 70.60
N GLN I 203 -19.94 21.83 75.56
CA GLN I 203 -19.03 22.04 74.43
C GLN I 203 -19.75 22.63 73.20
N PRO I 204 -19.05 22.75 72.06
CA PRO I 204 -19.60 23.07 70.74
C PRO I 204 -20.49 22.02 70.03
N ALA I 205 -19.97 21.56 68.89
CA ALA I 205 -20.71 20.81 67.86
C ALA I 205 -21.78 21.72 67.22
N ALA I 206 -21.34 22.56 66.29
CA ALA I 206 -22.21 23.51 65.60
C ALA I 206 -23.10 22.83 64.57
N SER I 207 -22.54 21.82 63.90
CA SER I 207 -23.24 21.11 62.83
C SER I 207 -24.54 20.53 63.34
N ILE I 208 -24.51 20.01 64.56
CA ILE I 208 -25.65 19.32 65.15
C ILE I 208 -26.82 20.28 65.15
N GLU I 209 -26.56 21.54 65.46
CA GLU I 209 -27.67 22.47 65.53
C GLU I 209 -28.26 22.78 64.18
N LYS I 210 -27.46 22.72 63.11
CA LYS I 210 -28.04 22.89 61.78
C LYS I 210 -28.69 21.64 61.20
N ARG I 211 -28.22 20.45 61.58
CA ARG I 211 -28.90 19.24 61.15
C ARG I 211 -30.25 19.23 61.81
N LEU I 212 -30.29 19.63 63.08
CA LEU I 212 -31.55 19.65 63.82
C LEU I 212 -32.56 20.63 63.23
N GLN I 213 -32.16 21.82 62.83
CA GLN I 213 -33.17 22.74 62.32
C GLN I 213 -33.59 22.32 60.93
N LYS I 214 -32.71 21.64 60.21
CA LYS I 214 -33.06 21.12 58.90
C LYS I 214 -34.22 20.14 59.00
N TYR I 215 -34.11 19.18 59.92
CA TYR I 215 -35.13 18.15 60.06
C TYR I 215 -36.39 18.65 60.74
N ARG I 216 -36.28 19.70 61.54
CA ARG I 216 -37.47 20.34 62.10
C ARG I 216 -38.24 21.00 60.98
N GLN I 217 -37.52 21.60 60.03
CA GLN I 217 -38.14 22.27 58.89
C GLN I 217 -38.72 21.28 57.90
N GLN I 218 -38.13 20.09 57.83
CA GLN I 218 -38.67 19.02 57.00
C GLN I 218 -39.78 18.27 57.69
N GLY I 219 -39.93 18.49 58.99
CA GLY I 219 -41.00 17.84 59.71
C GLY I 219 -40.61 16.44 60.11
N ARG I 220 -39.35 16.09 59.89
CA ARG I 220 -38.85 14.79 60.31
C ARG I 220 -38.60 14.76 61.82
N ILE I 221 -38.20 15.88 62.41
CA ILE I 221 -38.10 15.96 63.86
C ILE I 221 -39.17 16.91 64.37
N ASN I 222 -39.86 16.52 65.42
CA ASN I 222 -40.91 17.33 65.99
C ASN I 222 -40.32 18.05 67.18
N PRO I 223 -40.41 19.39 67.19
CA PRO I 223 -39.70 20.14 68.22
C PRO I 223 -40.14 19.78 69.64
N ARG I 224 -41.31 19.17 69.76
CA ARG I 224 -41.84 18.79 71.05
C ARG I 224 -40.93 17.76 71.70
N TYR I 225 -40.30 16.94 70.87
CA TYR I 225 -39.53 15.82 71.38
C TYR I 225 -38.03 16.00 71.27
N LEU I 226 -37.53 17.24 71.26
CA LEU I 226 -36.06 17.41 71.18
C LEU I 226 -35.49 16.95 72.48
N LEU I 227 -34.24 16.53 72.47
CA LEU I 227 -33.63 16.03 73.68
C LEU I 227 -32.79 17.17 74.24
N GLN I 228 -32.52 17.16 75.54
CA GLN I 228 -31.62 18.15 76.10
C GLN I 228 -30.25 17.89 75.54
N PRO I 229 -29.46 18.95 75.32
CA PRO I 229 -28.17 18.73 74.66
C PRO I 229 -27.26 17.77 75.41
N GLU I 230 -27.38 17.68 76.72
CA GLU I 230 -26.56 16.71 77.43
C GLU I 230 -27.03 15.26 77.19
N ALA I 231 -28.33 15.07 76.97
CA ALA I 231 -28.84 13.74 76.64
C ALA I 231 -28.19 13.29 75.33
N ARG I 232 -28.12 14.19 74.36
CA ARG I 232 -27.47 13.87 73.09
C ARG I 232 -25.99 13.60 73.24
N ARG I 233 -25.33 14.35 74.11
CA ARG I 233 -23.88 14.22 74.24
C ARG I 233 -23.58 12.86 74.84
N ILE I 234 -24.43 12.37 75.72
CA ILE I 234 -24.31 11.01 76.25
C ILE I 234 -24.55 9.96 75.18
N ILE I 235 -25.57 10.14 74.37
CA ILE I 235 -25.85 9.20 73.28
C ILE I 235 -24.70 9.14 72.30
N GLN I 236 -24.07 10.29 72.05
CA GLN I 236 -22.88 10.39 71.21
C GLN I 236 -21.81 9.47 71.70
N ASN I 237 -21.65 9.50 73.01
CA ASN I 237 -20.61 8.77 73.67
C ASN I 237 -20.87 7.28 73.63
N VAL I 238 -22.12 6.88 73.83
CA VAL I 238 -22.49 5.48 73.79
C VAL I 238 -22.27 4.87 72.42
N ILE I 239 -22.64 5.60 71.38
CA ILE I 239 -22.47 5.09 70.03
C ILE I 239 -21.01 4.93 69.68
N ARG I 240 -20.14 5.86 70.04
CA ARG I 240 -18.73 5.72 69.67
C ARG I 240 -18.10 4.53 70.41
N LYS I 241 -18.50 4.29 71.65
CA LYS I 241 -17.98 3.17 72.43
C LYS I 241 -18.43 1.83 71.89
N GLY I 242 -19.66 1.76 71.40
CA GLY I 242 -20.27 0.51 71.00
C GLY I 242 -20.08 0.10 69.55
N MET I 243 -19.26 -0.92 69.33
CA MET I 243 -19.01 -1.37 67.97
C MET I 243 -20.19 -2.09 67.31
N VAL I 244 -20.76 -3.05 68.02
CA VAL I 244 -21.90 -3.80 67.49
C VAL I 244 -23.01 -2.80 67.18
N VAL I 245 -23.19 -1.79 68.03
CA VAL I 245 -24.21 -0.78 67.75
C VAL I 245 -23.87 -0.10 66.43
N ARG I 246 -22.62 0.30 66.30
CA ARG I 246 -22.15 0.97 65.09
C ARG I 246 -22.24 0.05 63.88
N HIS I 247 -21.99 -1.24 64.05
CA HIS I 247 -22.19 -2.20 62.97
C HIS I 247 -23.63 -2.19 62.51
N PHE I 248 -24.53 -2.20 63.48
CA PHE I 248 -25.95 -2.21 63.21
C PHE I 248 -26.38 -0.95 62.45
N LEU I 249 -25.82 0.20 62.83
CA LEU I 249 -26.20 1.43 62.14
C LEU I 249 -25.77 1.34 60.70
N THR I 250 -24.61 0.75 60.47
CA THR I 250 -24.11 0.56 59.12
C THR I 250 -25.06 -0.30 58.32
N PHE I 251 -25.56 -1.38 58.92
CA PHE I 251 -26.43 -2.30 58.21
C PHE I 251 -27.67 -1.55 57.83
N GLU I 252 -28.12 -0.67 58.72
CA GLU I 252 -29.27 0.19 58.43
C GLU I 252 -29.01 1.22 57.33
N LEU I 253 -27.82 1.80 57.31
CA LEU I 253 -27.53 2.79 56.28
C LEU I 253 -27.47 2.14 54.93
N GLN I 254 -26.95 0.91 54.86
CA GLN I 254 -26.89 0.17 53.60
C GLN I 254 -28.28 -0.16 53.08
N LEU I 255 -29.20 -0.49 53.97
CA LEU I 255 -30.55 -0.80 53.55
C LEU I 255 -31.26 0.46 53.09
N ALA I 256 -30.94 1.57 53.73
CA ALA I 256 -31.47 2.85 53.32
C ALA I 256 -30.95 3.24 51.94
N ARG I 257 -29.78 2.76 51.57
CA ARG I 257 -29.19 3.04 50.26
C ARG I 257 -29.90 2.35 49.11
N ALA I 258 -30.40 1.15 49.36
CA ALA I 258 -30.98 0.30 48.32
C ALA I 258 -32.46 0.57 48.12
N GLN I 259 -32.99 1.56 48.81
CA GLN I 259 -34.43 1.83 48.81
C GLN I 259 -34.84 2.38 47.47
N SER I 260 -36.12 2.22 47.13
CA SER I 260 -36.66 2.75 45.90
C SER I 260 -36.86 4.25 46.04
N LEU I 261 -37.13 4.94 44.93
CA LEU I 261 -37.41 6.37 45.05
C LEU I 261 -38.68 6.56 45.83
N VAL I 262 -39.58 5.60 45.69
CA VAL I 262 -40.78 5.58 46.48
C VAL I 262 -40.54 4.63 47.64
N SER I 263 -40.51 5.19 48.85
CA SER I 263 -40.00 4.50 50.03
C SER I 263 -40.92 4.75 51.21
N ASN I 264 -40.48 4.44 52.43
CA ASN I 264 -41.29 4.82 53.58
C ASN I 264 -40.64 5.95 54.38
N ARG I 265 -41.35 6.43 55.38
CA ARG I 265 -40.98 7.66 56.04
C ARG I 265 -39.65 7.53 56.78
N TYR I 266 -39.49 6.44 57.53
CA TYR I 266 -38.27 6.24 58.31
C TYR I 266 -37.03 6.08 57.46
N TYR I 267 -37.07 5.24 56.45
CA TYR I 267 -35.85 4.98 55.68
C TYR I 267 -35.46 6.12 54.74
N ALA I 268 -36.43 6.90 54.26
CA ALA I 268 -36.12 8.10 53.52
C ALA I 268 -35.36 9.05 54.43
N MET I 269 -35.79 9.05 55.68
CA MET I 269 -35.22 9.87 56.73
C MET I 269 -33.79 9.43 57.02
N VAL I 270 -33.60 8.12 57.15
CA VAL I 270 -32.30 7.54 57.42
C VAL I 270 -31.34 7.74 56.26
N GLY I 271 -31.85 7.59 55.04
CA GLY I 271 -31.04 7.76 53.86
C GLY I 271 -30.50 9.17 53.76
N ASP I 272 -31.34 10.13 54.13
CA ASP I 272 -30.97 11.53 54.05
C ASP I 272 -29.87 11.86 55.07
N VAL I 273 -30.05 11.42 56.31
CA VAL I 273 -29.09 11.76 57.37
C VAL I 273 -27.82 10.97 57.13
N GLY I 274 -27.97 9.84 56.43
CA GLY I 274 -26.86 8.96 56.13
C GLY I 274 -25.83 9.61 55.22
N LYS I 275 -26.25 10.54 54.39
CA LYS I 275 -25.34 11.15 53.42
C LYS I 275 -24.38 12.11 54.10
N TYR I 276 -24.76 12.61 55.27
CA TYR I 276 -23.85 13.39 56.12
C TYR I 276 -22.82 12.47 56.77
N ILE I 277 -23.24 11.27 57.15
CA ILE I 277 -22.40 10.27 57.79
C ILE I 277 -21.35 9.61 56.88
N GLU I 278 -21.68 9.44 55.60
CA GLU I 278 -20.79 8.79 54.63
C GLU I 278 -19.41 9.45 54.60
N ASN I 279 -18.37 8.62 54.57
CA ASN I 279 -16.98 9.09 54.45
C ASN I 279 -16.55 9.96 55.62
N CYS I 280 -17.26 9.84 56.72
CA CYS I 280 -16.85 10.44 57.98
C CYS I 280 -15.42 10.02 58.32
N GLY I 281 -14.63 10.94 58.87
CA GLY I 281 -13.35 10.55 59.43
C GLY I 281 -12.26 10.49 58.39
N MET I 282 -12.60 10.89 57.18
CA MET I 282 -11.68 10.83 56.05
C MET I 282 -11.50 12.19 55.42
N GLY I 283 -11.61 13.24 56.22
CA GLY I 283 -11.58 14.59 55.70
C GLY I 283 -10.29 14.91 54.99
N GLY I 284 -9.18 14.44 55.54
CA GLY I 284 -7.89 14.75 54.97
C GLY I 284 -7.71 14.26 53.55
N PHE I 285 -8.19 13.05 53.29
CA PHE I 285 -8.08 12.45 51.97
C PHE I 285 -8.96 13.18 50.94
N PHE I 286 -10.25 13.31 51.24
CA PHE I 286 -11.19 13.89 50.30
C PHE I 286 -11.02 15.39 50.10
N LEU I 287 -10.59 16.09 51.14
CA LEU I 287 -10.30 17.51 51.02
C LEU I 287 -9.05 17.73 50.20
N THR I 288 -8.08 16.84 50.31
CA THR I 288 -6.88 16.93 49.48
C THR I 288 -7.25 16.73 48.02
N LEU I 289 -8.09 15.73 47.75
CA LEU I 289 -8.56 15.50 46.39
C LEU I 289 -9.30 16.72 45.89
N LYS I 290 -10.16 17.28 46.72
CA LYS I 290 -11.04 18.38 46.34
C LYS I 290 -10.28 19.64 45.93
N TYR I 291 -9.38 20.09 46.78
CA TYR I 291 -8.67 21.34 46.54
C TYR I 291 -7.38 21.18 45.74
N ALA I 292 -6.55 20.19 46.07
CA ALA I 292 -5.31 20.00 45.34
C ALA I 292 -5.54 19.54 43.92
N LEU I 293 -6.35 18.50 43.73
CA LEU I 293 -6.56 17.93 42.40
C LEU I 293 -7.72 18.59 41.70
N GLY I 294 -8.73 18.98 42.46
CA GLY I 294 -9.90 19.62 41.89
C GLY I 294 -9.62 20.94 41.21
N THR I 295 -8.76 21.75 41.81
CA THR I 295 -8.42 23.05 41.26
C THR I 295 -7.59 22.93 40.00
N ARG I 296 -6.76 21.89 39.91
CA ARG I 296 -5.91 21.66 38.73
C ARG I 296 -5.03 22.89 38.44
N TRP I 297 -4.45 23.48 39.49
CA TRP I 297 -3.59 24.63 39.28
C TRP I 297 -2.18 24.20 38.90
N PRO I 298 -1.40 25.10 38.27
CA PRO I 298 -0.12 24.73 37.70
C PRO I 298 0.91 24.23 38.71
N THR I 299 0.79 24.65 39.96
CA THR I 299 1.76 24.23 40.97
C THR I 299 1.67 22.74 41.26
N LEU I 300 0.62 22.10 40.78
CA LEU I 300 0.46 20.68 40.99
C LEU I 300 1.51 19.95 40.17
N ALA I 301 2.21 20.68 39.32
CA ALA I 301 3.21 20.09 38.47
C ALA I 301 4.57 20.11 39.14
N LEU I 302 4.62 20.54 40.39
CA LEU I 302 5.87 20.52 41.12
C LEU I 302 6.36 19.09 41.17
N ALA I 303 7.67 18.91 41.09
CA ALA I 303 8.26 17.60 41.11
C ALA I 303 8.10 16.98 42.50
N ALA I 304 8.07 17.80 43.55
CA ALA I 304 7.95 17.28 44.91
C ALA I 304 6.66 16.49 45.11
N PHE I 305 5.59 16.93 44.45
CA PHE I 305 4.30 16.25 44.55
C PHE I 305 4.29 14.91 43.83
N SER I 306 5.34 14.64 43.07
CA SER I 306 5.34 13.55 42.12
C SER I 306 5.07 12.19 42.72
N GLY I 307 5.77 11.87 43.80
CA GLY I 307 5.56 10.61 44.47
C GLY I 307 4.23 10.54 45.16
N GLU I 308 3.84 11.64 45.79
CA GLU I 308 2.60 11.69 46.56
C GLU I 308 1.37 11.62 45.67
N LEU I 309 1.47 12.14 44.46
CA LEU I 309 0.39 12.07 43.51
C LEU I 309 0.12 10.62 43.14
N THR I 310 1.15 9.80 43.04
CA THR I 310 0.97 8.37 42.78
C THR I 310 0.27 7.67 43.96
N LYS I 311 0.55 8.12 45.18
CA LYS I 311 -0.03 7.53 46.38
C LYS I 311 -1.53 7.77 46.40
N LEU I 312 -1.93 9.00 46.05
CA LEU I 312 -3.34 9.35 45.97
C LEU I 312 -4.00 8.53 44.90
N LYS I 313 -3.27 8.28 43.82
CA LYS I 313 -3.77 7.48 42.72
C LYS I 313 -4.04 6.06 43.19
N SER I 314 -3.11 5.53 43.98
CA SER I 314 -3.28 4.23 44.59
C SER I 314 -4.44 4.19 45.57
N LEU I 315 -4.55 5.24 46.37
CA LEU I 315 -5.59 5.31 47.40
C LEU I 315 -6.99 5.33 46.83
N MET I 316 -7.19 6.06 45.75
CA MET I 316 -8.48 6.07 45.08
C MET I 316 -8.78 4.69 44.55
N ALA I 317 -7.77 4.04 44.00
CA ALA I 317 -7.91 2.69 43.49
C ALA I 317 -8.28 1.75 44.63
N LEU I 318 -7.65 1.93 45.78
CA LEU I 318 -7.93 1.12 46.95
C LEU I 318 -9.35 1.34 47.42
N TYR I 319 -9.79 2.58 47.38
CA TYR I 319 -11.14 2.94 47.81
C TYR I 319 -12.21 2.23 47.01
N GLN I 320 -11.98 2.08 45.72
CA GLN I 320 -12.96 1.42 44.88
C GLN I 320 -13.03 -0.09 45.14
N THR I 321 -11.89 -0.73 45.39
CA THR I 321 -11.90 -2.17 45.63
C THR I 321 -12.65 -2.55 46.90
N LEU I 322 -12.71 -1.64 47.85
CA LEU I 322 -13.34 -1.91 49.13
C LEU I 322 -14.86 -2.12 49.04
N GLY I 323 -15.49 -1.50 48.04
CA GLY I 323 -16.91 -1.69 47.78
C GLY I 323 -17.69 -0.50 48.32
N GLU I 324 -19.00 -0.64 48.51
CA GLU I 324 -19.80 0.44 49.11
C GLU I 324 -19.44 0.66 50.56
N GLN I 325 -18.90 -0.37 51.20
CA GLN I 325 -18.70 -0.29 52.64
C GLN I 325 -17.47 0.57 52.91
N ALA I 326 -16.84 1.06 51.84
CA ALA I 326 -15.72 2.00 51.95
C ALA I 326 -16.17 3.32 52.55
N ARG I 327 -17.47 3.57 52.49
CA ARG I 327 -18.05 4.78 53.05
C ARG I 327 -18.10 4.77 54.57
N TYR I 328 -18.01 3.59 55.15
CA TYR I 328 -18.29 3.44 56.56
C TYR I 328 -17.06 3.03 57.35
N LEU I 329 -15.87 3.35 56.86
CA LEU I 329 -14.65 2.89 57.51
C LEU I 329 -14.51 3.44 58.91
N ALA I 330 -14.89 4.69 59.11
CA ALA I 330 -14.82 5.32 60.43
C ALA I 330 -15.76 4.62 61.40
N LEU I 331 -16.98 4.36 60.93
CA LEU I 331 -17.99 3.68 61.72
C LEU I 331 -17.57 2.24 62.03
N LEU I 332 -17.01 1.58 61.04
CA LEU I 332 -16.62 0.19 61.15
C LEU I 332 -15.35 0.00 61.97
N GLU I 333 -14.57 1.07 62.15
CA GLU I 333 -13.31 1.01 62.89
C GLU I 333 -12.30 0.19 62.11
N SER I 334 -12.41 0.28 60.79
CA SER I 334 -11.54 -0.47 59.91
C SER I 334 -10.13 0.05 59.96
N PRO I 335 -9.15 -0.86 59.98
CA PRO I 335 -7.73 -0.48 59.92
C PRO I 335 -7.39 0.25 58.63
N HIS I 336 -8.21 0.09 57.60
CA HIS I 336 -7.99 0.74 56.31
C HIS I 336 -8.02 2.25 56.42
N LEU I 337 -8.57 2.74 57.52
CA LEU I 337 -8.70 4.17 57.73
C LEU I 337 -7.31 4.75 57.91
N MET I 338 -6.37 3.88 58.25
CA MET I 338 -4.97 4.24 58.38
C MET I 338 -4.27 4.42 57.04
N ASP I 339 -4.73 3.70 56.02
CA ASP I 339 -4.14 3.79 54.69
C ASP I 339 -4.28 5.19 54.11
N PHE I 340 -5.40 5.83 54.41
CA PHE I 340 -5.75 7.10 53.80
C PHE I 340 -5.30 8.27 54.63
N ALA I 341 -4.58 8.00 55.71
CA ALA I 341 -4.13 9.07 56.59
C ALA I 341 -3.22 10.03 55.85
N ALA I 342 -3.36 11.32 56.13
CA ALA I 342 -2.71 12.36 55.33
C ALA I 342 -1.19 12.30 55.39
N ALA I 343 -0.65 11.62 56.40
CA ALA I 343 0.79 11.56 56.58
C ALA I 343 1.48 10.88 55.40
N ASN I 344 0.73 10.11 54.62
CA ASN I 344 1.28 9.47 53.43
C ASN I 344 1.54 10.47 52.31
N TYR I 345 0.80 11.57 52.31
CA TYR I 345 0.99 12.61 51.31
C TYR I 345 1.04 13.99 51.93
N PRO I 346 2.04 14.25 52.78
CA PRO I 346 2.05 15.46 53.61
C PRO I 346 2.16 16.77 52.82
N LEU I 347 2.99 16.81 51.78
CA LEU I 347 3.17 18.04 51.04
C LEU I 347 1.89 18.42 50.31
N LEU I 348 1.30 17.48 49.59
CA LEU I 348 0.06 17.72 48.89
C LEU I 348 -1.06 18.05 49.86
N TYR I 349 -1.05 17.41 51.02
CA TYR I 349 -2.08 17.67 52.02
C TYR I 349 -1.97 19.10 52.51
N SER I 350 -0.77 19.50 52.89
CA SER I 350 -0.51 20.87 53.35
C SER I 350 -0.93 21.87 52.31
N TYR I 351 -0.51 21.62 51.08
CA TYR I 351 -0.78 22.49 49.95
C TYR I 351 -2.27 22.62 49.75
N ALA I 352 -2.98 21.51 49.84
CA ALA I 352 -4.43 21.52 49.68
C ALA I 352 -5.13 22.33 50.76
N MET I 353 -4.62 22.20 51.99
CA MET I 353 -5.25 22.88 53.11
C MET I 353 -5.18 24.39 52.96
N GLY I 354 -4.05 24.88 52.47
CA GLY I 354 -3.89 26.31 52.24
C GLY I 354 -4.83 26.81 51.19
N ILE I 355 -5.03 26.02 50.14
CA ILE I 355 -5.96 26.37 49.08
C ILE I 355 -7.37 26.46 49.62
N GLY I 356 -7.76 25.47 50.42
CA GLY I 356 -9.10 25.43 50.96
C GLY I 356 -9.35 26.63 51.85
N TYR I 357 -8.31 27.03 52.57
CA TYR I 357 -8.41 28.09 53.55
C TYR I 357 -8.84 29.40 52.91
N VAL I 358 -8.28 29.76 51.76
CA VAL I 358 -8.73 30.98 51.09
C VAL I 358 -10.01 30.75 50.27
N LEU I 359 -10.09 29.60 49.61
CA LEU I 359 -11.21 29.31 48.72
C LEU I 359 -12.52 29.17 49.47
N ASP I 360 -12.44 28.62 50.68
CA ASP I 360 -13.62 28.41 51.51
C ASP I 360 -13.47 28.99 52.91
N VAL I 361 -14.43 29.83 53.29
CA VAL I 361 -14.41 30.48 54.60
C VAL I 361 -14.66 29.49 55.71
N ASN I 362 -15.38 28.41 55.42
CA ASN I 362 -15.66 27.41 56.43
C ASN I 362 -14.43 26.60 56.80
N MET I 363 -13.44 26.59 55.89
CA MET I 363 -12.24 25.79 56.09
C MET I 363 -11.39 26.23 57.27
N ARG I 364 -11.56 27.49 57.69
CA ARG I 364 -10.78 28.02 58.80
C ARG I 364 -10.99 27.16 60.03
N ASN I 365 -12.20 26.64 60.17
CA ASN I 365 -12.59 25.92 61.37
C ASN I 365 -12.34 24.43 61.33
N TYR I 366 -11.82 23.94 60.22
CA TYR I 366 -11.35 22.57 60.15
C TYR I 366 -10.04 22.45 60.93
N ALA I 367 -9.82 21.34 61.61
CA ALA I 367 -8.58 21.16 62.35
C ALA I 367 -7.51 20.63 61.42
N PHE I 368 -7.00 21.51 60.57
CA PHE I 368 -6.02 21.11 59.56
C PHE I 368 -4.60 21.01 60.10
N SER I 369 -4.34 21.57 61.27
CA SER I 369 -2.98 21.53 61.80
C SER I 369 -2.60 20.11 62.21
N ARG I 370 -1.39 19.69 61.85
CA ARG I 370 -0.92 18.32 62.10
C ARG I 370 0.59 18.25 62.29
N SER I 371 1.07 17.10 62.76
CA SER I 371 2.49 16.91 63.03
C SER I 371 3.37 17.02 61.79
N TYR I 372 2.90 16.44 60.70
CA TYR I 372 3.66 16.35 59.46
C TYR I 372 3.33 17.51 58.54
N MET I 373 2.52 18.42 59.06
CA MET I 373 2.08 19.58 58.32
C MET I 373 3.27 20.43 57.95
N ASN I 374 3.39 20.77 56.69
CA ASN I 374 4.57 21.48 56.22
C ASN I 374 4.21 22.92 55.89
N LYS I 375 4.64 23.84 56.73
CA LYS I 375 4.17 25.21 56.64
C LYS I 375 4.52 25.91 55.34
N THR I 376 5.65 25.54 54.73
CA THR I 376 6.04 26.19 53.47
C THR I 376 5.03 25.89 52.38
N TYR I 377 4.66 24.62 52.28
CA TYR I 377 3.70 24.22 51.28
C TYR I 377 2.29 24.68 51.61
N PHE I 378 1.98 24.86 52.89
CA PHE I 378 0.70 25.43 53.24
C PHE I 378 0.53 26.85 52.68
N GLN I 379 1.55 27.71 52.88
CA GLN I 379 1.47 29.09 52.41
C GLN I 379 1.45 29.06 50.90
N LEU I 380 2.16 28.08 50.34
CA LEU I 380 2.25 27.93 48.88
C LEU I 380 0.87 27.66 48.34
N GLY I 381 0.11 26.83 49.06
CA GLY I 381 -1.25 26.54 48.68
C GLY I 381 -2.06 27.81 48.79
N MET I 382 -1.76 28.60 49.81
CA MET I 382 -2.50 29.82 50.08
C MET I 382 -2.28 30.84 48.96
N GLU I 383 -1.03 31.02 48.58
CA GLU I 383 -0.68 32.00 47.56
C GLU I 383 -1.04 31.54 46.16
N THR I 384 -0.94 30.24 45.91
CA THR I 384 -1.36 29.68 44.62
C THR I 384 -2.81 30.00 44.34
N ALA I 385 -3.62 29.82 45.38
CA ALA I 385 -5.05 30.06 45.31
C ALA I 385 -5.42 31.51 45.08
N ARG I 386 -4.61 32.46 45.53
CA ARG I 386 -4.96 33.84 45.18
C ARG I 386 -4.44 34.33 43.84
N LYS I 387 -3.17 34.12 43.59
CA LYS I 387 -2.51 34.64 42.41
C LYS I 387 -2.84 33.93 41.10
N GLN I 388 -3.12 32.64 41.17
CA GLN I 388 -3.47 31.90 39.96
C GLN I 388 -4.86 31.32 40.02
N GLN I 389 -5.86 32.17 39.89
CA GLN I 389 -7.24 31.72 39.80
C GLN I 389 -7.71 32.01 38.39
N GLY I 390 -7.01 32.94 37.74
CA GLY I 390 -7.22 33.26 36.34
C GLY I 390 -6.69 32.14 35.47
N ALA I 391 -5.99 31.21 36.10
CA ALA I 391 -5.43 30.07 35.40
C ALA I 391 -6.56 29.27 34.78
N VAL I 392 -6.33 28.73 33.60
CA VAL I 392 -7.39 28.06 32.89
C VAL I 392 -7.05 26.59 32.70
N ASP I 393 -8.08 25.76 32.57
CA ASP I 393 -7.89 24.36 32.25
C ASP I 393 -7.72 24.30 30.75
N MET I 394 -6.52 23.96 30.31
CA MET I 394 -6.18 24.09 28.91
C MET I 394 -6.96 23.12 28.03
N ARG I 395 -7.59 22.11 28.62
CA ARG I 395 -8.42 21.25 27.79
C ARG I 395 -9.79 21.86 27.57
N MET I 396 -10.26 22.63 28.54
CA MET I 396 -11.49 23.39 28.38
C MET I 396 -11.28 24.58 27.46
N ALA I 397 -10.16 25.27 27.66
CA ALA I 397 -9.88 26.49 26.92
C ALA I 397 -9.80 26.24 25.41
N GLU I 398 -9.32 25.06 25.03
CA GLU I 398 -9.23 24.71 23.62
C GLU I 398 -10.59 24.32 23.04
N ASP I 399 -11.45 23.66 23.82
CA ASP I 399 -12.77 23.26 23.32
C ASP I 399 -13.67 24.48 23.10
N LEU I 400 -13.49 25.48 23.94
CA LEU I 400 -14.16 26.75 23.78
C LEU I 400 -13.45 27.65 22.79
N GLY I 401 -12.30 27.21 22.29
CA GLY I 401 -11.51 28.01 21.37
C GLY I 401 -11.04 29.34 21.95
N LEU I 402 -10.59 29.32 23.20
CA LEU I 402 -10.15 30.53 23.89
C LEU I 402 -8.91 31.11 23.24
N THR I 403 -8.84 32.43 23.16
CA THR I 403 -7.71 33.10 22.55
C THR I 403 -6.77 33.61 23.65
N GLN I 404 -5.55 33.98 23.28
CA GLN I 404 -4.51 34.29 24.26
C GLN I 404 -4.74 35.65 24.92
N ALA I 405 -5.51 36.48 24.24
CA ALA I 405 -5.97 37.74 24.77
C ALA I 405 -7.08 37.51 25.77
N GLU I 406 -7.95 36.56 25.43
CA GLU I 406 -9.09 36.22 26.25
C GLU I 406 -8.70 35.68 27.61
N ARG I 407 -7.62 34.91 27.64
CA ARG I 407 -7.15 34.31 28.88
C ARG I 407 -6.68 35.40 29.84
N THR I 408 -5.97 36.38 29.28
CA THR I 408 -5.38 37.45 30.08
C THR I 408 -6.40 38.46 30.51
N GLU I 409 -7.40 38.68 29.66
CA GLU I 409 -8.46 39.59 30.03
C GLU I 409 -9.19 38.95 31.16
N MET I 410 -9.32 37.63 31.10
CA MET I 410 -9.94 36.84 32.16
C MET I 410 -9.11 36.66 33.41
N ALA I 411 -7.79 36.44 33.23
CA ALA I 411 -6.89 36.16 34.36
C ALA I 411 -6.81 37.25 35.43
N ASN I 412 -6.69 38.51 35.04
CA ASN I 412 -6.82 39.59 36.00
C ASN I 412 -7.95 40.54 35.64
N THR I 413 -8.87 39.99 34.86
CA THR I 413 -10.24 40.17 35.27
C THR I 413 -10.26 39.48 36.57
N LEU I 414 -9.69 38.26 36.64
CA LEU I 414 -9.81 37.58 37.89
C LEU I 414 -8.86 38.00 39.05
N ALA I 415 -7.71 38.58 38.78
CA ALA I 415 -6.97 39.13 39.90
C ALA I 415 -7.88 40.13 40.64
N LYS I 416 -8.71 40.83 39.88
CA LYS I 416 -10.05 41.22 40.38
C LYS I 416 -10.35 42.01 41.64
N LEU I 417 -11.28 41.32 42.29
CA LEU I 417 -12.01 41.52 43.51
C LEU I 417 -11.26 40.93 44.69
N SER J 19 34.77 -4.91 11.42
CA SER J 19 34.48 -6.31 11.17
C SER J 19 35.47 -7.20 11.89
N VAL J 20 36.75 -6.86 11.80
CA VAL J 20 37.76 -7.54 12.59
C VAL J 20 37.51 -7.25 14.06
N LEU J 21 37.05 -6.04 14.36
CA LEU J 21 36.74 -5.70 15.74
C LEU J 21 35.51 -6.42 16.25
N LYS J 22 34.54 -6.67 15.38
CA LYS J 22 33.39 -7.47 15.78
C LYS J 22 33.82 -8.92 16.05
N ALA J 23 34.80 -9.38 15.27
CA ALA J 23 35.38 -10.70 15.47
C ALA J 23 36.12 -10.83 16.77
N TYR J 24 36.86 -9.77 17.13
CA TYR J 24 37.61 -9.77 18.38
C TYR J 24 36.68 -9.83 19.56
N GLU J 25 35.54 -9.16 19.47
CA GLU J 25 34.60 -9.23 20.57
C GLU J 25 34.01 -10.62 20.65
N ARG J 26 33.65 -11.21 19.52
CA ARG J 26 32.95 -12.48 19.57
C ARG J 26 33.94 -13.57 19.98
N PHE J 27 35.21 -13.35 19.67
CA PHE J 27 36.27 -14.28 20.07
C PHE J 27 36.45 -14.28 21.58
N THR J 28 36.50 -13.09 22.16
CA THR J 28 36.67 -12.95 23.61
C THR J 28 35.54 -13.59 24.40
N LEU J 29 34.30 -13.34 24.00
CA LEU J 29 33.14 -13.86 24.73
C LEU J 29 32.95 -15.34 24.57
N THR J 30 33.12 -15.84 23.37
CA THR J 30 32.91 -17.25 23.14
C THR J 30 33.99 -18.06 23.84
N GLN J 31 35.23 -17.59 23.86
CA GLN J 31 36.30 -18.35 24.53
C GLN J 31 36.20 -18.38 26.04
N GLU J 32 35.61 -17.36 26.63
CA GLU J 32 35.33 -17.42 28.05
C GLU J 32 34.22 -18.44 28.36
N LEU J 33 33.19 -18.48 27.52
CA LEU J 33 32.03 -19.38 27.69
C LEU J 33 32.12 -20.71 26.89
N GLN J 34 33.25 -20.88 26.19
CA GLN J 34 33.67 -22.06 25.43
C GLN J 34 34.15 -22.90 26.57
N ASP J 35 33.31 -23.81 27.07
CA ASP J 35 33.58 -24.73 28.21
C ASP J 35 32.43 -25.20 29.13
N GLN J 36 31.54 -24.31 29.51
CA GLN J 36 30.58 -24.63 30.60
C GLN J 36 29.07 -24.74 30.22
N SER J 37 28.78 -24.78 28.91
CA SER J 37 27.50 -25.27 28.42
C SER J 37 27.38 -26.64 29.10
N GLU J 38 28.46 -27.40 29.00
CA GLU J 38 28.56 -28.69 29.66
C GLU J 38 28.54 -28.45 31.19
N GLU J 39 27.85 -29.30 31.96
CA GLU J 39 27.94 -29.14 33.42
C GLU J 39 29.19 -29.86 33.90
N GLY J 40 29.59 -29.56 35.13
CA GLY J 40 30.81 -30.12 35.67
C GLY J 40 30.79 -31.62 35.85
N THR J 41 31.93 -32.26 35.58
CA THR J 41 32.06 -33.69 35.76
C THR J 41 32.87 -33.95 37.03
N ILE J 42 32.44 -34.92 37.82
CA ILE J 42 33.02 -35.15 39.13
C ILE J 42 34.45 -35.66 38.91
N PRO J 43 35.42 -35.11 39.66
CA PRO J 43 36.83 -35.30 39.30
C PRO J 43 37.29 -36.71 39.52
N PRO J 44 38.45 -37.08 38.94
CA PRO J 44 39.00 -38.42 39.15
C PRO J 44 39.23 -38.65 40.62
N THR J 45 39.02 -39.87 41.10
CA THR J 45 39.07 -40.12 42.53
C THR J 45 40.51 -40.06 43.02
N THR J 46 40.65 -39.67 44.28
CA THR J 46 41.94 -39.36 44.83
C THR J 46 42.04 -39.97 46.23
N LEU J 47 43.24 -40.17 46.77
CA LEU J 47 43.34 -40.67 48.14
C LEU J 47 42.98 -39.53 49.07
N LYS J 48 42.30 -39.83 50.16
CA LYS J 48 41.87 -38.79 51.07
C LYS J 48 42.15 -39.17 52.50
N PRO J 49 42.45 -38.18 53.34
CA PRO J 49 42.58 -38.47 54.76
C PRO J 49 41.22 -38.74 55.35
N VAL J 50 41.16 -39.54 56.40
CA VAL J 50 39.91 -39.78 57.08
C VAL J 50 39.70 -38.70 58.12
N ILE J 51 38.54 -38.07 58.08
CA ILE J 51 38.14 -37.11 59.09
C ILE J 51 37.13 -37.80 60.00
N ARG J 52 37.34 -37.72 61.30
CA ARG J 52 36.45 -38.38 62.25
C ARG J 52 35.50 -37.37 62.88
N VAL J 53 34.21 -37.63 62.77
CA VAL J 53 33.21 -36.70 63.25
C VAL J 53 32.45 -37.39 64.36
N PHE J 54 32.19 -36.73 65.49
CA PHE J 54 31.51 -37.44 66.57
C PHE J 54 29.99 -37.34 66.46
N ILE J 55 29.30 -38.46 66.62
CA ILE J 55 27.85 -38.47 66.47
C ILE J 55 27.22 -38.71 67.83
N LEU J 56 26.33 -37.81 68.19
CA LEU J 56 25.60 -37.88 69.44
C LEU J 56 24.14 -38.16 69.14
N THR J 57 23.62 -39.28 69.63
CA THR J 57 22.21 -39.63 69.36
C THR J 57 21.33 -38.96 70.42
N SER J 58 21.94 -38.63 71.55
CA SER J 58 21.23 -38.01 72.67
C SER J 58 20.94 -36.53 72.47
N ASN J 59 19.80 -36.11 73.03
CA ASN J 59 19.40 -34.72 73.02
C ASN J 59 19.64 -34.09 74.38
N ASN J 60 20.39 -34.79 75.23
CA ASN J 60 20.66 -34.32 76.58
C ASN J 60 21.52 -33.06 76.55
N PRO J 61 21.07 -31.99 77.22
CA PRO J 61 21.75 -30.71 77.13
C PRO J 61 23.18 -30.75 77.65
N GLU J 62 23.43 -31.51 78.70
CA GLU J 62 24.76 -31.49 79.28
C GLU J 62 25.74 -32.22 78.35
N LEU J 63 25.29 -33.30 77.72
CA LEU J 63 26.12 -34.03 76.77
C LEU J 63 26.41 -33.23 75.54
N ARG J 64 25.40 -32.54 75.04
CA ARG J 64 25.58 -31.69 73.88
C ARG J 64 26.59 -30.61 74.21
N SER J 65 26.46 -30.03 75.40
CA SER J 65 27.34 -28.94 75.80
C SER J 65 28.78 -29.38 75.98
N ARG J 66 28.99 -30.54 76.60
CA ARG J 66 30.35 -30.96 76.86
C ARG J 66 31.03 -31.43 75.57
N LEU J 67 30.27 -32.02 74.67
CA LEU J 67 30.84 -32.43 73.39
C LEU J 67 31.30 -31.22 72.60
N LEU J 68 30.56 -30.13 72.70
CA LEU J 68 30.96 -28.90 72.05
C LEU J 68 32.28 -28.39 72.62
N LEU J 69 32.33 -28.36 73.95
CA LEU J 69 33.48 -27.88 74.68
C LEU J 69 34.66 -28.79 74.39
N PHE J 70 34.39 -30.08 74.34
CA PHE J 70 35.40 -31.09 74.03
C PHE J 70 35.99 -30.86 72.66
N CYS J 71 35.11 -30.66 71.68
CA CYS J 71 35.52 -30.47 70.30
C CYS J 71 36.20 -29.14 70.13
N LEU J 72 35.72 -28.12 70.83
CA LEU J 72 36.30 -26.78 70.69
C LEU J 72 37.73 -26.81 71.16
N ARG J 73 37.98 -27.56 72.23
CA ARG J 73 39.32 -27.71 72.76
C ARG J 73 40.26 -28.46 71.83
N ILE J 74 39.77 -29.48 71.16
CA ILE J 74 40.59 -30.18 70.19
C ILE J 74 40.99 -29.28 69.02
N VAL J 75 40.07 -28.43 68.58
CA VAL J 75 40.35 -27.51 67.49
C VAL J 75 41.47 -26.56 67.85
N LEU J 76 41.48 -26.13 69.10
CA LEU J 76 42.44 -25.17 69.60
C LEU J 76 43.71 -25.80 70.15
N SER J 77 43.68 -27.13 70.30
CA SER J 77 44.76 -27.83 70.98
C SER J 77 46.09 -27.66 70.28
N ASN J 78 47.15 -27.70 71.08
CA ASN J 78 48.51 -27.59 70.58
C ASN J 78 48.88 -28.76 69.69
N GLY J 79 48.53 -29.97 70.12
CA GLY J 79 49.02 -31.17 69.48
C GLY J 79 48.22 -31.87 68.41
N ALA J 80 46.97 -31.47 68.16
CA ALA J 80 46.16 -32.20 67.19
C ALA J 80 46.66 -31.94 65.78
N ARG J 81 46.58 -32.96 64.94
CA ARG J 81 46.86 -32.75 63.53
C ARG J 81 45.56 -32.27 62.90
N ASP J 82 45.63 -31.83 61.64
CA ASP J 82 44.53 -31.20 60.94
C ASP J 82 43.28 -32.04 60.89
N SER J 83 43.45 -33.34 60.65
CA SER J 83 42.29 -34.22 60.49
C SER J 83 41.45 -34.24 61.74
N HIS J 84 42.08 -34.11 62.89
CA HIS J 84 41.37 -34.02 64.14
C HIS J 84 40.62 -32.70 64.26
N ARG J 85 41.28 -31.61 63.89
CA ARG J 85 40.70 -30.28 64.00
C ARG J 85 39.49 -30.17 63.09
N PHE J 86 39.61 -30.71 61.88
CA PHE J 86 38.53 -30.67 60.90
C PHE J 86 37.33 -31.45 61.42
N GLY J 87 37.59 -32.60 62.00
CA GLY J 87 36.55 -33.46 62.54
C GLY J 87 35.81 -32.82 63.69
N ALA J 88 36.55 -32.14 64.56
CA ALA J 88 35.92 -31.47 65.69
C ALA J 88 35.04 -30.34 65.19
N LEU J 89 35.53 -29.60 64.21
CA LEU J 89 34.76 -28.49 63.67
C LEU J 89 33.47 -28.99 63.07
N LEU J 90 33.57 -30.04 62.26
CA LEU J 90 32.40 -30.60 61.62
C LEU J 90 31.42 -31.10 62.66
N THR J 91 31.95 -31.61 63.77
CA THR J 91 31.08 -32.02 64.87
C THR J 91 30.37 -30.83 65.48
N MET J 92 31.11 -29.75 65.72
CA MET J 92 30.51 -28.58 66.33
C MET J 92 29.40 -28.00 65.48
N PHE J 93 29.66 -27.91 64.18
CA PHE J 93 28.67 -27.34 63.28
C PHE J 93 27.42 -28.20 63.16
N SER J 94 27.53 -29.45 63.58
CA SER J 94 26.40 -30.37 63.51
C SER J 94 25.68 -30.51 64.84
N LEU J 95 26.19 -29.87 65.88
CA LEU J 95 25.59 -30.01 67.19
C LEU J 95 24.18 -29.41 67.39
N PRO J 96 23.80 -28.35 66.65
CA PRO J 96 22.42 -27.89 66.82
C PRO J 96 21.32 -28.83 66.29
N SER J 97 21.65 -29.73 65.38
CA SER J 97 20.63 -30.54 64.71
C SER J 97 19.95 -31.56 65.61
N ALA J 98 18.67 -31.79 65.33
CA ALA J 98 17.88 -32.81 66.01
C ALA J 98 18.44 -34.20 65.73
N THR J 99 18.91 -34.43 64.50
CA THR J 99 19.67 -35.64 64.22
C THR J 99 21.00 -35.28 63.60
N MET J 100 22.08 -35.47 64.34
CA MET J 100 23.40 -35.13 63.84
C MET J 100 23.79 -35.98 62.65
N LEU J 101 23.31 -37.22 62.63
CA LEU J 101 23.78 -38.15 61.61
C LEU J 101 23.39 -37.60 60.25
N ASN J 102 22.18 -37.10 60.17
CA ASN J 102 21.71 -36.55 58.93
C ASN J 102 22.54 -35.34 58.51
N HIS J 103 23.02 -34.51 59.43
CA HIS J 103 23.74 -33.35 58.92
C HIS J 103 25.15 -33.74 58.56
N VAL J 104 25.67 -34.77 59.19
CA VAL J 104 27.03 -35.17 58.89
C VAL J 104 27.10 -35.75 57.48
N LYS J 105 25.99 -36.29 57.01
CA LYS J 105 25.92 -36.83 55.66
C LYS J 105 25.99 -35.72 54.62
N LEU J 106 25.80 -34.48 55.05
CA LEU J 106 26.00 -33.36 54.14
C LEU J 106 27.46 -33.25 53.75
N ALA J 107 28.34 -33.50 54.72
CA ALA J 107 29.77 -33.45 54.48
C ALA J 107 30.18 -34.54 53.50
N ASP J 108 29.39 -35.61 53.46
CA ASP J 108 29.72 -36.76 52.62
C ASP J 108 29.61 -36.40 51.15
N GLN J 109 28.95 -35.29 50.87
CA GLN J 109 28.71 -34.83 49.51
C GLN J 109 29.96 -34.20 48.92
N SER J 110 30.98 -34.03 49.75
CA SER J 110 32.25 -33.47 49.30
C SER J 110 33.13 -34.55 48.71
N PRO J 111 33.68 -34.28 47.52
CA PRO J 111 34.55 -35.22 46.80
C PRO J 111 35.88 -35.42 47.49
N GLU J 112 36.17 -34.60 48.49
CA GLU J 112 37.43 -34.67 49.20
C GLU J 112 37.18 -35.34 50.56
N ALA J 113 35.95 -35.77 50.77
CA ALA J 113 35.55 -36.21 52.09
C ALA J 113 35.60 -37.71 52.25
N ASP J 114 36.22 -38.14 53.34
CA ASP J 114 36.11 -39.51 53.80
C ASP J 114 35.88 -39.46 55.29
N ILE J 115 34.64 -39.65 55.71
CA ILE J 115 34.31 -39.43 57.11
C ILE J 115 34.08 -40.72 57.86
N GLU J 116 34.65 -40.82 59.05
CA GLU J 116 34.25 -41.88 59.95
C GLU J 116 33.52 -41.28 61.12
N ARG J 117 32.33 -41.82 61.36
CA ARG J 117 31.32 -41.23 62.22
C ARG J 117 31.45 -41.36 63.74
N VAL J 118 32.08 -42.40 64.26
CA VAL J 118 32.38 -42.42 65.70
C VAL J 118 31.18 -42.04 66.58
N GLU J 119 30.15 -42.89 66.63
CA GLU J 119 28.93 -42.62 67.39
C GLU J 119 29.30 -42.66 68.87
N ILE J 120 28.81 -41.73 69.69
CA ILE J 120 29.52 -41.55 70.93
C ILE J 120 28.80 -41.99 72.23
N ASP J 121 27.57 -41.56 72.55
CA ASP J 121 26.81 -41.96 73.79
C ASP J 121 27.09 -41.19 75.08
N GLY J 122 28.23 -40.52 75.20
CA GLY J 122 28.47 -39.77 76.42
C GLY J 122 29.90 -39.57 76.89
N PHE J 123 30.04 -39.03 78.09
CA PHE J 123 31.32 -38.79 78.72
C PHE J 123 31.33 -39.41 80.11
N GLU J 124 32.48 -39.93 80.55
CA GLU J 124 32.64 -40.43 81.91
C GLU J 124 32.63 -39.23 82.83
N GLU J 125 31.91 -39.31 83.95
CA GLU J 125 31.57 -38.10 84.69
C GLU J 125 32.85 -37.42 85.13
N GLY J 126 32.87 -36.09 85.07
CA GLY J 126 34.13 -35.38 85.16
C GLY J 126 34.86 -35.21 83.84
N SER J 127 35.12 -36.33 83.14
CA SER J 127 35.47 -36.31 81.71
C SER J 127 36.83 -35.59 81.48
N PHE J 128 37.25 -35.23 80.25
CA PHE J 128 36.73 -35.63 78.95
C PHE J 128 37.11 -37.04 78.51
N ARG J 129 36.67 -38.06 79.24
CA ARG J 129 36.91 -39.41 78.75
C ARG J 129 35.66 -39.87 78.04
N LEU J 130 35.81 -40.19 76.76
CA LEU J 130 34.67 -40.55 75.95
C LEU J 130 34.18 -41.92 76.38
N ILE J 131 32.86 -42.05 76.45
CA ILE J 131 32.22 -43.35 76.56
C ILE J 131 31.69 -43.62 75.19
N PRO J 132 32.23 -44.61 74.48
CA PRO J 132 31.81 -44.82 73.11
C PRO J 132 30.58 -45.69 73.00
N ASN J 133 29.81 -45.50 71.95
CA ASN J 133 28.68 -46.37 71.67
C ASN J 133 29.07 -47.82 71.43
N ALA J 134 28.46 -48.72 72.19
CA ALA J 134 28.37 -50.17 71.88
C ALA J 134 28.76 -50.54 70.46
N ARG J 135 28.18 -49.78 69.53
CA ARG J 135 28.35 -49.94 68.09
C ARG J 135 29.77 -49.83 67.56
N SER J 136 30.58 -48.88 68.01
CA SER J 136 32.00 -48.91 67.67
C SER J 136 32.85 -48.72 68.92
N GLY J 137 33.77 -49.65 69.16
CA GLY J 137 34.59 -49.59 70.35
C GLY J 137 35.70 -48.57 70.27
N MET J 138 36.34 -48.32 71.40
CA MET J 138 37.54 -47.50 71.43
C MET J 138 38.54 -48.10 72.41
N SER J 139 39.82 -48.00 72.09
CA SER J 139 40.85 -48.48 73.00
C SER J 139 40.95 -47.52 74.15
N ARG J 140 41.37 -48.00 75.31
CA ARG J 140 41.44 -47.12 76.47
C ARG J 140 42.64 -46.21 76.32
N GLY J 141 43.50 -46.56 75.37
CA GLY J 141 44.56 -45.68 74.94
C GLY J 141 44.01 -44.51 74.15
N GLU J 142 43.10 -44.81 73.23
CA GLU J 142 42.51 -43.79 72.38
C GLU J 142 41.54 -42.91 73.16
N ILE J 143 40.80 -43.50 74.10
CA ILE J 143 39.90 -42.73 74.94
C ILE J 143 40.73 -41.75 75.76
N ASN J 144 41.83 -42.24 76.34
CA ASN J 144 42.69 -41.41 77.14
C ASN J 144 43.50 -40.43 76.30
N ALA J 145 43.80 -40.80 75.06
CA ALA J 145 44.57 -39.95 74.18
C ALA J 145 43.78 -38.71 73.84
N TYR J 146 42.49 -38.89 73.64
CA TYR J 146 41.59 -37.79 73.35
C TYR J 146 41.43 -36.84 74.54
N ALA J 147 41.28 -37.42 75.73
CA ALA J 147 41.09 -36.61 76.92
C ALA J 147 42.29 -35.70 77.18
N ALA J 148 43.48 -36.18 76.84
CA ALA J 148 44.68 -35.37 76.95
C ALA J 148 44.69 -34.26 75.93
N LEU J 149 44.28 -34.59 74.70
CA LEU J 149 44.30 -33.64 73.58
C LEU J 149 43.35 -32.50 73.81
N ALA J 150 42.27 -32.76 74.53
CA ALA J 150 41.30 -31.74 74.84
C ALA J 150 41.89 -30.75 75.82
N GLU J 151 43.08 -31.04 76.33
CA GLU J 151 43.75 -30.13 77.25
C GLU J 151 45.14 -29.66 76.78
N ASP J 152 45.38 -29.68 75.48
CA ASP J 152 46.63 -29.12 74.95
C ASP J 152 46.41 -27.67 74.56
N LEU J 153 45.52 -26.99 75.29
CA LEU J 153 45.22 -25.59 75.05
C LEU J 153 46.52 -24.79 75.14
N PRO J 154 46.68 -23.78 74.27
CA PRO J 154 47.92 -22.99 74.24
C PRO J 154 48.19 -22.01 75.39
N ASP J 155 49.46 -21.59 75.46
CA ASP J 155 49.92 -20.59 76.42
C ASP J 155 49.20 -19.29 76.18
N THR J 156 49.11 -18.98 74.90
CA THR J 156 48.51 -17.78 74.36
C THR J 156 47.06 -17.64 74.72
N LEU J 157 46.40 -18.72 75.14
CA LEU J 157 44.98 -18.55 75.44
C LEU J 157 44.85 -17.82 76.76
N ASN J 158 45.07 -18.43 77.93
CA ASN J 158 44.75 -17.74 79.20
C ASN J 158 43.22 -17.65 79.31
N HIS J 159 42.54 -18.06 80.39
CA HIS J 159 42.99 -18.77 81.58
C HIS J 159 42.84 -20.27 81.42
N ALA J 160 43.46 -20.91 80.44
CA ALA J 160 43.31 -22.37 80.30
C ALA J 160 41.92 -22.72 79.80
N THR J 161 41.23 -21.70 79.28
CA THR J 161 39.94 -21.89 78.62
C THR J 161 39.97 -21.03 77.36
N PRO J 162 39.14 -21.37 76.37
CA PRO J 162 38.93 -20.42 75.28
C PRO J 162 37.71 -19.57 75.53
N PHE J 163 37.70 -18.62 76.44
CA PHE J 163 36.44 -17.95 76.73
C PHE J 163 36.45 -16.59 77.39
N VAL J 164 37.62 -16.04 77.68
CA VAL J 164 37.78 -14.71 78.30
C VAL J 164 37.04 -14.68 79.65
N ASP J 165 35.74 -14.93 79.67
CA ASP J 165 35.01 -15.08 80.92
C ASP J 165 35.38 -16.45 81.49
N SER J 166 36.37 -16.49 82.38
CA SER J 166 36.93 -17.77 82.82
C SER J 166 36.01 -18.64 83.65
N GLU J 167 34.70 -18.52 83.49
CA GLU J 167 33.81 -19.24 84.38
C GLU J 167 32.70 -19.95 83.63
N VAL J 168 32.64 -19.72 82.33
CA VAL J 168 31.57 -20.32 81.54
C VAL J 168 31.65 -21.83 81.55
N GLU J 169 32.84 -22.38 81.33
CA GLU J 169 32.99 -23.81 81.17
C GLU J 169 32.59 -24.61 82.40
N GLY J 170 32.44 -23.93 83.52
CA GLY J 170 32.06 -24.57 84.77
C GLY J 170 30.56 -24.55 84.99
N THR J 171 29.84 -23.99 84.02
CA THR J 171 28.38 -23.88 84.09
C THR J 171 27.73 -25.24 84.23
N ALA J 172 26.47 -25.24 84.68
CA ALA J 172 25.69 -26.46 84.72
C ALA J 172 24.72 -26.35 83.56
N TRP J 173 24.92 -27.22 82.58
CA TRP J 173 24.16 -27.16 81.35
C TRP J 173 22.90 -27.99 81.53
N ASP J 174 22.02 -27.55 82.42
CA ASP J 174 20.82 -28.29 82.76
C ASP J 174 19.72 -28.14 81.73
N GLU J 175 19.69 -27.00 81.05
CA GLU J 175 18.57 -26.74 80.16
C GLU J 175 19.05 -26.58 78.74
N ILE J 176 18.23 -27.10 77.83
CA ILE J 176 18.56 -27.09 76.41
C ILE J 176 18.75 -25.66 75.91
N GLU J 177 18.07 -24.69 76.52
CA GLU J 177 18.20 -23.29 76.12
C GLU J 177 19.63 -22.81 76.25
N THR J 178 20.27 -23.25 77.33
CA THR J 178 21.62 -22.83 77.65
C THR J 178 22.61 -23.39 76.65
N PHE J 179 22.40 -24.65 76.28
CA PHE J 179 23.28 -25.29 75.32
C PHE J 179 23.20 -24.54 74.01
N LEU J 180 21.97 -24.30 73.56
CA LEU J 180 21.75 -23.66 72.28
C LEU J 180 22.29 -22.24 72.28
N ASP J 181 22.14 -21.56 73.40
CA ASP J 181 22.62 -20.18 73.52
C ASP J 181 24.13 -20.12 73.38
N MET J 182 24.85 -21.04 74.02
CA MET J 182 26.29 -21.12 73.82
C MET J 182 26.62 -21.61 72.42
N CYS J 183 25.96 -22.68 72.00
CA CYS J 183 26.28 -23.30 70.73
C CYS J 183 26.18 -22.32 69.58
N TYR J 184 25.08 -21.57 69.51
CA TYR J 184 24.89 -20.61 68.45
C TYR J 184 25.91 -19.51 68.58
N SER J 185 26.21 -19.12 69.81
CA SER J 185 27.19 -18.06 70.04
C SER J 185 28.59 -18.47 69.64
N VAL J 186 29.02 -19.69 69.99
CA VAL J 186 30.33 -20.15 69.58
C VAL J 186 30.37 -20.36 68.08
N LEU J 187 29.32 -20.98 67.53
CA LEU J 187 29.28 -21.22 66.09
C LEU J 187 29.31 -19.93 65.29
N MET J 188 28.63 -18.90 65.76
CA MET J 188 28.59 -17.63 65.04
C MET J 188 29.97 -17.00 64.92
N GLN J 189 30.80 -17.14 65.95
CA GLN J 189 32.16 -16.61 65.93
C GLN J 189 33.00 -17.32 64.88
N ALA J 190 32.76 -18.61 64.70
CA ALA J 190 33.40 -19.37 63.62
C ALA J 190 32.93 -18.90 62.26
N TRP J 191 31.64 -18.64 62.14
CA TRP J 191 31.06 -18.19 60.88
C TRP J 191 31.65 -16.84 60.49
N ILE J 192 31.88 -15.99 61.49
CA ILE J 192 32.38 -14.63 61.26
C ILE J 192 33.78 -14.59 60.66
N VAL J 193 34.60 -15.58 60.97
CA VAL J 193 35.97 -15.60 60.48
C VAL J 193 36.16 -16.56 59.32
N THR J 194 35.07 -16.92 58.66
CA THR J 194 35.11 -17.96 57.65
C THR J 194 35.87 -17.61 56.38
N CYS J 195 35.69 -16.42 55.83
CA CYS J 195 36.38 -16.18 54.59
C CYS J 195 37.35 -15.02 54.74
N LYS J 196 38.32 -15.21 55.64
CA LYS J 196 39.37 -14.23 55.92
C LYS J 196 40.73 -14.92 55.73
N CYS J 197 41.59 -14.30 54.95
CA CYS J 197 42.88 -14.87 54.56
C CYS J 197 44.03 -14.84 55.58
N MET J 198 43.97 -13.91 56.54
CA MET J 198 44.74 -13.85 57.84
C MET J 198 45.04 -12.39 58.21
N GLN J 203 46.04 -7.07 66.74
CA GLN J 203 46.19 -7.62 65.39
C GLN J 203 44.84 -7.57 64.65
N PRO J 204 44.84 -7.96 63.35
CA PRO J 204 43.65 -8.04 62.50
C PRO J 204 42.48 -8.78 63.16
N ALA J 205 41.27 -8.73 62.58
CA ALA J 205 40.93 -7.74 61.54
C ALA J 205 39.91 -6.76 62.09
N ALA J 206 39.69 -5.65 61.39
CA ALA J 206 38.77 -4.63 61.88
C ALA J 206 37.31 -5.05 61.75
N SER J 207 37.01 -5.76 60.66
CA SER J 207 35.66 -6.19 60.35
C SER J 207 35.05 -7.04 61.46
N ILE J 208 35.87 -7.90 62.02
CA ILE J 208 35.41 -8.91 62.96
C ILE J 208 34.69 -8.30 64.14
N GLU J 209 35.26 -7.27 64.77
CA GLU J 209 34.59 -6.75 65.96
C GLU J 209 33.28 -6.04 65.69
N LYS J 210 33.07 -5.50 64.50
CA LYS J 210 31.73 -4.96 64.20
C LYS J 210 30.73 -6.08 63.91
N ARG J 211 31.19 -7.22 63.39
CA ARG J 211 30.29 -8.34 63.23
C ARG J 211 29.82 -8.84 64.58
N LEU J 212 30.73 -8.94 65.54
CA LEU J 212 30.35 -9.38 66.88
C LEU J 212 29.39 -8.39 67.49
N GLN J 213 29.59 -7.11 67.22
CA GLN J 213 28.69 -6.16 67.83
C GLN J 213 27.32 -6.32 67.24
N LYS J 214 27.24 -6.59 65.94
CA LYS J 214 25.94 -6.72 65.31
C LYS J 214 25.13 -7.83 65.94
N TYR J 215 25.76 -9.00 66.07
CA TYR J 215 25.09 -10.17 66.57
C TYR J 215 24.84 -10.13 68.07
N ARG J 216 25.58 -9.33 68.82
CA ARG J 216 25.25 -9.14 70.22
C ARG J 216 23.98 -8.34 70.44
N GLN J 217 23.85 -7.27 69.67
CA GLN J 217 22.77 -6.31 69.82
C GLN J 217 21.51 -6.95 69.28
N GLN J 218 21.71 -7.87 68.36
CA GLN J 218 20.64 -8.70 67.86
C GLN J 218 20.33 -9.85 68.81
N GLY J 219 21.23 -10.14 69.74
CA GLY J 219 20.96 -11.22 70.67
C GLY J 219 21.32 -12.59 70.11
N ARG J 220 21.92 -12.61 68.93
CA ARG J 220 22.37 -13.86 68.33
C ARG J 220 23.63 -14.38 68.98
N ILE J 221 24.48 -13.47 69.45
CA ILE J 221 25.64 -13.88 70.23
C ILE J 221 25.50 -13.35 71.64
N ASN J 222 25.79 -14.22 72.61
CA ASN J 222 25.71 -13.88 74.02
C ASN J 222 27.11 -13.60 74.50
N PRO J 223 27.33 -12.40 75.08
CA PRO J 223 28.68 -11.96 75.39
C PRO J 223 29.39 -12.89 76.37
N ARG J 224 28.60 -13.67 77.09
CA ARG J 224 29.15 -14.59 78.07
C ARG J 224 30.02 -15.63 77.39
N TYR J 225 29.64 -16.00 76.17
CA TYR J 225 30.29 -17.09 75.48
C TYR J 225 31.21 -16.55 74.41
N LEU J 226 31.73 -15.34 74.63
CA LEU J 226 32.67 -14.78 73.70
C LEU J 226 33.95 -15.57 73.80
N LEU J 227 34.64 -15.67 72.68
CA LEU J 227 35.85 -16.47 72.65
C LEU J 227 36.97 -15.48 72.74
N GLN J 228 38.11 -15.91 73.22
CA GLN J 228 39.26 -15.03 73.18
C GLN J 228 39.71 -14.86 71.75
N PRO J 229 40.20 -13.66 71.40
CA PRO J 229 40.54 -13.37 70.01
C PRO J 229 41.56 -14.36 69.48
N GLU J 230 42.38 -14.90 70.35
CA GLU J 230 43.35 -15.87 69.88
C GLU J 230 42.69 -17.20 69.51
N ALA J 231 41.62 -17.56 70.20
CA ALA J 231 40.90 -18.78 69.83
C ALA J 231 40.30 -18.68 68.45
N ARG J 232 39.73 -17.53 68.14
CA ARG J 232 39.12 -17.32 66.84
C ARG J 232 40.12 -17.41 65.70
N ARG J 233 41.31 -16.88 65.89
CA ARG J 233 42.33 -16.88 64.83
C ARG J 233 42.81 -18.32 64.55
N ILE J 234 42.83 -19.16 65.58
CA ILE J 234 43.13 -20.57 65.39
C ILE J 234 42.01 -21.22 64.58
N ILE J 235 40.77 -20.92 64.93
CA ILE J 235 39.64 -21.42 64.16
C ILE J 235 39.65 -20.88 62.74
N GLN J 236 40.00 -19.61 62.61
CA GLN J 236 40.16 -18.97 61.31
C GLN J 236 41.16 -19.73 60.46
N ASN J 237 42.26 -20.15 61.09
CA ASN J 237 43.33 -20.89 60.45
C ASN J 237 42.92 -22.28 60.02
N VAL J 238 42.21 -22.99 60.89
CA VAL J 238 41.72 -24.32 60.57
C VAL J 238 40.73 -24.29 59.42
N ILE J 239 39.84 -23.30 59.42
CA ILE J 239 38.84 -23.22 58.35
C ILE J 239 39.45 -22.95 56.98
N ARG J 240 40.45 -22.07 56.86
CA ARG J 240 41.02 -21.87 55.52
C ARG J 240 41.75 -23.15 55.08
N LYS J 241 42.36 -23.87 56.03
CA LYS J 241 43.05 -25.12 55.73
C LYS J 241 42.11 -26.26 55.29
N GLY J 242 40.92 -26.32 55.85
CA GLY J 242 40.03 -27.45 55.62
C GLY J 242 39.08 -27.29 54.46
N MET J 243 39.38 -27.98 53.37
CA MET J 243 38.55 -27.91 52.18
C MET J 243 37.22 -28.62 52.42
N VAL J 244 37.28 -29.82 52.98
CA VAL J 244 36.08 -30.56 53.32
C VAL J 244 35.20 -29.77 54.29
N VAL J 245 35.81 -29.11 55.26
CA VAL J 245 35.06 -28.29 56.20
C VAL J 245 34.39 -27.16 55.46
N ARG J 246 35.16 -26.49 54.62
CA ARG J 246 34.67 -25.37 53.82
C ARG J 246 33.57 -25.79 52.85
N HIS J 247 33.67 -27.00 52.31
CA HIS J 247 32.61 -27.54 51.47
C HIS J 247 31.31 -27.64 52.26
N PHE J 248 31.43 -28.18 53.47
CA PHE J 248 30.30 -28.35 54.34
C PHE J 248 29.66 -27.02 54.66
N LEU J 249 30.47 -25.99 54.89
CA LEU J 249 29.95 -24.66 55.18
C LEU J 249 29.18 -24.12 54.00
N THR J 250 29.68 -24.41 52.80
CA THR J 250 29.02 -24.00 51.58
C THR J 250 27.65 -24.61 51.50
N PHE J 251 27.55 -25.88 51.85
CA PHE J 251 26.30 -26.60 51.77
C PHE J 251 25.27 -25.99 52.73
N GLU J 252 25.74 -25.63 53.91
CA GLU J 252 24.90 -24.98 54.93
C GLU J 252 24.49 -23.58 54.52
N LEU J 253 25.40 -22.85 53.89
CA LEU J 253 25.11 -21.50 53.49
C LEU J 253 24.04 -21.52 52.41
N GLN J 254 24.09 -22.53 51.53
CA GLN J 254 23.07 -22.76 50.50
C GLN J 254 21.73 -23.16 51.07
N LEU J 255 21.75 -23.93 52.15
CA LEU J 255 20.51 -24.36 52.78
C LEU J 255 19.85 -23.15 53.40
N ALA J 256 20.67 -22.24 53.89
CA ALA J 256 20.19 -21.01 54.48
C ALA J 256 19.52 -20.11 53.45
N ARG J 257 19.91 -20.21 52.19
CA ARG J 257 19.32 -19.37 51.16
C ARG J 257 17.92 -19.80 50.79
N ALA J 258 17.67 -21.10 50.83
CA ALA J 258 16.43 -21.65 50.37
C ALA J 258 15.37 -21.64 51.46
N GLN J 259 15.69 -21.05 52.60
CA GLN J 259 14.78 -21.07 53.73
C GLN J 259 13.64 -20.14 53.43
N SER J 260 12.48 -20.38 54.04
CA SER J 260 11.34 -19.49 53.90
C SER J 260 11.54 -18.27 54.81
N LEU J 261 10.69 -17.26 54.64
CA LEU J 261 10.80 -16.05 55.46
C LEU J 261 10.57 -16.39 56.93
N VAL J 262 9.72 -17.39 57.15
CA VAL J 262 9.51 -17.92 58.48
C VAL J 262 10.38 -19.15 58.66
N SER J 263 11.34 -19.05 59.55
CA SER J 263 12.45 -19.99 59.62
C SER J 263 12.73 -20.36 61.05
N ASN J 264 13.90 -20.94 61.30
CA ASN J 264 14.29 -21.16 62.69
C ASN J 264 15.47 -20.29 63.08
N ARG J 265 15.85 -20.34 64.34
CA ARG J 265 16.80 -19.42 64.91
C ARG J 265 18.18 -19.55 64.30
N TYR J 266 18.64 -20.79 64.16
CA TYR J 266 19.99 -21.01 63.65
C TYR J 266 20.12 -20.60 62.20
N TYR J 267 19.20 -21.04 61.35
CA TYR J 267 19.34 -20.76 59.94
C TYR J 267 19.02 -19.32 59.57
N ALA J 268 18.19 -18.63 60.35
CA ALA J 268 18.03 -17.20 60.13
C ALA J 268 19.37 -16.52 60.36
N MET J 269 20.04 -17.00 61.39
CA MET J 269 21.33 -16.52 61.83
C MET J 269 22.40 -16.80 60.78
N VAL J 270 22.42 -18.03 60.27
CA VAL J 270 23.38 -18.45 59.25
C VAL J 270 23.17 -17.72 57.93
N GLY J 271 21.93 -17.49 57.57
CA GLY J 271 21.62 -16.76 56.36
C GLY J 271 22.12 -15.33 56.42
N ASP J 272 22.00 -14.72 57.59
CA ASP J 272 22.39 -13.34 57.77
C ASP J 272 23.90 -13.22 57.61
N VAL J 273 24.64 -14.08 58.31
CA VAL J 273 26.09 -13.97 58.29
C VAL J 273 26.59 -14.39 56.92
N GLY J 274 25.80 -15.21 56.23
CA GLY J 274 26.18 -15.70 54.93
C GLY J 274 26.30 -14.60 53.89
N LYS J 275 25.55 -13.53 54.06
CA LYS J 275 25.54 -12.47 53.06
C LYS J 275 26.85 -11.69 53.10
N TYR J 276 27.52 -11.70 54.23
CA TYR J 276 28.87 -11.15 54.33
C TYR J 276 29.89 -12.03 53.63
N ILE J 277 29.70 -13.35 53.74
CA ILE J 277 30.58 -14.33 53.10
C ILE J 277 30.42 -14.40 51.57
N GLU J 278 29.22 -14.14 51.06
CA GLU J 278 28.97 -14.24 49.63
C GLU J 278 29.94 -13.36 48.84
N ASN J 279 30.46 -13.91 47.75
CA ASN J 279 31.35 -13.23 46.81
C ASN J 279 32.65 -12.77 47.44
N CYS J 280 32.97 -13.37 48.58
CA CYS J 280 34.27 -13.21 49.21
C CYS J 280 35.40 -13.51 48.24
N GLY J 281 36.47 -12.72 48.27
CA GLY J 281 37.68 -13.04 47.53
C GLY J 281 37.62 -12.53 46.12
N MET J 282 36.56 -11.80 45.80
CA MET J 282 36.34 -11.30 44.45
C MET J 282 36.19 -9.79 44.41
N GLY J 283 36.85 -9.10 45.34
CA GLY J 283 36.70 -7.67 45.47
C GLY J 283 37.11 -6.96 44.21
N GLY J 284 38.19 -7.42 43.59
CA GLY J 284 38.70 -6.77 42.40
C GLY J 284 37.69 -6.72 41.29
N PHE J 285 36.95 -7.82 41.12
CA PHE J 285 35.93 -7.88 40.08
C PHE J 285 34.73 -7.00 40.37
N PHE J 286 34.13 -7.16 41.54
CA PHE J 286 32.92 -6.45 41.88
C PHE J 286 33.14 -4.96 42.13
N LEU J 287 34.31 -4.60 42.66
CA LEU J 287 34.62 -3.20 42.87
C LEU J 287 34.82 -2.47 41.56
N THR J 288 35.42 -3.15 40.60
CA THR J 288 35.58 -2.56 39.27
C THR J 288 34.24 -2.35 38.63
N LEU J 289 33.32 -3.31 38.78
CA LEU J 289 31.98 -3.11 38.25
C LEU J 289 31.32 -1.90 38.91
N LYS J 290 31.42 -1.85 40.23
CA LYS J 290 30.72 -0.86 41.05
C LYS J 290 31.15 0.58 40.77
N TYR J 291 32.45 0.83 40.75
CA TYR J 291 32.93 2.20 40.55
C TYR J 291 33.15 2.56 39.09
N ALA J 292 33.76 1.68 38.30
CA ALA J 292 33.98 2.00 36.90
C ALA J 292 32.67 2.05 36.09
N LEU J 293 31.87 1.00 36.20
CA LEU J 293 30.63 0.89 35.41
C LEU J 293 29.44 1.50 36.12
N GLY J 294 29.44 1.43 37.45
CA GLY J 294 28.35 1.99 38.23
C GLY J 294 28.24 3.50 38.12
N THR J 295 29.38 4.18 38.08
CA THR J 295 29.42 5.63 37.98
C THR J 295 28.99 6.14 36.61
N ARG J 296 29.28 5.38 35.56
CA ARG J 296 28.87 5.75 34.20
C ARG J 296 29.39 7.15 33.85
N TRP J 297 30.64 7.42 34.19
CA TRP J 297 31.24 8.71 33.84
C TRP J 297 31.80 8.70 32.45
N PRO J 298 31.98 9.90 31.86
CA PRO J 298 32.36 10.00 30.46
C PRO J 298 33.69 9.34 30.13
N THR J 299 34.57 9.22 31.11
CA THR J 299 35.88 8.62 30.88
C THR J 299 35.78 7.14 30.53
N LEU J 300 34.60 6.55 30.74
CA LEU J 300 34.41 5.16 30.42
C LEU J 300 34.41 4.93 28.91
N ALA J 301 34.38 6.03 28.16
CA ALA J 301 34.34 5.95 26.71
C ALA J 301 35.72 5.98 26.08
N LEU J 302 36.76 5.97 26.91
CA LEU J 302 38.12 5.93 26.40
C LEU J 302 38.31 4.67 25.58
N ALA J 303 39.12 4.79 24.53
CA ALA J 303 39.35 3.66 23.64
C ALA J 303 40.16 2.60 24.37
N ALA J 304 41.01 3.01 25.28
CA ALA J 304 41.87 2.07 25.99
C ALA J 304 41.05 1.04 26.79
N PHE J 305 39.93 1.46 27.34
CA PHE J 305 39.05 0.57 28.09
C PHE J 305 38.27 -0.41 27.22
N SER J 306 38.31 -0.23 25.91
CA SER J 306 37.39 -0.89 25.00
C SER J 306 37.44 -2.41 25.04
N GLY J 307 38.64 -2.97 24.98
CA GLY J 307 38.80 -4.41 25.01
C GLY J 307 38.43 -4.96 26.37
N GLU J 308 38.82 -4.24 27.41
CA GLU J 308 38.60 -4.66 28.78
C GLU J 308 37.13 -4.62 29.16
N LEU J 309 36.40 -3.67 28.60
CA LEU J 309 34.97 -3.58 28.83
C LEU J 309 34.30 -4.82 28.26
N THR J 310 34.82 -5.31 27.15
CA THR J 310 34.35 -6.55 26.56
C THR J 310 34.69 -7.75 27.44
N LYS J 311 35.82 -7.69 28.13
CA LYS J 311 36.24 -8.77 29.01
C LYS J 311 35.32 -8.88 30.23
N LEU J 312 34.95 -7.73 30.81
CA LEU J 312 34.03 -7.69 31.94
C LEU J 312 32.67 -8.22 31.55
N LYS J 313 32.24 -7.93 30.33
CA LYS J 313 30.96 -8.39 29.83
C LYS J 313 30.92 -9.91 29.77
N SER J 314 32.02 -10.50 29.33
CA SER J 314 32.17 -11.96 29.34
C SER J 314 32.18 -12.52 30.75
N LEU J 315 32.87 -11.83 31.65
CA LEU J 315 32.96 -12.29 33.03
C LEU J 315 31.61 -12.28 33.74
N MET J 316 30.80 -11.27 33.48
CA MET J 316 29.46 -11.28 34.02
C MET J 316 28.67 -12.43 33.44
N ALA J 317 28.87 -12.69 32.15
CA ALA J 317 28.19 -13.80 31.48
C ALA J 317 28.64 -15.13 32.05
N LEU J 318 29.93 -15.26 32.34
CA LEU J 318 30.44 -16.48 32.96
C LEU J 318 29.90 -16.66 34.36
N TYR J 319 29.86 -15.57 35.12
CA TYR J 319 29.40 -15.61 36.51
C TYR J 319 28.00 -16.12 36.60
N GLN J 320 27.15 -15.68 35.68
CA GLN J 320 25.78 -16.14 35.67
C GLN J 320 25.63 -17.58 35.23
N THR J 321 26.45 -18.06 34.31
CA THR J 321 26.36 -19.47 33.95
C THR J 321 26.74 -20.39 35.10
N LEU J 322 27.56 -19.91 36.02
CA LEU J 322 28.06 -20.73 37.13
C LEU J 322 27.01 -21.19 38.13
N GLY J 323 25.94 -20.42 38.31
CA GLY J 323 24.85 -20.87 39.16
C GLY J 323 24.88 -20.23 40.52
N GLU J 324 24.20 -20.86 41.47
CA GLU J 324 24.17 -20.35 42.83
C GLU J 324 25.56 -20.36 43.43
N GLN J 325 26.38 -21.28 42.98
CA GLN J 325 27.63 -21.56 43.64
C GLN J 325 28.71 -20.58 43.25
N ALA J 326 28.40 -19.64 42.37
CA ALA J 326 29.33 -18.58 42.02
C ALA J 326 29.62 -17.68 43.21
N ARG J 327 28.76 -17.71 44.21
CA ARG J 327 28.96 -16.89 45.38
C ARG J 327 30.09 -17.42 46.22
N TYR J 328 30.40 -18.69 46.02
CA TYR J 328 31.26 -19.38 46.97
C TYR J 328 32.56 -19.86 46.35
N LEU J 329 33.00 -19.22 45.28
CA LEU J 329 34.17 -19.70 44.56
C LEU J 329 35.41 -19.71 45.44
N ALA J 330 35.57 -18.66 46.25
CA ALA J 330 36.72 -18.55 47.12
C ALA J 330 36.71 -19.68 48.15
N LEU J 331 35.55 -19.90 48.77
CA LEU J 331 35.41 -20.93 49.77
C LEU J 331 35.66 -22.30 49.18
N LEU J 332 35.12 -22.50 47.97
CA LEU J 332 35.23 -23.75 47.24
C LEU J 332 36.62 -23.98 46.66
N GLU J 333 37.41 -22.90 46.57
CA GLU J 333 38.77 -22.91 46.02
C GLU J 333 38.76 -23.14 44.51
N SER J 334 37.70 -22.68 43.84
CA SER J 334 37.54 -22.91 42.41
C SER J 334 38.53 -22.18 41.54
N PRO J 335 39.03 -22.87 40.50
CA PRO J 335 39.95 -22.29 39.54
C PRO J 335 39.35 -21.09 38.84
N HIS J 336 38.01 -21.02 38.85
CA HIS J 336 37.27 -19.95 38.22
C HIS J 336 37.57 -18.62 38.87
N LEU J 337 38.15 -18.68 40.06
CA LEU J 337 38.43 -17.45 40.76
C LEU J 337 39.53 -16.73 40.01
N MET J 338 40.29 -17.48 39.23
CA MET J 338 41.37 -16.95 38.40
C MET J 338 40.85 -16.16 37.21
N ASP J 339 39.67 -16.53 36.72
CA ASP J 339 39.07 -15.88 35.58
C ASP J 339 38.79 -14.41 35.85
N PHE J 340 38.42 -14.12 37.10
CA PHE J 340 37.99 -12.78 37.49
C PHE J 340 39.12 -11.97 38.07
N ALA J 341 40.33 -12.50 37.98
CA ALA J 341 41.48 -11.79 38.50
C ALA J 341 41.60 -10.49 37.77
N ALA J 342 41.97 -9.44 38.50
CA ALA J 342 41.96 -8.08 37.96
C ALA J 342 42.97 -7.90 36.84
N ALA J 343 43.92 -8.82 36.73
CA ALA J 343 44.97 -8.71 35.72
C ALA J 343 44.42 -8.76 34.30
N ASN J 344 43.21 -9.30 34.14
CA ASN J 344 42.56 -9.35 32.84
C ASN J 344 42.04 -8.00 32.37
N TYR J 345 41.76 -7.10 33.31
CA TYR J 345 41.31 -5.76 32.98
C TYR J 345 42.06 -4.71 33.80
N PRO J 346 43.38 -4.61 33.61
CA PRO J 346 44.18 -3.79 34.54
C PRO J 346 43.85 -2.31 34.50
N LEU J 347 43.60 -1.77 33.31
CA LEU J 347 43.33 -0.34 33.19
C LEU J 347 42.02 0.05 33.87
N LEU J 348 40.96 -0.69 33.57
CA LEU J 348 39.66 -0.43 34.18
C LEU J 348 39.73 -0.62 35.68
N TYR J 349 40.52 -1.58 36.12
CA TYR J 349 40.65 -1.86 37.54
C TYR J 349 41.29 -0.67 38.24
N SER J 350 42.42 -0.24 37.69
CA SER J 350 43.14 0.90 38.23
C SER J 350 42.23 2.10 38.29
N TYR J 351 41.54 2.33 37.19
CA TYR J 351 40.64 3.46 37.05
C TYR J 351 39.52 3.36 38.07
N ALA J 352 38.97 2.17 38.23
CA ALA J 352 37.90 1.96 39.22
C ALA J 352 38.40 2.18 40.64
N MET J 353 39.64 1.76 40.91
CA MET J 353 40.24 1.89 42.22
C MET J 353 40.41 3.36 42.60
N GLY J 354 40.78 4.17 41.62
CA GLY J 354 40.94 5.60 41.82
C GLY J 354 39.64 6.29 42.16
N ILE J 355 38.58 5.89 41.49
CA ILE J 355 37.26 6.45 41.74
C ILE J 355 36.78 6.12 43.15
N GLY J 356 36.93 4.87 43.55
CA GLY J 356 36.48 4.43 44.86
C GLY J 356 37.24 5.15 45.96
N TYR J 357 38.51 5.44 45.70
CA TYR J 357 39.38 6.03 46.70
C TYR J 357 38.85 7.39 47.16
N VAL J 358 38.42 8.23 46.25
CA VAL J 358 37.80 9.48 46.66
C VAL J 358 36.31 9.30 47.02
N LEU J 359 35.59 8.47 46.28
CA LEU J 359 34.16 8.32 46.48
C LEU J 359 33.79 7.69 47.81
N ASP J 360 34.61 6.75 48.29
CA ASP J 360 34.33 6.09 49.56
C ASP J 360 35.53 6.16 50.46
N VAL J 361 35.32 6.64 51.67
CA VAL J 361 36.43 6.82 52.61
C VAL J 361 37.01 5.49 53.03
N ASN J 362 36.15 4.46 53.05
CA ASN J 362 36.56 3.13 53.46
C ASN J 362 37.48 2.45 52.46
N MET J 363 37.46 2.92 51.22
CA MET J 363 38.26 2.32 50.15
C MET J 363 39.77 2.47 50.35
N ARG J 364 40.19 3.45 51.13
CA ARG J 364 41.62 3.65 51.38
C ARG J 364 42.30 2.42 52.00
N ASN J 365 41.56 1.69 52.82
CA ASN J 365 42.14 0.55 53.52
C ASN J 365 41.99 -0.76 52.76
N TYR J 366 41.38 -0.72 51.58
CA TYR J 366 41.39 -1.88 50.71
C TYR J 366 42.78 -2.05 50.12
N ALA J 367 43.21 -3.30 49.94
CA ALA J 367 44.53 -3.54 49.39
C ALA J 367 44.45 -3.50 47.88
N PHE J 368 44.31 -2.29 47.35
CA PHE J 368 44.09 -2.10 45.92
C PHE J 368 45.38 -2.16 45.11
N SER J 369 46.52 -1.98 45.78
CA SER J 369 47.79 -1.95 45.07
C SER J 369 48.15 -3.33 44.56
N ARG J 370 48.56 -3.41 43.30
CA ARG J 370 48.82 -4.70 42.66
C ARG J 370 49.94 -4.55 41.61
N SER J 371 50.45 -5.67 41.14
CA SER J 371 51.57 -5.68 40.20
C SER J 371 51.28 -4.99 38.88
N TYR J 372 50.09 -5.23 38.34
CA TYR J 372 49.68 -4.74 37.02
C TYR J 372 48.98 -3.40 37.12
N MET J 373 48.97 -2.85 38.33
CA MET J 373 48.32 -1.59 38.61
C MET J 373 48.95 -0.46 37.81
N ASN J 374 48.13 0.33 37.12
CA ASN J 374 48.66 1.36 36.23
C ASN J 374 48.45 2.71 36.88
N LYS J 375 49.55 3.30 37.31
CA LYS J 375 49.53 4.47 38.17
C LYS J 375 48.90 5.67 37.49
N THR J 376 49.04 5.73 36.17
CA THR J 376 48.46 6.82 35.40
C THR J 376 46.95 6.79 35.43
N TYR J 377 46.39 5.61 35.18
CA TYR J 377 44.94 5.43 35.14
C TYR J 377 44.29 5.48 36.51
N PHE J 378 45.03 5.14 37.55
CA PHE J 378 44.53 5.33 38.90
C PHE J 378 44.24 6.81 39.14
N GLN J 379 45.18 7.66 38.78
CA GLN J 379 45.03 9.08 38.97
C GLN J 379 43.93 9.63 38.08
N LEU J 380 43.77 9.04 36.90
CA LEU J 380 42.71 9.43 36.00
C LEU J 380 41.37 9.14 36.68
N GLY J 381 41.29 8.01 37.36
CA GLY J 381 40.07 7.69 38.08
C GLY J 381 39.85 8.67 39.19
N MET J 382 40.95 9.05 39.83
CA MET J 382 40.92 9.89 41.02
C MET J 382 40.33 11.23 40.61
N GLU J 383 40.89 11.76 39.53
CA GLU J 383 40.54 13.07 39.02
C GLU J 383 39.18 13.09 38.37
N THR J 384 38.82 11.99 37.71
CA THR J 384 37.52 11.85 37.09
C THR J 384 36.38 12.04 38.06
N ALA J 385 36.52 11.43 39.23
CA ALA J 385 35.50 11.48 40.27
C ALA J 385 35.28 12.86 40.87
N ARG J 386 36.34 13.65 40.97
CA ARG J 386 36.22 15.02 41.47
C ARG J 386 35.73 16.04 40.45
N LYS J 387 36.34 16.04 39.27
CA LYS J 387 35.97 17.03 38.27
C LYS J 387 34.66 16.73 37.56
N GLN J 388 34.35 15.46 37.35
CA GLN J 388 33.08 15.08 36.70
C GLN J 388 32.16 14.25 37.55
N GLN J 389 31.54 14.89 38.53
CA GLN J 389 30.50 14.29 39.34
C GLN J 389 29.19 14.98 39.04
N GLY J 390 29.30 16.18 38.49
CA GLY J 390 28.15 16.90 37.99
C GLY J 390 27.69 16.29 36.67
N ALA J 391 28.51 15.38 36.15
CA ALA J 391 28.21 14.72 34.89
C ALA J 391 26.90 13.93 35.03
N VAL J 392 26.10 13.93 33.98
CA VAL J 392 24.77 13.34 34.07
C VAL J 392 24.57 12.14 33.17
N ASP J 393 23.66 11.26 33.57
CA ASP J 393 23.28 10.12 32.76
C ASP J 393 22.28 10.66 31.77
N MET J 394 22.67 10.73 30.50
CA MET J 394 21.89 11.42 29.51
C MET J 394 20.56 10.74 29.22
N ARG J 395 20.41 9.49 29.65
CA ARG J 395 19.12 8.84 29.47
C ARG J 395 18.18 9.20 30.62
N MET J 396 18.74 9.42 31.80
CA MET J 396 17.95 9.92 32.92
C MET J 396 17.61 11.38 32.67
N ALA J 397 18.61 12.14 32.21
CA ALA J 397 18.45 13.56 31.99
C ALA J 397 17.37 13.78 30.94
N GLU J 398 17.20 12.82 30.05
CA GLU J 398 16.17 12.91 29.03
C GLU J 398 14.76 12.69 29.58
N ASP J 399 14.59 11.71 30.45
CA ASP J 399 13.25 11.41 30.98
C ASP J 399 12.77 12.50 31.93
N LEU J 400 13.72 13.13 32.63
CA LEU J 400 13.39 14.26 33.48
C LEU J 400 13.28 15.54 32.68
N GLY J 401 13.59 15.46 31.39
CA GLY J 401 13.54 16.61 30.51
C GLY J 401 14.46 17.73 30.95
N LEU J 402 15.65 17.37 31.43
CA LEU J 402 16.59 18.37 31.90
C LEU J 402 17.10 19.20 30.73
N THR J 403 17.22 20.50 30.94
CA THR J 403 17.78 21.33 29.89
C THR J 403 19.20 21.65 30.36
N GLN J 404 20.02 22.13 29.44
CA GLN J 404 21.45 22.26 29.67
C GLN J 404 21.86 23.44 30.56
N ALA J 405 20.98 24.40 30.77
CA ALA J 405 21.30 25.45 31.73
C ALA J 405 21.26 24.86 33.13
N GLU J 406 20.25 24.04 33.41
CA GLU J 406 20.15 23.40 34.72
C GLU J 406 21.27 22.39 34.95
N ARG J 407 21.72 21.69 33.90
CA ARG J 407 22.70 20.63 34.11
C ARG J 407 24.02 21.15 34.67
N THR J 408 24.52 22.27 34.15
CA THR J 408 25.79 22.75 34.64
C THR J 408 25.64 23.48 35.96
N GLU J 409 24.52 24.17 36.15
CA GLU J 409 24.27 24.83 37.44
C GLU J 409 24.25 23.78 38.51
N MET J 410 23.84 22.57 38.12
CA MET J 410 23.88 21.43 39.01
C MET J 410 25.31 20.94 39.17
N ALA J 411 26.01 20.89 38.04
CA ALA J 411 27.42 20.51 37.96
C ALA J 411 28.29 21.53 38.67
N ASN J 412 27.96 22.80 38.49
CA ASN J 412 28.68 23.88 39.12
C ASN J 412 28.33 23.90 40.56
N THR J 413 27.06 23.62 40.80
CA THR J 413 26.65 23.57 42.17
C THR J 413 27.40 22.30 42.59
N LEU J 414 27.26 21.15 41.94
CA LEU J 414 27.91 19.94 42.51
C LEU J 414 29.44 20.07 42.64
N ALA J 415 30.09 20.87 41.80
CA ALA J 415 31.49 21.21 42.04
C ALA J 415 31.69 22.03 43.34
N LYS J 416 30.65 22.72 43.82
CA LYS J 416 30.74 23.50 45.07
C LYS J 416 31.50 22.82 46.18
N LEU J 417 31.36 21.52 46.33
CA LEU J 417 31.62 20.97 47.65
C LEU J 417 32.97 20.25 47.78
N SER K 19 36.25 -5.23 -5.02
CA SER K 19 35.81 -6.55 -5.46
C SER K 19 37.00 -7.49 -5.56
N VAL K 20 38.09 -7.01 -6.15
CA VAL K 20 39.34 -7.75 -6.10
C VAL K 20 39.82 -7.76 -4.66
N LEU K 21 39.61 -6.67 -3.93
CA LEU K 21 40.01 -6.67 -2.53
C LEU K 21 39.15 -7.57 -1.67
N LYS K 22 37.86 -7.66 -1.99
CA LYS K 22 36.97 -8.54 -1.25
C LYS K 22 37.32 -10.01 -1.48
N ALA K 23 37.80 -10.31 -2.67
CA ALA K 23 38.26 -11.65 -3.00
C ALA K 23 39.49 -12.01 -2.18
N TYR K 24 40.38 -11.04 -2.00
CA TYR K 24 41.60 -11.26 -1.23
C TYR K 24 41.25 -11.56 0.23
N GLU K 25 40.20 -10.93 0.76
CA GLU K 25 39.82 -11.20 2.14
C GLU K 25 39.36 -12.63 2.32
N ARG K 26 38.52 -13.12 1.42
CA ARG K 26 38.04 -14.48 1.59
C ARG K 26 39.09 -15.48 1.15
N PHE K 27 39.99 -15.07 0.25
CA PHE K 27 41.07 -15.97 -0.12
C PHE K 27 41.91 -16.24 1.11
N THR K 28 42.24 -15.18 1.84
CA THR K 28 43.03 -15.29 3.06
C THR K 28 42.33 -16.14 4.10
N LEU K 29 41.04 -15.89 4.29
CA LEU K 29 40.31 -16.59 5.35
C LEU K 29 40.02 -18.05 5.00
N THR K 30 39.61 -18.33 3.77
CA THR K 30 39.25 -19.71 3.42
C THR K 30 40.47 -20.62 3.43
N GLN K 31 41.61 -20.11 2.99
CA GLN K 31 42.82 -20.93 2.98
C GLN K 31 43.38 -21.22 4.36
N GLU K 32 43.14 -20.31 5.29
CA GLU K 32 43.51 -20.57 6.67
C GLU K 32 42.64 -21.68 7.24
N LEU K 33 41.37 -21.63 6.90
CA LEU K 33 40.40 -22.58 7.40
C LEU K 33 40.21 -23.77 6.47
N GLN K 34 41.08 -23.93 5.48
CA GLN K 34 40.87 -25.04 4.55
C GLN K 34 41.06 -26.40 5.17
N ASP K 35 40.12 -27.26 4.81
CA ASP K 35 40.03 -28.66 5.22
C ASP K 35 40.36 -28.92 6.70
N GLN K 36 39.98 -28.03 7.60
CA GLN K 36 39.92 -28.40 9.02
C GLN K 36 38.48 -28.58 9.49
N SER K 37 37.55 -28.53 8.55
CA SER K 37 36.19 -29.02 8.73
C SER K 37 36.36 -30.51 9.08
N GLU K 38 37.22 -31.17 8.31
CA GLU K 38 37.57 -32.54 8.57
C GLU K 38 38.28 -32.54 9.94
N GLU K 39 37.94 -33.47 10.83
CA GLU K 39 38.68 -33.53 12.06
C GLU K 39 39.89 -34.41 11.78
N GLY K 40 40.88 -34.30 12.65
CA GLY K 40 42.14 -34.97 12.46
C GLY K 40 42.04 -36.47 12.46
N THR K 41 42.85 -37.08 11.60
CA THR K 41 42.92 -38.52 11.49
C THR K 41 44.20 -38.91 12.21
N ILE K 42 44.14 -40.00 12.97
CA ILE K 42 45.26 -40.36 13.84
C ILE K 42 46.44 -40.72 12.93
N PRO K 43 47.65 -40.26 13.30
CA PRO K 43 48.73 -40.29 12.32
C PRO K 43 49.21 -41.71 12.04
N PRO K 44 49.97 -41.90 10.96
CA PRO K 44 50.52 -43.22 10.65
C PRO K 44 51.37 -43.71 11.81
N THR K 45 51.34 -45.01 12.08
CA THR K 45 52.01 -45.53 13.26
C THR K 45 53.52 -45.51 13.10
N THR K 46 54.20 -45.40 14.23
CA THR K 46 55.62 -45.16 14.30
C THR K 46 56.25 -46.06 15.35
N LEU K 47 57.57 -46.29 15.30
CA LEU K 47 58.20 -47.06 16.35
C LEU K 47 58.30 -46.17 17.57
N LYS K 48 58.12 -46.73 18.75
CA LYS K 48 58.14 -45.94 19.97
C LYS K 48 59.00 -46.56 21.05
N PRO K 49 59.60 -45.72 21.89
CA PRO K 49 60.29 -46.26 23.05
C PRO K 49 59.27 -46.77 24.05
N VAL K 50 59.67 -47.74 24.86
CA VAL K 50 58.81 -48.19 25.93
C VAL K 50 59.07 -47.32 27.14
N ILE K 51 58.00 -46.78 27.72
CA ILE K 51 58.09 -46.06 28.96
C ILE K 51 57.55 -46.96 30.06
N ARG K 52 58.32 -47.14 31.12
CA ARG K 52 57.88 -48.00 32.20
C ARG K 52 57.36 -47.15 33.37
N VAL K 53 56.12 -47.42 33.76
CA VAL K 53 55.47 -46.65 34.81
C VAL K 53 55.24 -47.62 35.94
N PHE K 54 55.48 -47.24 37.19
CA PHE K 54 55.30 -48.18 38.28
C PHE K 54 53.87 -48.12 38.82
N ILE K 55 53.26 -49.28 39.04
CA ILE K 55 51.89 -49.35 39.54
C ILE K 55 51.84 -49.88 40.95
N LEU K 56 51.27 -49.09 41.85
CA LEU K 56 51.12 -49.46 43.24
C LEU K 56 49.64 -49.67 43.52
N THR K 57 49.27 -50.88 43.91
CA THR K 57 47.86 -51.20 44.14
C THR K 57 47.51 -50.83 45.57
N SER K 58 48.54 -50.81 46.41
CA SER K 58 48.41 -50.55 47.83
C SER K 58 48.18 -49.07 48.14
N ASN K 59 47.42 -48.81 49.19
CA ASN K 59 47.16 -47.44 49.63
C ASN K 59 48.00 -47.06 50.83
N ASN K 60 48.97 -47.89 51.16
CA ASN K 60 49.80 -47.65 52.33
C ASN K 60 50.63 -46.38 52.18
N PRO K 61 50.52 -45.46 53.15
CA PRO K 61 51.18 -44.16 53.06
C PRO K 61 52.70 -44.30 52.95
N GLU K 62 53.28 -45.29 53.62
CA GLU K 62 54.74 -45.43 53.59
C GLU K 62 55.24 -45.88 52.22
N LEU K 63 54.50 -46.77 51.56
CA LEU K 63 54.86 -47.21 50.21
C LEU K 63 54.67 -46.13 49.18
N ARG K 64 53.58 -45.40 49.30
CA ARG K 64 53.29 -44.30 48.39
C ARG K 64 54.37 -43.24 48.49
N SER K 65 54.74 -42.89 49.70
CA SER K 65 55.75 -41.88 49.93
C SER K 65 57.11 -42.36 49.46
N ARG K 66 57.41 -43.64 49.67
CA ARG K 66 58.69 -44.18 49.26
C ARG K 66 58.81 -44.25 47.76
N LEU K 67 57.70 -44.59 47.09
CA LEU K 67 57.67 -44.63 45.65
C LEU K 67 57.81 -43.26 45.02
N LEU K 68 57.23 -42.24 45.65
CA LEU K 68 57.37 -40.88 45.15
C LEU K 68 58.82 -40.46 45.19
N LEU K 69 59.45 -40.74 46.32
CA LEU K 69 60.85 -40.41 46.56
C LEU K 69 61.77 -41.21 45.65
N PHE K 70 61.45 -42.47 45.44
CA PHE K 70 62.21 -43.33 44.55
C PHE K 70 62.18 -42.76 43.15
N CYS K 71 60.99 -42.37 42.69
CA CYS K 71 60.84 -41.86 41.34
C CYS K 71 61.47 -40.49 41.14
N LEU K 72 61.36 -39.64 42.15
CA LEU K 72 61.90 -38.28 42.08
C LEU K 72 63.40 -38.33 41.91
N ARG K 73 64.02 -39.29 42.57
CA ARG K 73 65.46 -39.46 42.44
C ARG K 73 65.85 -39.94 41.03
N ILE K 74 65.07 -40.84 40.45
CA ILE K 74 65.33 -41.29 39.10
C ILE K 74 65.17 -40.17 38.08
N VAL K 75 64.20 -39.30 38.29
CA VAL K 75 64.01 -38.16 37.39
C VAL K 75 65.22 -37.27 37.45
N LEU K 76 65.76 -37.08 38.65
CA LEU K 76 66.90 -36.20 38.88
C LEU K 76 68.24 -36.90 38.75
N SER K 77 68.22 -38.24 38.66
CA SER K 77 69.44 -39.02 38.70
C SER K 77 70.37 -38.68 37.55
N ASN K 78 71.66 -38.80 37.81
CA ASN K 78 72.70 -38.51 36.84
C ASN K 78 72.64 -39.43 35.63
N GLY K 79 72.50 -40.72 35.88
CA GLY K 79 72.65 -41.70 34.83
C GLY K 79 71.44 -42.20 34.06
N ALA K 80 70.24 -41.80 34.44
CA ALA K 80 69.06 -42.35 33.80
C ALA K 80 68.92 -41.89 32.36
N ARG K 81 68.42 -42.76 31.49
CA ARG K 81 68.09 -42.35 30.14
C ARG K 81 66.71 -41.73 30.17
N ASP K 82 66.32 -41.10 29.08
CA ASP K 82 65.08 -40.34 29.05
C ASP K 82 63.84 -41.17 29.39
N SER K 83 63.73 -42.41 28.89
CA SER K 83 62.53 -43.21 29.16
C SER K 83 62.35 -43.49 30.63
N HIS K 84 63.45 -43.62 31.35
CA HIS K 84 63.38 -43.82 32.78
C HIS K 84 62.81 -42.60 33.46
N ARG K 85 63.29 -41.43 33.05
CA ARG K 85 62.88 -40.17 33.63
C ARG K 85 61.41 -39.94 33.32
N PHE K 86 61.04 -40.26 32.09
CA PHE K 86 59.67 -40.09 31.65
C PHE K 86 58.77 -41.00 32.45
N GLY K 87 59.23 -42.24 32.64
CA GLY K 87 58.46 -43.23 33.36
C GLY K 87 58.22 -42.87 34.81
N ALA K 88 59.24 -42.32 35.46
CA ALA K 88 59.10 -41.92 36.85
C ALA K 88 58.12 -40.75 37.00
N LEU K 89 58.20 -39.79 36.07
CA LEU K 89 57.31 -38.64 36.15
C LEU K 89 55.88 -39.08 36.05
N LEU K 90 55.58 -39.94 35.07
CA LEU K 90 54.22 -40.42 34.89
C LEU K 90 53.78 -41.17 36.13
N THR K 91 54.72 -41.85 36.78
CA THR K 91 54.41 -42.54 38.03
C THR K 91 54.06 -41.57 39.13
N MET K 92 54.87 -40.52 39.30
CA MET K 92 54.64 -39.55 40.35
C MET K 92 53.29 -38.88 40.19
N PHE K 93 52.99 -38.51 38.96
CA PHE K 93 51.73 -37.83 38.67
C PHE K 93 50.52 -38.72 38.91
N SER K 94 50.73 -40.02 39.02
CA SER K 94 49.64 -40.95 39.23
C SER K 94 49.48 -41.36 40.68
N LEU K 95 50.41 -40.93 41.52
CA LEU K 95 50.39 -41.37 42.91
C LEU K 95 49.22 -40.87 43.78
N PRO K 96 48.62 -39.70 43.45
CA PRO K 96 47.41 -39.36 44.22
C PRO K 96 46.21 -40.27 43.98
N SER K 97 46.20 -41.03 42.89
CA SER K 97 45.00 -41.80 42.53
C SER K 97 44.67 -42.92 43.48
N ALA K 98 43.37 -43.12 43.69
CA ALA K 98 42.85 -44.24 44.45
C ALA K 98 43.18 -45.52 43.72
N THR K 99 43.11 -45.47 42.40
CA THR K 99 43.63 -46.56 41.57
C THR K 99 44.61 -46.03 40.53
N MET K 100 45.89 -46.32 40.72
CA MET K 100 46.90 -45.80 39.79
C MET K 100 46.73 -46.35 38.40
N LEU K 101 46.25 -47.58 38.29
CA LEU K 101 46.19 -48.25 37.01
C LEU K 101 45.29 -47.46 36.09
N ASN K 102 44.19 -46.97 36.63
CA ASN K 102 43.26 -46.18 35.85
C ASN K 102 43.90 -44.89 35.38
N HIS K 103 44.74 -44.23 36.16
CA HIS K 103 45.22 -42.96 35.63
C HIS K 103 46.32 -43.16 34.62
N VAL K 104 47.03 -44.27 34.76
CA VAL K 104 48.09 -44.57 33.82
C VAL K 104 47.53 -44.88 32.44
N LYS K 105 46.30 -45.37 32.40
CA LYS K 105 45.68 -45.65 31.11
C LYS K 105 45.36 -44.37 30.37
N LEU K 106 45.43 -43.24 31.07
CA LEU K 106 45.30 -41.95 30.41
C LEU K 106 46.44 -41.73 29.43
N ALA K 107 47.65 -42.13 29.84
CA ALA K 107 48.84 -41.97 29.02
C ALA K 107 48.73 -42.79 27.76
N ASP K 108 47.98 -43.88 27.84
CA ASP K 108 47.90 -44.80 26.71
C ASP K 108 47.16 -44.14 25.56
N GLN K 109 46.49 -43.03 25.85
CA GLN K 109 45.70 -42.33 24.84
C GLN K 109 46.62 -41.52 23.93
N SER K 110 47.90 -41.43 24.30
CA SER K 110 48.85 -40.71 23.46
C SER K 110 49.38 -41.60 22.37
N PRO K 111 49.37 -41.11 21.13
CA PRO K 111 49.81 -41.88 19.97
C PRO K 111 51.29 -42.15 19.99
N GLU K 112 52.02 -41.52 20.91
CA GLU K 112 53.46 -41.66 20.98
C GLU K 112 53.81 -42.59 22.13
N ALA K 113 52.78 -43.11 22.78
CA ALA K 113 52.98 -43.82 24.03
C ALA K 113 52.97 -45.33 23.85
N ASP K 114 53.96 -45.96 24.45
CA ASP K 114 53.99 -47.40 24.61
C ASP K 114 54.38 -47.64 26.06
N ILE K 115 53.43 -48.01 26.90
CA ILE K 115 53.70 -48.09 28.33
C ILE K 115 53.82 -49.52 28.81
N GLU K 116 54.82 -49.80 29.64
CA GLU K 116 54.87 -51.06 30.37
C GLU K 116 54.65 -50.76 31.85
N ARG K 117 53.66 -51.43 32.43
CA ARG K 117 53.12 -51.06 33.72
C ARG K 117 53.86 -51.47 35.00
N VAL K 118 54.64 -52.54 34.98
CA VAL K 118 55.53 -52.83 36.12
C VAL K 118 54.83 -52.75 37.49
N GLU K 119 53.91 -53.67 37.77
CA GLU K 119 53.19 -53.68 39.05
C GLU K 119 54.14 -54.04 40.19
N ILE K 120 54.02 -53.31 41.30
CA ILE K 120 55.13 -53.24 42.24
C ILE K 120 54.99 -53.92 43.63
N ASP K 121 53.99 -53.62 44.46
CA ASP K 121 53.79 -54.30 45.77
C ASP K 121 54.65 -53.83 46.96
N GLY K 122 55.76 -53.15 46.72
CA GLY K 122 56.54 -52.65 47.85
C GLY K 122 58.04 -52.48 47.66
N PHE K 123 58.71 -52.17 48.77
CA PHE K 123 60.15 -52.00 48.84
C PHE K 123 60.71 -52.87 49.97
N GLU K 124 61.91 -53.45 49.78
CA GLU K 124 62.53 -54.16 50.90
C GLU K 124 63.02 -53.11 51.87
N GLU K 125 62.73 -53.30 53.16
CA GLU K 125 62.81 -52.19 54.13
C GLU K 125 64.23 -51.69 54.22
N GLY K 126 64.38 -50.39 54.39
CA GLY K 126 65.66 -49.75 54.13
C GLY K 126 65.76 -49.26 52.68
N SER K 127 65.49 -50.13 51.70
CA SER K 127 65.15 -49.70 50.33
C SER K 127 66.37 -49.02 49.64
N PHE K 128 66.32 -48.45 48.42
CA PHE K 128 65.31 -48.60 47.38
C PHE K 128 65.42 -49.87 46.56
N ARG K 129 65.28 -51.04 47.17
CA ARG K 129 65.27 -52.25 46.38
C ARG K 129 63.82 -52.65 46.21
N LEU K 130 63.40 -52.71 44.96
CA LEU K 130 62.00 -52.95 44.63
C LEU K 130 61.66 -54.39 44.94
N ILE K 131 60.49 -54.59 45.53
CA ILE K 131 59.93 -55.93 45.64
C ILE K 131 58.87 -55.91 44.60
N PRO K 132 59.01 -56.71 43.53
CA PRO K 132 58.04 -56.67 42.44
C PRO K 132 56.86 -57.59 42.68
N ASN K 133 55.71 -57.26 42.13
CA ASN K 133 54.56 -58.14 42.18
C ASN K 133 54.77 -59.47 41.45
N ALA K 134 54.56 -60.57 42.17
CA ALA K 134 54.29 -61.91 41.62
C ALA K 134 53.98 -61.93 40.12
N ARG K 135 53.13 -61.00 39.72
CA ARG K 135 52.64 -60.81 38.37
C ARG K 135 53.71 -60.58 37.30
N SER K 136 54.71 -59.73 37.56
CA SER K 136 55.87 -59.68 36.67
C SER K 136 57.16 -59.71 37.49
N GLY K 137 58.05 -60.63 37.15
CA GLY K 137 59.29 -60.78 37.90
C GLY K 137 60.30 -59.70 37.55
N MET K 138 61.35 -59.63 38.34
CA MET K 138 62.50 -58.78 38.05
C MET K 138 63.77 -59.52 38.40
N SER K 139 64.81 -59.32 37.61
CA SER K 139 66.10 -59.89 37.92
C SER K 139 66.70 -59.11 39.07
N ARG K 140 67.57 -59.74 39.86
CA ARG K 140 68.15 -59.05 41.01
C ARG K 140 69.17 -58.06 40.52
N GLY K 141 69.55 -58.21 39.27
CA GLY K 141 70.37 -57.22 38.59
C GLY K 141 69.58 -55.96 38.35
N GLU K 142 68.36 -56.12 37.88
CA GLU K 142 67.49 -55.00 37.56
C GLU K 142 66.98 -54.33 38.84
N ILE K 143 66.71 -55.13 39.87
CA ILE K 143 66.30 -54.58 41.14
C ILE K 143 67.42 -53.73 41.71
N ASN K 144 68.64 -54.27 41.64
CA ASN K 144 69.81 -53.59 42.15
C ASN K 144 70.26 -52.42 41.28
N ALA K 145 69.98 -52.50 39.99
CA ALA K 145 70.36 -51.43 39.08
C ALA K 145 69.54 -50.18 39.35
N TYR K 146 68.25 -50.36 39.62
CA TYR K 146 67.38 -49.23 39.92
C TYR K 146 67.78 -48.57 41.23
N ALA K 147 68.08 -49.38 42.24
CA ALA K 147 68.43 -48.89 43.57
C ALA K 147 69.67 -48.02 43.48
N ALA K 148 70.56 -48.40 42.57
CA ALA K 148 71.75 -47.63 42.29
C ALA K 148 71.38 -46.33 41.62
N LEU K 149 70.41 -46.39 40.72
CA LEU K 149 69.97 -45.21 39.97
C LEU K 149 69.32 -44.17 40.88
N ALA K 150 68.66 -44.64 41.92
CA ALA K 150 68.04 -43.76 42.91
C ALA K 150 69.08 -43.13 43.81
N GLU K 151 70.31 -43.58 43.68
CA GLU K 151 71.35 -43.09 44.55
C GLU K 151 72.42 -42.35 43.78
N ASP K 152 72.05 -41.78 42.63
CA ASP K 152 73.06 -41.02 41.93
C ASP K 152 72.96 -39.54 42.27
N LEU K 153 71.99 -38.84 41.69
CA LEU K 153 71.74 -37.42 41.93
C LEU K 153 72.94 -36.53 41.57
N PRO K 154 72.71 -35.36 40.97
CA PRO K 154 73.89 -34.57 40.67
C PRO K 154 74.46 -34.03 41.96
N ASP K 155 75.71 -33.57 41.95
CA ASP K 155 76.32 -32.98 43.13
C ASP K 155 76.02 -31.48 43.20
N THR K 156 75.42 -30.92 42.14
CA THR K 156 74.95 -29.54 42.19
C THR K 156 73.87 -29.42 43.25
N LEU K 157 73.23 -30.54 43.56
CA LEU K 157 72.23 -30.59 44.62
C LEU K 157 73.00 -30.72 45.91
N ASN K 158 72.40 -30.29 47.03
CA ASN K 158 73.20 -30.19 48.24
C ASN K 158 73.19 -31.51 48.99
N HIS K 159 72.83 -31.48 50.27
CA HIS K 159 72.92 -32.66 51.13
C HIS K 159 72.48 -34.01 50.56
N ALA K 160 72.91 -34.35 49.34
CA ALA K 160 72.66 -35.68 48.77
C ALA K 160 71.15 -35.90 48.60
N THR K 161 70.41 -34.81 48.73
CA THR K 161 68.96 -34.79 48.63
C THR K 161 68.50 -33.61 47.81
N PRO K 162 67.24 -33.64 47.35
CA PRO K 162 66.72 -32.35 46.88
C PRO K 162 66.15 -31.57 48.06
N PHE K 163 64.92 -31.13 47.94
CA PHE K 163 64.15 -30.66 49.08
C PHE K 163 64.68 -29.48 49.94
N VAL K 164 65.91 -29.05 49.70
CA VAL K 164 66.55 -27.93 50.43
C VAL K 164 66.61 -28.28 51.93
N ASP K 165 65.47 -28.63 52.54
CA ASP K 165 65.41 -29.04 53.93
C ASP K 165 66.07 -30.40 54.05
N SER K 166 67.33 -30.44 54.48
CA SER K 166 68.08 -31.69 54.44
C SER K 166 67.58 -32.83 55.33
N GLU K 167 66.31 -32.81 55.73
CA GLU K 167 65.84 -33.85 56.63
C GLU K 167 64.43 -34.37 56.32
N VAL K 168 63.79 -33.87 55.27
CA VAL K 168 62.43 -34.31 54.94
C VAL K 168 62.40 -35.81 54.68
N GLU K 169 63.35 -36.29 53.90
CA GLU K 169 63.37 -37.68 53.46
C GLU K 169 63.51 -38.69 54.60
N GLY K 170 63.83 -38.20 55.80
CA GLY K 170 63.95 -39.05 56.96
C GLY K 170 62.65 -39.14 57.74
N THR K 171 61.62 -38.43 57.27
CA THR K 171 60.32 -38.41 57.95
C THR K 171 59.73 -39.81 58.03
N ALA K 172 58.77 -39.99 58.93
CA ALA K 172 58.06 -41.26 59.05
C ALA K 172 56.70 -41.08 58.44
N TRP K 173 56.47 -41.73 57.30
CA TRP K 173 55.24 -41.51 56.55
C TRP K 173 54.18 -42.44 57.07
N ASP K 174 53.76 -42.18 58.31
CA ASP K 174 52.81 -43.05 58.99
C ASP K 174 51.38 -42.82 58.54
N GLU K 175 51.07 -41.58 58.16
CA GLU K 175 49.68 -41.22 57.88
C GLU K 175 49.51 -40.73 56.45
N ILE K 176 48.36 -41.05 55.86
CA ILE K 176 48.09 -40.66 54.48
C ILE K 176 48.12 -39.14 54.28
N GLU K 177 47.77 -38.37 55.31
CA GLU K 177 47.78 -36.92 55.18
C GLU K 177 49.15 -36.42 54.80
N THR K 178 50.18 -37.02 55.39
CA THR K 178 51.55 -36.62 55.15
C THR K 178 51.97 -36.93 53.73
N PHE K 179 51.59 -38.10 53.24
CA PHE K 179 51.94 -38.48 51.89
C PHE K 179 51.32 -37.50 50.92
N LEU K 180 50.04 -37.22 51.11
CA LEU K 180 49.32 -36.32 50.23
C LEU K 180 49.86 -34.90 50.31
N ASP K 181 50.23 -34.47 51.50
CA ASP K 181 50.76 -33.12 51.67
C ASP K 181 52.08 -32.97 50.92
N MET K 182 52.93 -33.98 50.99
CA MET K 182 54.16 -33.94 50.20
C MET K 182 53.89 -34.12 48.73
N CYS K 183 53.08 -35.12 48.40
CA CYS K 183 52.83 -35.47 47.02
C CYS K 183 52.25 -34.30 46.24
N TYR K 184 51.27 -33.63 46.82
CA TYR K 184 50.69 -32.47 46.16
C TYR K 184 51.72 -31.36 46.07
N SER K 185 52.55 -31.21 47.10
CA SER K 185 53.57 -30.18 47.11
C SER K 185 54.64 -30.42 46.06
N VAL K 186 55.11 -31.65 45.91
CA VAL K 186 56.11 -31.94 44.89
C VAL K 186 55.54 -31.82 43.49
N LEU K 187 54.36 -32.39 43.27
CA LEU K 187 53.73 -32.36 41.96
C LEU K 187 53.44 -30.93 41.50
N MET K 188 53.07 -30.07 42.42
CA MET K 188 52.78 -28.67 42.11
C MET K 188 54.01 -27.94 41.57
N GLN K 189 55.17 -28.23 42.13
CA GLN K 189 56.39 -27.60 41.64
C GLN K 189 56.70 -28.07 40.22
N ALA K 190 56.39 -29.33 39.93
CA ALA K 190 56.52 -29.83 38.57
C ALA K 190 55.53 -29.11 37.65
N TRP K 191 54.31 -28.89 38.15
CA TRP K 191 53.28 -28.20 37.39
C TRP K 191 53.68 -26.76 37.06
N ILE K 192 54.32 -26.09 38.00
CA ILE K 192 54.71 -24.70 37.85
C ILE K 192 55.73 -24.48 36.75
N VAL K 193 56.58 -25.48 36.53
CA VAL K 193 57.63 -25.38 35.52
C VAL K 193 57.30 -26.13 34.23
N THR K 194 56.02 -26.44 34.03
CA THR K 194 55.61 -27.26 32.90
C THR K 194 55.76 -26.61 31.52
N CYS K 195 55.41 -25.35 31.39
CA CYS K 195 55.51 -24.80 30.05
C CYS K 195 56.52 -23.65 30.04
N LYS K 196 57.74 -23.99 30.43
CA LYS K 196 58.86 -23.07 30.42
C LYS K 196 59.93 -23.75 29.57
N CYS K 197 60.41 -23.07 28.53
CA CYS K 197 61.36 -23.66 27.60
C CYS K 197 62.84 -23.68 28.03
N MET K 198 63.21 -22.77 28.96
CA MET K 198 64.44 -22.84 29.80
C MET K 198 65.04 -21.48 30.07
N GLN K 203 70.23 -19.79 36.89
CA GLN K 203 69.71 -18.72 36.01
C GLN K 203 68.45 -18.11 36.67
N PRO K 204 67.55 -17.44 35.90
CA PRO K 204 66.25 -17.06 36.49
C PRO K 204 65.31 -18.28 36.85
N ALA K 205 63.99 -18.40 36.61
CA ALA K 205 63.00 -17.42 36.13
C ALA K 205 62.18 -16.79 37.27
N ALA K 206 61.73 -15.56 37.03
CA ALA K 206 61.01 -14.78 38.04
C ALA K 206 59.59 -15.27 38.30
N SER K 207 58.92 -15.73 37.26
CA SER K 207 57.54 -16.17 37.39
C SER K 207 57.45 -17.30 38.40
N ILE K 208 58.42 -18.20 38.37
CA ILE K 208 58.35 -19.42 39.15
C ILE K 208 58.19 -19.17 40.65
N GLU K 209 59.01 -18.34 41.26
CA GLU K 209 58.86 -18.19 42.69
C GLU K 209 57.70 -17.27 43.02
N LYS K 210 57.17 -16.58 42.02
CA LYS K 210 55.95 -15.84 42.27
C LYS K 210 54.81 -16.84 42.39
N ARG K 211 54.90 -17.93 41.62
CA ARG K 211 53.96 -19.03 41.73
C ARG K 211 54.12 -19.77 43.03
N LEU K 212 55.35 -19.99 43.45
CA LEU K 212 55.56 -20.71 44.69
C LEU K 212 54.98 -19.95 45.87
N GLN K 213 55.07 -18.62 45.87
CA GLN K 213 54.59 -17.88 47.02
C GLN K 213 53.09 -17.98 47.10
N LYS K 214 52.46 -18.01 45.93
CA LYS K 214 51.02 -18.09 45.85
C LYS K 214 50.52 -19.37 46.45
N TYR K 215 51.11 -20.48 46.06
CA TYR K 215 50.65 -21.76 46.54
C TYR K 215 51.06 -22.06 47.98
N ARG K 216 52.12 -21.42 48.46
CA ARG K 216 52.44 -21.55 49.88
C ARG K 216 51.41 -20.86 50.78
N GLN K 217 51.00 -19.65 50.40
CA GLN K 217 50.03 -18.91 51.21
C GLN K 217 48.64 -19.48 51.04
N GLN K 218 48.38 -20.15 49.93
CA GLN K 218 47.12 -20.86 49.78
C GLN K 218 47.16 -22.22 50.48
N GLY K 219 48.36 -22.66 50.86
CA GLY K 219 48.52 -23.93 51.55
C GLY K 219 48.61 -25.11 50.61
N ARG K 220 48.62 -24.84 49.31
CA ARG K 220 48.75 -25.89 48.33
C ARG K 220 50.17 -26.46 48.27
N ILE K 221 51.16 -25.63 48.54
CA ILE K 221 52.53 -26.13 48.68
C ILE K 221 52.98 -25.92 50.12
N ASN K 222 53.63 -26.93 50.68
CA ASN K 222 54.11 -26.86 52.05
C ASN K 222 55.60 -26.55 51.97
N PRO K 223 56.04 -25.49 52.66
CA PRO K 223 57.42 -25.03 52.49
C PRO K 223 58.44 -26.09 52.87
N ARG K 224 58.00 -27.08 53.65
CA ARG K 224 58.87 -28.15 54.09
C ARG K 224 59.33 -29.01 52.93
N TYR K 225 58.44 -29.18 51.94
CA TYR K 225 58.71 -30.08 50.84
C TYR K 225 59.07 -29.31 49.60
N LEU K 226 59.62 -28.12 49.80
CA LEU K 226 60.02 -27.29 48.68
C LEU K 226 61.23 -27.97 48.07
N LEU K 227 61.46 -27.85 46.77
CA LEU K 227 62.58 -28.54 46.15
C LEU K 227 63.72 -27.56 45.94
N GLN K 228 64.95 -28.05 45.85
CA GLN K 228 66.06 -27.16 45.51
C GLN K 228 65.84 -26.68 44.08
N PRO K 229 66.22 -25.44 43.77
CA PRO K 229 65.95 -24.88 42.45
C PRO K 229 66.57 -25.72 41.32
N GLU K 230 67.66 -26.40 41.62
CA GLU K 230 68.29 -27.28 40.65
C GLU K 230 67.46 -28.52 40.37
N ALA K 231 66.75 -29.03 41.39
CA ALA K 231 65.85 -30.15 41.19
C ALA K 231 64.75 -29.74 40.24
N ARG K 232 64.20 -28.55 40.44
CA ARG K 232 63.14 -28.07 39.57
C ARG K 232 63.62 -27.84 38.15
N ARG K 233 64.85 -27.35 37.97
CA ARG K 233 65.30 -27.07 36.62
C ARG K 233 65.41 -28.35 35.83
N ILE K 234 65.83 -29.44 36.49
CA ILE K 234 65.92 -30.74 35.81
C ILE K 234 64.56 -31.26 35.39
N ILE K 235 63.60 -31.19 36.30
CA ILE K 235 62.23 -31.62 36.01
C ILE K 235 61.67 -30.78 34.88
N GLN K 236 62.00 -29.49 34.90
CA GLN K 236 61.61 -28.58 33.84
C GLN K 236 62.10 -29.08 32.49
N ASN K 237 63.34 -29.55 32.45
CA ASN K 237 63.93 -30.03 31.21
C ASN K 237 63.30 -31.34 30.77
N VAL K 238 63.08 -32.22 31.73
CA VAL K 238 62.49 -33.52 31.45
C VAL K 238 61.10 -33.38 30.85
N ILE K 239 60.31 -32.48 31.40
CA ILE K 239 58.96 -32.27 30.90
C ILE K 239 58.97 -31.72 29.48
N ARG K 240 59.89 -30.82 29.17
CA ARG K 240 59.96 -30.30 27.81
C ARG K 240 60.37 -31.37 26.81
N LYS K 241 61.25 -32.27 27.21
CA LYS K 241 61.70 -33.34 26.35
C LYS K 241 60.64 -34.39 26.06
N GLY K 242 59.81 -34.70 27.05
CA GLY K 242 58.87 -35.80 26.96
C GLY K 242 57.50 -35.45 26.41
N MET K 243 57.25 -35.87 25.18
CA MET K 243 55.98 -35.60 24.52
C MET K 243 54.84 -36.36 25.18
N VAL K 244 55.03 -37.65 25.39
CA VAL K 244 54.03 -38.47 26.07
C VAL K 244 53.72 -37.92 27.48
N VAL K 245 54.74 -37.49 28.20
CA VAL K 245 54.54 -36.89 29.52
C VAL K 245 53.70 -35.64 29.36
N ARG K 246 54.06 -34.81 28.39
CA ARG K 246 53.32 -33.59 28.09
C ARG K 246 51.90 -33.88 27.61
N HIS K 247 51.72 -34.95 26.85
CA HIS K 247 50.37 -35.37 26.45
C HIS K 247 49.55 -35.69 27.68
N PHE K 248 50.17 -36.43 28.59
CA PHE K 248 49.51 -36.84 29.81
C PHE K 248 49.13 -35.62 30.63
N LEU K 249 50.02 -34.63 30.69
CA LEU K 249 49.71 -33.43 31.43
C LEU K 249 48.55 -32.71 30.80
N THR K 250 48.49 -32.73 29.47
CA THR K 250 47.38 -32.11 28.77
C THR K 250 46.07 -32.74 29.17
N PHE K 251 46.07 -34.07 29.23
CA PHE K 251 44.87 -34.81 29.53
C PHE K 251 44.38 -34.47 30.91
N GLU K 252 45.32 -34.30 31.84
CA GLU K 252 44.99 -33.93 33.21
C GLU K 252 44.44 -32.50 33.29
N LEU K 253 44.96 -31.57 32.50
CA LEU K 253 44.44 -30.20 32.55
C LEU K 253 43.02 -30.18 32.04
N GLN K 254 42.72 -30.98 31.02
CA GLN K 254 41.37 -31.08 30.50
C GLN K 254 40.39 -31.63 31.52
N LEU K 255 40.83 -32.59 32.34
CA LEU K 255 39.95 -33.13 33.38
C LEU K 255 39.73 -32.10 34.46
N ALA K 256 40.75 -31.30 34.73
CA ALA K 256 40.62 -30.23 35.69
C ALA K 256 39.66 -29.17 35.19
N ARG K 257 39.52 -29.02 33.88
CA ARG K 257 38.60 -28.03 33.33
C ARG K 257 37.15 -28.42 33.52
N ALA K 258 36.87 -29.71 33.46
CA ALA K 258 35.50 -30.19 33.50
C ALA K 258 34.99 -30.41 34.90
N GLN K 259 35.79 -30.09 35.91
CA GLN K 259 35.42 -30.38 37.27
C GLN K 259 34.29 -29.47 37.70
N SER K 260 33.49 -29.92 38.65
CA SER K 260 32.43 -29.08 39.16
C SER K 260 33.02 -28.05 40.07
N LEU K 261 32.22 -27.07 40.46
CA LEU K 261 32.67 -26.04 41.37
C LEU K 261 33.04 -26.68 42.71
N VAL K 262 32.35 -27.77 43.05
CA VAL K 262 32.72 -28.56 44.20
C VAL K 262 33.56 -29.73 43.72
N SER K 263 34.82 -29.76 44.13
CA SER K 263 35.82 -30.62 43.53
C SER K 263 36.66 -31.24 44.62
N ASN K 264 37.80 -31.84 44.28
CA ASN K 264 38.68 -32.32 45.33
C ASN K 264 39.96 -31.50 45.36
N ARG K 265 40.81 -31.77 46.32
CA ARG K 265 41.91 -30.88 46.64
C ARG K 265 42.88 -30.78 45.47
N TYR K 266 43.24 -31.93 44.91
CA TYR K 266 44.22 -31.97 43.84
C TYR K 266 43.77 -31.29 42.57
N TYR K 267 42.58 -31.61 42.10
CA TYR K 267 42.17 -31.06 40.82
C TYR K 267 41.80 -29.58 40.89
N ALA K 268 41.36 -29.11 42.06
CA ALA K 268 41.17 -27.67 42.24
C ALA K 268 42.52 -26.99 42.08
N MET K 269 43.53 -27.63 42.61
CA MET K 269 44.91 -27.17 42.56
C MET K 269 45.41 -27.17 41.12
N VAL K 270 45.17 -28.27 40.42
CA VAL K 270 45.61 -28.44 39.04
C VAL K 270 44.93 -27.46 38.11
N GLY K 271 43.65 -27.23 38.34
CA GLY K 271 42.90 -26.28 37.55
C GLY K 271 43.44 -24.88 37.72
N ASP K 272 43.80 -24.52 38.95
CA ASP K 272 44.29 -23.18 39.23
C ASP K 272 45.59 -22.95 38.50
N VAL K 273 46.52 -23.88 38.61
CA VAL K 273 47.82 -23.71 37.97
C VAL K 273 47.66 -23.85 36.46
N GLY K 274 46.65 -24.57 36.04
CA GLY K 274 46.39 -24.82 34.64
C GLY K 274 46.10 -23.55 33.88
N LYS K 275 45.54 -22.57 34.57
CA LYS K 275 45.17 -21.33 33.93
C LYS K 275 46.40 -20.52 33.56
N TYR K 276 47.49 -20.74 34.29
CA TYR K 276 48.78 -20.17 33.94
C TYR K 276 49.39 -20.83 32.71
N ILE K 277 49.21 -22.14 32.58
CA ILE K 277 49.73 -22.92 31.46
C ILE K 277 48.97 -22.69 30.13
N GLU K 278 47.69 -22.38 30.23
CA GLU K 278 46.86 -22.18 29.04
C GLU K 278 47.42 -21.12 28.11
N ASN K 279 47.40 -21.42 26.81
CA ASN K 279 47.82 -20.49 25.75
C ASN K 279 49.28 -20.11 25.87
N CYS K 280 50.03 -20.93 26.60
CA CYS K 280 51.48 -20.84 26.66
C CYS K 280 52.06 -20.86 25.25
N GLY K 281 53.09 -20.07 25.00
CA GLY K 281 53.86 -20.18 23.78
C GLY K 281 53.25 -19.40 22.64
N MET K 282 52.18 -18.67 22.95
CA MET K 282 51.43 -17.90 21.96
C MET K 282 51.34 -16.43 22.31
N GLY K 283 52.36 -15.92 22.97
CA GLY K 283 52.32 -14.56 23.47
C GLY K 283 52.17 -13.51 22.39
N GLY K 284 52.86 -13.67 21.27
CA GLY K 284 52.83 -12.68 20.23
C GLY K 284 51.44 -12.47 19.67
N PHE K 285 50.70 -13.57 19.51
CA PHE K 285 49.34 -13.51 18.99
C PHE K 285 48.41 -12.82 19.96
N PHE K 286 48.38 -13.31 21.20
CA PHE K 286 47.43 -12.79 22.17
C PHE K 286 47.82 -11.39 22.61
N LEU K 287 49.11 -11.10 22.63
CA LEU K 287 49.52 -9.74 22.96
C LEU K 287 49.16 -8.79 21.83
N THR K 288 49.26 -9.26 20.59
CA THR K 288 48.87 -8.44 19.45
C THR K 288 47.36 -8.15 19.52
N LEU K 289 46.57 -9.15 19.87
CA LEU K 289 45.15 -8.94 20.05
C LEU K 289 44.92 -7.92 21.15
N LYS K 290 45.63 -8.10 22.26
CA LYS K 290 45.41 -7.32 23.47
C LYS K 290 45.64 -5.84 23.29
N TYR K 291 46.81 -5.48 22.75
CA TYR K 291 47.21 -4.09 22.61
C TYR K 291 46.81 -3.44 21.28
N ALA K 292 47.01 -4.14 20.18
CA ALA K 292 46.65 -3.58 18.88
C ALA K 292 45.14 -3.43 18.74
N LEU K 293 44.42 -4.51 19.01
CA LEU K 293 42.97 -4.51 18.84
C LEU K 293 42.23 -4.08 20.08
N GLY K 294 42.78 -4.40 21.25
CA GLY K 294 42.14 -4.05 22.50
C GLY K 294 42.03 -2.55 22.72
N THR K 295 43.08 -1.83 22.34
CA THR K 295 43.10 -0.39 22.51
C THR K 295 42.14 0.37 21.60
N ARG K 296 41.92 -0.12 20.37
CA ARG K 296 41.01 0.54 19.45
C ARG K 296 41.41 2.01 19.22
N TRP K 297 42.69 2.23 19.01
CA TRP K 297 43.15 3.57 18.73
C TRP K 297 43.05 3.87 17.25
N PRO K 298 43.06 5.17 16.88
CA PRO K 298 42.88 5.55 15.48
C PRO K 298 43.94 5.00 14.50
N THR K 299 45.15 4.68 14.95
CA THR K 299 46.18 4.16 14.06
C THR K 299 45.80 2.80 13.49
N LEU K 300 44.80 2.16 14.07
CA LEU K 300 44.42 0.84 13.62
C LEU K 300 43.77 0.96 12.25
N ALA K 301 43.49 2.19 11.84
CA ALA K 301 42.83 2.41 10.57
C ALA K 301 43.83 2.63 9.44
N LEU K 302 45.12 2.49 9.73
CA LEU K 302 46.12 2.60 8.68
C LEU K 302 45.89 1.55 7.63
N ALA K 303 46.18 1.89 6.38
CA ALA K 303 45.97 0.97 5.29
C ALA K 303 46.98 -0.17 5.36
N ALA K 304 48.16 0.11 5.90
CA ALA K 304 49.21 -0.89 5.99
C ALA K 304 48.76 -2.10 6.82
N PHE K 305 47.99 -1.84 7.85
CA PHE K 305 47.47 -2.89 8.70
C PHE K 305 46.36 -3.71 8.05
N SER K 306 45.87 -3.24 6.90
CA SER K 306 44.62 -3.76 6.36
C SER K 306 44.66 -5.25 6.09
N GLY K 307 45.71 -5.72 5.42
CA GLY K 307 45.84 -7.14 5.13
C GLY K 307 46.06 -7.99 6.36
N GLU K 308 46.85 -7.46 7.30
CA GLU K 308 47.17 -8.17 8.53
C GLU K 308 45.96 -8.30 9.46
N LEU K 309 45.08 -7.32 9.41
CA LEU K 309 43.87 -7.39 10.22
C LEU K 309 43.01 -8.55 9.79
N THR K 310 42.95 -8.80 8.50
CA THR K 310 42.24 -9.97 7.99
C THR K 310 42.91 -11.25 8.47
N LYS K 311 44.24 -11.22 8.55
CA LYS K 311 45.00 -12.39 8.96
C LYS K 311 44.69 -12.73 10.41
N LEU K 312 44.62 -11.72 11.27
CA LEU K 312 44.22 -11.94 12.66
C LEU K 312 42.79 -12.43 12.73
N LYS K 313 41.94 -11.92 11.86
CA LYS K 313 40.56 -12.35 11.84
C LYS K 313 40.48 -13.82 11.49
N SER K 314 41.31 -14.23 10.54
CA SER K 314 41.43 -15.63 10.16
C SER K 314 41.95 -16.48 11.30
N LEU K 315 42.96 -15.97 12.00
CA LEU K 315 43.59 -16.71 13.08
C LEU K 315 42.67 -16.95 14.28
N MET K 316 41.84 -15.98 14.61
CA MET K 316 40.85 -16.19 15.64
C MET K 316 39.85 -17.24 15.19
N ALA K 317 39.47 -17.19 13.93
CA ALA K 317 38.52 -18.14 13.38
C ALA K 317 39.08 -19.54 13.46
N LEU K 318 40.36 -19.65 13.14
CA LEU K 318 41.07 -20.92 13.22
C LEU K 318 41.16 -21.41 14.66
N TYR K 319 41.39 -20.49 15.57
CA TYR K 319 41.55 -20.85 16.97
C TYR K 319 40.30 -21.50 17.53
N GLN K 320 39.13 -21.02 17.11
CA GLN K 320 37.87 -21.58 17.59
C GLN K 320 37.58 -22.97 17.04
N THR K 321 37.92 -23.18 15.77
CA THR K 321 37.67 -24.47 15.14
C THR K 321 38.46 -25.59 15.78
N LEU K 322 39.61 -25.24 16.35
CA LEU K 322 40.50 -26.24 16.93
C LEU K 322 39.95 -26.94 18.17
N GLY K 323 39.09 -26.26 18.92
CA GLY K 323 38.43 -26.87 20.07
C GLY K 323 39.02 -26.46 21.39
N GLU K 324 38.76 -27.22 22.44
CA GLU K 324 39.33 -26.87 23.72
C GLU K 324 40.84 -27.04 23.69
N GLN K 325 41.33 -27.90 22.82
CA GLN K 325 42.73 -28.28 22.88
C GLN K 325 43.61 -27.21 22.24
N ALA K 326 42.99 -26.14 21.74
CA ALA K 326 43.77 -25.01 21.21
C ALA K 326 44.54 -24.31 22.30
N ARG K 327 44.18 -24.55 23.55
CA ARG K 327 44.86 -23.95 24.69
C ARG K 327 46.22 -24.59 24.89
N TYR K 328 46.40 -25.78 24.33
CA TYR K 328 47.52 -26.61 24.66
C TYR K 328 48.43 -26.86 23.46
N LEU K 329 48.45 -25.97 22.47
CA LEU K 329 49.25 -26.20 21.27
C LEU K 329 50.75 -26.29 21.55
N ALA K 330 51.24 -25.43 22.43
CA ALA K 330 52.65 -25.44 22.76
C ALA K 330 53.03 -26.73 23.44
N LEU K 331 52.20 -27.15 24.39
CA LEU K 331 52.44 -28.37 25.14
C LEU K 331 52.39 -29.57 24.22
N LEU K 332 51.41 -29.57 23.33
CA LEU K 332 51.15 -30.66 22.39
C LEU K 332 52.18 -30.73 21.26
N GLU K 333 52.90 -29.63 21.05
CA GLU K 333 53.90 -29.48 20.01
C GLU K 333 53.24 -29.42 18.65
N SER K 334 52.03 -28.89 18.61
CA SER K 334 51.24 -28.83 17.37
C SER K 334 51.79 -27.86 16.34
N PRO K 335 51.82 -28.29 15.07
CA PRO K 335 52.27 -27.48 13.95
C PRO K 335 51.45 -26.23 13.78
N HIS K 336 50.24 -26.23 14.34
CA HIS K 336 49.34 -25.10 14.24
C HIS K 336 49.96 -23.87 14.90
N LEU K 337 50.96 -24.08 15.76
CA LEU K 337 51.56 -22.97 16.49
C LEU K 337 52.30 -22.07 15.52
N MET K 338 52.64 -22.63 14.38
CA MET K 338 53.31 -21.92 13.30
C MET K 338 52.37 -20.94 12.61
N ASP K 339 51.08 -21.31 12.57
CA ASP K 339 50.05 -20.51 11.92
C ASP K 339 49.95 -19.17 12.61
N PHE K 340 50.15 -19.18 13.92
CA PHE K 340 49.95 -17.99 14.74
C PHE K 340 51.25 -17.24 14.97
N ALA K 341 52.31 -17.65 14.29
CA ALA K 341 53.59 -16.99 14.45
C ALA K 341 53.50 -15.52 14.03
N ALA K 342 54.16 -14.65 14.78
CA ALA K 342 53.99 -13.21 14.61
C ALA K 342 54.48 -12.71 13.26
N ALA K 343 55.28 -13.52 12.56
CA ALA K 343 55.82 -13.12 11.28
C ALA K 343 54.74 -12.91 10.23
N ASN K 344 53.56 -13.51 10.43
CA ASN K 344 52.43 -13.35 9.51
C ASN K 344 51.77 -11.98 9.56
N TYR K 345 51.91 -11.30 10.70
CA TYR K 345 51.37 -9.95 10.86
C TYR K 345 52.40 -9.02 11.51
N PRO K 346 53.54 -8.82 10.84
CA PRO K 346 54.67 -8.15 11.48
C PRO K 346 54.42 -6.70 11.89
N LEU K 347 53.72 -5.95 11.05
CA LEU K 347 53.50 -4.54 11.34
C LEU K 347 52.63 -4.37 12.57
N LEU K 348 51.49 -5.05 12.59
CA LEU K 348 50.58 -4.97 13.73
C LEU K 348 51.25 -5.46 14.98
N TYR K 349 52.07 -6.50 14.85
CA TYR K 349 52.75 -7.05 16.01
C TYR K 349 53.71 -6.01 16.56
N SER K 350 54.53 -5.46 15.68
CA SER K 350 55.49 -4.43 16.02
C SER K 350 54.80 -3.28 16.69
N TYR K 351 53.71 -2.85 16.08
CA TYR K 351 52.90 -1.75 16.56
C TYR K 351 52.30 -2.07 17.92
N ALA K 352 51.79 -3.27 18.07
CA ALA K 352 51.21 -3.71 19.33
C ALA K 352 52.26 -3.80 20.43
N MET K 353 53.46 -4.23 20.06
CA MET K 353 54.54 -4.35 21.02
C MET K 353 54.90 -2.98 21.56
N GLY K 354 54.87 -1.98 20.69
CA GLY K 354 55.15 -0.62 21.08
C GLY K 354 54.14 -0.06 22.06
N ILE K 355 52.88 -0.38 21.82
CA ILE K 355 51.82 0.05 22.72
C ILE K 355 52.00 -0.57 24.10
N GLY K 356 52.27 -1.87 24.12
CA GLY K 356 52.39 -2.60 25.36
C GLY K 356 53.53 -2.06 26.19
N TYR K 357 54.59 -1.65 25.51
CA TYR K 357 55.80 -1.22 26.18
C TYR K 357 55.55 -0.03 27.09
N VAL K 358 54.79 0.96 26.63
CA VAL K 358 54.46 2.07 27.51
C VAL K 358 53.26 1.79 28.44
N LEU K 359 52.24 1.10 27.95
CA LEU K 359 51.01 0.87 28.71
C LEU K 359 51.21 -0.05 29.92
N ASP K 360 52.12 -1.01 29.79
CA ASP K 360 52.41 -1.94 30.88
C ASP K 360 53.90 -2.01 31.18
N VAL K 361 54.25 -1.82 32.44
CA VAL K 361 55.65 -1.81 32.83
C VAL K 361 56.25 -3.20 32.70
N ASN K 362 55.42 -4.22 32.84
CA ASN K 362 55.92 -5.58 32.78
C ASN K 362 56.35 -5.97 31.36
N MET K 363 55.85 -5.25 30.37
CA MET K 363 56.14 -5.55 28.97
C MET K 363 57.62 -5.39 28.61
N ARG K 364 58.37 -4.60 29.37
CA ARG K 364 59.78 -4.36 29.07
C ARG K 364 60.58 -5.65 29.04
N ASN K 365 60.22 -6.60 29.90
CA ASN K 365 60.98 -7.85 30.01
C ASN K 365 60.45 -8.95 29.10
N TYR K 366 59.42 -8.64 28.30
CA TYR K 366 59.02 -9.58 27.28
C TYR K 366 60.07 -9.52 26.18
N ALA K 367 60.40 -10.68 25.61
CA ALA K 367 61.37 -10.74 24.54
C ALA K 367 60.69 -10.53 23.20
N PHE K 368 60.31 -9.29 22.92
CA PHE K 368 59.54 -8.96 21.73
C PHE K 368 60.35 -8.79 20.44
N SER K 369 61.67 -8.67 20.55
CA SER K 369 62.47 -8.42 19.36
C SER K 369 62.44 -9.64 18.45
N ARG K 370 62.33 -9.39 17.15
CA ARG K 370 62.16 -10.44 16.16
C ARG K 370 62.87 -10.05 14.86
N SER K 371 63.06 -11.03 13.99
CA SER K 371 63.74 -10.81 12.71
C SER K 371 62.93 -9.85 11.86
N TYR K 372 61.62 -10.04 11.90
CA TYR K 372 60.68 -9.31 11.06
C TYR K 372 60.14 -8.08 11.76
N MET K 373 60.70 -7.80 12.93
CA MET K 373 60.29 -6.66 13.73
C MET K 373 60.59 -5.38 12.97
N ASN K 374 59.60 -4.50 12.88
CA ASN K 374 59.74 -3.26 12.12
C ASN K 374 59.76 -2.10 13.11
N LYS K 375 60.95 -1.54 13.35
CA LYS K 375 61.13 -0.57 14.43
C LYS K 375 60.37 0.72 14.14
N THR K 376 60.11 1.02 12.87
CA THR K 376 59.36 2.22 12.52
C THR K 376 57.95 2.13 13.12
N TYR K 377 57.33 0.98 12.92
CA TYR K 377 56.00 0.73 13.47
C TYR K 377 56.02 0.47 14.98
N PHE K 378 57.13 -0.04 15.51
CA PHE K 378 57.26 -0.15 16.95
C PHE K 378 57.19 1.23 17.55
N GLN K 379 57.89 2.15 16.92
CA GLN K 379 57.93 3.53 17.35
C GLN K 379 56.51 4.09 17.17
N LEU K 380 55.78 3.59 16.16
CA LEU K 380 54.43 4.04 15.88
C LEU K 380 53.59 3.60 17.06
N GLY K 381 53.84 2.38 17.53
CA GLY K 381 53.12 1.78 18.65
C GLY K 381 53.29 2.61 19.89
N MET K 382 54.51 3.11 19.99
CA MET K 382 54.97 3.85 21.15
C MET K 382 54.25 5.17 21.11
N GLU K 383 54.22 5.77 19.92
CA GLU K 383 53.61 7.08 19.83
C GLU K 383 52.11 7.14 20.24
N THR K 384 51.40 6.09 19.86
CA THR K 384 49.96 6.13 19.93
C THR K 384 49.51 6.24 21.35
N ALA K 385 50.14 5.38 22.11
CA ALA K 385 49.86 5.21 23.51
C ALA K 385 50.22 6.43 24.32
N ARG K 386 51.20 7.21 23.91
CA ARG K 386 51.44 8.42 24.66
C ARG K 386 50.51 9.56 24.23
N LYS K 387 50.45 9.84 22.93
CA LYS K 387 49.61 10.93 22.42
C LYS K 387 48.11 10.65 22.25
N GLN K 388 47.73 9.39 22.04
CA GLN K 388 46.31 9.09 21.87
C GLN K 388 45.78 8.24 23.02
N GLN K 389 45.60 8.84 24.18
CA GLN K 389 44.95 8.11 25.26
C GLN K 389 43.61 8.73 25.56
N GLY K 390 43.49 10.00 25.22
CA GLY K 390 42.24 10.70 25.33
C GLY K 390 41.29 10.24 24.25
N ALA K 391 41.81 9.46 23.31
CA ALA K 391 41.01 8.98 22.20
C ALA K 391 39.87 8.16 22.76
N VAL K 392 38.69 8.31 22.16
CA VAL K 392 37.50 7.70 22.73
C VAL K 392 36.91 6.67 21.77
N ASP K 393 36.20 5.69 22.33
CA ASP K 393 35.50 4.72 21.51
C ASP K 393 34.18 5.38 21.11
N MET K 394 34.03 5.67 19.82
CA MET K 394 32.93 6.50 19.36
C MET K 394 31.56 5.85 19.49
N ARG K 395 31.51 4.54 19.64
CA ARG K 395 30.22 3.92 19.91
C ARG K 395 29.89 3.93 21.41
N MET K 396 30.91 3.91 22.24
CA MET K 396 30.70 4.14 23.67
C MET K 396 30.38 5.60 23.92
N ALA K 397 31.12 6.48 23.26
CA ALA K 397 31.01 7.92 23.47
C ALA K 397 29.61 8.41 23.14
N GLU K 398 28.99 7.77 22.15
CA GLU K 398 27.62 8.09 21.76
C GLU K 398 26.58 7.54 22.73
N ASP K 399 26.83 6.37 23.29
CA ASP K 399 25.88 5.77 24.22
C ASP K 399 25.78 6.58 25.50
N LEU K 400 26.90 7.19 25.88
CA LEU K 400 26.95 8.12 27.00
C LEU K 400 26.52 9.53 26.61
N GLY K 401 26.27 9.75 25.32
CA GLY K 401 25.91 11.07 24.82
C GLY K 401 26.94 12.15 25.05
N LEU K 402 28.22 11.82 24.84
CA LEU K 402 29.32 12.73 25.07
C LEU K 402 29.35 13.86 24.07
N THR K 403 29.71 15.04 24.55
CA THR K 403 29.84 16.12 23.61
C THR K 403 31.31 16.35 23.34
N GLN K 404 31.60 17.15 22.33
CA GLN K 404 32.94 17.37 21.82
C GLN K 404 33.76 18.27 22.76
N ALA K 405 33.05 18.95 23.66
CA ALA K 405 33.71 19.72 24.73
C ALA K 405 34.30 18.82 25.85
N GLU K 406 33.56 17.83 26.34
CA GLU K 406 34.18 16.93 27.32
C GLU K 406 35.25 16.08 26.64
N ARG K 407 35.12 15.85 25.34
CA ARG K 407 36.06 14.94 24.68
C ARG K 407 37.47 15.49 24.86
N THR K 408 37.66 16.80 24.73
CA THR K 408 39.02 17.31 24.77
C THR K 408 39.71 17.51 26.11
N GLU K 409 39.03 17.93 27.16
CA GLU K 409 39.85 18.04 28.35
C GLU K 409 39.64 16.85 29.27
N MET K 410 38.83 15.87 28.82
CA MET K 410 39.04 14.52 29.30
C MET K 410 40.27 13.97 28.63
N ALA K 411 40.35 14.23 27.33
CA ALA K 411 41.50 13.90 26.58
C ALA K 411 42.64 14.70 27.14
N ASN K 412 42.39 15.97 27.49
CA ASN K 412 43.51 16.72 28.07
C ASN K 412 43.72 16.50 29.57
N THR K 413 42.77 15.96 30.30
CA THR K 413 43.01 15.56 31.70
C THR K 413 44.04 14.46 31.68
N LEU K 414 43.86 13.54 30.74
CA LEU K 414 44.74 12.39 30.60
C LEU K 414 46.10 12.67 29.98
N ALA K 415 46.13 13.60 29.04
CA ALA K 415 47.40 14.01 28.44
C ALA K 415 48.37 14.70 29.42
N LYS K 416 47.84 15.55 30.30
CA LYS K 416 48.64 16.20 31.33
C LYS K 416 49.19 15.16 32.32
N LEU K 417 48.49 14.04 32.48
CA LEU K 417 48.94 12.97 33.38
C LEU K 417 49.94 12.03 32.70
N SER L 19 -11.02 16.95 -30.07
CA SER L 19 -12.02 15.90 -30.19
C SER L 19 -12.63 15.87 -31.59
N VAL L 20 -12.97 17.04 -32.10
CA VAL L 20 -13.42 17.18 -33.48
C VAL L 20 -12.30 16.88 -34.46
N LEU L 21 -11.10 17.33 -34.12
CA LEU L 21 -9.88 17.08 -34.88
C LEU L 21 -9.52 15.65 -34.75
N LYS L 22 -9.90 15.11 -33.60
CA LYS L 22 -9.53 13.79 -33.24
C LYS L 22 -10.36 12.98 -34.21
N ALA L 23 -11.63 13.37 -34.30
CA ALA L 23 -12.62 12.77 -35.17
C ALA L 23 -12.32 12.86 -36.67
N TYR L 24 -11.80 13.98 -37.15
CA TYR L 24 -11.46 14.13 -38.58
C TYR L 24 -10.41 13.11 -39.00
N GLU L 25 -9.47 12.85 -38.10
CA GLU L 25 -8.42 11.89 -38.35
C GLU L 25 -9.01 10.48 -38.45
N ARG L 26 -9.92 10.06 -37.57
CA ARG L 26 -10.42 8.70 -37.72
C ARG L 26 -11.32 8.63 -38.92
N PHE L 27 -11.91 9.76 -39.30
CA PHE L 27 -12.75 9.77 -40.48
C PHE L 27 -11.91 9.49 -41.72
N THR L 28 -10.77 10.16 -41.80
CA THR L 28 -9.87 9.98 -42.94
C THR L 28 -9.31 8.57 -43.07
N LEU L 29 -8.83 8.02 -41.97
CA LEU L 29 -8.21 6.70 -42.03
C LEU L 29 -9.21 5.57 -42.24
N THR L 30 -10.37 5.62 -41.61
CA THR L 30 -11.29 4.49 -41.73
C THR L 30 -11.87 4.25 -43.14
N GLN L 31 -12.31 5.29 -43.85
CA GLN L 31 -12.77 5.10 -45.21
C GLN L 31 -11.69 5.00 -46.27
N GLU L 32 -10.45 5.37 -45.97
CA GLU L 32 -9.43 4.95 -46.90
C GLU L 32 -9.35 3.43 -46.82
N LEU L 33 -9.46 2.92 -45.59
CA LEU L 33 -9.37 1.49 -45.36
C LEU L 33 -10.73 0.82 -45.35
N GLN L 34 -11.79 1.58 -45.59
CA GLN L 34 -13.10 0.97 -45.68
C GLN L 34 -13.09 0.32 -47.06
N ASP L 35 -13.66 -0.88 -47.14
CA ASP L 35 -13.80 -1.74 -48.34
C ASP L 35 -12.74 -2.84 -48.50
N GLN L 36 -11.67 -2.74 -47.72
CA GLN L 36 -10.53 -3.61 -47.90
C GLN L 36 -10.47 -4.68 -46.81
N SER L 37 -11.52 -4.73 -45.98
CA SER L 37 -11.77 -5.89 -45.13
C SER L 37 -11.96 -7.13 -46.01
N GLU L 38 -12.88 -7.00 -46.97
CA GLU L 38 -13.19 -8.05 -47.91
C GLU L 38 -12.03 -8.30 -48.89
N GLU L 39 -11.87 -9.55 -49.32
CA GLU L 39 -10.89 -9.88 -50.35
C GLU L 39 -11.52 -9.44 -51.65
N GLY L 40 -10.72 -9.32 -52.70
CA GLY L 40 -11.21 -8.89 -54.00
C GLY L 40 -12.14 -9.92 -54.62
N THR L 41 -13.15 -9.44 -55.33
CA THR L 41 -14.08 -10.31 -56.03
C THR L 41 -13.70 -10.29 -57.50
N ILE L 42 -13.68 -11.45 -58.14
CA ILE L 42 -13.24 -11.50 -59.52
C ILE L 42 -14.35 -10.82 -60.33
N PRO L 43 -13.97 -9.94 -61.26
CA PRO L 43 -14.95 -9.01 -61.81
C PRO L 43 -15.96 -9.73 -62.70
N PRO L 44 -17.08 -9.06 -63.01
CA PRO L 44 -18.06 -9.67 -63.91
C PRO L 44 -17.40 -10.00 -65.23
N THR L 45 -17.79 -11.10 -65.85
CA THR L 45 -17.11 -11.54 -67.06
C THR L 45 -17.44 -10.66 -68.24
N THR L 46 -16.48 -10.56 -69.15
CA THR L 46 -16.49 -9.61 -70.23
C THR L 46 -16.07 -10.34 -71.52
N LEU L 47 -16.36 -9.79 -72.68
CA LEU L 47 -15.90 -10.40 -73.90
C LEU L 47 -14.41 -10.12 -73.99
N LYS L 48 -13.65 -11.06 -74.51
CA LYS L 48 -12.21 -10.87 -74.58
C LYS L 48 -11.72 -11.26 -75.95
N PRO L 49 -10.66 -10.59 -76.42
CA PRO L 49 -10.03 -11.03 -77.66
C PRO L 49 -9.26 -12.29 -77.39
N VAL L 50 -9.11 -13.15 -78.38
CA VAL L 50 -8.28 -14.32 -78.19
C VAL L 50 -6.86 -13.95 -78.60
N ILE L 51 -5.92 -14.29 -77.73
CA ILE L 51 -4.51 -14.13 -78.01
C ILE L 51 -3.99 -15.51 -78.34
N ARG L 52 -3.26 -15.66 -79.45
CA ARG L 52 -2.71 -16.96 -79.81
C ARG L 52 -1.26 -17.08 -79.42
N VAL L 53 -0.93 -18.13 -78.67
CA VAL L 53 0.43 -18.29 -78.20
C VAL L 53 0.96 -19.58 -78.80
N PHE L 54 2.20 -19.60 -79.29
CA PHE L 54 2.72 -20.80 -79.91
C PHE L 54 3.36 -21.74 -78.88
N ILE L 55 3.05 -23.03 -78.99
CA ILE L 55 3.55 -24.02 -78.05
C ILE L 55 4.54 -24.93 -78.75
N LEU L 56 5.73 -25.02 -78.21
CA LEU L 56 6.75 -25.89 -78.75
C LEU L 56 7.04 -27.01 -77.76
N THR L 57 6.83 -28.26 -78.17
CA THR L 57 7.06 -29.39 -77.26
C THR L 57 8.53 -29.80 -77.35
N SER L 58 9.16 -29.46 -78.46
CA SER L 58 10.55 -29.82 -78.70
C SER L 58 11.54 -28.96 -77.91
N ASN L 59 12.64 -29.57 -77.52
CA ASN L 59 13.73 -28.88 -76.85
C ASN L 59 14.85 -28.59 -77.82
N ASN L 60 14.59 -28.79 -79.11
CA ASN L 60 15.59 -28.60 -80.14
C ASN L 60 16.02 -27.14 -80.26
N PRO L 61 17.33 -26.87 -80.19
CA PRO L 61 17.89 -25.50 -80.18
C PRO L 61 17.56 -24.72 -81.43
N GLU L 62 17.53 -25.36 -82.59
CA GLU L 62 17.24 -24.65 -83.82
C GLU L 62 15.78 -24.21 -83.93
N LEU L 63 14.86 -25.05 -83.47
CA LEU L 63 13.44 -24.71 -83.45
C LEU L 63 13.11 -23.65 -82.43
N ARG L 64 13.70 -23.75 -81.25
CA ARG L 64 13.50 -22.75 -80.21
C ARG L 64 13.99 -21.41 -80.70
N SER L 65 15.16 -21.42 -81.33
CA SER L 65 15.77 -20.19 -81.82
C SER L 65 14.98 -19.57 -82.95
N ARG L 66 14.45 -20.42 -83.83
CA ARG L 66 13.71 -19.92 -84.97
C ARG L 66 12.35 -19.41 -84.50
N LEU L 67 11.79 -20.06 -83.51
CA LEU L 67 10.52 -19.61 -82.96
C LEU L 67 10.66 -18.25 -82.25
N LEU L 68 11.77 -18.03 -81.55
CA LEU L 68 12.00 -16.73 -80.91
C LEU L 68 12.14 -15.65 -81.97
N LEU L 69 12.91 -15.95 -83.01
CA LEU L 69 13.13 -15.03 -84.12
C LEU L 69 11.86 -14.78 -84.90
N PHE L 70 11.06 -15.83 -85.09
CA PHE L 70 9.78 -15.72 -85.78
C PHE L 70 8.84 -14.78 -85.05
N CYS L 71 8.74 -14.98 -83.75
CA CYS L 71 7.81 -14.22 -82.92
C CYS L 71 8.23 -12.77 -82.76
N LEU L 72 9.53 -12.53 -82.63
CA LEU L 72 10.07 -11.19 -82.46
C LEU L 72 9.76 -10.34 -83.68
N ARG L 73 9.81 -10.97 -84.83
CA ARG L 73 9.48 -10.32 -86.08
C ARG L 73 8.00 -9.96 -86.16
N ILE L 74 7.13 -10.83 -85.67
CA ILE L 74 5.71 -10.49 -85.62
C ILE L 74 5.43 -9.34 -84.64
N VAL L 75 6.15 -9.30 -83.54
CA VAL L 75 5.98 -8.21 -82.58
C VAL L 75 6.33 -6.88 -83.22
N LEU L 76 7.37 -6.90 -84.04
CA LEU L 76 7.86 -5.68 -84.67
C LEU L 76 7.22 -5.42 -86.02
N SER L 77 6.50 -6.39 -86.54
CA SER L 77 6.00 -6.33 -87.91
C SER L 77 5.10 -5.12 -88.11
N ASN L 78 5.12 -4.61 -89.33
CA ASN L 78 4.32 -3.45 -89.69
C ASN L 78 2.83 -3.72 -89.60
N GLY L 79 2.39 -4.86 -90.14
CA GLY L 79 0.98 -5.13 -90.29
C GLY L 79 0.22 -5.88 -89.21
N ALA L 80 0.91 -6.39 -88.19
CA ALA L 80 0.24 -7.24 -87.21
C ALA L 80 -0.75 -6.46 -86.36
N ARG L 81 -1.85 -7.08 -85.97
CA ARG L 81 -2.78 -6.47 -85.02
C ARG L 81 -2.22 -6.70 -83.63
N ASP L 82 -2.79 -6.03 -82.63
CA ASP L 82 -2.26 -6.11 -81.27
C ASP L 82 -2.27 -7.54 -80.78
N SER L 83 -3.35 -8.27 -81.08
CA SER L 83 -3.52 -9.63 -80.57
C SER L 83 -2.40 -10.54 -81.02
N HIS L 84 -1.90 -10.30 -82.23
CA HIS L 84 -0.77 -11.04 -82.74
C HIS L 84 0.49 -10.69 -81.97
N ARG L 85 0.66 -9.40 -81.72
CA ARG L 85 1.84 -8.92 -81.02
C ARG L 85 1.87 -9.47 -79.61
N PHE L 86 0.71 -9.47 -78.96
CA PHE L 86 0.60 -9.95 -77.60
C PHE L 86 0.93 -11.43 -77.58
N GLY L 87 0.42 -12.16 -78.56
CA GLY L 87 0.64 -13.60 -78.66
C GLY L 87 2.07 -14.01 -78.87
N ALA L 88 2.79 -13.26 -79.70
CA ALA L 88 4.20 -13.50 -79.96
C ALA L 88 5.04 -13.19 -78.73
N LEU L 89 4.69 -12.13 -78.01
CA LEU L 89 5.43 -11.78 -76.79
C LEU L 89 5.30 -12.88 -75.75
N LEU L 90 4.08 -13.36 -75.53
CA LEU L 90 3.83 -14.40 -74.56
C LEU L 90 4.57 -15.66 -74.94
N THR L 91 4.70 -15.90 -76.24
CA THR L 91 5.46 -17.05 -76.71
C THR L 91 6.93 -16.88 -76.41
N MET L 92 7.47 -15.70 -76.67
CA MET L 92 8.89 -15.46 -76.42
C MET L 92 9.22 -15.61 -74.94
N PHE L 93 8.37 -15.04 -74.09
CA PHE L 93 8.61 -15.09 -72.66
C PHE L 93 8.51 -16.51 -72.09
N SER L 94 7.91 -17.42 -72.85
CA SER L 94 7.76 -18.79 -72.40
C SER L 94 8.80 -19.72 -73.01
N LEU L 95 9.61 -19.20 -73.92
CA LEU L 95 10.59 -20.03 -74.61
C LEU L 95 11.70 -20.61 -73.73
N PRO L 96 12.05 -19.93 -72.63
CA PRO L 96 13.00 -20.62 -71.75
C PRO L 96 12.48 -21.87 -71.07
N SER L 97 11.16 -22.06 -70.96
CA SER L 97 10.62 -23.18 -70.17
C SER L 97 10.93 -24.57 -70.73
N ALA L 98 11.15 -25.51 -69.81
CA ALA L 98 11.33 -26.90 -70.17
C ALA L 98 10.04 -27.42 -70.77
N THR L 99 8.93 -26.96 -70.22
CA THR L 99 7.62 -27.17 -70.85
C THR L 99 6.90 -25.84 -71.00
N MET L 100 6.76 -25.39 -72.24
CA MET L 100 6.10 -24.13 -72.52
C MET L 100 4.65 -24.15 -72.11
N LEU L 101 4.02 -25.30 -72.22
CA LEU L 101 2.59 -25.40 -71.98
C LEU L 101 2.26 -24.94 -70.57
N ASN L 102 3.06 -25.37 -69.60
CA ASN L 102 2.86 -25.03 -68.21
C ASN L 102 2.98 -23.53 -67.94
N HIS L 103 3.88 -22.84 -68.62
CA HIS L 103 4.01 -21.43 -68.36
C HIS L 103 3.02 -20.56 -69.09
N VAL L 104 2.48 -21.07 -70.19
CA VAL L 104 1.43 -20.32 -70.86
C VAL L 104 0.17 -20.35 -70.00
N LYS L 105 0.01 -21.40 -69.20
CA LYS L 105 -1.13 -21.50 -68.30
C LYS L 105 -1.05 -20.48 -67.17
N LEU L 106 0.11 -19.86 -67.02
CA LEU L 106 0.24 -18.76 -66.09
C LEU L 106 -0.61 -17.62 -66.58
N ALA L 107 -0.62 -17.42 -67.88
CA ALA L 107 -1.37 -16.34 -68.51
C ALA L 107 -2.86 -16.55 -68.30
N ASP L 108 -3.24 -17.81 -68.14
CA ASP L 108 -4.65 -18.15 -68.04
C ASP L 108 -5.22 -17.60 -66.75
N GLN L 109 -4.34 -17.21 -65.84
CA GLN L 109 -4.76 -16.71 -64.56
C GLN L 109 -5.26 -15.28 -64.67
N SER L 110 -5.12 -14.70 -65.85
CA SER L 110 -5.62 -13.36 -66.07
C SER L 110 -7.09 -13.35 -66.43
N PRO L 111 -7.87 -12.49 -65.77
CA PRO L 111 -9.30 -12.35 -66.04
C PRO L 111 -9.56 -11.73 -67.41
N GLU L 112 -8.52 -11.24 -68.06
CA GLU L 112 -8.68 -10.61 -69.37
C GLU L 112 -8.20 -11.56 -70.45
N ALA L 113 -7.82 -12.75 -70.04
CA ALA L 113 -7.12 -13.65 -70.93
C ALA L 113 -8.02 -14.69 -71.58
N ASP L 114 -7.86 -14.83 -72.89
CA ASP L 114 -8.44 -15.92 -73.63
C ASP L 114 -7.35 -16.40 -74.55
N ILE L 115 -6.72 -17.51 -74.23
CA ILE L 115 -5.52 -17.93 -74.96
C ILE L 115 -5.83 -19.10 -75.86
N GLU L 116 -5.31 -19.07 -77.08
CA GLU L 116 -5.35 -20.27 -77.88
C GLU L 116 -3.95 -20.77 -78.10
N ARG L 117 -3.73 -22.03 -77.76
CA ARG L 117 -2.40 -22.58 -77.65
C ARG L 117 -1.64 -22.93 -78.93
N VAL L 118 -2.29 -23.29 -80.02
CA VAL L 118 -1.59 -23.44 -81.31
C VAL L 118 -0.29 -24.26 -81.19
N GLU L 119 -0.38 -25.55 -80.91
CA GLU L 119 0.82 -26.38 -80.82
C GLU L 119 1.43 -26.60 -82.19
N ILE L 120 2.75 -26.45 -82.34
CA ILE L 120 3.28 -26.31 -83.69
C ILE L 120 4.20 -27.44 -84.21
N ASP L 121 5.29 -27.83 -83.52
CA ASP L 121 6.21 -28.91 -83.97
C ASP L 121 7.37 -28.47 -84.89
N GLY L 122 7.30 -27.29 -85.49
CA GLY L 122 8.42 -26.88 -86.32
C GLY L 122 8.23 -25.88 -87.45
N PHE L 123 9.28 -25.72 -88.24
CA PHE L 123 9.27 -24.83 -89.40
C PHE L 123 9.75 -25.59 -90.63
N GLU L 124 9.22 -25.28 -91.81
CA GLU L 124 9.73 -25.88 -93.04
C GLU L 124 11.09 -25.27 -93.28
N GLU L 125 12.10 -26.08 -93.59
CA GLU L 125 13.47 -25.57 -93.51
C GLU L 125 13.65 -24.44 -94.51
N GLY L 126 14.44 -23.45 -94.13
CA GLY L 126 14.42 -22.17 -94.79
C GLY L 126 13.41 -21.24 -94.15
N SER L 127 12.15 -21.67 -94.03
CA SER L 127 11.20 -21.07 -93.08
C SER L 127 10.87 -19.62 -93.49
N PHE L 128 10.14 -18.77 -92.74
CA PHE L 128 9.26 -19.07 -91.61
C PHE L 128 7.89 -19.63 -91.98
N ARG L 129 7.88 -20.81 -92.56
CA ARG L 129 6.63 -21.49 -92.81
C ARG L 129 6.41 -22.45 -91.66
N LEU L 130 5.32 -22.27 -90.94
CA LEU L 130 5.04 -23.07 -89.77
C LEU L 130 4.64 -24.46 -90.21
N ILE L 131 5.17 -25.45 -89.53
CA ILE L 131 4.69 -26.81 -89.64
C ILE L 131 3.88 -27.01 -88.40
N PRO L 132 2.56 -27.17 -88.51
CA PRO L 132 1.73 -27.26 -87.31
C PRO L 132 1.62 -28.68 -86.80
N ASN L 133 1.45 -28.81 -85.49
CA ASN L 133 1.22 -30.11 -84.88
C ASN L 133 -0.06 -30.78 -85.35
N ALA L 134 0.10 -31.99 -85.87
CA ALA L 134 -0.95 -33.01 -86.01
C ALA L 134 -2.24 -32.70 -85.26
N ARG L 135 -2.06 -32.29 -84.02
CA ARG L 135 -3.12 -31.96 -83.08
C ARG L 135 -4.07 -30.84 -83.55
N SER L 136 -3.53 -29.75 -84.08
CA SER L 136 -4.37 -28.71 -84.68
C SER L 136 -3.86 -28.27 -86.04
N GLY L 137 -4.72 -28.30 -87.04
CA GLY L 137 -4.33 -27.95 -88.39
C GLY L 137 -4.21 -26.46 -88.66
N MET L 138 -3.64 -26.12 -89.82
CA MET L 138 -3.62 -24.75 -90.29
C MET L 138 -3.84 -24.74 -91.79
N SER L 139 -4.57 -23.77 -92.32
CA SER L 139 -4.70 -23.65 -93.77
C SER L 139 -3.38 -23.10 -94.25
N ARG L 140 -2.98 -23.41 -95.47
CA ARG L 140 -1.66 -22.94 -95.90
C ARG L 140 -1.76 -21.45 -96.23
N GLY L 141 -2.99 -20.96 -96.27
CA GLY L 141 -3.21 -19.53 -96.30
C GLY L 141 -2.75 -18.95 -94.99
N GLU L 142 -3.04 -19.63 -93.89
CA GLU L 142 -2.68 -19.17 -92.56
C GLU L 142 -1.19 -19.32 -92.34
N ILE L 143 -0.63 -20.41 -92.84
CA ILE L 143 0.78 -20.67 -92.72
C ILE L 143 1.60 -19.62 -93.45
N ASN L 144 1.22 -19.33 -94.69
CA ASN L 144 1.91 -18.35 -95.50
C ASN L 144 1.61 -16.92 -95.09
N ALA L 145 0.45 -16.69 -94.49
CA ALA L 145 0.12 -15.35 -94.05
C ALA L 145 1.05 -14.96 -92.92
N TYR L 146 1.35 -15.92 -92.05
CA TYR L 146 2.27 -15.66 -90.96
C TYR L 146 3.67 -15.43 -91.49
N ALA L 147 4.09 -16.24 -92.46
CA ALA L 147 5.44 -16.14 -92.99
C ALA L 147 5.66 -14.78 -93.61
N ALA L 148 4.60 -14.23 -94.20
CA ALA L 148 4.63 -12.88 -94.77
C ALA L 148 4.77 -11.87 -93.65
N LEU L 149 4.07 -12.13 -92.56
CA LEU L 149 4.07 -11.22 -91.41
C LEU L 149 5.44 -11.14 -90.75
N ALA L 150 6.19 -12.24 -90.79
CA ALA L 150 7.53 -12.27 -90.22
C ALA L 150 8.55 -11.57 -91.08
N GLU L 151 8.17 -11.22 -92.30
CA GLU L 151 9.10 -10.53 -93.19
C GLU L 151 8.55 -9.18 -93.55
N ASP L 152 7.79 -8.60 -92.63
CA ASP L 152 7.28 -7.26 -92.85
C ASP L 152 8.29 -6.26 -92.34
N LEU L 153 8.34 -6.09 -91.02
CA LEU L 153 9.28 -5.21 -90.33
C LEU L 153 9.19 -3.77 -90.78
N PRO L 154 9.28 -2.84 -89.83
CA PRO L 154 9.31 -1.47 -90.34
C PRO L 154 10.70 -1.25 -90.94
N ASP L 155 10.90 -0.28 -91.83
CA ASP L 155 12.24 0.01 -92.31
C ASP L 155 12.93 1.14 -91.53
N THR L 156 12.40 1.53 -90.37
CA THR L 156 13.17 2.37 -89.46
C THR L 156 14.33 1.49 -88.97
N LEU L 157 14.13 0.17 -89.07
CA LEU L 157 15.14 -0.82 -88.70
C LEU L 157 16.15 -1.06 -89.81
N ASN L 158 17.41 -0.81 -89.49
CA ASN L 158 18.47 -0.78 -90.49
C ASN L 158 18.74 -2.14 -91.08
N HIS L 159 18.72 -2.19 -92.41
CA HIS L 159 18.99 -3.37 -93.24
C HIS L 159 18.70 -4.72 -92.58
N ALA L 160 17.48 -5.19 -92.86
CA ALA L 160 16.92 -6.48 -92.45
C ALA L 160 16.58 -6.61 -90.96
N THR L 161 17.29 -7.51 -90.29
CA THR L 161 17.17 -7.79 -88.85
C THR L 161 17.00 -6.59 -87.94
N PRO L 162 16.59 -6.82 -86.70
CA PRO L 162 16.84 -5.76 -85.72
C PRO L 162 18.28 -5.94 -85.26
N PHE L 163 18.49 -6.25 -84.00
CA PHE L 163 19.78 -6.76 -83.54
C PHE L 163 21.05 -5.92 -83.78
N VAL L 164 20.96 -4.83 -84.53
CA VAL L 164 22.10 -3.95 -84.83
C VAL L 164 23.20 -4.75 -85.56
N ASP L 165 23.69 -5.84 -84.99
CA ASP L 165 24.65 -6.72 -85.65
C ASP L 165 23.93 -7.49 -86.74
N SER L 166 24.00 -7.02 -87.97
CA SER L 166 23.25 -7.65 -89.04
C SER L 166 23.69 -9.07 -89.40
N GLU L 167 24.22 -9.84 -88.45
CA GLU L 167 24.73 -11.15 -88.79
C GLU L 167 24.26 -12.24 -87.83
N VAL L 168 23.61 -11.84 -86.72
CA VAL L 168 23.15 -12.82 -85.73
C VAL L 168 22.11 -13.79 -86.30
N GLU L 169 21.10 -13.30 -87.01
CA GLU L 169 20.04 -14.19 -87.47
C GLU L 169 20.53 -15.27 -88.43
N GLY L 170 21.74 -15.11 -88.93
CA GLY L 170 22.31 -16.09 -89.84
C GLY L 170 23.12 -17.12 -89.08
N THR L 171 23.18 -16.97 -87.77
CA THR L 171 23.92 -17.92 -86.92
C THR L 171 23.33 -19.32 -87.05
N ALA L 172 24.12 -20.31 -86.65
CA ALA L 172 23.66 -21.68 -86.61
C ALA L 172 23.40 -22.04 -85.16
N TRP L 173 22.12 -22.28 -84.85
CA TRP L 173 21.70 -22.52 -83.49
C TRP L 173 21.81 -24.01 -83.20
N ASP L 174 23.05 -24.51 -83.18
CA ASP L 174 23.31 -25.93 -83.03
C ASP L 174 23.19 -26.39 -81.58
N GLU L 175 23.56 -25.51 -80.65
CA GLU L 175 23.64 -25.90 -79.25
C GLU L 175 22.74 -25.06 -78.36
N ILE L 176 22.16 -25.70 -77.35
CA ILE L 176 21.20 -25.04 -76.49
C ILE L 176 21.76 -23.80 -75.79
N GLU L 177 23.07 -23.77 -75.53
CA GLU L 177 23.66 -22.62 -74.85
C GLU L 177 23.41 -21.34 -75.63
N THR L 178 23.59 -21.43 -76.95
CA THR L 178 23.47 -20.27 -77.80
C THR L 178 22.04 -19.79 -77.85
N PHE L 179 21.09 -20.71 -77.89
CA PHE L 179 19.70 -20.30 -77.92
C PHE L 179 19.40 -19.53 -76.64
N LEU L 180 19.78 -20.11 -75.51
CA LEU L 180 19.52 -19.52 -74.22
C LEU L 180 20.24 -18.19 -74.03
N ASP L 181 21.44 -18.08 -74.57
CA ASP L 181 22.22 -16.85 -74.45
C ASP L 181 21.51 -15.70 -75.14
N MET L 182 21.00 -15.97 -76.32
CA MET L 182 20.18 -15.01 -77.07
C MET L 182 18.81 -14.78 -76.45
N CYS L 183 18.15 -15.85 -76.07
CA CYS L 183 16.82 -15.78 -75.52
C CYS L 183 16.80 -14.88 -74.31
N TYR L 184 17.75 -15.11 -73.41
CA TYR L 184 17.83 -14.31 -72.20
C TYR L 184 18.19 -12.89 -72.54
N SER L 185 19.04 -12.70 -73.54
CA SER L 185 19.45 -11.36 -73.92
C SER L 185 18.30 -10.55 -74.50
N VAL L 186 17.51 -11.17 -75.38
CA VAL L 186 16.36 -10.49 -75.94
C VAL L 186 15.29 -10.23 -74.88
N LEU L 187 15.00 -11.23 -74.06
CA LEU L 187 13.99 -11.06 -73.04
C LEU L 187 14.36 -9.96 -72.04
N MET L 188 15.65 -9.85 -71.73
CA MET L 188 16.10 -8.83 -70.78
C MET L 188 15.84 -7.41 -71.28
N GLN L 189 16.00 -7.20 -72.57
CA GLN L 189 15.71 -5.91 -73.16
C GLN L 189 14.23 -5.60 -73.07
N ALA L 190 13.39 -6.63 -73.17
CA ALA L 190 11.96 -6.45 -72.96
C ALA L 190 11.64 -6.09 -71.52
N TRP L 191 12.30 -6.77 -70.59
CA TRP L 191 12.09 -6.53 -69.16
C TRP L 191 12.47 -5.10 -68.81
N ILE L 192 13.54 -4.61 -69.43
CA ILE L 192 14.08 -3.28 -69.15
C ILE L 192 13.14 -2.14 -69.55
N VAL L 193 12.35 -2.36 -70.57
CA VAL L 193 11.44 -1.31 -71.02
C VAL L 193 9.99 -1.56 -70.57
N THR L 194 9.81 -2.44 -69.60
CA THR L 194 8.47 -2.89 -69.22
C THR L 194 7.58 -1.84 -68.58
N CYS L 195 8.10 -1.02 -67.68
CA CYS L 195 7.22 -0.07 -67.04
C CYS L 195 7.62 1.36 -67.37
N LYS L 196 7.60 1.64 -68.67
CA LYS L 196 7.95 2.95 -69.21
C LYS L 196 6.80 3.51 -70.05
N CYS L 197 6.45 4.76 -69.78
CA CYS L 197 5.25 5.37 -70.39
C CYS L 197 5.37 5.81 -71.86
N MET L 198 6.57 6.27 -72.26
CA MET L 198 7.05 6.48 -73.66
C MET L 198 7.97 7.69 -73.75
N GLN L 203 14.26 9.36 -79.67
CA GLN L 203 14.07 10.18 -78.47
C GLN L 203 14.99 9.64 -77.31
N PRO L 204 14.76 10.06 -76.04
CA PRO L 204 15.44 9.59 -74.81
C PRO L 204 15.36 8.13 -74.29
N ALA L 205 14.79 8.08 -73.07
CA ALA L 205 14.96 7.01 -72.08
C ALA L 205 16.44 6.75 -71.76
N ALA L 206 17.00 7.56 -70.87
CA ALA L 206 18.41 7.48 -70.48
C ALA L 206 18.63 6.27 -69.56
N SER L 207 17.62 6.01 -68.73
CA SER L 207 17.66 4.92 -67.78
C SER L 207 17.92 3.62 -68.51
N ILE L 208 17.29 3.46 -69.67
CA ILE L 208 17.37 2.20 -70.40
C ILE L 208 18.81 1.83 -70.71
N GLU L 209 19.61 2.75 -71.23
CA GLU L 209 20.96 2.33 -71.60
C GLU L 209 21.83 2.04 -70.40
N LYS L 210 21.51 2.60 -69.25
CA LYS L 210 22.28 2.27 -68.06
C LYS L 210 21.96 0.86 -67.59
N ARG L 211 20.73 0.41 -67.83
CA ARG L 211 20.36 -0.98 -67.55
C ARG L 211 21.10 -1.93 -68.47
N LEU L 212 21.25 -1.59 -69.75
CA LEU L 212 21.96 -2.49 -70.66
C LEU L 212 23.42 -2.67 -70.30
N GLN L 213 24.10 -1.63 -69.83
CA GLN L 213 25.51 -1.77 -69.53
C GLN L 213 25.67 -2.61 -68.29
N LYS L 214 24.71 -2.50 -67.38
CA LYS L 214 24.75 -3.29 -66.18
C LYS L 214 24.68 -4.75 -66.50
N TYR L 215 23.69 -5.13 -67.31
CA TYR L 215 23.47 -6.53 -67.63
C TYR L 215 24.46 -7.09 -68.62
N ARG L 216 25.08 -6.22 -69.41
CA ARG L 216 26.17 -6.65 -70.26
C ARG L 216 27.40 -7.00 -69.45
N GLN L 217 27.73 -6.16 -68.46
CA GLN L 217 28.92 -6.42 -67.68
C GLN L 217 28.68 -7.58 -66.71
N GLN L 218 27.42 -7.83 -66.37
CA GLN L 218 27.09 -9.01 -65.59
C GLN L 218 27.01 -10.26 -66.47
N GLY L 219 27.01 -10.06 -67.78
CA GLY L 219 26.97 -11.19 -68.69
C GLY L 219 25.57 -11.71 -68.92
N ARG L 220 24.58 -11.04 -68.35
CA ARG L 220 23.20 -11.43 -68.55
C ARG L 220 22.72 -11.08 -69.95
N ILE L 221 23.23 -9.98 -70.50
CA ILE L 221 22.93 -9.64 -71.89
C ILE L 221 24.21 -9.77 -72.71
N ASN L 222 24.11 -10.40 -73.87
CA ASN L 222 25.27 -10.56 -74.72
C ASN L 222 25.16 -9.50 -75.80
N PRO L 223 26.20 -8.67 -75.96
CA PRO L 223 26.13 -7.49 -76.84
C PRO L 223 25.84 -7.87 -78.28
N ARG L 224 26.07 -9.13 -78.60
CA ARG L 224 25.84 -9.62 -79.93
C ARG L 224 24.37 -9.55 -80.28
N TYR L 225 23.54 -9.79 -79.28
CA TYR L 225 22.12 -9.92 -79.50
C TYR L 225 21.41 -8.69 -78.99
N LEU L 226 22.11 -7.56 -78.99
CA LEU L 226 21.52 -6.32 -78.56
C LEU L 226 20.53 -5.92 -79.64
N LEU L 227 19.45 -5.24 -79.29
CA LEU L 227 18.44 -4.91 -80.29
C LEU L 227 18.63 -3.49 -80.75
N GLN L 228 18.15 -3.16 -81.94
CA GLN L 228 18.19 -1.79 -82.38
C GLN L 228 17.25 -1.00 -81.49
N PRO L 229 17.60 0.24 -81.18
CA PRO L 229 16.77 1.00 -80.25
C PRO L 229 15.32 1.16 -80.71
N GLU L 230 15.09 1.15 -82.01
CA GLU L 230 13.72 1.23 -82.49
C GLU L 230 12.95 -0.06 -82.18
N ALA L 231 13.65 -1.19 -82.17
CA ALA L 231 13.03 -2.46 -81.79
C ALA L 231 12.54 -2.42 -80.35
N ARG L 232 13.37 -1.88 -79.47
CA ARG L 232 12.95 -1.74 -78.08
C ARG L 232 11.77 -0.78 -77.95
N ARG L 233 11.73 0.27 -78.76
CA ARG L 233 10.65 1.22 -78.62
C ARG L 233 9.32 0.60 -78.97
N ILE L 234 9.31 -0.26 -79.97
CA ILE L 234 8.10 -0.96 -80.35
C ILE L 234 7.65 -1.94 -79.27
N ILE L 235 8.59 -2.73 -78.75
CA ILE L 235 8.27 -3.69 -77.71
C ILE L 235 7.77 -2.97 -76.46
N GLN L 236 8.38 -1.82 -76.17
CA GLN L 236 7.91 -0.97 -75.10
C GLN L 236 6.45 -0.61 -75.31
N ASN L 237 6.11 -0.32 -76.55
CA ASN L 237 4.75 0.07 -76.92
C ASN L 237 3.74 -1.08 -76.83
N VAL L 238 4.13 -2.26 -77.29
CA VAL L 238 3.25 -3.42 -77.21
C VAL L 238 2.91 -3.80 -75.77
N ILE L 239 3.91 -3.75 -74.91
CA ILE L 239 3.72 -4.09 -73.50
C ILE L 239 2.80 -3.12 -72.76
N ARG L 240 2.92 -1.82 -73.04
CA ARG L 240 2.02 -0.86 -72.40
C ARG L 240 0.60 -1.08 -72.87
N LYS L 241 0.43 -1.47 -74.13
CA LYS L 241 -0.90 -1.76 -74.65
C LYS L 241 -1.49 -3.01 -74.04
N GLY L 242 -0.65 -4.02 -73.81
CA GLY L 242 -1.15 -5.32 -73.44
C GLY L 242 -1.30 -5.60 -71.96
N MET L 243 -2.54 -5.62 -71.50
CA MET L 243 -2.80 -5.92 -70.10
C MET L 243 -2.54 -7.40 -69.85
N VAL L 244 -3.01 -8.26 -70.75
CA VAL L 244 -2.78 -9.71 -70.62
C VAL L 244 -1.31 -10.04 -70.48
N VAL L 245 -0.52 -9.39 -71.33
CA VAL L 245 0.92 -9.55 -71.31
C VAL L 245 1.47 -9.04 -69.98
N ARG L 246 1.01 -7.87 -69.58
CA ARG L 246 1.46 -7.25 -68.35
C ARG L 246 1.10 -8.07 -67.12
N HIS L 247 -0.08 -8.68 -67.12
CA HIS L 247 -0.48 -9.56 -66.04
C HIS L 247 0.50 -10.70 -65.93
N PHE L 248 0.83 -11.27 -67.08
CA PHE L 248 1.73 -12.39 -67.13
C PHE L 248 3.09 -12.02 -66.56
N LEU L 249 3.57 -10.83 -66.90
CA LEU L 249 4.87 -10.38 -66.41
C LEU L 249 4.83 -10.26 -64.91
N THR L 250 3.68 -9.80 -64.41
CA THR L 250 3.50 -9.67 -62.97
C THR L 250 3.63 -11.02 -62.31
N PHE L 251 3.02 -12.04 -62.91
CA PHE L 251 3.03 -13.35 -62.29
C PHE L 251 4.45 -13.86 -62.24
N GLU L 252 5.20 -13.63 -63.32
CA GLU L 252 6.59 -14.05 -63.36
C GLU L 252 7.41 -13.28 -62.35
N LEU L 253 7.12 -12.00 -62.21
CA LEU L 253 7.90 -11.18 -61.32
C LEU L 253 7.70 -11.65 -59.89
N GLN L 254 6.47 -12.07 -59.56
CA GLN L 254 6.19 -12.64 -58.25
C GLN L 254 6.86 -13.98 -58.02
N LEU L 255 7.01 -14.75 -59.09
CA LEU L 255 7.62 -16.06 -59.00
C LEU L 255 9.09 -15.90 -58.70
N ALA L 256 9.65 -14.83 -59.25
CA ALA L 256 11.03 -14.46 -59.00
C ALA L 256 11.23 -14.02 -57.57
N ARG L 257 10.18 -13.51 -56.94
CA ARG L 257 10.29 -13.05 -55.56
C ARG L 257 10.43 -14.21 -54.57
N ALA L 258 9.79 -15.33 -54.87
CA ALA L 258 9.76 -16.46 -53.96
C ALA L 258 10.92 -17.42 -54.17
N GLN L 259 11.82 -17.09 -55.08
CA GLN L 259 12.89 -18.02 -55.43
C GLN L 259 13.85 -18.09 -54.27
N SER L 260 14.57 -19.21 -54.19
CA SER L 260 15.55 -19.40 -53.15
C SER L 260 16.77 -18.56 -53.45
N LEU L 261 17.69 -18.46 -52.49
CA LEU L 261 18.93 -17.75 -52.74
C LEU L 261 19.70 -18.50 -53.81
N VAL L 262 19.53 -19.81 -53.83
CA VAL L 262 20.11 -20.61 -54.89
C VAL L 262 19.02 -20.87 -55.95
N SER L 263 19.23 -20.33 -57.12
CA SER L 263 18.18 -20.21 -58.12
C SER L 263 18.73 -20.60 -59.45
N ASN L 264 18.02 -20.30 -60.53
CA ASN L 264 18.59 -20.57 -61.84
C ASN L 264 18.91 -19.25 -62.54
N ARG L 265 19.47 -19.37 -63.73
CA ARG L 265 20.05 -18.23 -64.42
C ARG L 265 18.98 -17.21 -64.74
N TYR L 266 17.87 -17.67 -65.29
CA TYR L 266 16.80 -16.78 -65.73
C TYR L 266 16.07 -16.06 -64.62
N TYR L 267 15.65 -16.80 -63.60
CA TYR L 267 14.86 -16.20 -62.53
C TYR L 267 15.66 -15.31 -61.61
N ALA L 268 16.96 -15.57 -61.49
CA ALA L 268 17.84 -14.65 -60.79
C ALA L 268 17.83 -13.34 -61.54
N MET L 269 17.83 -13.47 -62.85
CA MET L 269 17.85 -12.35 -63.78
C MET L 269 16.57 -11.51 -63.72
N VAL L 270 15.44 -12.20 -63.75
CA VAL L 270 14.12 -11.57 -63.69
C VAL L 270 13.90 -10.89 -62.36
N GLY L 271 14.37 -11.53 -61.30
CA GLY L 271 14.29 -10.98 -59.96
C GLY L 271 15.10 -9.71 -59.81
N ASP L 272 16.27 -9.69 -60.45
CA ASP L 272 17.14 -8.53 -60.37
C ASP L 272 16.49 -7.35 -61.09
N VAL L 273 16.00 -7.59 -62.30
CA VAL L 273 15.44 -6.52 -63.10
C VAL L 273 14.10 -6.09 -62.50
N GLY L 274 13.47 -7.01 -61.78
CA GLY L 274 12.17 -6.74 -61.20
C GLY L 274 12.17 -5.64 -60.17
N LYS L 275 13.30 -5.48 -59.48
CA LYS L 275 13.40 -4.53 -58.38
C LYS L 275 13.43 -3.09 -58.91
N TYR L 276 13.84 -2.93 -60.16
CA TYR L 276 13.69 -1.66 -60.85
C TYR L 276 12.22 -1.40 -61.20
N ILE L 277 11.51 -2.46 -61.58
CA ILE L 277 10.11 -2.36 -61.92
C ILE L 277 9.20 -2.12 -60.72
N GLU L 278 9.59 -2.63 -59.55
CA GLU L 278 8.75 -2.51 -58.35
C GLU L 278 8.37 -1.08 -58.01
N ASN L 279 7.10 -0.87 -57.70
CA ASN L 279 6.57 0.42 -57.29
C ASN L 279 6.68 1.50 -58.36
N CYS L 280 6.80 1.04 -59.61
CA CYS L 280 6.72 1.90 -60.77
C CYS L 280 5.44 2.74 -60.75
N GLY L 281 5.55 4.00 -61.16
CA GLY L 281 4.37 4.80 -61.39
C GLY L 281 3.87 5.46 -60.12
N MET L 282 4.63 5.29 -59.05
CA MET L 282 4.25 5.82 -57.74
C MET L 282 5.30 6.76 -57.22
N GLY L 283 5.94 7.48 -58.14
CA GLY L 283 7.04 8.33 -57.78
C GLY L 283 6.59 9.39 -56.81
N GLY L 284 5.42 9.97 -57.05
CA GLY L 284 4.95 11.04 -56.20
C GLY L 284 4.76 10.64 -54.76
N PHE L 285 4.20 9.46 -54.54
CA PHE L 285 3.95 8.96 -53.19
C PHE L 285 5.22 8.62 -52.44
N PHE L 286 6.07 7.80 -53.06
CA PHE L 286 7.28 7.36 -52.40
C PHE L 286 8.32 8.45 -52.28
N LEU L 287 8.36 9.39 -53.23
CA LEU L 287 9.28 10.51 -53.11
C LEU L 287 8.86 11.47 -52.01
N THR L 288 7.55 11.64 -51.81
CA THR L 288 7.09 12.47 -50.70
C THR L 288 7.48 11.84 -49.38
N LEU L 289 7.33 10.52 -49.26
CA LEU L 289 7.73 9.83 -48.05
C LEU L 289 9.22 10.02 -47.81
N LYS L 290 10.00 9.85 -48.88
CA LYS L 290 11.45 9.88 -48.79
C LYS L 290 11.98 11.20 -48.29
N TYR L 291 11.57 12.29 -48.94
CA TYR L 291 12.11 13.60 -48.63
C TYR L 291 11.34 14.35 -47.55
N ALA L 292 10.02 14.34 -47.60
CA ALA L 292 9.22 15.05 -46.60
C ALA L 292 9.30 14.43 -45.21
N LEU L 293 9.10 13.11 -45.13
CA LEU L 293 9.08 12.44 -43.83
C LEU L 293 10.47 11.93 -43.44
N GLY L 294 11.24 11.50 -44.43
CA GLY L 294 12.56 10.98 -44.19
C GLY L 294 13.53 11.97 -43.57
N THR L 295 13.45 13.22 -44.03
CA THR L 295 14.36 14.25 -43.53
C THR L 295 14.04 14.62 -42.09
N ARG L 296 12.76 14.59 -41.72
CA ARG L 296 12.33 14.90 -40.36
C ARG L 296 12.84 16.29 -39.94
N TRP L 297 12.72 17.24 -40.85
CA TRP L 297 13.11 18.61 -40.53
C TRP L 297 11.97 19.31 -39.82
N PRO L 298 12.27 20.39 -39.10
CA PRO L 298 11.25 21.03 -38.25
C PRO L 298 10.03 21.58 -39.00
N THR L 299 10.15 21.91 -40.28
CA THR L 299 9.02 22.47 -41.01
C THR L 299 7.89 21.47 -41.16
N LEU L 300 8.16 20.21 -40.87
CA LEU L 300 7.17 19.16 -40.98
C LEU L 300 6.12 19.35 -39.89
N ALA L 301 6.39 20.27 -38.98
CA ALA L 301 5.49 20.52 -37.87
C ALA L 301 4.51 21.63 -38.20
N LEU L 302 4.53 22.13 -39.43
CA LEU L 302 3.57 23.14 -39.87
C LEU L 302 2.16 22.61 -39.75
N ALA L 303 1.24 23.48 -39.37
CA ALA L 303 -0.13 23.07 -39.19
C ALA L 303 -0.78 22.74 -40.53
N ALA L 304 -0.35 23.41 -41.59
CA ALA L 304 -0.90 23.18 -42.92
C ALA L 304 -0.70 21.72 -43.34
N PHE L 305 0.43 21.14 -42.94
CA PHE L 305 0.71 19.74 -43.24
C PHE L 305 -0.12 18.77 -42.43
N SER L 306 -0.84 19.26 -41.43
CA SER L 306 -1.45 18.39 -40.44
C SER L 306 -2.42 17.40 -41.05
N GLY L 307 -3.30 17.89 -41.92
CA GLY L 307 -4.26 17.02 -42.54
C GLY L 307 -3.60 16.06 -43.51
N GLU L 308 -2.64 16.56 -44.28
CA GLU L 308 -2.01 15.74 -45.30
C GLU L 308 -1.15 14.63 -44.71
N LEU L 309 -0.57 14.89 -43.54
CA LEU L 309 0.24 13.89 -42.85
C LEU L 309 -0.61 12.70 -42.45
N THR L 310 -1.83 12.98 -42.03
CA THR L 310 -2.80 11.95 -41.73
C THR L 310 -3.15 11.17 -42.98
N LYS L 311 -3.19 11.87 -44.12
CA LYS L 311 -3.51 11.23 -45.38
C LYS L 311 -2.40 10.27 -45.79
N LEU L 312 -1.15 10.67 -45.59
CA LEU L 312 -0.02 9.79 -45.87
C LEU L 312 -0.06 8.58 -44.99
N LYS L 313 -0.50 8.77 -43.75
CA LYS L 313 -0.59 7.70 -42.77
C LYS L 313 -1.58 6.63 -43.20
N SER L 314 -2.73 7.07 -43.72
CA SER L 314 -3.74 6.17 -44.28
C SER L 314 -3.26 5.43 -45.50
N LEU L 315 -2.57 6.15 -46.38
CA LEU L 315 -2.07 5.59 -47.62
C LEU L 315 -1.02 4.50 -47.39
N MET L 316 -0.17 4.67 -46.39
CA MET L 316 0.78 3.63 -46.03
C MET L 316 0.04 2.42 -45.53
N ALA L 317 -0.97 2.65 -44.71
CA ALA L 317 -1.77 1.58 -44.15
C ALA L 317 -2.47 0.82 -45.26
N LEU L 318 -2.99 1.56 -46.23
CA LEU L 318 -3.65 0.96 -47.38
C LEU L 318 -2.69 0.13 -48.20
N TYR L 319 -1.48 0.67 -48.37
CA TYR L 319 -0.48 0.00 -49.19
C TYR L 319 -0.17 -1.38 -48.62
N GLN L 320 -0.13 -1.48 -47.31
CA GLN L 320 0.18 -2.75 -46.68
C GLN L 320 -0.96 -3.76 -46.79
N THR L 321 -2.20 -3.30 -46.69
CA THR L 321 -3.33 -4.23 -46.77
C THR L 321 -3.39 -4.87 -48.14
N LEU L 322 -2.86 -4.18 -49.14
CA LEU L 322 -2.91 -4.67 -50.51
C LEU L 322 -2.10 -5.94 -50.78
N GLY L 323 -1.00 -6.16 -50.06
CA GLY L 323 -0.23 -7.39 -50.19
C GLY L 323 1.05 -7.26 -50.99
N GLU L 324 1.58 -8.39 -51.47
CA GLU L 324 2.80 -8.37 -52.29
C GLU L 324 2.57 -7.65 -53.61
N GLN L 325 1.31 -7.69 -54.05
CA GLN L 325 0.82 -7.19 -55.32
C GLN L 325 0.68 -5.68 -55.36
N ALA L 326 0.97 -5.05 -54.23
CA ALA L 326 0.95 -3.59 -54.15
C ALA L 326 2.07 -2.97 -54.95
N ARG L 327 3.07 -3.79 -55.24
CA ARG L 327 4.20 -3.35 -56.03
C ARG L 327 3.86 -3.18 -57.50
N TYR L 328 2.77 -3.79 -57.95
CA TYR L 328 2.54 -3.90 -59.37
C TYR L 328 1.29 -3.16 -59.84
N LEU L 329 0.88 -2.14 -59.09
CA LEU L 329 -0.36 -1.43 -59.41
C LEU L 329 -0.34 -0.77 -60.78
N ALA L 330 0.79 -0.18 -61.14
CA ALA L 330 0.90 0.47 -62.44
C ALA L 330 0.80 -0.57 -63.54
N LEU L 331 1.51 -1.67 -63.34
CA LEU L 331 1.53 -2.76 -64.28
C LEU L 331 0.14 -3.39 -64.38
N LEU L 332 -0.49 -3.55 -63.23
CA LEU L 332 -1.82 -4.17 -63.14
C LEU L 332 -2.94 -3.25 -63.63
N GLU L 333 -2.66 -1.95 -63.70
CA GLU L 333 -3.62 -0.91 -64.09
C GLU L 333 -4.70 -0.75 -63.05
N SER L 334 -4.35 -1.00 -61.79
CA SER L 334 -5.30 -0.93 -60.69
C SER L 334 -5.73 0.50 -60.39
N PRO L 335 -7.03 0.69 -60.12
CA PRO L 335 -7.57 2.00 -59.75
C PRO L 335 -6.95 2.52 -58.46
N HIS L 336 -6.35 1.63 -57.67
CA HIS L 336 -5.76 2.03 -56.40
C HIS L 336 -4.63 3.03 -56.63
N LEU L 337 -4.15 3.10 -57.86
CA LEU L 337 -3.06 4.01 -58.18
C LEU L 337 -3.55 5.43 -58.03
N MET L 338 -4.86 5.59 -58.13
CA MET L 338 -5.50 6.88 -57.97
C MET L 338 -5.50 7.34 -56.52
N ASP L 339 -5.52 6.38 -55.61
CA ASP L 339 -5.53 6.68 -54.18
C ASP L 339 -4.25 7.38 -53.75
N PHE L 340 -3.13 7.01 -54.37
CA PHE L 340 -1.83 7.51 -53.94
C PHE L 340 -1.37 8.71 -54.75
N ALA L 341 -2.26 9.22 -55.59
CA ALA L 341 -1.95 10.37 -56.42
C ALA L 341 -1.63 11.56 -55.56
N ALA L 342 -0.63 12.33 -55.97
CA ALA L 342 -0.09 13.41 -55.15
C ALA L 342 -1.11 14.51 -54.87
N ALA L 343 -2.18 14.56 -55.64
CA ALA L 343 -3.18 15.60 -55.48
C ALA L 343 -3.87 15.55 -54.11
N ASN L 344 -3.80 14.40 -53.46
CA ASN L 344 -4.36 14.24 -52.13
C ASN L 344 -3.53 14.95 -51.05
N TYR L 345 -2.25 15.13 -51.33
CA TYR L 345 -1.37 15.84 -50.40
C TYR L 345 -0.48 16.86 -51.10
N PRO L 346 -1.10 17.89 -51.72
CA PRO L 346 -0.36 18.80 -52.60
C PRO L 346 0.73 19.61 -51.89
N LEU L 347 0.48 20.06 -50.67
CA LEU L 347 1.49 20.88 -49.99
C LEU L 347 2.73 20.06 -49.66
N LEU L 348 2.52 18.93 -49.00
CA LEU L 348 3.61 18.05 -48.63
C LEU L 348 4.35 17.56 -49.86
N TYR L 349 3.60 17.33 -50.94
CA TYR L 349 4.21 16.88 -52.18
C TYR L 349 5.11 17.96 -52.74
N SER L 350 4.58 19.18 -52.82
CA SER L 350 5.34 20.33 -53.30
C SER L 350 6.59 20.51 -52.46
N TYR L 351 6.38 20.49 -51.16
CA TYR L 351 7.42 20.69 -50.17
C TYR L 351 8.49 19.61 -50.28
N ALA L 352 8.06 18.37 -50.44
CA ALA L 352 8.98 17.25 -50.60
C ALA L 352 9.77 17.38 -51.90
N MET L 353 9.13 17.88 -52.94
CA MET L 353 9.81 18.05 -54.22
C MET L 353 10.93 19.07 -54.09
N GLY L 354 10.67 20.14 -53.35
CA GLY L 354 11.65 21.19 -53.15
C GLY L 354 12.88 20.68 -52.44
N ILE L 355 12.67 19.82 -51.45
CA ILE L 355 13.77 19.22 -50.71
C ILE L 355 14.62 18.34 -51.62
N GLY L 356 13.94 17.51 -52.40
CA GLY L 356 14.61 16.59 -53.28
C GLY L 356 15.44 17.34 -54.30
N TYR L 357 14.94 18.49 -54.72
CA TYR L 357 15.58 19.23 -55.78
C TYR L 357 16.99 19.65 -55.38
N VAL L 358 17.17 20.14 -54.16
CA VAL L 358 18.53 20.46 -53.69
C VAL L 358 19.29 19.26 -53.15
N LEU L 359 18.61 18.35 -52.43
CA LEU L 359 19.28 17.21 -51.81
C LEU L 359 19.83 16.20 -52.83
N ASP L 360 19.15 16.07 -53.95
CA ASP L 360 19.57 15.13 -54.97
C ASP L 360 19.63 15.81 -56.34
N VAL L 361 20.78 15.70 -56.99
CA VAL L 361 20.97 16.35 -58.29
C VAL L 361 20.12 15.68 -59.36
N ASN L 362 19.87 14.38 -59.18
CA ASN L 362 19.10 13.62 -60.14
C ASN L 362 17.63 14.03 -60.15
N MET L 363 17.20 14.65 -59.07
CA MET L 363 15.83 15.08 -58.92
C MET L 363 15.49 16.14 -59.97
N ARG L 364 16.52 16.73 -60.56
CA ARG L 364 16.32 17.82 -61.53
C ARG L 364 15.43 17.44 -62.68
N ASN L 365 15.60 16.24 -63.20
CA ASN L 365 14.86 15.79 -64.37
C ASN L 365 13.61 15.00 -64.03
N TYR L 366 13.30 14.87 -62.75
CA TYR L 366 12.02 14.26 -62.41
C TYR L 366 10.95 15.26 -62.82
N ALA L 367 9.83 14.74 -63.33
CA ALA L 367 8.75 15.58 -63.79
C ALA L 367 7.84 15.94 -62.64
N PHE L 368 8.33 16.80 -61.75
CA PHE L 368 7.60 17.13 -60.53
C PHE L 368 6.52 18.18 -60.67
N SER L 369 6.57 19.01 -61.71
CA SER L 369 5.60 20.10 -61.80
C SER L 369 4.25 19.50 -62.14
N ARG L 370 3.21 20.00 -61.48
CA ARG L 370 1.86 19.46 -61.61
C ARG L 370 0.84 20.56 -61.42
N SER L 371 -0.42 20.25 -61.73
CA SER L 371 -1.49 21.23 -61.65
C SER L 371 -1.68 21.79 -60.26
N TYR L 372 -1.63 20.92 -59.26
CA TYR L 372 -1.94 21.28 -57.89
C TYR L 372 -0.69 21.68 -57.14
N MET L 373 0.41 21.74 -57.87
CA MET L 373 1.69 22.07 -57.28
C MET L 373 1.65 23.50 -56.75
N ASN L 374 2.03 23.66 -55.49
CA ASN L 374 1.96 24.96 -54.83
C ASN L 374 3.38 25.45 -54.69
N LYS L 375 3.76 26.36 -55.58
CA LYS L 375 5.15 26.69 -55.73
C LYS L 375 5.72 27.41 -54.51
N THR L 376 4.90 28.10 -53.73
CA THR L 376 5.42 28.75 -52.54
C THR L 376 5.96 27.68 -51.60
N TYR L 377 5.22 26.59 -51.42
CA TYR L 377 5.70 25.51 -50.57
C TYR L 377 6.87 24.76 -51.17
N PHE L 378 6.96 24.75 -52.50
CA PHE L 378 8.12 24.16 -53.15
C PHE L 378 9.39 24.84 -52.71
N GLN L 379 9.38 26.17 -52.72
CA GLN L 379 10.56 26.93 -52.32
C GLN L 379 10.81 26.77 -50.84
N LEU L 380 9.75 26.61 -50.07
CA LEU L 380 9.88 26.39 -48.64
C LEU L 380 10.68 25.12 -48.44
N GLY L 381 10.36 24.11 -49.23
CA GLY L 381 11.10 22.86 -49.19
C GLY L 381 12.52 23.12 -49.62
N MET L 382 12.67 23.99 -50.62
CA MET L 382 13.98 24.28 -51.19
C MET L 382 14.76 24.93 -50.06
N GLU L 383 14.10 25.87 -49.39
CA GLU L 383 14.69 26.68 -48.32
C GLU L 383 15.01 25.90 -47.08
N THR L 384 14.11 25.02 -46.70
CA THR L 384 14.30 24.20 -45.51
C THR L 384 15.57 23.39 -45.62
N ALA L 385 15.71 22.80 -46.79
CA ALA L 385 16.85 21.95 -47.10
C ALA L 385 18.19 22.70 -47.15
N ARG L 386 18.23 23.97 -47.51
CA ARG L 386 19.52 24.64 -47.47
C ARG L 386 19.90 25.17 -46.08
N LYS L 387 18.99 25.91 -45.43
CA LYS L 387 19.32 26.44 -44.11
C LYS L 387 19.20 25.45 -42.95
N GLN L 388 18.30 24.47 -43.04
CA GLN L 388 18.20 23.51 -41.95
C GLN L 388 18.68 22.13 -42.33
N GLN L 389 20.00 21.96 -42.36
CA GLN L 389 20.57 20.64 -42.51
C GLN L 389 21.26 20.30 -41.21
N GLY L 390 21.61 21.36 -40.47
CA GLY L 390 22.20 21.22 -39.15
C GLY L 390 21.20 20.77 -38.12
N ALA L 391 19.93 20.75 -38.50
CA ALA L 391 18.88 20.31 -37.60
C ALA L 391 19.14 18.87 -37.23
N VAL L 392 18.85 18.51 -35.99
CA VAL L 392 19.17 17.17 -35.52
C VAL L 392 17.91 16.40 -35.12
N ASP L 393 17.95 15.08 -35.24
CA ASP L 393 16.83 14.27 -34.76
C ASP L 393 17.12 14.20 -33.28
N MET L 394 16.34 14.91 -32.49
CA MET L 394 16.70 15.14 -31.10
C MET L 394 16.66 13.90 -30.18
N ARG L 395 15.96 12.83 -30.59
CA ARG L 395 16.03 11.58 -29.82
C ARG L 395 17.24 10.75 -30.30
N MET L 396 17.75 10.99 -31.50
CA MET L 396 19.06 10.44 -31.81
C MET L 396 20.06 11.20 -30.98
N ALA L 397 19.86 12.51 -30.98
CA ALA L 397 20.75 13.42 -30.30
C ALA L 397 20.82 13.18 -28.78
N GLU L 398 19.72 12.72 -28.15
CA GLU L 398 19.80 12.57 -26.69
C GLU L 398 20.57 11.32 -26.24
N ASP L 399 20.42 10.18 -26.95
CA ASP L 399 21.15 8.94 -26.69
C ASP L 399 22.62 9.05 -27.05
N LEU L 400 22.94 9.91 -28.02
CA LEU L 400 24.34 10.25 -28.22
C LEU L 400 24.73 11.23 -27.12
N GLY L 401 23.75 11.54 -26.25
CA GLY L 401 23.91 12.44 -25.11
C GLY L 401 24.33 13.79 -25.62
N LEU L 402 23.77 14.19 -26.74
CA LEU L 402 24.32 15.39 -27.31
C LEU L 402 23.75 16.68 -26.77
N THR L 403 24.61 17.67 -26.64
CA THR L 403 24.18 18.91 -26.05
C THR L 403 24.68 20.24 -26.63
N GLN L 404 23.91 21.27 -26.26
CA GLN L 404 23.92 22.68 -26.61
C GLN L 404 24.92 23.21 -27.66
N ALA L 405 26.19 23.23 -27.29
CA ALA L 405 27.22 23.77 -28.16
C ALA L 405 27.48 22.91 -29.41
N GLU L 406 27.33 21.59 -29.28
CA GLU L 406 27.56 20.63 -30.39
C GLU L 406 26.69 20.95 -31.61
N ARG L 407 25.40 21.12 -31.33
CA ARG L 407 24.38 21.32 -32.33
C ARG L 407 24.63 22.61 -33.09
N THR L 408 25.14 23.60 -32.40
CA THR L 408 25.22 24.94 -32.99
C THR L 408 26.30 25.13 -34.04
N GLU L 409 27.48 24.52 -33.92
CA GLU L 409 28.36 24.71 -35.06
C GLU L 409 28.30 23.47 -35.93
N MET L 410 27.49 22.50 -35.53
CA MET L 410 27.25 21.33 -36.36
C MET L 410 26.39 21.91 -37.47
N ALA L 411 25.51 22.80 -37.03
CA ALA L 411 24.65 23.57 -37.90
C ALA L 411 25.43 24.50 -38.82
N ASN L 412 26.44 25.20 -38.30
CA ASN L 412 27.22 26.05 -39.20
C ASN L 412 28.39 25.34 -39.88
N THR L 413 28.78 24.18 -39.40
CA THR L 413 29.82 23.43 -40.10
C THR L 413 29.23 23.12 -41.46
N LEU L 414 27.98 22.67 -41.36
CA LEU L 414 27.14 22.29 -42.47
C LEU L 414 26.62 23.53 -43.22
N ALA L 415 26.45 24.63 -42.47
CA ALA L 415 26.08 25.92 -43.06
C ALA L 415 27.12 26.46 -44.04
N LYS L 416 28.39 26.16 -43.79
CA LYS L 416 29.42 26.52 -44.76
C LYS L 416 29.05 25.92 -46.10
N LEU L 417 29.18 24.61 -46.25
CA LEU L 417 28.69 23.95 -47.46
C LEU L 417 27.47 23.08 -47.16
N SER M 19 -2.81 11.88 34.14
CA SER M 19 -3.25 10.50 34.35
C SER M 19 -3.76 10.33 35.76
N VAL M 20 -3.05 10.90 36.73
CA VAL M 20 -3.56 10.95 38.09
C VAL M 20 -4.80 11.82 38.05
N LEU M 21 -4.79 12.83 37.20
CA LEU M 21 -5.98 13.64 37.04
C LEU M 21 -7.07 12.85 36.34
N LYS M 22 -6.70 11.97 35.43
CA LYS M 22 -7.67 11.12 34.76
C LYS M 22 -8.28 10.10 35.75
N ALA M 23 -7.47 9.65 36.68
CA ALA M 23 -7.93 8.76 37.74
C ALA M 23 -8.95 9.43 38.64
N TYR M 24 -8.70 10.69 38.96
CA TYR M 24 -9.59 11.49 39.80
C TYR M 24 -10.95 11.75 39.17
N GLU M 25 -10.97 11.98 37.86
CA GLU M 25 -12.22 12.19 37.15
C GLU M 25 -13.04 10.92 37.15
N ARG M 26 -12.37 9.79 36.95
CA ARG M 26 -13.08 8.54 36.87
C ARG M 26 -13.51 8.10 38.25
N PHE M 27 -12.76 8.51 39.26
CA PHE M 27 -13.12 8.23 40.64
C PHE M 27 -14.41 8.96 40.98
N THR M 28 -14.48 10.23 40.61
CA THR M 28 -15.66 11.05 40.88
C THR M 28 -16.91 10.48 40.26
N LEU M 29 -16.81 10.10 39.00
CA LEU M 29 -17.98 9.68 38.25
C LEU M 29 -18.46 8.32 38.71
N THR M 30 -17.54 7.39 38.95
CA THR M 30 -17.96 6.06 39.38
C THR M 30 -18.55 6.02 40.78
N GLN M 31 -18.03 6.78 41.74
CA GLN M 31 -18.61 6.69 43.09
C GLN M 31 -19.99 7.28 43.14
N GLU M 32 -20.26 8.24 42.26
CA GLU M 32 -21.60 8.76 42.14
C GLU M 32 -22.56 7.71 41.58
N LEU M 33 -22.10 6.98 40.56
CA LEU M 33 -22.98 6.00 39.92
C LEU M 33 -22.85 4.55 40.38
N GLN M 34 -21.88 4.22 41.22
CA GLN M 34 -21.85 2.85 41.72
C GLN M 34 -22.85 2.89 42.83
N ASP M 35 -23.87 2.04 42.76
CA ASP M 35 -24.98 2.00 43.76
C ASP M 35 -26.21 1.63 42.96
N GLN M 36 -26.24 2.26 41.79
CA GLN M 36 -27.46 2.46 41.03
C GLN M 36 -27.45 1.45 39.90
N SER M 37 -26.55 0.48 40.03
CA SER M 37 -26.62 -0.74 39.23
C SER M 37 -27.93 -1.48 39.48
N GLU M 38 -28.14 -1.84 40.74
CA GLU M 38 -29.32 -2.55 41.21
C GLU M 38 -30.60 -1.71 41.17
N GLU M 39 -31.74 -2.37 41.03
CA GLU M 39 -33.00 -1.67 41.14
C GLU M 39 -33.24 -1.42 42.62
N GLY M 40 -34.16 -0.52 42.93
CA GLY M 40 -34.46 -0.20 44.31
C GLY M 40 -35.09 -1.40 45.00
N THR M 41 -34.74 -1.59 46.26
CA THR M 41 -35.32 -2.67 47.06
C THR M 41 -36.37 -2.05 47.96
N ILE M 42 -37.53 -2.70 48.08
CA ILE M 42 -38.62 -2.11 48.84
C ILE M 42 -38.15 -2.17 50.30
N PRO M 43 -38.32 -1.07 51.05
CA PRO M 43 -37.64 -0.91 52.33
C PRO M 43 -38.20 -1.83 53.40
N PRO M 44 -37.46 -2.01 54.50
CA PRO M 44 -37.96 -2.86 55.59
C PRO M 44 -39.28 -2.29 56.10
N THR M 45 -40.19 -3.15 56.51
CA THR M 45 -41.52 -2.69 56.87
C THR M 45 -41.49 -1.98 58.22
N THR M 46 -42.41 -1.03 58.35
CA THR M 46 -42.47 -0.11 59.47
C THR M 46 -43.93 0.01 59.92
N LEU M 47 -44.18 0.45 61.14
CA LEU M 47 -45.56 0.64 61.57
C LEU M 47 -46.12 1.87 60.87
N LYS M 48 -47.41 1.84 60.55
CA LYS M 48 -47.99 2.99 59.86
C LYS M 48 -49.30 3.43 60.48
N PRO M 49 -49.58 4.73 60.43
CA PRO M 49 -50.90 5.18 60.88
C PRO M 49 -51.89 4.75 59.83
N VAL M 50 -53.14 4.48 60.20
CA VAL M 50 -54.13 4.17 59.19
C VAL M 50 -54.80 5.46 58.74
N ILE M 51 -54.87 5.65 57.44
CA ILE M 51 -55.53 6.80 56.85
C ILE M 51 -56.87 6.32 56.34
N ARG M 52 -57.93 7.04 56.66
CA ARG M 52 -59.25 6.63 56.21
C ARG M 52 -59.67 7.46 55.02
N VAL M 53 -60.03 6.79 53.93
CA VAL M 53 -60.42 7.47 52.71
C VAL M 53 -61.85 7.05 52.45
N PHE M 54 -62.73 7.98 52.08
CA PHE M 54 -64.13 7.62 51.89
C PHE M 54 -64.41 7.14 50.48
N ILE M 55 -65.19 6.07 50.35
CA ILE M 55 -65.51 5.53 49.05
C ILE M 55 -66.99 5.72 48.72
N LEU M 56 -67.25 6.38 47.61
CA LEU M 56 -68.60 6.64 47.16
C LEU M 56 -68.87 5.84 45.88
N THR M 57 -69.85 4.95 45.94
CA THR M 57 -70.16 4.09 44.80
C THR M 57 -71.11 4.81 43.85
N SER M 58 -71.86 5.76 44.40
CA SER M 58 -72.86 6.51 43.66
C SER M 58 -72.23 7.56 42.75
N ASN M 59 -72.88 7.82 41.61
CA ASN M 59 -72.45 8.86 40.69
C ASN M 59 -73.31 10.10 40.85
N ASN M 60 -74.13 10.12 41.90
CA ASN M 60 -75.06 11.21 42.12
C ASN M 60 -74.35 12.52 42.35
N PRO M 61 -74.71 13.57 41.60
CA PRO M 61 -74.00 14.85 41.68
C PRO M 61 -74.09 15.47 43.06
N GLU M 62 -75.23 15.36 43.72
CA GLU M 62 -75.41 15.96 45.03
C GLU M 62 -74.59 15.27 46.10
N LEU M 63 -74.48 13.94 46.01
CA LEU M 63 -73.66 13.20 46.95
C LEU M 63 -72.17 13.46 46.76
N ARG M 64 -71.74 13.50 45.50
CA ARG M 64 -70.36 13.78 45.19
C ARG M 64 -69.95 15.14 45.71
N SER M 65 -70.81 16.13 45.48
CA SER M 65 -70.51 17.49 45.87
C SER M 65 -70.49 17.67 47.39
N ARG M 66 -71.41 17.01 48.07
CA ARG M 66 -71.46 17.18 49.51
C ARG M 66 -70.29 16.44 50.14
N LEU M 67 -69.88 15.34 49.53
CA LEU M 67 -68.68 14.63 50.03
C LEU M 67 -67.42 15.47 49.85
N LEU M 68 -67.33 16.20 48.74
CA LEU M 68 -66.19 17.08 48.53
C LEU M 68 -66.18 18.17 49.58
N LEU M 69 -67.35 18.78 49.78
CA LEU M 69 -67.53 19.87 50.73
C LEU M 69 -67.29 19.36 52.14
N PHE M 70 -67.77 18.15 52.41
CA PHE M 70 -67.55 17.51 53.70
C PHE M 70 -66.06 17.34 53.96
N CYS M 71 -65.36 16.80 52.98
CA CYS M 71 -63.95 16.47 53.12
C CYS M 71 -63.09 17.71 53.20
N LEU M 72 -63.47 18.74 52.45
CA LEU M 72 -62.71 19.97 52.42
C LEU M 72 -62.71 20.60 53.79
N ARG M 73 -63.84 20.47 54.47
CA ARG M 73 -64.00 20.98 55.81
C ARG M 73 -63.16 20.24 56.85
N ILE M 74 -63.05 18.92 56.71
CA ILE M 74 -62.18 18.17 57.61
C ILE M 74 -60.70 18.53 57.42
N VAL M 75 -60.30 18.79 56.18
CA VAL M 75 -58.92 19.20 55.91
C VAL M 75 -58.61 20.52 56.60
N LEU M 76 -59.57 21.43 56.57
CA LEU M 76 -59.38 22.76 57.12
C LEU M 76 -59.78 22.86 58.58
N SER M 77 -60.43 21.81 59.09
CA SER M 77 -61.01 21.84 60.43
C SER M 77 -59.93 22.08 61.46
N ASN M 78 -60.31 22.76 62.53
CA ASN M 78 -59.39 23.09 63.60
C ASN M 78 -58.87 21.84 64.29
N GLY M 79 -59.77 20.90 64.58
CA GLY M 79 -59.47 19.75 65.43
C GLY M 79 -59.04 18.40 64.87
N ALA M 80 -59.04 18.25 63.55
CA ALA M 80 -58.75 16.96 62.94
C ALA M 80 -57.30 16.57 63.16
N ARG M 81 -57.02 15.29 63.24
CA ARG M 81 -55.65 14.83 63.30
C ARG M 81 -55.09 14.85 61.89
N ASP M 82 -53.78 14.70 61.76
CA ASP M 82 -53.16 14.74 60.46
C ASP M 82 -53.75 13.62 59.63
N SER M 83 -53.95 12.47 60.24
CA SER M 83 -54.46 11.31 59.52
C SER M 83 -55.85 11.53 58.93
N HIS M 84 -56.69 12.28 59.62
CA HIS M 84 -58.01 12.63 59.12
C HIS M 84 -57.89 13.55 57.92
N ARG M 85 -57.00 14.54 58.03
CA ARG M 85 -56.80 15.52 56.98
C ARG M 85 -56.28 14.84 55.72
N PHE M 86 -55.36 13.91 55.89
CA PHE M 86 -54.76 13.19 54.77
C PHE M 86 -55.81 12.39 54.03
N GLY M 87 -56.65 11.70 54.80
CA GLY M 87 -57.69 10.87 54.24
C GLY M 87 -58.72 11.67 53.47
N ALA M 88 -59.06 12.83 54.00
CA ALA M 88 -60.01 13.69 53.32
C ALA M 88 -59.44 14.15 51.99
N LEU M 89 -58.15 14.47 51.98
CA LEU M 89 -57.50 14.91 50.76
C LEU M 89 -57.52 13.80 49.71
N LEU M 90 -57.15 12.60 50.15
CA LEU M 90 -57.08 11.47 49.24
C LEU M 90 -58.46 11.20 48.68
N THR M 91 -59.48 11.44 49.50
CA THR M 91 -60.85 11.30 49.04
C THR M 91 -61.21 12.35 47.99
N MET M 92 -60.83 13.59 48.23
CA MET M 92 -61.15 14.65 47.29
C MET M 92 -60.52 14.37 45.93
N PHE M 93 -59.26 13.98 45.94
CA PHE M 93 -58.52 13.73 44.70
C PHE M 93 -59.07 12.51 43.94
N SER M 94 -59.88 11.71 44.61
CA SER M 94 -60.46 10.54 43.96
C SER M 94 -61.90 10.75 43.51
N LEU M 95 -62.47 11.90 43.85
CA LEU M 95 -63.86 12.18 43.54
C LEU M 95 -64.21 12.34 42.06
N PRO M 96 -63.26 12.79 41.21
CA PRO M 96 -63.63 12.78 39.79
C PRO M 96 -63.81 11.38 39.18
N SER M 97 -63.25 10.34 39.77
CA SER M 97 -63.27 9.02 39.12
C SER M 97 -64.64 8.38 39.04
N ALA M 98 -64.85 7.67 37.93
CA ALA M 98 -66.05 6.90 37.70
C ALA M 98 -66.14 5.79 38.75
N THR M 99 -64.99 5.23 39.09
CA THR M 99 -64.89 4.32 40.21
C THR M 99 -63.82 4.82 41.16
N MET M 100 -64.23 5.34 42.32
CA MET M 100 -63.27 5.84 43.29
C MET M 100 -62.39 4.75 43.83
N LEU M 101 -62.93 3.55 43.93
CA LEU M 101 -62.23 2.48 44.60
C LEU M 101 -60.92 2.18 43.90
N ASN M 102 -60.96 2.12 42.58
CA ASN M 102 -59.79 1.80 41.76
C ASN M 102 -58.71 2.84 41.92
N HIS M 103 -59.16 4.07 42.05
CA HIS M 103 -58.25 5.19 42.11
C HIS M 103 -57.62 5.36 43.49
N VAL M 104 -58.31 4.88 44.52
CA VAL M 104 -57.74 4.87 45.85
C VAL M 104 -56.65 3.81 45.99
N LYS M 105 -56.77 2.73 45.21
CA LYS M 105 -55.80 1.65 45.27
C LYS M 105 -54.45 2.12 44.73
N LEU M 106 -54.47 3.30 44.12
CA LEU M 106 -53.23 3.93 43.71
C LEU M 106 -52.41 4.26 44.94
N ALA M 107 -53.08 4.71 45.99
CA ALA M 107 -52.41 5.08 47.23
C ALA M 107 -51.78 3.85 47.89
N ASP M 108 -52.34 2.68 47.64
CA ASP M 108 -51.86 1.48 48.30
C ASP M 108 -50.46 1.12 47.84
N GLN M 109 -50.04 1.73 46.74
CA GLN M 109 -48.75 1.44 46.13
C GLN M 109 -47.64 2.13 46.90
N SER M 110 -48.03 2.97 47.87
CA SER M 110 -47.07 3.65 48.71
C SER M 110 -46.65 2.77 49.89
N PRO M 111 -45.34 2.65 50.11
CA PRO M 111 -44.82 1.82 51.18
C PRO M 111 -45.15 2.36 52.56
N GLU M 112 -45.66 3.58 52.63
CA GLU M 112 -45.96 4.24 53.90
C GLU M 112 -47.46 4.21 54.18
N ALA M 113 -48.21 3.59 53.29
CA ALA M 113 -49.65 3.70 53.32
C ALA M 113 -50.30 2.50 53.98
N ASP M 114 -51.24 2.78 54.86
CA ASP M 114 -52.17 1.79 55.38
C ASP M 114 -53.54 2.44 55.33
N ILE M 115 -54.37 2.08 54.35
CA ILE M 115 -55.62 2.79 54.11
C ILE M 115 -56.85 2.01 54.53
N GLU M 116 -57.80 2.69 55.16
CA GLU M 116 -59.12 2.10 55.41
C GLU M 116 -60.16 2.77 54.52
N ARG M 117 -60.88 1.94 53.79
CA ARG M 117 -61.72 2.42 52.70
C ARG M 117 -63.07 3.03 53.06
N VAL M 118 -63.73 2.61 54.14
CA VAL M 118 -64.93 3.33 54.61
C VAL M 118 -65.95 3.65 53.48
N GLU M 119 -66.59 2.61 52.93
CA GLU M 119 -67.58 2.78 51.86
C GLU M 119 -68.82 3.46 52.43
N ILE M 120 -69.38 4.43 51.71
CA ILE M 120 -70.18 5.40 52.43
C ILE M 120 -71.71 5.36 52.15
N ASP M 121 -72.20 5.46 50.90
CA ASP M 121 -73.65 5.40 50.55
C ASP M 121 -74.43 6.73 50.65
N GLY M 122 -73.94 7.73 51.39
CA GLY M 122 -74.67 8.98 51.42
C GLY M 122 -74.58 9.84 52.67
N PHE M 123 -75.40 10.89 52.70
CA PHE M 123 -75.52 11.79 53.84
C PHE M 123 -76.98 11.90 54.28
N GLU M 124 -77.23 12.00 55.57
CA GLU M 124 -78.60 12.24 56.02
C GLU M 124 -78.88 13.68 55.65
N GLU M 125 -79.92 13.92 54.86
CA GLU M 125 -80.02 15.23 54.18
C GLU M 125 -80.17 16.35 55.20
N GLY M 126 -79.61 17.49 54.86
CA GLY M 126 -79.29 18.53 55.80
C GLY M 126 -77.84 18.27 56.19
N SER M 127 -77.54 17.06 56.67
CA SER M 127 -76.18 16.55 56.70
C SER M 127 -75.32 17.41 57.63
N PHE M 128 -73.98 17.30 57.69
CA PHE M 128 -73.13 16.22 57.19
C PHE M 128 -73.11 15.01 58.11
N ARG M 129 -74.24 14.33 58.28
CA ARG M 129 -74.21 13.12 59.08
C ARG M 129 -74.08 11.96 58.12
N LEU M 130 -73.03 11.18 58.27
CA LEU M 130 -72.76 10.14 57.32
C LEU M 130 -73.79 9.04 57.47
N ILE M 131 -74.26 8.54 56.35
CA ILE M 131 -75.00 7.31 56.32
C ILE M 131 -74.03 6.33 55.75
N PRO M 132 -73.57 5.35 56.54
CA PRO M 132 -72.55 4.43 56.04
C PRO M 132 -73.11 3.24 55.28
N ASN M 133 -72.34 2.71 54.34
CA ASN M 133 -72.73 1.49 53.66
C ASN M 133 -72.83 0.28 54.57
N ALA M 134 -74.02 -0.31 54.61
CA ALA M 134 -74.26 -1.70 55.04
C ALA M 134 -72.99 -2.51 55.33
N ARG M 135 -72.08 -2.44 54.38
CA ARG M 135 -70.82 -3.16 54.38
C ARG M 135 -69.94 -2.91 55.59
N SER M 136 -69.80 -1.65 56.00
CA SER M 136 -69.11 -1.35 57.26
C SER M 136 -69.92 -0.38 58.11
N GLY M 137 -70.17 -0.77 59.35
CA GLY M 137 -70.97 0.05 60.24
C GLY M 137 -70.22 1.22 60.83
N MET M 138 -70.96 2.14 61.43
CA MET M 138 -70.37 3.22 62.19
C MET M 138 -71.22 3.45 63.44
N SER M 139 -70.57 3.77 64.54
CA SER M 139 -71.31 4.11 65.75
C SER M 139 -71.87 5.52 65.57
N ARG M 140 -72.98 5.83 66.24
CA ARG M 140 -73.56 7.16 66.08
C ARG M 140 -72.73 8.20 66.81
N GLY M 141 -71.78 7.75 67.62
CA GLY M 141 -70.79 8.63 68.19
C GLY M 141 -69.82 9.17 67.16
N GLU M 142 -69.30 8.29 66.31
CA GLU M 142 -68.36 8.70 65.28
C GLU M 142 -69.07 9.39 64.10
N ILE M 143 -70.28 8.97 63.80
CA ILE M 143 -71.03 9.68 62.76
C ILE M 143 -71.21 11.13 63.20
N ASN M 144 -71.60 11.32 64.45
CA ASN M 144 -71.79 12.66 64.97
C ASN M 144 -70.48 13.39 65.17
N ALA M 145 -69.41 12.66 65.45
CA ALA M 145 -68.12 13.28 65.67
C ALA M 145 -67.59 13.89 64.38
N TYR M 146 -67.80 13.19 63.28
CA TYR M 146 -67.39 13.70 61.97
C TYR M 146 -68.18 14.95 61.63
N ALA M 147 -69.48 14.92 61.90
CA ALA M 147 -70.36 16.04 61.58
C ALA M 147 -69.95 17.31 62.32
N ALA M 148 -69.47 17.14 63.55
CA ALA M 148 -68.95 18.25 64.34
C ALA M 148 -67.65 18.76 63.77
N LEU M 149 -66.83 17.82 63.30
CA LEU M 149 -65.52 18.16 62.74
C LEU M 149 -65.67 18.92 61.44
N ALA M 150 -66.71 18.61 60.68
CA ALA M 150 -66.96 19.32 59.44
C ALA M 150 -67.52 20.72 59.67
N GLU M 151 -67.92 21.01 60.90
CA GLU M 151 -68.49 22.32 61.21
C GLU M 151 -67.68 23.09 62.20
N ASP M 152 -66.38 22.81 62.21
CA ASP M 152 -65.50 23.51 63.12
C ASP M 152 -64.91 24.71 62.37
N LEU M 153 -63.89 24.49 61.52
CA LEU M 153 -63.31 25.54 60.68
C LEU M 153 -62.67 26.70 61.48
N PRO M 154 -61.56 27.24 60.98
CA PRO M 154 -60.97 28.35 61.73
C PRO M 154 -61.81 29.60 61.62
N ASP M 155 -61.61 30.58 62.52
CA ASP M 155 -62.32 31.85 62.43
C ASP M 155 -61.57 32.81 61.54
N THR M 156 -60.36 32.45 61.16
CA THR M 156 -59.63 33.25 60.21
C THR M 156 -60.36 33.25 58.86
N LEU M 157 -61.19 32.23 58.63
CA LEU M 157 -61.92 32.16 57.38
C LEU M 157 -63.14 33.03 57.47
N ASN M 158 -63.55 33.58 56.34
CA ASN M 158 -64.62 34.56 56.32
C ASN M 158 -65.92 33.87 56.00
N HIS M 159 -66.90 34.00 56.88
CA HIS M 159 -68.25 33.51 56.64
C HIS M 159 -68.32 32.00 56.69
N ALA M 160 -68.04 31.41 57.84
CA ALA M 160 -68.22 29.97 58.04
C ALA M 160 -67.92 28.99 56.88
N THR M 161 -67.32 29.46 55.79
CA THR M 161 -66.95 28.57 54.69
C THR M 161 -65.58 28.93 54.16
N PRO M 162 -64.95 27.99 53.45
CA PRO M 162 -63.77 28.24 52.61
C PRO M 162 -64.15 28.57 51.19
N PHE M 163 -64.63 29.76 50.85
CA PHE M 163 -64.91 30.02 49.44
C PHE M 163 -64.88 31.43 48.88
N VAL M 164 -64.61 32.46 49.69
CA VAL M 164 -64.56 33.84 49.19
C VAL M 164 -65.94 34.27 48.67
N ASP M 165 -66.79 33.31 48.33
CA ASP M 165 -68.14 33.60 47.88
C ASP M 165 -69.14 32.86 48.77
N SER M 166 -69.62 33.54 49.80
CA SER M 166 -70.51 32.94 50.81
C SER M 166 -71.87 32.60 50.22
N GLU M 167 -71.94 31.54 49.43
CA GLU M 167 -73.15 31.21 48.70
C GLU M 167 -72.95 29.93 47.92
N VAL M 168 -71.70 29.66 47.57
CA VAL M 168 -71.36 28.49 46.77
C VAL M 168 -71.87 27.25 47.45
N GLU M 169 -71.54 27.12 48.73
CA GLU M 169 -71.90 25.92 49.46
C GLU M 169 -73.41 25.76 49.54
N GLY M 170 -74.13 26.81 49.19
CA GLY M 170 -75.59 26.77 49.19
C GLY M 170 -76.15 26.40 47.83
N THR M 171 -75.26 26.16 46.85
CA THR M 171 -75.68 25.83 45.49
C THR M 171 -76.53 24.57 45.48
N ALA M 172 -77.28 24.40 44.41
CA ALA M 172 -78.07 23.20 44.24
C ALA M 172 -77.34 22.34 43.24
N TRP M 173 -76.80 21.23 43.72
CA TRP M 173 -75.96 20.37 42.92
C TRP M 173 -76.79 19.35 42.17
N ASP M 174 -77.60 19.85 41.23
CA ASP M 174 -78.52 19.02 40.48
C ASP M 174 -77.83 18.26 39.37
N GLU M 175 -76.81 18.87 38.79
CA GLU M 175 -76.18 18.29 37.61
C GLU M 175 -74.70 18.02 37.76
N ILE M 176 -74.26 16.92 37.14
CA ILE M 176 -72.86 16.51 37.23
C ILE M 176 -71.91 17.57 36.68
N GLU M 177 -72.35 18.40 35.74
CA GLU M 177 -71.46 19.44 35.19
C GLU M 177 -71.00 20.33 36.31
N THR M 178 -71.93 20.65 37.20
CA THR M 178 -71.67 21.56 38.29
C THR M 178 -70.70 20.98 39.29
N PHE M 179 -70.87 19.71 39.62
CA PHE M 179 -69.97 19.06 40.57
C PHE M 179 -68.57 19.06 40.02
N LEU M 180 -68.42 18.67 38.75
CA LEU M 180 -67.11 18.56 38.13
C LEU M 180 -66.45 19.93 38.03
N ASP M 181 -67.24 20.96 37.77
CA ASP M 181 -66.71 22.31 37.67
C ASP M 181 -66.11 22.73 39.00
N MET M 182 -66.82 22.46 40.09
CA MET M 182 -66.28 22.72 41.42
C MET M 182 -65.12 21.80 41.79
N CYS M 183 -65.32 20.52 41.57
CA CYS M 183 -64.32 19.54 41.96
C CYS M 183 -63.00 19.83 41.27
N TYR M 184 -63.03 20.09 39.97
CA TYR M 184 -61.80 20.37 39.26
C TYR M 184 -61.22 21.70 39.75
N SER M 185 -62.10 22.67 40.01
CA SER M 185 -61.64 23.98 40.47
C SER M 185 -61.00 23.91 41.84
N VAL M 186 -61.61 23.17 42.75
CA VAL M 186 -61.01 23.01 44.07
C VAL M 186 -59.72 22.21 44.03
N LEU M 187 -59.72 21.10 43.31
CA LEU M 187 -58.55 20.25 43.20
C LEU M 187 -57.39 20.97 42.53
N MET M 188 -57.67 21.84 41.56
CA MET M 188 -56.59 22.58 40.91
C MET M 188 -55.88 23.52 41.87
N GLN M 189 -56.61 24.11 42.80
CA GLN M 189 -56.01 24.99 43.79
C GLN M 189 -55.08 24.23 44.72
N ALA M 190 -55.44 22.99 45.03
CA ALA M 190 -54.58 22.10 45.80
C ALA M 190 -53.33 21.74 45.02
N TRP M 191 -53.49 21.46 43.72
CA TRP M 191 -52.38 21.11 42.86
C TRP M 191 -51.37 22.26 42.78
N ILE M 192 -51.88 23.48 42.74
CA ILE M 192 -51.07 24.67 42.59
C ILE M 192 -50.14 24.92 43.76
N VAL M 193 -50.52 24.45 44.94
CA VAL M 193 -49.68 24.63 46.12
C VAL M 193 -48.91 23.37 46.54
N THR M 194 -48.80 22.41 45.63
CA THR M 194 -48.27 21.10 45.96
C THR M 194 -46.79 21.07 46.33
N CYS M 195 -45.94 21.79 45.61
CA CYS M 195 -44.54 21.68 45.98
C CYS M 195 -43.99 23.04 46.41
N LYS M 196 -44.59 23.59 47.47
CA LYS M 196 -44.17 24.85 48.04
C LYS M 196 -43.88 24.66 49.53
N CYS M 197 -42.70 25.08 49.98
CA CYS M 197 -42.29 24.87 51.38
C CYS M 197 -42.98 25.88 52.32
N MET M 198 -43.47 26.97 51.72
CA MET M 198 -44.42 27.98 52.27
C MET M 198 -43.70 29.23 52.75
N GLN M 203 -47.07 37.23 53.76
CA GLN M 203 -46.01 36.36 53.27
C GLN M 203 -46.28 36.16 51.75
N PRO M 204 -45.59 35.20 51.07
CA PRO M 204 -45.90 34.70 49.73
C PRO M 204 -47.39 34.51 49.32
N ALA M 205 -47.68 34.22 48.04
CA ALA M 205 -46.70 34.03 46.96
C ALA M 205 -47.22 34.57 45.65
N ALA M 206 -46.33 35.18 44.88
CA ALA M 206 -46.72 35.78 43.62
C ALA M 206 -47.01 34.68 42.61
N SER M 207 -46.21 33.61 42.68
CA SER M 207 -46.36 32.52 41.74
C SER M 207 -47.77 31.96 41.79
N ILE M 208 -48.30 31.77 43.00
CA ILE M 208 -49.61 31.14 43.16
C ILE M 208 -50.72 31.93 42.49
N GLU M 209 -50.71 33.26 42.65
CA GLU M 209 -51.80 34.05 42.12
C GLU M 209 -51.76 34.16 40.59
N LYS M 210 -50.58 33.98 40.00
CA LYS M 210 -50.41 33.91 38.55
C LYS M 210 -50.86 32.56 37.98
N ARG M 211 -50.69 31.50 38.77
CA ARG M 211 -51.20 30.19 38.40
C ARG M 211 -52.72 30.23 38.35
N LEU M 212 -53.30 30.89 39.33
CA LEU M 212 -54.75 30.96 39.41
C LEU M 212 -55.27 31.69 38.20
N GLN M 213 -54.56 32.73 37.79
CA GLN M 213 -55.04 33.56 36.69
C GLN M 213 -54.91 32.85 35.36
N LYS M 214 -53.91 31.98 35.23
CA LYS M 214 -53.78 31.18 34.02
C LYS M 214 -54.97 30.25 33.90
N TYR M 215 -55.27 29.55 34.99
CA TYR M 215 -56.33 28.57 34.97
C TYR M 215 -57.73 29.17 34.95
N ARG M 216 -57.90 30.40 35.42
CA ARG M 216 -59.17 31.07 35.23
C ARG M 216 -59.38 31.40 33.76
N GLN M 217 -58.34 31.91 33.11
CA GLN M 217 -58.49 32.33 31.73
C GLN M 217 -58.58 31.13 30.81
N GLN M 218 -58.05 29.99 31.25
CA GLN M 218 -58.24 28.77 30.49
C GLN M 218 -59.58 28.13 30.80
N GLY M 219 -60.26 28.61 31.82
CA GLY M 219 -61.57 28.06 32.14
C GLY M 219 -61.46 26.80 32.98
N ARG M 220 -60.24 26.45 33.36
CA ARG M 220 -60.02 25.31 34.22
C ARG M 220 -60.42 25.59 35.67
N ILE M 221 -60.23 26.83 36.11
CA ILE M 221 -60.73 27.21 37.43
C ILE M 221 -61.85 28.23 37.24
N ASN M 222 -62.94 28.04 37.97
CA ASN M 222 -64.09 28.90 37.87
C ASN M 222 -64.02 29.85 39.04
N PRO M 223 -64.06 31.15 38.77
CA PRO M 223 -63.82 32.14 39.82
C PRO M 223 -64.82 32.02 40.95
N ARG M 224 -65.95 31.39 40.67
CA ARG M 224 -66.98 31.21 41.67
C ARG M 224 -66.46 30.34 42.78
N TYR M 225 -65.59 29.41 42.44
CA TYR M 225 -65.17 28.43 43.41
C TYR M 225 -63.76 28.62 43.96
N LEU M 226 -63.25 29.86 43.97
CA LEU M 226 -61.94 30.08 44.57
C LEU M 226 -62.02 29.89 46.05
N LEU M 227 -60.90 29.53 46.64
CA LEU M 227 -60.86 29.27 48.05
C LEU M 227 -60.31 30.54 48.67
N GLN M 228 -60.62 30.80 49.93
CA GLN M 228 -60.01 31.92 50.60
C GLN M 228 -58.55 31.58 50.69
N PRO M 229 -57.68 32.58 50.60
CA PRO M 229 -56.24 32.29 50.57
C PRO M 229 -55.81 31.47 51.79
N GLU M 230 -56.57 31.62 52.87
CA GLU M 230 -56.31 30.86 54.08
C GLU M 230 -56.56 29.36 53.93
N ALA M 231 -57.58 29.00 53.17
CA ALA M 231 -57.87 27.61 52.90
C ALA M 231 -56.74 26.94 52.14
N ARG M 232 -56.20 27.65 51.15
CA ARG M 232 -55.10 27.13 50.37
C ARG M 232 -53.84 26.92 51.19
N ARG M 233 -53.55 27.83 52.11
CA ARG M 233 -52.33 27.72 52.90
C ARG M 233 -52.39 26.52 53.82
N ILE M 234 -53.57 26.22 54.33
CA ILE M 234 -53.78 25.03 55.14
C ILE M 234 -53.60 23.77 54.32
N ILE M 235 -54.17 23.74 53.11
CA ILE M 235 -54.01 22.58 52.24
C ILE M 235 -52.56 22.38 51.86
N GLN M 236 -51.88 23.48 51.59
CA GLN M 236 -50.44 23.48 51.30
C GLN M 236 -49.69 22.79 52.42
N ASN M 237 -50.09 23.08 53.64
CA ASN M 237 -49.46 22.53 54.83
C ASN M 237 -49.72 21.05 54.99
N VAL M 238 -50.96 20.64 54.76
CA VAL M 238 -51.28 19.22 54.85
C VAL M 238 -50.55 18.43 53.78
N ILE M 239 -50.46 18.97 52.58
CA ILE M 239 -49.76 18.27 51.52
C ILE M 239 -48.29 18.15 51.83
N ARG M 240 -47.67 19.19 52.38
CA ARG M 240 -46.24 19.11 52.69
C ARG M 240 -46.01 18.06 53.78
N LYS M 241 -46.90 17.98 54.76
CA LYS M 241 -46.79 17.00 55.84
C LYS M 241 -47.03 15.54 55.43
N GLY M 242 -47.94 15.33 54.49
CA GLY M 242 -48.39 13.98 54.17
C GLY M 242 -47.59 13.28 53.08
N MET M 243 -46.79 12.30 53.49
CA MET M 243 -45.96 11.56 52.54
C MET M 243 -46.82 10.68 51.65
N VAL M 244 -47.76 9.95 52.23
CA VAL M 244 -48.70 9.13 51.47
C VAL M 244 -49.47 9.97 50.45
N VAL M 245 -49.90 11.14 50.87
CA VAL M 245 -50.62 12.05 50.01
C VAL M 245 -49.76 12.43 48.83
N ARG M 246 -48.53 12.84 49.13
CA ARG M 246 -47.59 13.24 48.10
C ARG M 246 -47.21 12.11 47.16
N HIS M 247 -47.10 10.89 47.69
CA HIS M 247 -46.87 9.72 46.86
C HIS M 247 -48.00 9.56 45.86
N PHE M 248 -49.22 9.71 46.35
CA PHE M 248 -50.41 9.59 45.53
C PHE M 248 -50.42 10.65 44.44
N LEU M 249 -50.01 11.87 44.77
CA LEU M 249 -49.96 12.91 43.77
C LEU M 249 -48.92 12.59 42.72
N THR M 250 -47.82 11.97 43.14
CA THR M 250 -46.78 11.59 42.22
C THR M 250 -47.32 10.61 41.19
N PHE M 251 -48.05 9.63 41.68
CA PHE M 251 -48.58 8.56 40.85
C PHE M 251 -49.54 9.13 39.81
N GLU M 252 -50.34 10.08 40.25
CA GLU M 252 -51.29 10.73 39.37
C GLU M 252 -50.54 11.54 38.34
N LEU M 253 -49.47 12.18 38.76
CA LEU M 253 -48.72 13.01 37.85
C LEU M 253 -48.06 12.19 36.77
N GLN M 254 -47.60 11.00 37.14
CA GLN M 254 -47.05 10.06 36.18
C GLN M 254 -48.12 9.59 35.19
N LEU M 255 -49.34 9.41 35.67
CA LEU M 255 -50.42 8.94 34.83
C LEU M 255 -50.76 10.02 33.80
N ALA M 256 -50.65 11.27 34.23
CA ALA M 256 -50.84 12.40 33.35
C ALA M 256 -49.75 12.50 32.30
N ARG M 257 -48.57 11.97 32.58
CA ARG M 257 -47.47 12.01 31.62
C ARG M 257 -47.73 11.08 30.44
N ALA M 258 -48.38 9.96 30.72
CA ALA M 258 -48.56 8.92 29.72
C ALA M 258 -49.82 9.12 28.89
N GLN M 259 -50.52 10.23 29.11
CA GLN M 259 -51.80 10.45 28.45
C GLN M 259 -51.57 10.70 26.97
N SER M 260 -52.58 10.42 26.17
CA SER M 260 -52.51 10.67 24.74
C SER M 260 -52.66 12.15 24.51
N LEU M 261 -52.42 12.61 23.29
CA LEU M 261 -52.63 14.02 22.98
C LEU M 261 -54.11 14.32 23.09
N VAL M 262 -54.91 13.32 22.79
CA VAL M 262 -56.34 13.42 23.00
C VAL M 262 -56.66 12.73 24.32
N SER M 263 -57.16 13.50 25.26
CA SER M 263 -57.24 13.09 26.65
C SER M 263 -58.58 13.47 27.24
N ASN M 264 -58.71 13.46 28.55
CA ASN M 264 -59.93 14.00 29.13
C ASN M 264 -59.59 15.28 29.87
N ARG M 265 -60.63 15.96 30.36
CA ARG M 265 -60.46 17.31 30.86
C ARG M 265 -59.60 17.34 32.13
N TYR M 266 -59.81 16.41 33.04
CA TYR M 266 -59.04 16.41 34.28
C TYR M 266 -57.55 16.16 34.06
N TYR M 267 -57.21 15.12 33.31
CA TYR M 267 -55.80 14.77 33.17
C TYR M 267 -54.98 15.71 32.27
N ALA M 268 -55.63 16.36 31.32
CA ALA M 268 -54.95 17.41 30.58
C ALA M 268 -54.58 18.52 31.56
N MET M 269 -55.50 18.76 32.47
CA MET M 269 -55.37 19.78 33.48
C MET M 269 -54.25 19.43 34.45
N VAL M 270 -54.25 18.20 34.93
CA VAL M 270 -53.23 17.74 35.84
C VAL M 270 -51.87 17.72 35.17
N GLY M 271 -51.85 17.34 33.91
CA GLY M 271 -50.62 17.31 33.16
C GLY M 271 -50.00 18.67 33.03
N ASP M 272 -50.83 19.70 32.83
CA ASP M 272 -50.33 21.05 32.67
C ASP M 272 -49.74 21.57 33.97
N VAL M 273 -50.46 21.40 35.08
CA VAL M 273 -49.99 21.92 36.35
C VAL M 273 -48.78 21.11 36.77
N GLY M 274 -48.72 19.88 36.28
CA GLY M 274 -47.62 18.98 36.62
C GLY M 274 -46.29 19.51 36.14
N LYS M 275 -46.32 20.29 35.07
CA LYS M 275 -45.09 20.81 34.48
C LYS M 275 -44.43 21.86 35.36
N TYR M 276 -45.23 22.55 36.17
CA TYR M 276 -44.69 23.48 37.16
C TYR M 276 -44.06 22.74 38.33
N ILE M 277 -44.67 21.63 38.70
CA ILE M 277 -44.22 20.80 39.83
C ILE M 277 -42.95 20.00 39.54
N GLU M 278 -42.71 19.61 38.30
CA GLU M 278 -41.55 18.79 37.94
C GLU M 278 -40.22 19.46 38.37
N ASN M 279 -39.33 18.67 38.96
CA ASN M 279 -38.00 19.12 39.37
C ASN M 279 -38.02 20.23 40.41
N CYS M 280 -39.15 20.36 41.08
CA CYS M 280 -39.28 21.23 42.24
C CYS M 280 -38.19 20.94 43.24
N GLY M 281 -37.64 21.96 43.88
CA GLY M 281 -36.75 21.74 45.00
C GLY M 281 -35.32 21.49 44.56
N MET M 282 -35.07 21.63 43.27
CA MET M 282 -33.76 21.37 42.72
C MET M 282 -33.20 22.58 41.98
N GLY M 283 -33.57 23.77 42.45
CA GLY M 283 -33.22 24.99 41.76
C GLY M 283 -31.73 25.18 41.62
N GLY M 284 -30.98 24.86 42.66
CA GLY M 284 -29.55 25.09 42.64
C GLY M 284 -28.85 24.33 41.54
N PHE M 285 -29.28 23.11 41.31
CA PHE M 285 -28.69 22.24 40.29
C PHE M 285 -28.99 22.70 38.86
N PHE M 286 -30.28 22.88 38.57
CA PHE M 286 -30.71 23.21 37.22
C PHE M 286 -30.38 24.63 36.83
N LEU M 287 -30.40 25.54 37.79
CA LEU M 287 -30.02 26.91 37.52
C LEU M 287 -28.53 26.99 37.25
N THR M 288 -27.76 26.15 37.94
CA THR M 288 -26.33 26.09 37.72
C THR M 288 -26.05 25.61 36.30
N LEU M 289 -26.77 24.59 35.85
CA LEU M 289 -26.63 24.11 34.47
C LEU M 289 -27.00 25.20 33.47
N LYS M 290 -28.11 25.86 33.71
CA LYS M 290 -28.66 26.86 32.79
C LYS M 290 -27.71 28.03 32.59
N TYR M 291 -27.22 28.61 33.68
CA TYR M 291 -26.39 29.80 33.60
C TYR M 291 -24.89 29.56 33.48
N ALA M 292 -24.34 28.62 34.24
CA ALA M 292 -22.90 28.34 34.11
C ALA M 292 -22.54 27.65 32.79
N LEU M 293 -23.24 26.58 32.46
CA LEU M 293 -22.95 25.79 31.27
C LEU M 293 -23.75 26.25 30.06
N GLY M 294 -24.95 26.75 30.29
CA GLY M 294 -25.78 27.22 29.20
C GLY M 294 -25.16 28.41 28.48
N THR M 295 -24.57 29.32 29.25
CA THR M 295 -23.94 30.52 28.68
C THR M 295 -22.66 30.19 27.91
N ARG M 296 -21.92 29.19 28.36
CA ARG M 296 -20.70 28.78 27.67
C ARG M 296 -19.75 29.97 27.50
N TRP M 297 -19.58 30.74 28.56
CA TRP M 297 -18.65 31.86 28.49
C TRP M 297 -17.24 31.38 28.79
N PRO M 298 -16.24 32.16 28.36
CA PRO M 298 -14.85 31.73 28.46
C PRO M 298 -14.40 31.46 29.88
N THR M 299 -15.05 32.08 30.86
CA THR M 299 -14.67 31.88 32.25
C THR M 299 -14.94 30.45 32.73
N LEU M 300 -15.67 29.67 31.94
CA LEU M 300 -15.95 28.27 32.29
C LEU M 300 -14.68 27.45 32.21
N ALA M 301 -13.65 28.05 31.64
CA ALA M 301 -12.40 27.35 31.40
C ALA M 301 -11.44 27.50 32.55
N LEU M 302 -11.88 28.14 33.61
CA LEU M 302 -11.05 28.27 34.80
C LEU M 302 -10.70 26.92 35.35
N ALA M 303 -9.50 26.82 35.91
CA ALA M 303 -9.05 25.57 36.48
C ALA M 303 -9.83 25.25 37.77
N ALA M 304 -10.26 26.27 38.49
CA ALA M 304 -11.01 26.05 39.73
C ALA M 304 -12.31 25.29 39.50
N PHE M 305 -12.97 25.55 38.38
CA PHE M 305 -14.21 24.88 38.06
C PHE M 305 -14.03 23.42 37.67
N SER M 306 -12.78 23.04 37.45
CA SER M 306 -12.48 21.77 36.81
C SER M 306 -13.03 20.56 37.55
N GLY M 307 -12.81 20.50 38.85
CA GLY M 307 -13.32 19.38 39.62
C GLY M 307 -14.83 19.42 39.68
N GLU M 308 -15.37 20.61 39.85
CA GLU M 308 -16.81 20.75 39.98
C GLU M 308 -17.52 20.45 38.66
N LEU M 309 -16.86 20.74 37.56
CA LEU M 309 -17.43 20.44 36.25
C LEU M 309 -17.60 18.93 36.10
N THR M 310 -16.66 18.17 36.64
CA THR M 310 -16.80 16.71 36.64
C THR M 310 -17.97 16.26 37.53
N LYS M 311 -18.19 16.96 38.63
CA LYS M 311 -19.28 16.63 39.55
C LYS M 311 -20.66 16.82 38.94
N LEU M 312 -20.84 17.91 38.21
CA LEU M 312 -22.08 18.16 37.51
C LEU M 312 -22.31 17.08 36.45
N LYS M 313 -21.23 16.66 35.82
CA LYS M 313 -21.28 15.64 34.78
C LYS M 313 -21.79 14.33 35.33
N SER M 314 -21.30 13.95 36.50
CA SER M 314 -21.76 12.79 37.23
C SER M 314 -23.21 12.95 37.65
N LEU M 315 -23.56 14.14 38.13
CA LEU M 315 -24.90 14.39 38.62
C LEU M 315 -25.93 14.28 37.50
N MET M 316 -25.57 14.75 36.31
CA MET M 316 -26.45 14.56 35.16
C MET M 316 -26.58 13.08 34.84
N ALA M 317 -25.46 12.37 34.94
CA ALA M 317 -25.48 10.94 34.67
C ALA M 317 -26.38 10.23 35.67
N LEU M 318 -26.27 10.61 36.93
CA LEU M 318 -27.08 10.06 37.99
C LEU M 318 -28.54 10.36 37.80
N TYR M 319 -28.83 11.55 37.34
CA TYR M 319 -30.21 11.97 37.18
C TYR M 319 -31.03 11.10 36.20
N GLN M 320 -30.42 10.75 35.08
CA GLN M 320 -31.16 10.01 34.06
C GLN M 320 -31.33 8.56 34.53
N THR M 321 -30.32 8.02 35.21
CA THR M 321 -30.39 6.61 35.62
C THR M 321 -31.56 6.39 36.55
N LEU M 322 -31.95 7.44 37.25
CA LEU M 322 -33.06 7.40 38.21
C LEU M 322 -34.42 7.19 37.54
N GLY M 323 -34.56 7.61 36.30
CA GLY M 323 -35.79 7.34 35.58
C GLY M 323 -36.72 8.52 35.48
N GLU M 324 -37.99 8.22 35.24
CA GLU M 324 -38.99 9.27 35.16
C GLU M 324 -39.16 9.93 36.50
N GLN M 325 -38.90 9.18 37.56
CA GLN M 325 -39.27 9.62 38.89
C GLN M 325 -38.25 10.59 39.49
N ALA M 326 -37.20 10.87 38.74
CA ALA M 326 -36.23 11.89 39.12
C ALA M 326 -36.88 13.27 39.09
N ARG M 327 -38.02 13.37 38.41
CA ARG M 327 -38.76 14.61 38.37
C ARG M 327 -39.43 14.88 39.71
N TYR M 328 -39.58 13.85 40.52
CA TYR M 328 -40.42 13.94 41.71
C TYR M 328 -39.66 13.73 43.03
N LEU M 329 -38.34 13.97 43.05
CA LEU M 329 -37.52 13.70 44.24
C LEU M 329 -37.93 14.52 45.45
N ALA M 330 -38.26 15.79 45.23
CA ALA M 330 -38.66 16.66 46.33
C ALA M 330 -39.96 16.16 46.94
N LEU M 331 -40.90 15.82 46.06
CA LEU M 331 -42.21 15.31 46.45
C LEU M 331 -42.06 13.97 47.17
N LEU M 332 -41.17 13.13 46.64
CA LEU M 332 -40.92 11.79 47.17
C LEU M 332 -40.13 11.82 48.47
N GLU M 333 -39.46 12.94 48.74
CA GLU M 333 -38.62 13.10 49.92
C GLU M 333 -37.40 12.21 49.81
N SER M 334 -36.95 11.99 48.59
CA SER M 334 -35.85 11.10 48.32
C SER M 334 -34.53 11.64 48.80
N PRO M 335 -33.71 10.75 49.38
CA PRO M 335 -32.35 11.08 49.81
C PRO M 335 -31.49 11.50 48.63
N HIS M 336 -31.89 11.15 47.42
CA HIS M 336 -31.12 11.53 46.24
C HIS M 336 -31.09 13.04 46.04
N LEU M 337 -31.99 13.73 46.71
CA LEU M 337 -32.07 15.17 46.61
C LEU M 337 -30.82 15.79 47.20
N MET M 338 -30.17 15.04 48.07
CA MET M 338 -28.94 15.47 48.71
C MET M 338 -27.72 15.45 47.78
N ASP M 339 -27.74 14.53 46.82
CA ASP M 339 -26.64 14.37 45.87
C ASP M 339 -26.48 15.62 45.01
N PHE M 340 -27.58 16.28 44.72
CA PHE M 340 -27.59 17.40 43.80
C PHE M 340 -27.47 18.73 44.50
N ALA M 341 -27.25 18.69 45.81
CA ALA M 341 -27.15 19.90 46.60
C ALA M 341 -25.99 20.75 46.12
N ALA M 342 -26.17 22.06 46.09
CA ALA M 342 -25.18 22.94 45.48
C ALA M 342 -23.85 22.93 46.23
N ALA M 343 -23.87 22.44 47.46
CA ALA M 343 -22.65 22.44 48.28
C ALA M 343 -21.57 21.59 47.64
N ASN M 344 -21.96 20.69 46.76
CA ASN M 344 -21.00 19.86 46.03
C ASN M 344 -20.25 20.62 44.93
N TYR M 345 -20.85 21.70 44.44
CA TYR M 345 -20.20 22.53 43.44
C TYR M 345 -20.32 24.00 43.76
N PRO M 346 -19.76 24.44 44.89
CA PRO M 346 -19.99 25.78 45.43
C PRO M 346 -19.49 26.91 44.53
N LEU M 347 -18.32 26.74 43.91
CA LEU M 347 -17.78 27.81 43.08
C LEU M 347 -18.64 28.05 41.85
N LEU M 348 -18.92 26.98 41.11
CA LEU M 348 -19.74 27.06 39.91
C LEU M 348 -21.14 27.53 40.21
N TYR M 349 -21.67 27.12 41.36
CA TYR M 349 -23.00 27.55 41.75
C TYR M 349 -23.01 29.05 41.97
N SER M 350 -22.04 29.52 42.73
CA SER M 350 -21.87 30.94 43.00
C SER M 350 -21.79 31.70 41.70
N TYR M 351 -20.96 31.20 40.80
CA TYR M 351 -20.71 31.81 39.52
C TYR M 351 -21.99 31.87 38.69
N ALA M 352 -22.75 30.78 38.70
CA ALA M 352 -24.02 30.72 37.98
C ALA M 352 -25.04 31.68 38.56
N MET M 353 -25.03 31.83 39.87
CA MET M 353 -25.99 32.69 40.52
C MET M 353 -25.78 34.14 40.10
N GLY M 354 -24.53 34.55 40.01
CA GLY M 354 -24.18 35.89 39.57
C GLY M 354 -24.60 36.17 38.15
N ILE M 355 -24.38 35.19 37.28
CA ILE M 355 -24.79 35.31 35.89
C ILE M 355 -26.29 35.44 35.82
N GLY M 356 -26.95 34.55 36.56
CA GLY M 356 -28.37 34.52 36.63
C GLY M 356 -28.77 35.87 37.18
N TYR M 357 -27.97 36.44 38.07
CA TYR M 357 -28.42 37.67 38.65
C TYR M 357 -28.56 38.74 37.56
N VAL M 358 -27.55 38.98 36.73
CA VAL M 358 -27.79 40.06 35.77
C VAL M 358 -28.64 39.63 34.58
N LEU M 359 -28.51 38.39 34.10
CA LEU M 359 -29.18 37.98 32.89
C LEU M 359 -30.71 37.95 33.01
N ASP M 360 -31.20 37.64 34.20
CA ASP M 360 -32.63 37.56 34.43
C ASP M 360 -33.07 38.40 35.63
N VAL M 361 -34.07 39.25 35.42
CA VAL M 361 -34.56 40.13 36.47
C VAL M 361 -35.28 39.32 37.55
N ASN M 362 -35.89 38.20 37.16
CA ASN M 362 -36.63 37.42 38.13
C ASN M 362 -35.72 36.73 39.15
N MET M 363 -34.45 36.58 38.81
CA MET M 363 -33.49 35.93 39.67
C MET M 363 -33.19 36.65 41.01
N ARG M 364 -33.49 37.96 41.13
CA ARG M 364 -33.16 38.72 42.36
C ARG M 364 -33.83 38.05 43.55
N ASN M 365 -35.04 37.59 43.27
CA ASN M 365 -35.92 37.07 44.29
C ASN M 365 -35.77 35.58 44.50
N TYR M 366 -34.85 34.97 43.75
CA TYR M 366 -34.48 33.60 44.06
C TYR M 366 -33.66 33.66 45.32
N ALA M 367 -33.82 32.68 46.19
CA ALA M 367 -33.06 32.65 47.43
C ALA M 367 -31.72 31.98 47.21
N PHE M 368 -30.81 32.70 46.53
CA PHE M 368 -29.53 32.14 46.16
C PHE M 368 -28.51 32.18 47.27
N SER M 369 -28.79 32.95 48.32
CA SER M 369 -27.82 33.09 49.39
C SER M 369 -27.67 31.79 50.17
N ARG M 370 -26.43 31.37 50.43
CA ARG M 370 -26.17 30.08 51.08
C ARG M 370 -24.89 30.10 51.89
N SER M 371 -24.72 29.06 52.70
CA SER M 371 -23.57 28.95 53.60
C SER M 371 -22.22 28.89 52.90
N TYR M 372 -22.15 28.10 51.84
CA TYR M 372 -20.90 27.83 51.13
C TYR M 372 -20.73 28.79 49.98
N MET M 373 -21.64 29.76 49.92
CA MET M 373 -21.64 30.73 48.87
C MET M 373 -20.37 31.55 48.93
N ASN M 374 -19.69 31.64 47.79
CA ASN M 374 -18.40 32.30 47.71
C ASN M 374 -18.60 33.59 46.95
N LYS M 375 -18.59 34.70 47.68
CA LYS M 375 -19.01 35.98 47.11
C LYS M 375 -18.11 36.45 46.01
N THR M 376 -16.86 36.02 46.07
CA THR M 376 -15.88 36.40 45.09
C THR M 376 -16.26 35.85 43.71
N TYR M 377 -16.61 34.58 43.66
CA TYR M 377 -17.05 33.96 42.42
C TYR M 377 -18.43 34.45 42.01
N PHE M 378 -19.23 34.86 42.98
CA PHE M 378 -20.52 35.44 42.65
C PHE M 378 -20.39 36.70 41.80
N GLN M 379 -19.51 37.61 42.21
CA GLN M 379 -19.33 38.85 41.48
C GLN M 379 -18.73 38.53 40.12
N LEU M 380 -17.88 37.49 40.09
CA LEU M 380 -17.20 37.06 38.87
C LEU M 380 -18.21 36.68 37.81
N GLY M 381 -19.25 35.98 38.24
CA GLY M 381 -20.32 35.63 37.35
C GLY M 381 -21.03 36.88 36.89
N MET M 382 -21.17 37.84 37.82
CA MET M 382 -21.93 39.05 37.57
C MET M 382 -21.29 39.82 36.46
N GLU M 383 -19.99 40.04 36.62
CA GLU M 383 -19.20 40.82 35.69
C GLU M 383 -18.92 40.09 34.39
N THR M 384 -18.76 38.77 34.47
CA THR M 384 -18.59 37.96 33.27
C THR M 384 -19.77 38.23 32.33
N ALA M 385 -20.95 38.25 32.92
CA ALA M 385 -22.18 38.46 32.19
C ALA M 385 -22.28 39.86 31.59
N ARG M 386 -21.72 40.85 32.26
CA ARG M 386 -21.74 42.19 31.68
C ARG M 386 -20.63 42.39 30.64
N LYS M 387 -19.41 42.00 30.95
CA LYS M 387 -18.34 42.19 29.98
C LYS M 387 -18.18 41.16 28.87
N GLN M 388 -18.51 39.90 29.12
CA GLN M 388 -18.38 38.93 28.03
C GLN M 388 -19.74 38.36 27.60
N GLN M 389 -20.53 39.22 26.94
CA GLN M 389 -21.82 38.93 26.28
C GLN M 389 -21.65 38.93 24.79
N GLY M 390 -20.65 39.66 24.32
CA GLY M 390 -20.32 39.65 22.91
C GLY M 390 -19.60 38.39 22.53
N ALA M 391 -19.21 37.64 23.54
CA ALA M 391 -18.44 36.42 23.35
C ALA M 391 -19.22 35.44 22.50
N VAL M 392 -18.53 34.70 21.64
CA VAL M 392 -19.22 33.82 20.71
C VAL M 392 -18.89 32.35 20.92
N ASP M 393 -19.82 31.48 20.56
CA ASP M 393 -19.57 30.05 20.56
C ASP M 393 -18.89 29.78 19.25
N MET M 394 -17.58 29.52 19.32
CA MET M 394 -16.80 29.46 18.10
C MET M 394 -17.09 28.22 17.28
N ARG M 395 -17.84 27.27 17.84
CA ARG M 395 -18.25 26.16 16.99
C ARG M 395 -19.44 26.64 16.17
N MET M 396 -20.22 27.56 16.72
CA MET M 396 -21.25 28.21 15.91
C MET M 396 -20.64 29.20 14.94
N ALA M 397 -19.67 29.97 15.42
CA ALA M 397 -19.07 31.03 14.64
C ALA M 397 -18.42 30.50 13.39
N GLU M 398 -17.88 29.29 13.46
CA GLU M 398 -17.28 28.71 12.27
C GLU M 398 -18.34 28.17 11.32
N ASP M 399 -19.45 27.64 11.82
CA ASP M 399 -20.47 27.13 10.91
C ASP M 399 -21.07 28.29 10.12
N LEU M 400 -21.14 29.45 10.75
CA LEU M 400 -21.57 30.66 10.08
C LEU M 400 -20.47 31.34 9.28
N GLY M 401 -19.25 30.82 9.38
CA GLY M 401 -18.11 31.42 8.71
C GLY M 401 -17.84 32.86 9.14
N LEU M 402 -17.97 33.11 10.43
CA LEU M 402 -17.76 34.43 11.01
C LEU M 402 -16.30 34.86 10.95
N THR M 403 -16.06 36.14 10.64
CA THR M 403 -14.69 36.62 10.64
C THR M 403 -14.50 37.45 11.89
N GLN M 404 -13.24 37.67 12.26
CA GLN M 404 -12.92 38.26 13.55
C GLN M 404 -13.17 39.78 13.59
N ALA M 405 -13.37 40.39 12.42
CA ALA M 405 -13.93 41.74 12.35
C ALA M 405 -15.44 41.71 12.71
N GLU M 406 -16.14 40.68 12.24
CA GLU M 406 -17.56 40.53 12.53
C GLU M 406 -17.80 40.30 14.02
N ARG M 407 -16.91 39.52 14.64
CA ARG M 407 -17.05 39.18 16.06
C ARG M 407 -16.87 40.35 17.01
N THR M 408 -15.85 41.15 16.78
CA THR M 408 -15.55 42.21 17.71
C THR M 408 -16.60 43.29 17.61
N GLU M 409 -17.13 43.45 16.40
CA GLU M 409 -18.19 44.39 16.09
C GLU M 409 -19.53 43.67 15.91
N MET M 410 -19.59 42.48 16.49
CA MET M 410 -20.79 41.97 17.15
C MET M 410 -20.68 42.27 18.63
N ALA M 411 -19.48 42.10 19.15
CA ALA M 411 -19.24 42.46 20.52
C ALA M 411 -19.44 43.96 20.72
N ASN M 412 -19.34 44.75 19.65
CA ASN M 412 -19.47 46.18 19.81
C ASN M 412 -20.90 46.74 19.79
N THR M 413 -21.89 46.03 19.31
CA THR M 413 -23.24 46.40 19.50
C THR M 413 -23.71 46.02 20.89
N LEU M 414 -23.37 44.81 21.33
CA LEU M 414 -23.87 44.28 22.60
C LEU M 414 -23.30 44.85 23.92
N ALA M 415 -22.01 45.17 23.94
CA ALA M 415 -21.42 45.83 25.10
C ALA M 415 -21.99 47.23 25.32
N LYS M 416 -22.21 47.97 24.25
CA LYS M 416 -22.89 49.27 24.28
C LYS M 416 -24.37 49.22 24.62
N LEU M 417 -25.02 48.10 24.35
CA LEU M 417 -26.42 47.94 24.72
C LEU M 417 -26.54 47.42 26.15
#